data_7PP8
#
_entry.id   7PP8
#
_cell.length_a   150.641
_cell.length_b   150.641
_cell.length_c   325.261
_cell.angle_alpha   90.000
_cell.angle_beta   90.000
_cell.angle_gamma   90.000
#
_symmetry.space_group_name_H-M   'P 43 21 2'
#
loop_
_entity.id
_entity.type
_entity.pdbx_description
1 polymer Esterase
2 non-polymer 'methyl hydrogen (R)-hexylphosphonate'
3 non-polymer GLYCEROL
4 non-polymer DI(HYDROXYETHYL)ETHER
5 water water
#
_entity_poly.entity_id   1
_entity_poly.type   'polypeptide(L)'
_entity_poly.pdbx_seq_one_letter_code
;MHHHHHHHHHHLEVLFQGPSEFPMAQSNIIAGMDLNRLDRIAEHLDRAYLHPGKLAGTMTLVARRGEVVYCQAQGLRDVE
RQLPVERDTLFRIYSMTKPITSIALMQLYEQGRFLLDEPVHKYIPTWKNLRVYKTGSHPQMLTTAPQRPMTIRDLLTHQS
GLTYGFMNRTNVDAAYRSLKLDGGPGHTLDRLIDELARLPLEFSPGTAWNYSVATDVCGYLVQLLSGMSLDDYFSKHIFQ
PLGMPDTFFTVPAEKLSRFAACYEYQPGDSFSLQDDPQGSAFAKAHGYLSGGGGLVSCVDDYYRFAQALANGGELDGARI
IGRKTLEFMRMNHLPDNKGLPDVAIGSFSETPYDGTGFGLGFSVKLDVAKSQTVGSVGEYGWGGMASTNFFIDPEEDLLM
VFMTQLIPSSTYAVRQELRAIINGALVDA
;
_entity_poly.pdbx_strand_id   A,B,C,D,E,F,G,H
#
# COMPACT_ATOMS: atom_id res chain seq x y z
N SER A 27 -38.09 -27.54 -38.72
CA SER A 27 -36.99 -26.55 -38.44
C SER A 27 -37.40 -25.17 -38.99
N ASN A 28 -38.07 -24.35 -38.14
CA ASN A 28 -38.24 -22.89 -38.32
C ASN A 28 -37.04 -22.16 -37.71
N ILE A 29 -36.18 -21.64 -38.58
CA ILE A 29 -35.08 -20.69 -38.24
C ILE A 29 -35.35 -19.36 -38.94
N ILE A 30 -35.42 -18.26 -38.19
CA ILE A 30 -35.46 -16.88 -38.74
C ILE A 30 -34.32 -16.07 -38.12
N ALA A 31 -33.52 -15.42 -38.94
CA ALA A 31 -32.42 -14.53 -38.50
C ALA A 31 -31.53 -15.29 -37.50
N GLY A 32 -31.22 -16.55 -37.78
CA GLY A 32 -30.29 -17.36 -36.95
C GLY A 32 -30.89 -17.74 -35.61
N MET A 33 -32.21 -17.67 -35.46
CA MET A 33 -32.91 -18.04 -34.19
C MET A 33 -33.88 -19.19 -34.45
N ASP A 34 -33.79 -20.24 -33.62
CA ASP A 34 -34.68 -21.43 -33.67
C ASP A 34 -35.99 -21.04 -32.98
N LEU A 35 -37.10 -20.95 -33.73
CA LEU A 35 -38.44 -20.53 -33.21
C LEU A 35 -38.99 -21.61 -32.25
N ASN A 36 -38.57 -22.86 -32.40
CA ASN A 36 -38.98 -23.96 -31.48
C ASN A 36 -38.35 -23.72 -30.12
N ARG A 37 -37.09 -23.27 -30.09
CA ARG A 37 -36.38 -22.93 -28.83
C ARG A 37 -37.04 -21.68 -28.22
N LEU A 38 -37.49 -20.72 -29.04
CA LEU A 38 -38.14 -19.49 -28.52
C LEU A 38 -39.51 -19.81 -27.91
N ASP A 39 -40.14 -20.95 -28.27
CA ASP A 39 -41.45 -21.33 -27.70
C ASP A 39 -41.31 -21.63 -26.20
N ARG A 40 -40.09 -21.88 -25.73
CA ARG A 40 -39.81 -22.15 -24.29
C ARG A 40 -40.21 -20.94 -23.43
N ILE A 41 -40.21 -19.75 -24.01
CA ILE A 41 -40.63 -18.49 -23.32
C ILE A 41 -42.03 -18.67 -22.76
N ALA A 42 -43.00 -18.98 -23.62
CA ALA A 42 -44.43 -19.12 -23.26
C ALA A 42 -44.61 -20.28 -22.28
N GLU A 43 -43.94 -21.42 -22.52
CA GLU A 43 -43.96 -22.61 -21.63
C GLU A 43 -43.49 -22.18 -20.23
N HIS A 44 -42.39 -21.43 -20.17
CA HIS A 44 -41.75 -20.95 -18.91
C HIS A 44 -42.69 -19.98 -18.17
N LEU A 45 -43.21 -18.96 -18.84
CA LEU A 45 -44.09 -17.94 -18.20
C LEU A 45 -45.39 -18.59 -17.70
N ASP A 46 -45.91 -19.59 -18.39
CA ASP A 46 -47.11 -20.35 -17.94
C ASP A 46 -46.75 -21.14 -16.67
N ARG A 47 -45.76 -22.03 -16.76
CA ARG A 47 -45.40 -23.01 -15.71
C ARG A 47 -44.95 -22.29 -14.43
N ALA A 48 -44.16 -21.23 -14.55
CA ALA A 48 -43.42 -20.60 -13.42
C ALA A 48 -44.15 -19.38 -12.85
N TYR A 49 -45.05 -18.73 -13.59
CA TYR A 49 -45.66 -17.43 -13.17
C TYR A 49 -47.19 -17.40 -13.32
N LEU A 50 -47.76 -17.75 -14.48
CA LEU A 50 -49.21 -17.51 -14.77
C LEU A 50 -50.08 -18.57 -14.10
N HIS A 51 -49.84 -19.85 -14.32
CA HIS A 51 -50.60 -21.00 -13.74
C HIS A 51 -50.52 -20.93 -12.21
N PRO A 52 -49.35 -20.72 -11.58
CA PRO A 52 -49.27 -20.58 -10.12
C PRO A 52 -49.77 -19.25 -9.54
N GLY A 53 -50.14 -18.28 -10.38
CA GLY A 53 -50.77 -17.00 -9.96
C GLY A 53 -49.78 -16.01 -9.34
N LYS A 54 -48.56 -15.91 -9.89
CA LYS A 54 -47.52 -14.95 -9.43
C LYS A 54 -47.58 -13.66 -10.25
N LEU A 55 -47.95 -13.77 -11.53
CA LEU A 55 -48.23 -12.64 -12.47
C LEU A 55 -49.63 -12.81 -13.07
N ALA A 56 -50.30 -11.69 -13.34
CA ALA A 56 -51.64 -11.64 -14.01
C ALA A 56 -51.48 -12.04 -15.49
N GLY A 57 -50.55 -11.39 -16.19
CA GLY A 57 -50.37 -11.55 -17.65
C GLY A 57 -49.11 -10.89 -18.16
N THR A 58 -48.68 -11.32 -19.34
CA THR A 58 -47.38 -10.97 -19.97
C THR A 58 -47.55 -10.69 -21.47
N MET A 59 -46.74 -9.80 -21.99
CA MET A 59 -46.56 -9.57 -23.44
C MET A 59 -45.05 -9.58 -23.71
N THR A 60 -44.57 -10.50 -24.54
CA THR A 60 -43.12 -10.72 -24.80
C THR A 60 -42.86 -10.58 -26.29
N LEU A 61 -41.91 -9.72 -26.68
CA LEU A 61 -41.46 -9.57 -28.09
C LEU A 61 -39.94 -9.75 -28.16
N VAL A 62 -39.47 -10.47 -29.18
CA VAL A 62 -38.02 -10.66 -29.48
C VAL A 62 -37.81 -10.35 -30.96
N ALA A 63 -36.76 -9.61 -31.29
CA ALA A 63 -36.40 -9.25 -32.68
C ALA A 63 -34.90 -9.48 -32.88
N ARG A 64 -34.49 -9.85 -34.08
CA ARG A 64 -33.07 -9.98 -34.43
C ARG A 64 -32.88 -9.52 -35.88
N ARG A 65 -31.88 -8.67 -36.11
CA ARG A 65 -31.51 -8.18 -37.46
C ARG A 65 -32.74 -7.55 -38.13
N GLY A 66 -33.57 -6.83 -37.38
CA GLY A 66 -34.72 -6.07 -37.92
C GLY A 66 -35.99 -6.89 -37.98
N GLU A 67 -35.94 -8.21 -37.76
CA GLU A 67 -37.09 -9.13 -37.93
C GLU A 67 -37.63 -9.56 -36.56
N VAL A 68 -38.91 -9.32 -36.31
CA VAL A 68 -39.65 -9.83 -35.12
C VAL A 68 -39.75 -11.37 -35.23
N VAL A 69 -39.15 -12.10 -34.31
CA VAL A 69 -39.07 -13.59 -34.34
C VAL A 69 -39.96 -14.19 -33.24
N TYR A 70 -40.48 -13.37 -32.32
CA TYR A 70 -41.37 -13.83 -31.23
C TYR A 70 -42.26 -12.68 -30.78
N CYS A 71 -43.55 -12.98 -30.62
CA CYS A 71 -44.58 -12.03 -30.11
C CYS A 71 -45.73 -12.85 -29.52
N GLN A 72 -45.89 -12.84 -28.20
CA GLN A 72 -46.88 -13.68 -27.48
C GLN A 72 -47.47 -12.91 -26.30
N ALA A 73 -48.79 -12.70 -26.34
CA ALA A 73 -49.62 -12.29 -25.20
C ALA A 73 -50.01 -13.56 -24.44
N GLN A 74 -50.04 -13.50 -23.10
CA GLN A 74 -50.46 -14.62 -22.22
C GLN A 74 -51.23 -14.05 -21.05
N GLY A 75 -52.19 -14.82 -20.52
CA GLY A 75 -52.97 -14.49 -19.31
C GLY A 75 -53.76 -13.21 -19.46
N LEU A 76 -53.97 -12.49 -18.35
CA LEU A 76 -55.01 -11.43 -18.23
C LEU A 76 -54.35 -10.08 -17.96
N ARG A 77 -54.86 -9.02 -18.58
CA ARG A 77 -54.48 -7.60 -18.32
C ARG A 77 -55.29 -7.04 -17.14
N ASP A 78 -56.47 -7.61 -16.89
CA ASP A 78 -57.43 -7.22 -15.82
C ASP A 78 -58.10 -8.48 -15.28
N VAL A 79 -57.71 -8.92 -14.08
CA VAL A 79 -58.18 -10.21 -13.47
C VAL A 79 -59.64 -10.04 -13.03
N GLU A 80 -59.95 -8.91 -12.40
CA GLU A 80 -61.28 -8.55 -11.87
C GLU A 80 -62.32 -8.63 -13.00
N ARG A 81 -61.98 -8.22 -14.23
CA ARG A 81 -62.91 -8.15 -15.39
C ARG A 81 -62.63 -9.28 -16.40
N GLN A 82 -61.73 -10.22 -16.07
CA GLN A 82 -61.44 -11.40 -16.92
C GLN A 82 -61.11 -10.98 -18.37
N LEU A 83 -60.38 -9.87 -18.55
CA LEU A 83 -59.94 -9.36 -19.89
C LEU A 83 -58.53 -9.86 -20.20
N PRO A 84 -58.29 -10.49 -21.38
CA PRO A 84 -56.98 -11.07 -21.68
C PRO A 84 -55.96 -9.98 -22.10
N VAL A 85 -54.67 -10.33 -22.08
CA VAL A 85 -53.59 -9.49 -22.66
C VAL A 85 -53.69 -9.65 -24.18
N GLU A 86 -53.63 -8.55 -24.92
CA GLU A 86 -53.54 -8.53 -26.41
C GLU A 86 -52.28 -7.76 -26.81
N ARG A 87 -51.79 -7.98 -28.03
CA ARG A 87 -50.67 -7.24 -28.67
C ARG A 87 -50.77 -5.73 -28.39
N ASP A 88 -51.99 -5.20 -28.36
CA ASP A 88 -52.27 -3.74 -28.29
C ASP A 88 -52.55 -3.31 -26.85
N THR A 89 -52.33 -4.17 -25.85
CA THR A 89 -52.56 -3.83 -24.43
C THR A 89 -51.59 -2.72 -24.01
N LEU A 90 -52.10 -1.73 -23.27
CA LEU A 90 -51.31 -0.57 -22.77
C LEU A 90 -50.81 -0.88 -21.35
N PHE A 91 -49.53 -0.55 -21.10
CA PHE A 91 -48.81 -0.88 -19.85
C PHE A 91 -48.15 0.39 -19.29
N ARG A 92 -48.18 0.54 -17.96
CA ARG A 92 -47.32 1.51 -17.22
C ARG A 92 -45.89 1.00 -17.35
N ILE A 93 -45.05 1.68 -18.15
CA ILE A 93 -43.65 1.25 -18.43
C ILE A 93 -42.74 1.89 -17.36
N TYR A 94 -43.29 2.85 -16.62
CA TYR A 94 -42.58 3.56 -15.53
C TYR A 94 -41.18 4.01 -15.99
N SER A 95 -40.17 3.53 -15.26
CA SER A 95 -38.77 3.97 -15.39
C SER A 95 -38.14 3.67 -16.76
N MET A 96 -38.86 2.91 -17.58
CA MET A 96 -38.49 2.73 -19.00
C MET A 96 -38.78 4.01 -19.77
N THR A 97 -39.37 5.01 -19.10
CA THR A 97 -39.48 6.38 -19.65
C THR A 97 -38.09 6.99 -19.80
N LYS A 98 -37.13 6.63 -18.95
CA LYS A 98 -35.86 7.38 -18.77
C LYS A 98 -35.02 7.38 -20.05
N PRO A 99 -34.86 6.24 -20.77
CA PRO A 99 -34.16 6.24 -22.05
C PRO A 99 -34.76 7.23 -23.07
N ILE A 100 -36.10 7.35 -23.10
CA ILE A 100 -36.81 8.30 -24.02
C ILE A 100 -36.44 9.74 -23.63
N THR A 101 -36.52 10.08 -22.35
CA THR A 101 -36.12 11.42 -21.83
C THR A 101 -34.65 11.68 -22.15
N SER A 102 -33.79 10.67 -22.03
CA SER A 102 -32.33 10.80 -22.28
C SER A 102 -32.09 11.12 -23.75
N ILE A 103 -32.75 10.39 -24.66
CA ILE A 103 -32.71 10.65 -26.13
C ILE A 103 -33.16 12.09 -26.39
N ALA A 104 -34.27 12.50 -25.78
CA ALA A 104 -34.82 13.86 -25.96
C ALA A 104 -33.75 14.89 -25.62
N LEU A 105 -33.08 14.77 -24.48
CA LEU A 105 -32.09 15.80 -24.06
C LEU A 105 -30.86 15.72 -24.98
N MET A 106 -30.47 14.53 -25.43
CA MET A 106 -29.28 14.38 -26.30
C MET A 106 -29.58 14.88 -27.72
N GLN A 107 -30.85 14.92 -28.16
CA GLN A 107 -31.23 15.60 -29.44
C GLN A 107 -30.81 17.07 -29.36
N LEU A 108 -30.97 17.70 -28.20
CA LEU A 108 -30.61 19.12 -28.00
C LEU A 108 -29.10 19.26 -27.84
N TYR A 109 -28.39 18.24 -27.37
CA TYR A 109 -26.90 18.23 -27.29
C TYR A 109 -26.34 18.36 -28.72
N GLU A 110 -26.93 17.60 -29.65
CA GLU A 110 -26.60 17.56 -31.10
C GLU A 110 -26.88 18.89 -31.80
N GLN A 111 -27.72 19.76 -31.23
CA GLN A 111 -28.03 21.11 -31.78
C GLN A 111 -27.14 22.17 -31.13
N GLY A 112 -26.26 21.78 -30.21
CA GLY A 112 -25.27 22.68 -29.57
C GLY A 112 -25.82 23.44 -28.37
N ARG A 113 -26.96 23.03 -27.82
CA ARG A 113 -27.76 23.83 -26.87
C ARG A 113 -27.13 23.78 -25.46
N PHE A 114 -26.31 22.76 -25.16
CA PHE A 114 -25.58 22.61 -23.87
C PHE A 114 -24.42 21.61 -24.04
N LEU A 115 -23.56 21.54 -23.03
CA LEU A 115 -22.43 20.58 -22.93
C LEU A 115 -22.56 19.77 -21.63
N LEU A 116 -22.09 18.54 -21.61
CA LEU A 116 -22.31 17.62 -20.46
C LEU A 116 -21.54 18.09 -19.22
N ASP A 117 -20.41 18.77 -19.39
CA ASP A 117 -19.54 19.18 -18.24
C ASP A 117 -19.94 20.59 -17.77
N GLU A 118 -21.01 21.15 -18.32
CA GLU A 118 -21.58 22.44 -17.83
C GLU A 118 -22.28 22.21 -16.50
N PRO A 119 -22.16 23.14 -15.54
CA PRO A 119 -22.96 23.09 -14.32
C PRO A 119 -24.46 23.22 -14.59
N VAL A 120 -25.29 22.45 -13.87
CA VAL A 120 -26.78 22.53 -13.94
C VAL A 120 -27.23 23.95 -13.60
N HIS A 121 -26.53 24.63 -12.68
CA HIS A 121 -26.95 25.95 -12.16
C HIS A 121 -26.80 27.03 -13.24
N LYS A 122 -26.13 26.72 -14.34
CA LYS A 122 -26.10 27.62 -15.53
C LYS A 122 -27.51 27.75 -16.13
N TYR A 123 -28.33 26.70 -16.06
CA TYR A 123 -29.70 26.62 -16.63
C TYR A 123 -30.74 26.72 -15.51
N ILE A 124 -30.37 26.35 -14.27
CA ILE A 124 -31.25 26.42 -13.06
C ILE A 124 -30.52 27.23 -11.99
N PRO A 125 -30.46 28.58 -12.08
CA PRO A 125 -29.58 29.38 -11.22
C PRO A 125 -29.87 29.28 -9.71
N THR A 126 -31.11 28.97 -9.32
CA THR A 126 -31.51 28.78 -7.92
C THR A 126 -30.75 27.60 -7.29
N TRP A 127 -30.21 26.68 -8.10
CA TRP A 127 -29.45 25.49 -7.65
C TRP A 127 -27.97 25.80 -7.44
N LYS A 128 -27.52 27.05 -7.56
CA LYS A 128 -26.06 27.35 -7.49
C LYS A 128 -25.47 26.93 -6.13
N ASN A 129 -26.22 27.07 -5.03
CA ASN A 129 -25.68 26.91 -3.65
C ASN A 129 -26.17 25.60 -3.03
N LEU A 130 -26.50 24.59 -3.83
CA LEU A 130 -26.83 23.24 -3.31
C LEU A 130 -25.67 22.78 -2.44
N ARG A 131 -25.98 22.10 -1.32
CA ARG A 131 -24.96 21.63 -0.35
C ARG A 131 -25.20 20.14 -0.04
N VAL A 132 -24.21 19.47 0.56
CA VAL A 132 -24.24 18.01 0.85
C VAL A 132 -24.75 17.79 2.27
N TYR A 133 -25.67 16.85 2.46
CA TYR A 133 -26.20 16.43 3.77
C TYR A 133 -25.04 16.10 4.71
N LYS A 134 -25.09 16.63 5.95
CA LYS A 134 -24.16 16.27 7.06
C LYS A 134 -24.96 15.54 8.16
N THR A 135 -25.97 16.21 8.74
CA THR A 135 -26.77 15.64 9.86
C THR A 135 -28.05 16.45 10.03
N GLY A 136 -29.02 15.91 10.79
CA GLY A 136 -30.28 16.60 11.13
C GLY A 136 -31.46 16.02 10.40
N SER A 137 -32.67 16.31 10.91
CA SER A 137 -33.97 15.94 10.28
C SER A 137 -34.56 17.16 9.57
N HIS A 138 -35.30 16.94 8.50
CA HIS A 138 -36.07 18.00 7.81
C HIS A 138 -37.01 18.63 8.83
N PRO A 139 -37.12 19.97 8.94
CA PRO A 139 -36.39 20.92 8.10
C PRO A 139 -35.19 21.64 8.72
N GLN A 140 -34.39 20.97 9.56
CA GLN A 140 -33.18 21.58 10.18
C GLN A 140 -31.96 20.72 9.86
N MET A 141 -31.75 20.47 8.57
CA MET A 141 -30.63 19.66 8.02
C MET A 141 -29.41 20.57 7.87
N LEU A 142 -28.29 20.19 8.49
CA LEU A 142 -26.96 20.87 8.34
C LEU A 142 -26.21 20.23 7.17
N THR A 143 -25.37 21.02 6.50
CA THR A 143 -24.78 20.65 5.19
C THR A 143 -23.31 21.09 5.14
N THR A 144 -22.51 20.48 4.26
CA THR A 144 -21.14 20.92 3.90
C THR A 144 -21.12 21.37 2.43
N ALA A 145 -20.10 22.14 2.06
CA ALA A 145 -19.85 22.57 0.67
C ALA A 145 -19.48 21.34 -0.17
N PRO A 146 -19.98 21.23 -1.42
CA PRO A 146 -19.55 20.17 -2.34
C PRO A 146 -18.18 20.52 -2.93
N GLN A 147 -17.37 19.52 -3.33
CA GLN A 147 -16.05 19.75 -3.97
C GLN A 147 -16.24 20.46 -5.33
N ARG A 148 -17.32 20.17 -6.05
CA ARG A 148 -17.66 20.85 -7.31
C ARG A 148 -19.17 20.89 -7.51
N PRO A 149 -19.67 21.87 -8.29
CA PRO A 149 -21.09 21.91 -8.62
C PRO A 149 -21.51 20.73 -9.51
N MET A 150 -22.77 20.31 -9.34
CA MET A 150 -23.52 19.33 -10.17
C MET A 150 -23.42 19.71 -11.64
N THR A 151 -23.18 18.73 -12.53
CA THR A 151 -23.18 18.89 -14.01
C THR A 151 -24.34 18.14 -14.66
N ILE A 152 -24.60 18.40 -15.93
CA ILE A 152 -25.68 17.72 -16.68
C ILE A 152 -25.29 16.25 -16.84
N ARG A 153 -23.99 15.96 -17.03
CA ARG A 153 -23.55 14.54 -17.09
C ARG A 153 -23.96 13.83 -15.79
N ASP A 154 -23.80 14.49 -14.64
CA ASP A 154 -24.22 13.95 -13.32
C ASP A 154 -25.72 13.61 -13.34
N LEU A 155 -26.57 14.46 -13.95
CA LEU A 155 -28.04 14.19 -14.02
C LEU A 155 -28.30 12.95 -14.86
N LEU A 156 -27.70 12.87 -16.06
CA LEU A 156 -27.97 11.78 -17.03
C LEU A 156 -27.42 10.43 -16.52
N THR A 157 -26.49 10.43 -15.55
CA THR A 157 -25.83 9.21 -15.03
C THR A 157 -26.20 8.91 -13.57
N HIS A 158 -27.06 9.71 -12.94
CA HIS A 158 -27.51 9.53 -11.53
C HIS A 158 -26.30 9.59 -10.59
N GLN A 159 -25.37 10.51 -10.86
CA GLN A 159 -24.22 10.85 -9.99
C GLN A 159 -24.42 12.27 -9.42
N SER A 160 -25.63 12.85 -9.57
CA SER A 160 -26.06 14.19 -9.09
C SER A 160 -25.89 14.33 -7.57
N GLY A 161 -26.24 13.26 -6.83
CA GLY A 161 -26.44 13.34 -5.38
C GLY A 161 -27.91 13.50 -5.03
N LEU A 162 -28.76 13.70 -6.03
CA LEU A 162 -30.22 13.64 -5.85
C LEU A 162 -30.60 12.20 -5.48
N THR A 163 -31.84 12.00 -5.00
CA THR A 163 -32.37 10.66 -4.62
C THR A 163 -33.84 10.55 -5.04
N TYR A 164 -34.55 9.57 -4.49
CA TYR A 164 -36.00 9.30 -4.69
C TYR A 164 -36.63 9.09 -3.31
N GLY A 165 -37.84 9.60 -3.10
CA GLY A 165 -38.61 9.32 -1.87
C GLY A 165 -38.65 7.84 -1.53
N PHE A 166 -38.90 6.96 -2.49
CA PHE A 166 -39.19 5.53 -2.21
C PHE A 166 -37.92 4.78 -1.77
N MET A 167 -36.72 5.40 -1.82
CA MET A 167 -35.46 4.73 -1.42
C MET A 167 -35.56 4.25 0.04
N ASN A 168 -36.17 5.05 0.91
CA ASN A 168 -36.44 4.72 2.33
C ASN A 168 -35.13 4.30 3.03
N ARG A 169 -34.05 5.08 2.89
CA ARG A 169 -32.73 4.75 3.50
C ARG A 169 -32.21 5.91 4.36
N THR A 170 -32.48 7.16 4.00
CA THR A 170 -31.81 8.36 4.61
C THR A 170 -32.83 9.43 4.98
N ASN A 171 -32.40 10.35 5.84
CA ASN A 171 -33.16 11.55 6.26
C ASN A 171 -33.51 12.39 5.02
N VAL A 172 -32.67 12.37 3.98
CA VAL A 172 -32.91 13.18 2.75
C VAL A 172 -34.11 12.61 1.98
N ASP A 173 -34.15 11.30 1.75
CA ASP A 173 -35.32 10.69 1.07
C ASP A 173 -36.57 10.78 1.98
N ALA A 174 -36.42 10.95 3.30
CA ALA A 174 -37.57 11.17 4.22
C ALA A 174 -38.19 12.53 3.90
N ALA A 175 -37.35 13.54 3.64
CA ALA A 175 -37.76 14.90 3.26
C ALA A 175 -38.46 14.86 1.88
N TYR A 176 -37.93 14.11 0.91
CA TYR A 176 -38.60 13.92 -0.40
C TYR A 176 -40.01 13.39 -0.14
N ARG A 177 -40.18 12.42 0.76
CA ARG A 177 -41.50 11.76 1.01
C ARG A 177 -42.46 12.77 1.64
N SER A 178 -42.05 13.54 2.66
CA SER A 178 -42.97 14.48 3.35
C SER A 178 -43.38 15.60 2.38
N LEU A 179 -42.57 15.91 1.36
CA LEU A 179 -42.85 16.92 0.29
C LEU A 179 -43.43 16.25 -0.96
N LYS A 180 -43.58 14.92 -0.98
CA LYS A 180 -44.18 14.14 -2.10
C LYS A 180 -43.53 14.51 -3.44
N LEU A 181 -42.19 14.50 -3.51
CA LEU A 181 -41.41 14.85 -4.74
C LEU A 181 -41.39 13.68 -5.74
N ASP A 182 -41.85 12.50 -5.34
CA ASP A 182 -42.02 11.33 -6.25
C ASP A 182 -43.31 11.48 -7.07
N GLY A 183 -44.21 12.37 -6.64
CA GLY A 183 -45.57 12.57 -7.21
C GLY A 183 -46.62 12.70 -6.11
N GLY A 184 -47.78 13.26 -6.43
CA GLY A 184 -48.85 13.51 -5.44
C GLY A 184 -49.68 14.73 -5.82
N PRO A 185 -50.77 15.04 -5.08
CA PRO A 185 -51.71 16.09 -5.51
C PRO A 185 -51.03 17.45 -5.71
N GLY A 186 -51.21 18.05 -6.90
CA GLY A 186 -50.72 19.39 -7.28
C GLY A 186 -49.23 19.41 -7.64
N HIS A 187 -48.60 18.23 -7.77
CA HIS A 187 -47.17 18.12 -8.14
C HIS A 187 -47.01 18.49 -9.61
N THR A 188 -45.97 19.27 -9.91
CA THR A 188 -45.53 19.72 -11.26
C THR A 188 -44.01 19.72 -11.29
N LEU A 189 -43.40 19.71 -12.49
CA LEU A 189 -41.93 19.83 -12.64
C LEU A 189 -41.47 21.13 -11.99
N ASP A 190 -42.27 22.20 -12.06
CA ASP A 190 -41.88 23.54 -11.52
C ASP A 190 -41.70 23.43 -10.01
N ARG A 191 -42.57 22.64 -9.35
CA ARG A 191 -42.54 22.45 -7.88
C ARG A 191 -41.30 21.62 -7.49
N LEU A 192 -41.00 20.55 -8.25
CA LEU A 192 -39.80 19.71 -8.02
C LEU A 192 -38.55 20.58 -8.02
N ILE A 193 -38.31 21.36 -9.07
CA ILE A 193 -37.11 22.23 -9.20
C ILE A 193 -37.06 23.22 -8.04
N ASP A 194 -38.21 23.80 -7.66
CA ASP A 194 -38.29 24.80 -6.57
C ASP A 194 -37.98 24.11 -5.22
N GLU A 195 -38.61 22.97 -4.92
CA GLU A 195 -38.36 22.24 -3.63
C GLU A 195 -36.90 21.74 -3.57
N LEU A 196 -36.34 21.21 -4.66
CA LEU A 196 -34.98 20.61 -4.66
C LEU A 196 -33.92 21.68 -4.38
N ALA A 197 -34.21 22.96 -4.65
CA ALA A 197 -33.29 24.09 -4.43
C ALA A 197 -33.03 24.31 -2.94
N ARG A 198 -33.91 23.81 -2.06
CA ARG A 198 -33.83 24.01 -0.59
C ARG A 198 -33.54 22.69 0.12
N LEU A 199 -33.15 21.64 -0.61
CA LEU A 199 -32.80 20.33 -0.02
C LEU A 199 -31.32 20.03 -0.25
N PRO A 200 -30.69 19.26 0.66
CA PRO A 200 -29.32 18.81 0.45
C PRO A 200 -29.21 17.55 -0.43
N LEU A 201 -28.00 17.30 -0.91
CA LEU A 201 -27.61 16.11 -1.74
C LEU A 201 -27.09 15.00 -0.81
N GLU A 202 -27.23 13.74 -1.20
CA GLU A 202 -26.70 12.59 -0.41
C GLU A 202 -25.16 12.64 -0.42
N PHE A 203 -24.53 13.26 -1.42
CA PHE A 203 -23.05 13.28 -1.55
C PHE A 203 -22.61 14.34 -2.56
N SER A 204 -21.34 14.69 -2.53
CA SER A 204 -20.72 15.67 -3.47
C SER A 204 -20.86 15.11 -4.87
N PRO A 205 -21.44 15.90 -5.82
CA PRO A 205 -21.69 15.41 -7.18
C PRO A 205 -20.48 14.73 -7.83
N GLY A 206 -20.70 13.53 -8.40
CA GLY A 206 -19.70 12.77 -9.15
C GLY A 206 -19.04 11.68 -8.32
N THR A 207 -19.15 11.73 -6.99
CA THR A 207 -18.35 10.90 -6.05
C THR A 207 -19.05 9.57 -5.74
N ALA A 208 -20.30 9.41 -6.17
CA ALA A 208 -21.07 8.16 -6.00
C ALA A 208 -22.20 8.10 -7.02
N TRP A 209 -22.97 7.02 -6.99
CA TRP A 209 -24.18 6.80 -7.84
C TRP A 209 -25.37 6.48 -6.93
N ASN A 210 -26.50 7.12 -7.17
CA ASN A 210 -27.77 6.89 -6.45
C ASN A 210 -28.92 7.22 -7.39
N TYR A 211 -29.76 6.23 -7.67
CA TYR A 211 -30.95 6.34 -8.56
C TYR A 211 -31.86 7.45 -8.02
N SER A 212 -32.37 8.33 -8.89
CA SER A 212 -32.88 9.66 -8.49
C SER A 212 -33.98 10.19 -9.42
N VAL A 213 -34.61 11.28 -8.98
CA VAL A 213 -35.48 12.20 -9.77
C VAL A 213 -34.66 12.94 -10.82
N ALA A 214 -33.37 12.66 -10.98
CA ALA A 214 -32.49 13.41 -11.91
C ALA A 214 -33.08 13.39 -13.34
N THR A 215 -33.73 12.31 -13.74
CA THR A 215 -34.28 12.17 -15.11
C THR A 215 -35.55 13.04 -15.22
N ASP A 216 -36.30 13.20 -14.12
CA ASP A 216 -37.44 14.16 -14.05
C ASP A 216 -36.89 15.59 -14.28
N VAL A 217 -35.72 15.90 -13.71
CA VAL A 217 -35.00 17.20 -13.91
C VAL A 217 -34.53 17.32 -15.37
N CYS A 218 -34.06 16.23 -15.97
CA CYS A 218 -33.67 16.19 -17.41
C CYS A 218 -34.89 16.58 -18.26
N GLY A 219 -36.06 16.03 -17.95
CA GLY A 219 -37.33 16.41 -18.60
C GLY A 219 -37.60 17.90 -18.49
N TYR A 220 -37.35 18.47 -17.31
CA TYR A 220 -37.52 19.92 -17.06
C TYR A 220 -36.57 20.70 -17.97
N LEU A 221 -35.36 20.18 -18.23
CA LEU A 221 -34.35 20.86 -19.08
C LEU A 221 -34.73 20.75 -20.56
N VAL A 222 -35.36 19.64 -20.98
CA VAL A 222 -35.93 19.52 -22.35
C VAL A 222 -36.91 20.69 -22.56
N GLN A 223 -37.79 20.93 -21.57
CA GLN A 223 -38.77 22.05 -21.60
C GLN A 223 -38.02 23.39 -21.67
N LEU A 224 -37.09 23.64 -20.73
CA LEU A 224 -36.37 24.93 -20.67
C LEU A 224 -35.75 25.23 -22.04
N LEU A 225 -35.10 24.25 -22.67
CA LEU A 225 -34.23 24.48 -23.85
C LEU A 225 -35.06 24.48 -25.14
N SER A 226 -36.10 23.66 -25.24
CA SER A 226 -36.91 23.49 -26.47
C SER A 226 -38.03 24.54 -26.57
N GLY A 227 -38.47 25.10 -25.43
CA GLY A 227 -39.64 25.98 -25.34
C GLY A 227 -40.96 25.21 -25.31
N MET A 228 -40.95 23.88 -25.36
CA MET A 228 -42.18 23.04 -25.43
C MET A 228 -42.38 22.29 -24.12
N SER A 229 -43.61 21.95 -23.76
CA SER A 229 -43.90 21.01 -22.66
C SER A 229 -43.51 19.59 -23.11
N LEU A 230 -43.15 18.71 -22.16
CA LEU A 230 -42.43 17.45 -22.44
C LEU A 230 -43.28 16.53 -23.33
N ASP A 231 -44.61 16.50 -23.14
CA ASP A 231 -45.53 15.62 -23.91
C ASP A 231 -45.49 16.03 -25.39
N ASP A 232 -45.43 17.33 -25.67
CA ASP A 232 -45.35 17.90 -27.05
C ASP A 232 -43.96 17.61 -27.63
N TYR A 233 -42.85 17.81 -26.88
CA TYR A 233 -41.48 17.50 -27.40
C TYR A 233 -41.43 16.02 -27.79
N PHE A 234 -41.88 15.12 -26.92
CA PHE A 234 -41.82 13.65 -27.18
C PHE A 234 -42.61 13.32 -28.44
N SER A 235 -43.82 13.87 -28.56
CA SER A 235 -44.76 13.61 -29.68
C SER A 235 -44.11 14.05 -30.99
N LYS A 236 -43.63 15.28 -31.03
CA LYS A 236 -43.10 15.89 -32.27
C LYS A 236 -41.77 15.22 -32.67
N HIS A 237 -40.83 15.05 -31.74
CA HIS A 237 -39.42 14.68 -32.05
C HIS A 237 -39.14 13.18 -31.84
N ILE A 238 -40.07 12.39 -31.29
CA ILE A 238 -39.83 10.93 -31.09
C ILE A 238 -41.04 10.12 -31.57
N PHE A 239 -42.24 10.32 -31.01
CA PHE A 239 -43.39 9.38 -31.21
C PHE A 239 -43.95 9.48 -32.64
N GLN A 240 -44.17 10.69 -33.18
CA GLN A 240 -44.72 10.86 -34.55
C GLN A 240 -43.70 10.30 -35.56
N PRO A 241 -42.42 10.74 -35.55
CA PRO A 241 -41.42 10.19 -36.48
C PRO A 241 -41.28 8.66 -36.49
N LEU A 242 -41.40 7.99 -35.34
CA LEU A 242 -41.17 6.53 -35.23
C LEU A 242 -42.48 5.75 -35.43
N GLY A 243 -43.63 6.43 -35.49
CA GLY A 243 -44.93 5.74 -35.63
C GLY A 243 -45.31 5.02 -34.35
N MET A 244 -45.32 5.77 -33.24
CA MET A 244 -45.71 5.32 -31.88
C MET A 244 -46.95 6.09 -31.45
N PRO A 245 -48.14 5.71 -31.95
CA PRO A 245 -49.38 6.44 -31.64
C PRO A 245 -50.00 6.09 -30.27
N ASP A 246 -49.45 5.10 -29.57
CA ASP A 246 -50.04 4.52 -28.33
C ASP A 246 -49.08 4.71 -27.14
N THR A 247 -48.40 5.85 -27.07
CA THR A 247 -47.43 6.20 -26.00
C THR A 247 -47.73 7.63 -25.55
N PHE A 248 -47.99 7.83 -24.25
CA PHE A 248 -48.48 9.11 -23.70
C PHE A 248 -48.40 9.12 -22.17
N PHE A 249 -48.36 10.34 -21.61
CA PHE A 249 -48.40 10.57 -20.14
C PHE A 249 -49.81 10.38 -19.60
N THR A 250 -50.83 10.69 -20.41
CA THR A 250 -52.27 10.52 -20.08
C THR A 250 -52.90 9.56 -21.09
N VAL A 251 -53.59 8.52 -20.62
CA VAL A 251 -54.31 7.56 -21.52
C VAL A 251 -55.59 8.26 -21.99
N PRO A 252 -55.78 8.47 -23.32
CA PRO A 252 -57.01 9.07 -23.82
C PRO A 252 -58.22 8.16 -23.50
N ALA A 253 -59.37 8.79 -23.21
CA ALA A 253 -60.65 8.12 -22.85
C ALA A 253 -60.96 6.97 -23.82
N GLU A 254 -60.76 7.17 -25.13
CA GLU A 254 -61.16 6.18 -26.17
C GLU A 254 -60.19 4.98 -26.20
N LYS A 255 -59.06 5.00 -25.46
CA LYS A 255 -58.09 3.85 -25.45
C LYS A 255 -58.06 3.16 -24.08
N LEU A 256 -58.77 3.71 -23.09
CA LEU A 256 -58.77 3.23 -21.68
C LEU A 256 -59.25 1.77 -21.58
N SER A 257 -60.02 1.26 -22.54
CA SER A 257 -60.46 -0.15 -22.54
C SER A 257 -59.23 -1.08 -22.67
N ARG A 258 -58.15 -0.60 -23.31
CA ARG A 258 -56.96 -1.42 -23.63
C ARG A 258 -55.95 -1.40 -22.46
N PHE A 259 -56.13 -0.50 -21.49
CA PHE A 259 -55.19 -0.24 -20.36
C PHE A 259 -55.25 -1.38 -19.33
N ALA A 260 -54.11 -2.01 -19.07
CA ALA A 260 -53.97 -3.12 -18.10
C ALA A 260 -54.13 -2.59 -16.67
N ALA A 261 -54.52 -3.47 -15.76
CA ALA A 261 -54.45 -3.23 -14.30
C ALA A 261 -53.01 -3.41 -13.85
N CYS A 262 -52.63 -2.73 -12.79
CA CYS A 262 -51.33 -2.89 -12.08
C CYS A 262 -51.54 -3.66 -10.77
N TYR A 263 -50.69 -4.65 -10.52
CA TYR A 263 -50.72 -5.53 -9.32
C TYR A 263 -49.44 -5.31 -8.53
N GLU A 264 -49.50 -5.55 -7.21
CA GLU A 264 -48.33 -5.53 -6.30
C GLU A 264 -48.20 -6.90 -5.63
N TYR A 265 -46.97 -7.25 -5.24
CA TYR A 265 -46.61 -8.56 -4.63
C TYR A 265 -47.38 -8.72 -3.30
N GLN A 266 -47.88 -9.93 -3.03
CA GLN A 266 -48.39 -10.35 -1.68
C GLN A 266 -47.67 -11.63 -1.27
N PRO A 267 -47.39 -11.83 0.05
CA PRO A 267 -46.74 -13.05 0.53
C PRO A 267 -47.45 -14.32 0.03
N GLY A 268 -46.68 -15.39 -0.16
CA GLY A 268 -47.13 -16.67 -0.76
C GLY A 268 -46.95 -16.67 -2.28
N ASP A 269 -46.15 -15.75 -2.82
CA ASP A 269 -45.93 -15.60 -4.29
C ASP A 269 -47.30 -15.39 -4.95
N SER A 270 -48.01 -14.37 -4.46
CA SER A 270 -49.35 -13.96 -4.93
C SER A 270 -49.30 -12.48 -5.32
N PHE A 271 -50.44 -11.88 -5.62
CA PHE A 271 -50.55 -10.45 -5.98
C PHE A 271 -51.95 -9.92 -5.64
N SER A 272 -52.07 -8.61 -5.47
CA SER A 272 -53.34 -7.88 -5.18
C SER A 272 -53.42 -6.65 -6.09
N LEU A 273 -54.63 -6.21 -6.41
CA LEU A 273 -54.92 -5.00 -7.23
C LEU A 273 -54.22 -3.79 -6.59
N GLN A 274 -53.43 -3.05 -7.37
CA GLN A 274 -52.68 -1.83 -6.93
C GLN A 274 -53.23 -0.58 -7.64
N ASP A 275 -53.69 -0.72 -8.90
CA ASP A 275 -54.26 0.40 -9.69
C ASP A 275 -55.30 -0.17 -10.66
N ASP A 276 -56.57 0.21 -10.49
CA ASP A 276 -57.69 -0.08 -11.43
C ASP A 276 -57.50 0.84 -12.64
N PRO A 277 -57.52 0.30 -13.89
CA PRO A 277 -57.40 1.13 -15.09
C PRO A 277 -58.51 2.19 -15.19
N GLN A 278 -59.73 1.82 -14.84
CA GLN A 278 -60.87 2.77 -14.75
C GLN A 278 -60.73 3.48 -13.39
N GLY A 279 -60.58 4.80 -13.40
CA GLY A 279 -60.27 5.58 -12.18
C GLY A 279 -58.80 5.46 -11.80
N SER A 280 -57.91 5.49 -12.79
CA SER A 280 -56.44 5.59 -12.60
C SER A 280 -56.01 7.04 -12.78
N ALA A 281 -55.03 7.50 -12.02
CA ALA A 281 -54.40 8.84 -12.20
C ALA A 281 -53.75 8.94 -13.59
N PHE A 282 -53.39 7.82 -14.23
CA PHE A 282 -52.81 7.78 -15.60
C PHE A 282 -53.88 8.19 -16.63
N ALA A 283 -55.16 8.23 -16.25
CA ALA A 283 -56.31 8.60 -17.12
C ALA A 283 -56.62 10.11 -16.99
N LYS A 284 -55.98 10.81 -16.05
CA LYS A 284 -56.18 12.26 -15.79
C LYS A 284 -54.97 13.04 -16.30
N ALA A 285 -55.19 14.28 -16.73
CA ALA A 285 -54.14 15.27 -17.01
C ALA A 285 -53.94 16.10 -15.74
N HIS A 286 -53.42 15.48 -14.67
CA HIS A 286 -52.78 16.19 -13.53
C HIS A 286 -51.57 16.93 -14.11
N GLY A 287 -50.91 17.83 -13.38
CA GLY A 287 -49.92 18.72 -14.02
C GLY A 287 -48.50 18.17 -14.10
N TYR A 288 -48.26 16.88 -13.80
CA TYR A 288 -46.90 16.29 -13.62
C TYR A 288 -46.52 15.40 -14.81
N LEU A 289 -45.63 15.91 -15.66
CA LEU A 289 -44.99 15.15 -16.77
C LEU A 289 -43.64 14.61 -16.26
N SER A 290 -43.64 13.33 -15.87
CA SER A 290 -42.50 12.60 -15.24
C SER A 290 -41.60 12.00 -16.31
N GLY A 291 -40.46 12.65 -16.62
CA GLY A 291 -39.40 12.06 -17.47
C GLY A 291 -38.79 10.82 -16.86
N GLY A 292 -38.99 10.62 -15.56
CA GLY A 292 -38.47 9.46 -14.79
C GLY A 292 -39.42 8.27 -14.80
N GLY A 293 -40.74 8.45 -14.79
CA GLY A 293 -41.68 7.31 -14.57
C GLY A 293 -43.08 7.45 -15.15
N GLY A 294 -43.36 8.43 -16.02
CA GLY A 294 -44.73 8.86 -16.34
C GLY A 294 -45.43 8.09 -17.44
N LEU A 295 -44.69 7.49 -18.39
CA LEU A 295 -45.28 7.05 -19.69
C LEU A 295 -46.05 5.73 -19.55
N VAL A 296 -47.13 5.66 -20.33
CA VAL A 296 -47.87 4.42 -20.71
C VAL A 296 -47.57 4.16 -22.18
N SER A 297 -47.37 2.90 -22.53
CA SER A 297 -47.01 2.47 -23.91
C SER A 297 -47.47 1.03 -24.11
N CYS A 298 -47.06 0.41 -25.20
CA CYS A 298 -47.42 -0.96 -25.59
C CYS A 298 -46.18 -1.60 -26.23
N VAL A 299 -46.21 -2.92 -26.43
CA VAL A 299 -44.99 -3.66 -26.86
C VAL A 299 -44.57 -3.11 -28.24
N ASP A 300 -45.51 -2.87 -29.15
CA ASP A 300 -45.20 -2.46 -30.55
C ASP A 300 -44.53 -1.08 -30.57
N ASP A 301 -45.03 -0.14 -29.77
CA ASP A 301 -44.47 1.23 -29.70
C ASP A 301 -43.04 1.16 -29.13
N TYR A 302 -42.83 0.43 -28.03
CA TYR A 302 -41.49 0.34 -27.39
C TYR A 302 -40.55 -0.43 -28.30
N TYR A 303 -41.06 -1.42 -29.03
CA TYR A 303 -40.28 -2.17 -30.06
C TYR A 303 -39.72 -1.19 -31.10
N ARG A 304 -40.54 -0.24 -31.53
CA ARG A 304 -40.16 0.69 -32.63
C ARG A 304 -39.05 1.60 -32.08
N PHE A 305 -39.16 2.06 -30.83
CA PHE A 305 -38.11 2.84 -30.14
C PHE A 305 -36.83 1.99 -30.05
N ALA A 306 -36.94 0.77 -29.51
CA ALA A 306 -35.80 -0.15 -29.32
C ALA A 306 -35.11 -0.43 -30.67
N GLN A 307 -35.89 -0.73 -31.72
CA GLN A 307 -35.36 -1.09 -33.06
C GLN A 307 -34.64 0.13 -33.66
N ALA A 308 -35.20 1.33 -33.49
CA ALA A 308 -34.57 2.59 -33.91
C ALA A 308 -33.16 2.66 -33.30
N LEU A 309 -33.03 2.37 -32.00
CA LEU A 309 -31.73 2.43 -31.29
C LEU A 309 -30.80 1.34 -31.83
N ALA A 310 -31.29 0.10 -31.97
CA ALA A 310 -30.51 -1.03 -32.50
C ALA A 310 -29.96 -0.71 -33.90
N ASN A 311 -30.64 0.15 -34.66
CA ASN A 311 -30.27 0.52 -36.06
C ASN A 311 -29.32 1.74 -36.07
N GLY A 312 -29.01 2.32 -34.92
CA GLY A 312 -28.15 3.51 -34.85
C GLY A 312 -28.94 4.80 -34.90
N GLY A 313 -30.24 4.76 -34.61
CA GLY A 313 -31.06 5.97 -34.37
C GLY A 313 -32.09 6.26 -35.45
N GLU A 314 -32.28 5.32 -36.39
CA GLU A 314 -33.10 5.49 -37.61
C GLU A 314 -34.06 4.29 -37.71
N LEU A 315 -35.32 4.51 -38.06
CA LEU A 315 -36.27 3.44 -38.45
C LEU A 315 -37.14 3.92 -39.62
N ASP A 316 -37.19 3.15 -40.71
CA ASP A 316 -38.04 3.41 -41.90
C ASP A 316 -37.90 4.87 -42.33
N GLY A 317 -36.67 5.40 -42.42
CA GLY A 317 -36.37 6.76 -42.93
C GLY A 317 -36.50 7.87 -41.89
N ALA A 318 -36.94 7.60 -40.66
CA ALA A 318 -37.03 8.62 -39.58
C ALA A 318 -35.83 8.49 -38.62
N ARG A 319 -35.16 9.59 -38.31
CA ARG A 319 -33.98 9.58 -37.42
C ARG A 319 -34.28 10.40 -36.16
N ILE A 320 -34.22 9.77 -34.97
CA ILE A 320 -34.45 10.44 -33.67
C ILE A 320 -33.12 10.88 -33.04
N ILE A 321 -32.00 10.23 -33.38
CA ILE A 321 -30.66 10.53 -32.79
C ILE A 321 -29.58 10.13 -33.79
N GLY A 322 -28.42 10.79 -33.74
CA GLY A 322 -27.24 10.43 -34.53
C GLY A 322 -26.62 9.12 -34.06
N ARG A 323 -26.11 8.34 -35.01
CA ARG A 323 -25.43 7.03 -34.79
C ARG A 323 -24.35 7.22 -33.71
N LYS A 324 -23.56 8.29 -33.81
CA LYS A 324 -22.35 8.53 -32.98
C LYS A 324 -22.79 9.00 -31.60
N THR A 325 -23.79 9.87 -31.53
CA THR A 325 -24.36 10.36 -30.25
C THR A 325 -24.84 9.15 -29.45
N LEU A 326 -25.53 8.20 -30.09
CA LEU A 326 -26.10 7.01 -29.41
C LEU A 326 -24.94 6.12 -28.91
N GLU A 327 -23.88 5.98 -29.70
CA GLU A 327 -22.70 5.16 -29.34
C GLU A 327 -22.12 5.71 -28.02
N PHE A 328 -22.13 7.04 -27.87
CA PHE A 328 -21.63 7.80 -26.69
C PHE A 328 -22.52 7.56 -25.46
N MET A 329 -23.84 7.50 -25.64
CA MET A 329 -24.84 7.25 -24.58
C MET A 329 -24.69 5.81 -24.06
N ARG A 330 -24.22 4.87 -24.88
CA ARG A 330 -24.15 3.42 -24.57
C ARG A 330 -22.83 3.05 -23.87
N MET A 331 -21.88 3.98 -23.83
CA MET A 331 -20.59 3.77 -23.13
C MET A 331 -20.83 3.79 -21.63
N ASN A 332 -19.97 3.12 -20.87
CA ASN A 332 -19.90 3.24 -19.41
C ASN A 332 -19.39 4.64 -19.07
N HIS A 333 -20.21 5.46 -18.40
CA HIS A 333 -19.85 6.85 -17.98
C HIS A 333 -19.49 6.88 -16.50
N LEU A 334 -19.42 5.72 -15.85
CA LEU A 334 -18.93 5.67 -14.45
C LEU A 334 -17.41 5.80 -14.47
N PRO A 335 -16.81 6.34 -13.40
CA PRO A 335 -15.36 6.58 -13.33
C PRO A 335 -14.61 5.24 -13.38
N ASP A 336 -13.48 5.22 -14.10
CA ASP A 336 -12.48 4.11 -14.14
C ASP A 336 -13.15 2.80 -14.60
N ASN A 337 -14.14 2.88 -15.49
CA ASN A 337 -14.90 1.70 -16.00
C ASN A 337 -15.39 0.81 -14.84
N LYS A 338 -15.83 1.41 -13.73
CA LYS A 338 -16.41 0.69 -12.58
C LYS A 338 -17.84 0.23 -12.92
N GLY A 339 -18.29 -0.84 -12.28
CA GLY A 339 -19.71 -1.29 -12.31
C GLY A 339 -20.52 -0.59 -11.25
N LEU A 340 -21.84 -0.67 -11.34
CA LEU A 340 -22.77 -0.02 -10.38
C LEU A 340 -22.41 -0.40 -8.93
N PRO A 341 -22.14 -1.67 -8.59
CA PRO A 341 -21.80 -2.02 -7.21
C PRO A 341 -20.54 -1.35 -6.64
N ASP A 342 -19.63 -0.87 -7.48
CA ASP A 342 -18.41 -0.18 -7.01
C ASP A 342 -18.71 1.28 -6.66
N VAL A 343 -19.88 1.83 -7.03
CA VAL A 343 -20.16 3.28 -6.81
C VAL A 343 -21.54 3.50 -6.17
N ALA A 344 -22.44 2.52 -6.24
CA ALA A 344 -23.85 2.69 -5.83
C ALA A 344 -23.94 2.58 -4.31
N ILE A 345 -24.56 3.56 -3.67
CA ILE A 345 -24.69 3.66 -2.19
C ILE A 345 -25.87 2.78 -1.69
N GLY A 346 -26.72 2.24 -2.59
CA GLY A 346 -28.02 1.65 -2.25
C GLY A 346 -28.21 0.23 -2.74
N SER A 347 -29.42 -0.08 -3.23
CA SER A 347 -29.93 -1.45 -3.60
C SER A 347 -29.35 -1.95 -4.95
N PHE A 348 -28.91 -1.03 -5.82
CA PHE A 348 -28.23 -1.34 -7.11
C PHE A 348 -26.78 -1.77 -6.86
N SER A 349 -26.43 -1.99 -5.58
CA SER A 349 -25.13 -2.53 -5.06
C SER A 349 -25.13 -4.06 -5.14
N GLU A 350 -26.30 -4.66 -5.32
CA GLU A 350 -26.53 -6.11 -5.08
C GLU A 350 -26.11 -6.90 -6.33
N THR A 351 -26.06 -8.22 -6.16
CA THR A 351 -25.37 -9.19 -7.04
C THR A 351 -25.89 -9.11 -8.49
N PRO A 352 -27.19 -8.94 -8.77
CA PRO A 352 -27.62 -8.84 -10.16
C PRO A 352 -26.94 -7.76 -11.01
N TYR A 353 -26.41 -6.67 -10.41
CA TYR A 353 -25.83 -5.52 -11.16
C TYR A 353 -24.29 -5.62 -11.19
N ASP A 354 -23.71 -6.73 -10.72
CA ASP A 354 -22.26 -7.03 -10.89
C ASP A 354 -21.93 -7.13 -12.38
N GLY A 355 -20.84 -6.49 -12.79
CA GLY A 355 -20.38 -6.49 -14.19
C GLY A 355 -21.27 -5.65 -15.10
N THR A 356 -22.07 -4.75 -14.53
CA THR A 356 -22.96 -3.83 -15.28
C THR A 356 -22.63 -2.38 -14.90
N GLY A 357 -22.31 -1.55 -15.88
CA GLY A 357 -22.06 -0.10 -15.70
C GLY A 357 -23.28 0.72 -16.07
N PHE A 358 -23.10 2.01 -16.35
CA PHE A 358 -24.22 2.93 -16.65
C PHE A 358 -23.71 4.07 -17.55
N GLY A 359 -24.44 4.34 -18.63
CA GLY A 359 -24.18 5.47 -19.56
C GLY A 359 -25.19 6.58 -19.37
N LEU A 360 -25.58 7.24 -20.45
CA LEU A 360 -26.51 8.40 -20.41
C LEU A 360 -27.94 7.88 -20.56
N GLY A 361 -28.42 7.11 -19.57
CA GLY A 361 -29.83 6.66 -19.50
C GLY A 361 -29.99 5.17 -19.75
N PHE A 362 -28.89 4.45 -19.96
CA PHE A 362 -28.88 2.98 -20.15
C PHE A 362 -27.88 2.32 -19.20
N SER A 363 -28.22 1.11 -18.71
CA SER A 363 -27.22 0.18 -18.13
C SER A 363 -26.40 -0.38 -19.30
N VAL A 364 -25.18 -0.84 -19.02
CA VAL A 364 -24.23 -1.37 -20.03
C VAL A 364 -23.53 -2.57 -19.40
N LYS A 365 -23.59 -3.74 -20.03
CA LYS A 365 -22.87 -4.93 -19.51
C LYS A 365 -21.37 -4.78 -19.81
N LEU A 366 -20.52 -4.97 -18.81
CA LEU A 366 -19.04 -4.85 -18.90
C LEU A 366 -18.40 -6.25 -18.93
N ASP A 367 -18.88 -7.17 -18.09
CA ASP A 367 -18.26 -8.50 -17.82
C ASP A 367 -19.35 -9.56 -17.70
N VAL A 368 -19.46 -10.44 -18.70
CA VAL A 368 -20.58 -11.42 -18.81
C VAL A 368 -20.49 -12.43 -17.66
N ALA A 369 -19.35 -13.08 -17.48
CA ALA A 369 -19.15 -14.10 -16.41
C ALA A 369 -19.51 -13.48 -15.05
N LYS A 370 -19.05 -12.27 -14.78
CA LYS A 370 -19.21 -11.61 -13.46
C LYS A 370 -20.69 -11.39 -13.16
N SER A 371 -21.48 -11.09 -14.19
CA SER A 371 -22.94 -10.84 -14.09
C SER A 371 -23.71 -12.15 -13.81
N GLN A 372 -23.08 -13.30 -14.04
CA GLN A 372 -23.65 -14.67 -13.85
C GLN A 372 -24.85 -14.90 -14.77
N THR A 373 -25.02 -14.06 -15.79
CA THR A 373 -26.14 -14.13 -16.76
C THR A 373 -25.58 -14.09 -18.19
N VAL A 374 -25.91 -15.09 -19.01
CA VAL A 374 -25.57 -15.14 -20.46
C VAL A 374 -26.03 -13.85 -21.15
N GLY A 375 -25.26 -13.41 -22.14
CA GLY A 375 -25.41 -12.15 -22.88
C GLY A 375 -24.08 -11.73 -23.47
N SER A 376 -23.97 -10.47 -23.91
CA SER A 376 -22.78 -9.95 -24.63
C SER A 376 -22.29 -8.69 -23.92
N VAL A 377 -20.97 -8.44 -23.94
CA VAL A 377 -20.43 -7.12 -23.55
C VAL A 377 -21.16 -6.08 -24.40
N GLY A 378 -21.65 -5.01 -23.77
CA GLY A 378 -22.29 -3.86 -24.44
C GLY A 378 -23.81 -3.94 -24.43
N GLU A 379 -24.39 -5.08 -24.02
CA GLU A 379 -25.85 -5.20 -23.85
C GLU A 379 -26.33 -3.98 -23.04
N TYR A 380 -27.29 -3.22 -23.59
CA TYR A 380 -27.82 -2.00 -22.92
C TYR A 380 -29.35 -2.08 -22.84
N GLY A 381 -29.91 -1.38 -21.86
CA GLY A 381 -31.36 -1.29 -21.67
C GLY A 381 -31.68 -0.70 -20.32
N TRP A 382 -32.92 -0.87 -19.89
CA TRP A 382 -33.37 -0.50 -18.51
C TRP A 382 -34.69 -1.20 -18.22
N GLY A 383 -35.29 -0.89 -17.07
CA GLY A 383 -36.50 -1.58 -16.59
C GLY A 383 -37.42 -0.60 -15.90
N GLY A 384 -38.66 -1.04 -15.68
CA GLY A 384 -39.66 -0.31 -14.88
C GLY A 384 -40.01 -1.09 -13.63
N MET A 385 -40.39 -0.37 -12.57
CA MET A 385 -40.63 -0.93 -11.22
C MET A 385 -41.84 -1.87 -11.23
N ALA A 386 -42.64 -1.93 -12.31
CA ALA A 386 -43.76 -2.89 -12.43
C ALA A 386 -43.31 -4.14 -13.22
N SER A 387 -42.00 -4.36 -13.34
CA SER A 387 -41.37 -5.60 -13.88
C SER A 387 -41.39 -5.60 -15.42
N THR A 388 -41.56 -4.43 -16.04
CA THR A 388 -41.28 -4.20 -17.48
C THR A 388 -39.77 -4.17 -17.68
N ASN A 389 -39.29 -4.71 -18.80
CA ASN A 389 -37.84 -4.79 -19.10
C ASN A 389 -37.62 -4.76 -20.61
N PHE A 390 -36.51 -4.18 -21.04
CA PHE A 390 -36.02 -4.29 -22.44
C PHE A 390 -34.49 -4.28 -22.44
N PHE A 391 -33.90 -4.95 -23.43
CA PHE A 391 -32.45 -4.89 -23.71
C PHE A 391 -32.22 -4.96 -25.22
N ILE A 392 -31.06 -4.47 -25.62
CA ILE A 392 -30.51 -4.47 -27.00
C ILE A 392 -29.10 -5.02 -26.87
N ASP A 393 -28.80 -6.12 -27.56
CA ASP A 393 -27.46 -6.73 -27.63
C ASP A 393 -26.84 -6.30 -28.96
N PRO A 394 -25.93 -5.31 -29.00
CA PRO A 394 -25.41 -4.82 -30.27
C PRO A 394 -24.42 -5.80 -30.92
N GLU A 395 -23.87 -6.75 -30.16
CA GLU A 395 -22.95 -7.79 -30.70
C GLU A 395 -23.75 -8.80 -31.53
N GLU A 396 -24.97 -9.15 -31.11
CA GLU A 396 -25.83 -10.18 -31.77
C GLU A 396 -26.95 -9.54 -32.58
N ASP A 397 -27.06 -8.20 -32.56
CA ASP A 397 -28.15 -7.43 -33.22
C ASP A 397 -29.51 -8.01 -32.80
N LEU A 398 -29.68 -8.25 -31.51
CA LEU A 398 -30.82 -8.95 -30.89
C LEU A 398 -31.48 -7.99 -29.90
N LEU A 399 -32.80 -8.04 -29.71
CA LEU A 399 -33.45 -7.21 -28.65
C LEU A 399 -34.70 -7.89 -28.13
N MET A 400 -35.17 -7.47 -26.96
CA MET A 400 -36.35 -8.05 -26.27
C MET A 400 -37.11 -6.89 -25.62
N VAL A 401 -38.44 -6.92 -25.71
CA VAL A 401 -39.35 -6.07 -24.90
C VAL A 401 -40.27 -7.01 -24.12
N PHE A 402 -40.31 -6.87 -22.79
CA PHE A 402 -41.13 -7.70 -21.88
C PHE A 402 -42.02 -6.78 -21.04
N MET A 403 -43.32 -7.04 -21.06
CA MET A 403 -44.36 -6.23 -20.38
C MET A 403 -45.15 -7.13 -19.42
N THR A 404 -45.25 -6.71 -18.17
CA THR A 404 -46.17 -7.26 -17.15
C THR A 404 -46.44 -6.10 -16.18
N GLN A 405 -47.34 -6.27 -15.22
CA GLN A 405 -47.63 -5.21 -14.22
C GLN A 405 -47.64 -5.84 -12.84
N LEU A 406 -46.46 -5.96 -12.23
CA LEU A 406 -46.22 -6.53 -10.87
C LEU A 406 -45.14 -5.68 -10.18
N ILE A 407 -45.54 -4.85 -9.21
CA ILE A 407 -44.63 -4.01 -8.38
C ILE A 407 -44.27 -4.77 -7.11
N PRO A 408 -42.98 -4.83 -6.68
CA PRO A 408 -41.84 -4.28 -7.42
C PRO A 408 -41.07 -5.28 -8.31
N SER A 409 -40.27 -4.76 -9.26
CA SER A 409 -39.47 -5.52 -10.24
C SER A 409 -38.39 -6.38 -9.55
N SER A 410 -37.98 -6.01 -8.33
CA SER A 410 -37.01 -6.78 -7.52
C SER A 410 -37.58 -8.14 -7.10
N THR A 411 -38.89 -8.36 -7.23
CA THR A 411 -39.59 -9.56 -6.72
C THR A 411 -39.04 -10.84 -7.37
N TYR A 412 -39.12 -10.96 -8.69
CA TYR A 412 -38.74 -12.18 -9.44
C TYR A 412 -37.62 -11.87 -10.44
N ALA A 413 -36.85 -12.90 -10.82
CA ALA A 413 -35.70 -12.80 -11.74
C ALA A 413 -36.16 -13.20 -13.16
N VAL A 414 -37.40 -12.90 -13.51
CA VAL A 414 -37.98 -13.32 -14.82
C VAL A 414 -37.12 -12.76 -15.96
N ARG A 415 -36.61 -11.53 -15.84
CA ARG A 415 -35.81 -10.90 -16.93
C ARG A 415 -34.49 -11.67 -17.19
N GLN A 416 -33.96 -12.42 -16.21
CA GLN A 416 -32.71 -13.23 -16.37
C GLN A 416 -33.08 -14.58 -17.01
N GLU A 417 -34.20 -15.18 -16.61
CA GLU A 417 -34.70 -16.45 -17.20
C GLU A 417 -34.96 -16.23 -18.71
N LEU A 418 -35.58 -15.12 -19.08
CA LEU A 418 -35.89 -14.79 -20.50
C LEU A 418 -34.57 -14.66 -21.28
N ARG A 419 -33.55 -14.02 -20.70
CA ARG A 419 -32.20 -13.88 -21.33
C ARG A 419 -31.61 -15.28 -21.59
N ALA A 420 -31.79 -16.22 -20.66
CA ALA A 420 -31.23 -17.58 -20.79
C ALA A 420 -31.87 -18.30 -21.98
N ILE A 421 -33.20 -18.18 -22.12
CA ILE A 421 -34.00 -18.88 -23.18
C ILE A 421 -33.68 -18.24 -24.53
N ILE A 422 -33.73 -16.90 -24.59
CA ILE A 422 -33.52 -16.11 -25.84
C ILE A 422 -32.09 -16.36 -26.35
N ASN A 423 -31.08 -16.26 -25.51
CA ASN A 423 -29.66 -16.51 -25.91
C ASN A 423 -29.51 -17.98 -26.29
N GLY A 424 -30.31 -18.87 -25.67
CA GLY A 424 -30.32 -20.30 -25.96
C GLY A 424 -30.81 -20.62 -27.37
N ALA A 425 -31.58 -19.70 -27.98
CA ALA A 425 -32.23 -19.90 -29.29
C ALA A 425 -31.30 -19.48 -30.45
N LEU A 426 -30.14 -18.87 -30.17
CA LEU A 426 -29.15 -18.56 -31.24
C LEU A 426 -28.54 -19.87 -31.76
N VAL A 427 -28.61 -20.12 -33.08
CA VAL A 427 -28.20 -21.42 -33.70
C VAL A 427 -27.34 -21.21 -34.95
N ASP A 428 -26.81 -20.01 -35.21
CA ASP A 428 -25.78 -19.78 -36.26
C ASP A 428 -24.40 -19.91 -35.62
N ASN B 28 -30.12 14.95 -47.98
CA ASN B 28 -28.86 15.25 -48.69
C ASN B 28 -27.65 14.79 -47.88
N ILE B 29 -27.06 13.67 -48.28
CA ILE B 29 -25.99 12.93 -47.56
C ILE B 29 -24.73 12.88 -48.43
N ILE B 30 -23.61 13.34 -47.92
CA ILE B 30 -22.27 13.23 -48.58
C ILE B 30 -21.31 12.58 -47.58
N ALA B 31 -20.63 11.52 -48.01
CA ALA B 31 -19.63 10.79 -47.21
C ALA B 31 -20.24 10.45 -45.84
N GLY B 32 -21.48 9.98 -45.81
CA GLY B 32 -22.13 9.50 -44.58
C GLY B 32 -22.50 10.63 -43.63
N MET B 33 -22.53 11.88 -44.11
CA MET B 33 -22.87 13.07 -43.29
C MET B 33 -24.13 13.76 -43.84
N ASP B 34 -25.13 14.01 -43.00
CA ASP B 34 -26.37 14.73 -43.35
C ASP B 34 -26.07 16.23 -43.38
N LEU B 35 -26.11 16.86 -44.55
CA LEU B 35 -25.76 18.31 -44.72
C LEU B 35 -26.80 19.20 -44.02
N ASN B 36 -28.03 18.71 -43.84
CA ASN B 36 -29.08 19.46 -43.12
C ASN B 36 -28.71 19.52 -41.64
N ARG B 37 -28.16 18.43 -41.10
CA ARG B 37 -27.67 18.39 -39.69
C ARG B 37 -26.45 19.29 -39.57
N LEU B 38 -25.59 19.37 -40.59
CA LEU B 38 -24.38 20.24 -40.53
C LEU B 38 -24.79 21.72 -40.58
N ASP B 39 -25.98 22.05 -41.07
CA ASP B 39 -26.44 23.48 -41.13
C ASP B 39 -26.64 24.00 -39.70
N ARG B 40 -26.75 23.12 -38.70
CA ARG B 40 -26.92 23.50 -37.27
C ARG B 40 -25.68 24.29 -36.80
N ILE B 41 -24.53 24.09 -37.44
CA ILE B 41 -23.28 24.83 -37.12
C ILE B 41 -23.55 26.33 -37.24
N ALA B 42 -23.99 26.78 -38.41
CA ALA B 42 -24.21 28.22 -38.72
C ALA B 42 -25.34 28.76 -37.82
N GLU B 43 -26.43 28.00 -37.63
CA GLU B 43 -27.57 28.37 -36.75
C GLU B 43 -27.01 28.62 -35.34
N HIS B 44 -26.16 27.70 -34.85
CA HIS B 44 -25.57 27.75 -33.49
C HIS B 44 -24.62 28.96 -33.36
N LEU B 45 -23.69 29.15 -34.28
CA LEU B 45 -22.71 30.27 -34.21
C LEU B 45 -23.43 31.63 -34.29
N ASP B 46 -24.52 31.72 -35.05
CA ASP B 46 -25.37 32.96 -35.12
C ASP B 46 -26.04 33.19 -33.76
N ARG B 47 -26.83 32.22 -33.30
CA ARG B 47 -27.73 32.32 -32.10
C ARG B 47 -26.88 32.58 -30.85
N ALA B 48 -25.75 31.87 -30.70
CA ALA B 48 -24.99 31.77 -29.42
C ALA B 48 -23.82 32.74 -29.37
N TYR B 49 -23.30 33.24 -30.51
CA TYR B 49 -22.04 34.02 -30.54
C TYR B 49 -22.16 35.31 -31.38
N LEU B 50 -22.61 35.26 -32.63
CA LEU B 50 -22.52 36.41 -33.58
C LEU B 50 -23.61 37.45 -33.30
N HIS B 51 -24.90 37.05 -33.26
CA HIS B 51 -26.05 37.95 -32.97
C HIS B 51 -25.88 38.59 -31.58
N PRO B 52 -25.52 37.85 -30.51
CA PRO B 52 -25.29 38.45 -29.20
C PRO B 52 -23.96 39.22 -29.03
N GLY B 53 -23.08 39.21 -30.05
CA GLY B 53 -21.87 40.04 -30.10
C GLY B 53 -20.74 39.51 -29.24
N LYS B 54 -20.55 38.19 -29.17
CA LYS B 54 -19.49 37.52 -28.35
C LYS B 54 -18.26 37.26 -29.22
N LEU B 55 -18.47 36.98 -30.52
CA LEU B 55 -17.44 36.86 -31.58
C LEU B 55 -17.76 37.83 -32.72
N ALA B 56 -16.72 38.35 -33.38
CA ALA B 56 -16.82 39.22 -34.57
C ALA B 56 -17.29 38.39 -35.76
N GLY B 57 -16.61 37.27 -36.03
CA GLY B 57 -16.85 36.44 -37.22
C GLY B 57 -16.12 35.11 -37.13
N THR B 58 -16.59 34.16 -37.94
CA THR B 58 -16.16 32.74 -37.94
C THR B 58 -15.98 32.22 -39.38
N MET B 59 -15.05 31.30 -39.57
CA MET B 59 -14.89 30.49 -40.79
C MET B 59 -14.79 29.03 -40.34
N THR B 60 -15.72 28.18 -40.78
CA THR B 60 -15.85 26.77 -40.32
C THR B 60 -15.79 25.85 -41.54
N LEU B 61 -14.89 24.87 -41.54
CA LEU B 61 -14.79 23.84 -42.60
C LEU B 61 -14.83 22.45 -41.97
N VAL B 62 -15.57 21.54 -42.58
CA VAL B 62 -15.67 20.11 -42.17
C VAL B 62 -15.46 19.25 -43.42
N ALA B 63 -14.65 18.21 -43.30
CA ALA B 63 -14.34 17.26 -44.40
C ALA B 63 -14.47 15.83 -43.86
N ARG B 64 -14.87 14.91 -44.72
CA ARG B 64 -14.90 13.47 -44.37
C ARG B 64 -14.53 12.66 -45.62
N ARG B 65 -13.61 11.70 -45.46
CA ARG B 65 -13.17 10.78 -46.52
C ARG B 65 -12.71 11.58 -47.74
N GLY B 66 -11.99 12.68 -47.52
CA GLY B 66 -11.37 13.49 -48.59
C GLY B 66 -12.29 14.57 -49.13
N GLU B 67 -13.58 14.57 -48.78
CA GLU B 67 -14.60 15.48 -49.36
C GLU B 67 -14.98 16.57 -48.36
N VAL B 68 -14.82 17.84 -48.75
CA VAL B 68 -15.33 19.01 -47.98
C VAL B 68 -16.86 18.97 -48.00
N VAL B 69 -17.51 18.82 -46.85
CA VAL B 69 -18.99 18.68 -46.70
C VAL B 69 -19.58 19.94 -46.08
N TYR B 70 -18.76 20.86 -45.58
CA TYR B 70 -19.22 22.13 -44.94
C TYR B 70 -18.12 23.17 -45.06
N CYS B 71 -18.50 24.38 -45.45
CA CYS B 71 -17.62 25.57 -45.58
C CYS B 71 -18.50 26.82 -45.47
N GLN B 72 -18.40 27.57 -44.38
CA GLN B 72 -19.27 28.74 -44.09
C GLN B 72 -18.45 29.84 -43.41
N ALA B 73 -18.36 30.99 -44.07
CA ALA B 73 -17.98 32.29 -43.48
C ALA B 73 -19.23 32.92 -42.85
N GLN B 74 -19.10 33.54 -41.68
CA GLN B 74 -20.19 34.26 -40.99
C GLN B 74 -19.60 35.52 -40.35
N GLY B 75 -20.42 36.57 -40.24
CA GLY B 75 -20.06 37.83 -39.57
C GLY B 75 -18.87 38.53 -40.21
N LEU B 76 -18.10 39.26 -39.40
CA LEU B 76 -17.12 40.29 -39.84
C LEU B 76 -15.71 39.90 -39.43
N ARG B 77 -14.73 40.12 -40.31
CA ARG B 77 -13.27 39.96 -40.03
C ARG B 77 -12.71 41.26 -39.42
N ASP B 78 -13.37 42.39 -39.70
CA ASP B 78 -12.97 43.77 -39.26
C ASP B 78 -14.26 44.55 -38.98
N VAL B 79 -14.60 44.74 -37.70
CA VAL B 79 -15.89 45.37 -37.26
C VAL B 79 -15.81 46.87 -37.55
N GLU B 80 -14.67 47.48 -37.22
CA GLU B 80 -14.38 48.93 -37.40
C GLU B 80 -14.61 49.34 -38.87
N ARG B 81 -14.23 48.48 -39.83
CA ARG B 81 -14.29 48.76 -41.30
C ARG B 81 -15.45 47.99 -41.97
N GLN B 82 -16.30 47.33 -41.19
CA GLN B 82 -17.50 46.61 -41.69
C GLN B 82 -17.15 45.66 -42.85
N LEU B 83 -16.01 44.97 -42.77
CA LEU B 83 -15.55 43.97 -43.79
C LEU B 83 -15.96 42.56 -43.36
N PRO B 84 -16.63 41.77 -44.23
CA PRO B 84 -17.11 40.45 -43.83
C PRO B 84 -15.98 39.41 -43.83
N VAL B 85 -16.22 38.26 -43.19
CA VAL B 85 -15.34 37.08 -43.28
C VAL B 85 -15.61 36.46 -44.66
N GLU B 86 -14.55 36.11 -45.39
CA GLU B 86 -14.62 35.36 -46.67
C GLU B 86 -13.77 34.10 -46.53
N ARG B 87 -14.03 33.10 -47.38
CA ARG B 87 -13.25 31.84 -47.50
C ARG B 87 -11.74 32.12 -47.43
N ASP B 88 -11.30 33.24 -47.99
CA ASP B 88 -9.85 33.58 -48.20
C ASP B 88 -9.36 34.51 -47.08
N THR B 89 -10.15 34.73 -46.02
CA THR B 89 -9.74 35.62 -44.89
C THR B 89 -8.52 35.00 -44.18
N LEU B 90 -7.54 35.84 -43.85
CA LEU B 90 -6.30 35.43 -43.15
C LEU B 90 -6.47 35.62 -41.63
N PHE B 91 -6.04 34.63 -40.86
CA PHE B 91 -6.23 34.52 -39.39
C PHE B 91 -4.89 34.24 -38.71
N ARG B 92 -4.65 34.88 -37.56
CA ARG B 92 -3.57 34.51 -36.60
C ARG B 92 -3.95 33.17 -36.00
N ILE B 93 -3.26 32.09 -36.37
CA ILE B 93 -3.61 30.71 -35.92
C ILE B 93 -2.81 30.38 -34.66
N TYR B 94 -1.85 31.23 -34.34
CA TYR B 94 -1.01 31.13 -33.12
C TYR B 94 -0.48 29.70 -32.92
N SER B 95 -0.84 29.12 -31.77
CA SER B 95 -0.29 27.81 -31.29
C SER B 95 -0.65 26.63 -32.21
N MET B 96 -1.50 26.88 -33.21
CA MET B 96 -1.75 25.90 -34.29
C MET B 96 -0.54 25.87 -35.23
N THR B 97 0.44 26.75 -34.99
CA THR B 97 1.75 26.67 -35.67
C THR B 97 2.48 25.39 -35.23
N LYS B 98 2.24 24.91 -34.00
CA LYS B 98 3.11 23.89 -33.34
C LYS B 98 3.09 22.57 -34.11
N PRO B 99 1.93 22.05 -34.56
CA PRO B 99 1.90 20.85 -35.39
C PRO B 99 2.77 20.96 -36.67
N ILE B 100 2.79 22.14 -37.30
CA ILE B 100 3.61 22.41 -38.52
C ILE B 100 5.09 22.30 -38.14
N THR B 101 5.51 22.98 -37.07
CA THR B 101 6.92 22.91 -36.57
C THR B 101 7.27 21.46 -36.22
N SER B 102 6.33 20.71 -35.62
CA SER B 102 6.56 19.31 -35.20
C SER B 102 6.81 18.43 -36.43
N ILE B 103 5.96 18.57 -37.46
CA ILE B 103 6.13 17.87 -38.78
C ILE B 103 7.50 18.21 -39.37
N ALA B 104 7.86 19.49 -39.36
CA ALA B 104 9.15 19.96 -39.92
C ALA B 104 10.28 19.20 -39.22
N LEU B 105 10.30 19.13 -37.89
CA LEU B 105 11.42 18.48 -37.16
C LEU B 105 11.38 16.96 -37.42
N MET B 106 10.20 16.36 -37.53
CA MET B 106 10.09 14.90 -37.75
C MET B 106 10.48 14.54 -39.19
N GLN B 107 10.40 15.47 -40.14
CA GLN B 107 10.96 15.27 -41.51
C GLN B 107 12.46 14.97 -41.39
N LEU B 108 13.15 15.67 -40.49
CA LEU B 108 14.60 15.50 -40.27
C LEU B 108 14.88 14.22 -39.48
N TYR B 109 13.93 13.76 -38.65
CA TYR B 109 14.05 12.48 -37.91
C TYR B 109 14.14 11.33 -38.93
N GLU B 110 13.28 11.40 -39.96
CA GLU B 110 13.16 10.45 -41.09
C GLU B 110 14.42 10.41 -41.95
N GLN B 111 15.26 11.46 -41.91
CA GLN B 111 16.54 11.53 -42.67
C GLN B 111 17.70 11.06 -41.79
N GLY B 112 17.45 10.68 -40.53
CA GLY B 112 18.46 10.13 -39.61
C GLY B 112 19.26 11.21 -38.86
N ARG B 113 18.78 12.46 -38.87
CA ARG B 113 19.59 13.64 -38.45
C ARG B 113 19.65 13.74 -36.91
N PHE B 114 18.72 13.11 -36.21
CA PHE B 114 18.71 13.02 -34.71
C PHE B 114 17.80 11.86 -34.26
N LEU B 115 17.88 11.56 -32.98
CA LEU B 115 17.02 10.56 -32.27
C LEU B 115 16.30 11.24 -31.11
N LEU B 116 15.09 10.82 -30.78
CA LEU B 116 14.26 11.51 -29.77
C LEU B 116 14.87 11.41 -28.37
N ASP B 117 15.61 10.35 -28.05
CA ASP B 117 16.16 10.13 -26.69
C ASP B 117 17.58 10.72 -26.60
N GLU B 118 18.02 11.43 -27.62
CA GLU B 118 19.30 12.20 -27.57
C GLU B 118 19.10 13.44 -26.69
N PRO B 119 20.11 13.80 -25.88
CA PRO B 119 20.08 15.07 -25.14
C PRO B 119 20.10 16.29 -26.06
N VAL B 120 19.31 17.32 -25.72
CA VAL B 120 19.24 18.61 -26.46
C VAL B 120 20.65 19.23 -26.50
N HIS B 121 21.45 19.06 -25.45
CA HIS B 121 22.78 19.72 -25.31
C HIS B 121 23.78 19.14 -26.31
N LYS B 122 23.44 18.03 -26.96
CA LYS B 122 24.25 17.48 -28.09
C LYS B 122 24.19 18.46 -29.26
N TYR B 123 23.07 19.17 -29.46
CA TYR B 123 22.83 20.13 -30.57
C TYR B 123 22.96 21.57 -30.06
N ILE B 124 22.72 21.81 -28.76
CA ILE B 124 22.80 23.15 -28.11
C ILE B 124 23.74 23.02 -26.90
N PRO B 125 25.08 22.98 -27.11
CA PRO B 125 26.01 22.62 -26.03
C PRO B 125 25.98 23.55 -24.80
N THR B 126 25.59 24.82 -24.98
CA THR B 126 25.48 25.82 -23.88
C THR B 126 24.41 25.35 -22.87
N TRP B 127 23.49 24.47 -23.26
CA TRP B 127 22.40 23.95 -22.39
C TRP B 127 22.86 22.73 -21.56
N LYS B 128 24.14 22.34 -21.58
CA LYS B 128 24.57 21.08 -20.91
C LYS B 128 24.29 21.15 -19.40
N ASN B 129 24.44 22.32 -18.76
CA ASN B 129 24.40 22.43 -17.26
C ASN B 129 23.10 23.09 -16.80
N LEU B 130 22.02 22.99 -17.57
CA LEU B 130 20.70 23.46 -17.12
C LEU B 130 20.37 22.77 -15.79
N ARG B 131 19.74 23.50 -14.87
CA ARG B 131 19.42 23.01 -13.51
C ARG B 131 17.96 23.34 -13.20
N VAL B 132 17.40 22.72 -12.15
CA VAL B 132 15.96 22.84 -11.76
C VAL B 132 15.81 23.92 -10.70
N TYR B 133 14.81 24.80 -10.85
CA TYR B 133 14.48 25.86 -9.88
C TYR B 133 14.31 25.25 -8.48
N LYS B 134 14.93 25.86 -7.46
CA LYS B 134 14.71 25.55 -6.03
C LYS B 134 14.06 26.75 -5.33
N THR B 135 14.69 27.93 -5.34
CA THR B 135 14.17 29.15 -4.67
C THR B 135 14.89 30.39 -5.18
N GLY B 136 14.36 31.59 -4.91
CA GLY B 136 14.97 32.88 -5.25
C GLY B 136 14.24 33.57 -6.38
N SER B 137 14.49 34.88 -6.54
CA SER B 137 13.98 35.72 -7.65
C SER B 137 15.10 35.96 -8.65
N HIS B 138 14.76 36.13 -9.92
CA HIS B 138 15.72 36.55 -10.97
C HIS B 138 16.36 37.87 -10.55
N PRO B 139 17.70 38.04 -10.63
CA PRO B 139 18.62 37.02 -11.14
C PRO B 139 19.47 36.27 -10.11
N GLN B 140 18.91 35.92 -8.95
CA GLN B 140 19.64 35.14 -7.90
C GLN B 140 18.82 33.89 -7.56
N MET B 141 18.51 33.10 -8.59
CA MET B 141 17.74 31.84 -8.47
C MET B 141 18.71 30.71 -8.14
N LEU B 142 18.46 29.99 -7.04
CA LEU B 142 19.21 28.77 -6.64
C LEU B 142 18.52 27.55 -7.27
N THR B 143 19.31 26.52 -7.58
CA THR B 143 18.89 25.37 -8.43
C THR B 143 19.42 24.08 -7.84
N THR B 144 18.81 22.95 -8.19
CA THR B 144 19.31 21.57 -7.91
C THR B 144 19.65 20.90 -9.25
N ALA B 145 20.47 19.84 -9.19
CA ALA B 145 20.82 18.99 -10.34
C ALA B 145 19.57 18.25 -10.82
N PRO B 146 19.36 18.13 -12.16
CA PRO B 146 18.28 17.31 -12.69
C PRO B 146 18.66 15.83 -12.63
N GLN B 147 17.69 14.92 -12.55
CA GLN B 147 17.96 13.44 -12.55
C GLN B 147 18.56 13.03 -13.89
N ARG B 148 18.16 13.67 -14.99
CA ARG B 148 18.76 13.42 -16.33
C ARG B 148 18.67 14.68 -17.19
N PRO B 149 19.55 14.82 -18.19
CA PRO B 149 19.45 15.96 -19.12
C PRO B 149 18.19 15.89 -20.01
N MET B 150 17.69 17.07 -20.36
CA MET B 150 16.60 17.33 -21.35
C MET B 150 16.88 16.58 -22.66
N THR B 151 15.86 15.93 -23.23
CA THR B 151 15.91 15.25 -24.57
C THR B 151 15.01 15.97 -25.58
N ILE B 152 15.17 15.63 -26.86
CA ILE B 152 14.33 16.22 -27.94
C ILE B 152 12.89 15.73 -27.76
N ARG B 153 12.70 14.48 -27.32
CA ARG B 153 11.34 13.99 -27.03
C ARG B 153 10.67 14.91 -25.98
N ASP B 154 11.43 15.33 -24.96
CA ASP B 154 10.95 16.28 -23.92
C ASP B 154 10.49 17.58 -24.58
N LEU B 155 11.23 18.10 -25.58
CA LEU B 155 10.83 19.37 -26.28
C LEU B 155 9.51 19.16 -27.03
N LEU B 156 9.40 18.08 -27.80
CA LEU B 156 8.22 17.82 -28.68
C LEU B 156 6.96 17.53 -27.85
N THR B 157 7.11 17.15 -26.59
CA THR B 157 5.99 16.73 -25.70
C THR B 157 5.76 17.71 -24.54
N HIS B 158 6.53 18.80 -24.44
CA HIS B 158 6.41 19.83 -23.37
C HIS B 158 6.63 19.18 -22.00
N GLN B 159 7.60 18.27 -21.91
CA GLN B 159 8.10 17.65 -20.67
C GLN B 159 9.54 18.15 -20.39
N SER B 160 10.00 19.18 -21.11
CA SER B 160 11.33 19.83 -21.03
C SER B 160 11.58 20.36 -19.62
N GLY B 161 10.56 20.96 -19.02
CA GLY B 161 10.70 21.80 -17.81
C GLY B 161 10.78 23.27 -18.18
N LEU B 162 10.84 23.58 -19.48
CA LEU B 162 10.69 24.97 -19.95
C LEU B 162 9.25 25.41 -19.66
N THR B 163 8.99 26.71 -19.74
CA THR B 163 7.65 27.32 -19.51
C THR B 163 7.40 28.44 -20.53
N TYR B 164 6.42 29.27 -20.27
CA TYR B 164 6.01 30.45 -21.06
C TYR B 164 5.85 31.63 -20.08
N GLY B 165 6.28 32.82 -20.48
CA GLY B 165 6.02 34.06 -19.73
C GLY B 165 4.58 34.19 -19.28
N PHE B 166 3.61 33.93 -20.15
CA PHE B 166 2.18 34.24 -19.88
C PHE B 166 1.59 33.28 -18.82
N MET B 167 2.31 32.23 -18.40
CA MET B 167 1.76 31.26 -17.42
C MET B 167 1.40 31.98 -16.12
N ASN B 168 2.22 32.95 -15.69
CA ASN B 168 1.98 33.82 -14.51
C ASN B 168 1.72 32.97 -13.27
N ARG B 169 2.58 31.97 -13.00
CA ARG B 169 2.40 31.07 -11.83
C ARG B 169 3.65 31.02 -10.95
N THR B 170 4.85 31.14 -11.52
CA THR B 170 6.13 30.90 -10.81
C THR B 170 7.15 32.02 -11.05
N ASN B 171 8.15 32.07 -10.18
CA ASN B 171 9.31 32.98 -10.28
C ASN B 171 10.04 32.75 -11.62
N VAL B 172 10.01 31.54 -12.17
CA VAL B 172 10.71 31.22 -13.46
C VAL B 172 9.97 31.92 -14.61
N ASP B 173 8.65 31.80 -14.70
CA ASP B 173 7.90 32.50 -15.77
C ASP B 173 7.95 34.03 -15.53
N ALA B 174 8.22 34.50 -14.30
CA ALA B 174 8.42 35.95 -14.03
C ALA B 174 9.71 36.41 -14.73
N ALA B 175 10.75 35.58 -14.69
CA ALA B 175 12.04 35.84 -15.37
C ALA B 175 11.84 35.84 -16.88
N TYR B 176 11.06 34.90 -17.43
CA TYR B 176 10.72 34.90 -18.88
C TYR B 176 10.09 36.25 -19.22
N ARG B 177 9.18 36.77 -18.39
CA ARG B 177 8.45 38.03 -18.69
C ARG B 177 9.41 39.22 -18.66
N SER B 178 10.29 39.34 -17.64
CA SER B 178 11.22 40.50 -17.53
C SER B 178 12.21 40.47 -18.70
N LEU B 179 12.51 39.29 -19.27
CA LEU B 179 13.39 39.11 -20.46
C LEU B 179 12.59 39.04 -21.76
N LYS B 180 11.26 39.11 -21.71
CA LYS B 180 10.35 39.12 -22.90
C LYS B 180 10.69 37.94 -23.83
N LEU B 181 10.77 36.72 -23.30
CA LEU B 181 11.09 35.49 -24.07
C LEU B 181 9.86 34.98 -24.83
N ASP B 182 8.66 35.51 -24.56
CA ASP B 182 7.42 35.20 -25.33
C ASP B 182 7.41 36.01 -26.64
N GLY B 183 8.25 37.05 -26.75
CA GLY B 183 8.29 37.98 -27.89
C GLY B 183 8.46 39.42 -27.44
N GLY B 184 8.81 40.30 -28.37
CA GLY B 184 8.94 41.75 -28.12
C GLY B 184 10.09 42.36 -28.93
N PRO B 185 10.37 43.67 -28.76
CA PRO B 185 11.36 44.37 -29.59
C PRO B 185 12.76 43.70 -29.54
N GLY B 186 13.29 43.36 -30.73
CA GLY B 186 14.65 42.80 -30.92
C GLY B 186 14.73 41.32 -30.62
N HIS B 187 13.60 40.65 -30.37
CA HIS B 187 13.58 39.21 -30.02
C HIS B 187 13.88 38.40 -31.28
N THR B 188 14.73 37.38 -31.15
CA THR B 188 15.14 36.41 -32.22
C THR B 188 15.24 35.03 -31.57
N LEU B 189 15.22 33.97 -32.38
CA LEU B 189 15.44 32.59 -31.86
C LEU B 189 16.82 32.53 -31.19
N ASP B 190 17.82 33.25 -31.71
CA ASP B 190 19.21 33.20 -31.19
C ASP B 190 19.22 33.71 -29.75
N ARG B 191 18.40 34.74 -29.47
CA ARG B 191 18.30 35.38 -28.13
C ARG B 191 17.60 34.41 -27.15
N LEU B 192 16.52 33.77 -27.58
CA LEU B 192 15.79 32.76 -26.77
C LEU B 192 16.77 31.68 -26.29
N ILE B 193 17.49 31.04 -27.21
CA ILE B 193 18.43 29.93 -26.87
C ILE B 193 19.51 30.45 -25.91
N ASP B 194 20.01 31.65 -26.14
CA ASP B 194 21.08 32.26 -25.31
C ASP B 194 20.52 32.56 -23.90
N GLU B 195 19.36 33.22 -23.80
CA GLU B 195 18.75 33.54 -22.47
C GLU B 195 18.38 32.25 -21.71
N LEU B 196 17.81 31.24 -22.38
CA LEU B 196 17.33 30.00 -21.70
C LEU B 196 18.50 29.23 -21.10
N ALA B 197 19.73 29.41 -21.60
CA ALA B 197 20.95 28.72 -21.13
C ALA B 197 21.30 29.16 -19.71
N ARG B 198 20.80 30.31 -19.27
CA ARG B 198 21.15 30.91 -17.95
C ARG B 198 19.90 30.92 -17.04
N LEU B 199 18.84 30.21 -17.40
CA LEU B 199 17.60 30.14 -16.58
C LEU B 199 17.37 28.71 -16.10
N PRO B 200 16.69 28.54 -14.95
CA PRO B 200 16.34 27.20 -14.49
C PRO B 200 15.05 26.66 -15.11
N LEU B 201 14.84 25.35 -14.95
CA LEU B 201 13.63 24.60 -15.38
C LEU B 201 12.64 24.52 -14.21
N GLU B 202 11.35 24.39 -14.50
CA GLU B 202 10.31 24.23 -13.45
C GLU B 202 10.48 22.87 -12.77
N PHE B 203 11.07 21.89 -13.44
CA PHE B 203 11.19 20.52 -12.89
C PHE B 203 12.20 19.72 -13.70
N SER B 204 12.65 18.61 -13.14
CA SER B 204 13.61 17.68 -13.78
C SER B 204 12.96 17.14 -15.05
N PRO B 205 13.64 17.25 -16.22
CA PRO B 205 13.06 16.85 -17.50
C PRO B 205 12.43 15.45 -17.47
N GLY B 206 11.19 15.34 -17.96
CA GLY B 206 10.45 14.07 -18.11
C GLY B 206 9.46 13.84 -17.00
N THR B 207 9.59 14.53 -15.87
CA THR B 207 8.90 14.19 -14.59
C THR B 207 7.54 14.90 -14.50
N ALA B 208 7.24 15.80 -15.41
CA ALA B 208 5.94 16.51 -15.47
C ALA B 208 5.72 17.08 -16.87
N TRP B 209 4.57 17.71 -17.08
CA TRP B 209 4.19 18.40 -18.34
C TRP B 209 3.84 19.86 -18.03
N ASN B 210 4.38 20.79 -18.81
CA ASN B 210 4.11 22.24 -18.69
C ASN B 210 4.28 22.85 -20.09
N TYR B 211 3.21 23.43 -20.63
CA TYR B 211 3.18 24.08 -21.97
C TYR B 211 4.25 25.20 -22.00
N SER B 212 5.03 25.29 -23.08
CA SER B 212 6.34 25.98 -23.09
C SER B 212 6.71 26.55 -24.46
N VAL B 213 7.77 27.37 -24.46
CA VAL B 213 8.55 27.83 -25.65
C VAL B 213 9.29 26.66 -26.30
N ALA B 214 9.12 25.42 -25.82
CA ALA B 214 9.85 24.25 -26.34
C ALA B 214 9.70 24.14 -27.87
N THR B 215 8.54 24.50 -28.41
CA THR B 215 8.26 24.35 -29.86
C THR B 215 9.02 25.45 -30.61
N ASP B 216 9.20 26.63 -30.00
CA ASP B 216 10.07 27.71 -30.53
C ASP B 216 11.52 27.18 -30.62
N VAL B 217 11.95 26.42 -29.62
CA VAL B 217 13.29 25.73 -29.59
C VAL B 217 13.34 24.65 -30.68
N CYS B 218 12.26 23.91 -30.90
CA CYS B 218 12.16 22.91 -31.99
C CYS B 218 12.41 23.63 -33.33
N GLY B 219 11.80 24.80 -33.53
CA GLY B 219 12.02 25.63 -34.73
C GLY B 219 13.50 25.98 -34.88
N TYR B 220 14.16 26.31 -33.79
CA TYR B 220 15.60 26.64 -33.78
C TYR B 220 16.38 25.40 -34.24
N LEU B 221 15.96 24.19 -33.87
CA LEU B 221 16.65 22.92 -34.23
C LEU B 221 16.41 22.61 -35.72
N VAL B 222 15.23 22.91 -36.26
CA VAL B 222 14.97 22.80 -37.73
C VAL B 222 16.03 23.64 -38.46
N GLN B 223 16.29 24.87 -38.01
CA GLN B 223 17.32 25.78 -38.57
C GLN B 223 18.70 25.14 -38.43
N LEU B 224 19.09 24.74 -37.22
CA LEU B 224 20.43 24.18 -36.96
C LEU B 224 20.68 23.02 -37.93
N LEU B 225 19.72 22.12 -38.10
CA LEU B 225 19.93 20.83 -38.80
C LEU B 225 19.80 21.00 -40.31
N SER B 226 18.90 21.86 -40.79
CA SER B 226 18.58 22.02 -42.24
C SER B 226 19.54 23.01 -42.91
N GLY B 227 20.13 23.94 -42.15
CA GLY B 227 20.92 25.08 -42.65
C GLY B 227 20.04 26.23 -43.14
N MET B 228 18.72 26.13 -43.07
CA MET B 228 17.77 27.16 -43.60
C MET B 228 17.08 27.88 -42.44
N SER B 229 16.64 29.12 -42.66
CA SER B 229 15.77 29.84 -41.70
C SER B 229 14.37 29.21 -41.78
N LEU B 230 13.59 29.29 -40.69
CA LEU B 230 12.38 28.47 -40.51
C LEU B 230 11.33 28.79 -41.59
N ASP B 231 11.22 30.05 -42.02
CA ASP B 231 10.20 30.48 -43.03
C ASP B 231 10.52 29.80 -44.36
N ASP B 232 11.80 29.67 -44.71
CA ASP B 232 12.29 29.01 -45.95
C ASP B 232 12.08 27.50 -45.82
N TYR B 233 12.40 26.85 -44.68
CA TYR B 233 12.19 25.38 -44.49
C TYR B 233 10.69 25.11 -44.68
N PHE B 234 9.81 25.86 -44.02
CA PHE B 234 8.35 25.64 -44.08
C PHE B 234 7.87 25.75 -45.54
N SER B 235 8.32 26.79 -46.24
CA SER B 235 7.90 27.10 -47.64
C SER B 235 8.31 25.94 -48.55
N LYS B 236 9.58 25.54 -48.48
CA LYS B 236 10.14 24.52 -49.39
C LYS B 236 9.55 23.15 -49.09
N HIS B 237 9.52 22.72 -47.82
CA HIS B 237 9.24 21.31 -47.43
C HIS B 237 7.80 21.11 -46.97
N ILE B 238 6.97 22.16 -46.82
CA ILE B 238 5.55 21.97 -46.40
C ILE B 238 4.59 22.79 -47.29
N PHE B 239 4.73 24.11 -47.36
CA PHE B 239 3.71 25.01 -47.96
C PHE B 239 3.67 24.85 -49.51
N GLN B 240 4.82 24.85 -50.19
CA GLN B 240 4.87 24.71 -51.67
C GLN B 240 4.32 23.33 -52.05
N PRO B 241 4.83 22.21 -51.50
CA PRO B 241 4.31 20.88 -51.82
C PRO B 241 2.81 20.69 -51.62
N LEU B 242 2.21 21.29 -50.59
CA LEU B 242 0.78 21.08 -50.26
C LEU B 242 -0.11 22.13 -50.95
N GLY B 243 0.47 23.14 -51.59
CA GLY B 243 -0.31 24.20 -52.25
C GLY B 243 -0.98 25.11 -51.25
N MET B 244 -0.16 25.67 -50.35
CA MET B 244 -0.56 26.60 -49.25
C MET B 244 0.14 27.93 -49.50
N PRO B 245 -0.36 28.75 -50.45
CA PRO B 245 0.29 30.02 -50.78
C PRO B 245 -0.02 31.17 -49.81
N ASP B 246 -0.92 30.96 -48.85
CA ASP B 246 -1.48 32.01 -47.95
C ASP B 246 -1.15 31.70 -46.49
N THR B 247 0.04 31.17 -46.22
CA THR B 247 0.54 30.81 -44.87
C THR B 247 1.97 31.35 -44.74
N PHE B 248 2.23 32.17 -43.73
CA PHE B 248 3.52 32.90 -43.57
C PHE B 248 3.62 33.53 -42.17
N PHE B 249 4.86 33.81 -41.76
CA PHE B 249 5.19 34.53 -40.51
C PHE B 249 4.91 36.04 -40.66
N THR B 250 5.09 36.58 -41.86
CA THR B 250 4.83 37.99 -42.22
C THR B 250 3.76 38.05 -43.31
N VAL B 251 2.70 38.83 -43.11
CA VAL B 251 1.63 39.03 -44.14
C VAL B 251 2.17 39.97 -45.20
N PRO B 252 2.30 39.54 -46.48
CA PRO B 252 2.78 40.42 -47.55
C PRO B 252 1.80 41.60 -47.74
N ALA B 253 2.34 42.77 -48.07
CA ALA B 253 1.62 44.05 -48.29
C ALA B 253 0.37 43.83 -49.16
N GLU B 254 0.49 43.08 -50.26
CA GLU B 254 -0.61 42.94 -51.25
C GLU B 254 -1.73 42.01 -50.70
N LYS B 255 -1.56 41.33 -49.57
CA LYS B 255 -2.60 40.42 -49.00
C LYS B 255 -3.20 40.97 -47.69
N LEU B 256 -2.66 42.10 -47.20
CA LEU B 256 -3.05 42.74 -45.91
C LEU B 256 -4.52 43.13 -45.91
N SER B 257 -5.15 43.35 -47.07
CA SER B 257 -6.59 43.68 -47.15
C SER B 257 -7.42 42.49 -46.62
N ARG B 258 -6.90 41.27 -46.75
CA ARG B 258 -7.65 40.02 -46.40
C ARG B 258 -7.46 39.66 -44.92
N PHE B 259 -6.52 40.30 -44.22
CA PHE B 259 -6.11 39.99 -42.82
C PHE B 259 -7.18 40.48 -41.84
N ALA B 260 -7.71 39.56 -41.04
CA ALA B 260 -8.75 39.84 -40.02
C ALA B 260 -8.14 40.64 -38.88
N ALA B 261 -8.99 41.38 -38.17
CA ALA B 261 -8.65 42.00 -36.87
C ALA B 261 -8.70 40.91 -35.80
N CYS B 262 -7.92 41.11 -34.74
CA CYS B 262 -7.95 40.28 -33.52
C CYS B 262 -8.67 41.02 -32.40
N TYR B 263 -9.57 40.33 -31.71
CA TYR B 263 -10.39 40.89 -30.59
C TYR B 263 -10.05 40.14 -29.31
N GLU B 264 -10.23 40.79 -28.16
CA GLU B 264 -10.06 40.18 -26.81
C GLU B 264 -11.38 40.30 -26.06
N TYR B 265 -11.60 39.39 -25.10
CA TYR B 265 -12.84 39.30 -24.28
C TYR B 265 -12.99 40.61 -23.45
N GLN B 266 -14.21 41.12 -23.34
CA GLN B 266 -14.60 42.20 -22.39
C GLN B 266 -15.82 41.73 -21.59
N PRO B 267 -15.98 42.16 -20.31
CA PRO B 267 -17.13 41.80 -19.50
C PRO B 267 -18.47 42.07 -20.22
N GLY B 268 -19.47 41.25 -19.91
CA GLY B 268 -20.80 41.26 -20.55
C GLY B 268 -20.85 40.34 -21.75
N ASP B 269 -19.88 39.41 -21.90
CA ASP B 269 -19.75 38.52 -23.08
C ASP B 269 -19.67 39.40 -24.33
N SER B 270 -18.72 40.33 -24.33
CA SER B 270 -18.45 41.28 -25.42
C SER B 270 -16.98 41.15 -25.82
N PHE B 271 -16.49 42.07 -26.66
CA PHE B 271 -15.09 42.06 -27.15
C PHE B 271 -14.67 43.48 -27.55
N SER B 272 -13.35 43.73 -27.58
CA SER B 272 -12.74 45.02 -27.97
C SER B 272 -11.56 44.74 -28.91
N LEU B 273 -11.23 45.69 -29.79
CA LEU B 273 -10.09 45.63 -30.73
C LEU B 273 -8.80 45.35 -29.94
N GLN B 274 -8.05 44.32 -30.33
CA GLN B 274 -6.76 43.91 -29.69
C GLN B 274 -5.59 44.12 -30.66
N ASP B 275 -5.80 43.93 -31.96
CA ASP B 275 -4.77 44.10 -33.02
C ASP B 275 -5.46 44.56 -34.30
N ASP B 276 -5.17 45.79 -34.76
CA ASP B 276 -5.60 46.33 -36.08
C ASP B 276 -4.74 45.65 -37.15
N PRO B 277 -5.35 45.07 -38.21
CA PRO B 277 -4.58 44.45 -39.29
C PRO B 277 -3.60 45.42 -39.98
N GLN B 278 -4.05 46.66 -40.21
CA GLN B 278 -3.17 47.75 -40.71
C GLN B 278 -2.38 48.26 -39.50
N GLY B 279 -1.05 48.19 -39.55
CA GLY B 279 -0.19 48.50 -38.39
C GLY B 279 -0.18 47.37 -37.37
N SER B 280 -0.14 46.13 -37.85
CA SER B 280 0.08 44.91 -37.03
C SER B 280 1.55 44.52 -37.12
N ALA B 281 2.13 44.00 -36.04
CA ALA B 281 3.50 43.42 -36.06
C ALA B 281 3.57 42.21 -37.00
N PHE B 282 2.44 41.55 -37.29
CA PHE B 282 2.36 40.42 -38.25
C PHE B 282 2.62 40.91 -39.69
N ALA B 283 2.57 42.23 -39.93
CA ALA B 283 2.81 42.86 -41.26
C ALA B 283 4.27 43.26 -41.42
N LYS B 284 5.09 43.16 -40.37
CA LYS B 284 6.53 43.50 -40.36
C LYS B 284 7.36 42.22 -40.33
N ALA B 285 8.55 42.27 -40.94
CA ALA B 285 9.59 41.24 -40.81
C ALA B 285 10.53 41.67 -39.67
N HIS B 286 10.03 41.70 -38.42
CA HIS B 286 10.86 41.68 -37.19
C HIS B 286 11.63 40.35 -37.23
N GLY B 287 12.64 40.13 -36.40
CA GLY B 287 13.55 38.98 -36.61
C GLY B 287 13.12 37.69 -35.93
N TYR B 288 11.88 37.56 -35.41
CA TYR B 288 11.41 36.43 -34.57
C TYR B 288 10.48 35.50 -35.35
N LEU B 289 11.00 34.35 -35.75
CA LEU B 289 10.26 33.23 -36.38
C LEU B 289 9.86 32.24 -35.28
N SER B 290 8.61 32.35 -34.83
CA SER B 290 8.02 31.60 -33.69
C SER B 290 7.42 30.29 -34.19
N GLY B 291 8.13 29.17 -34.00
CA GLY B 291 7.58 27.81 -34.22
C GLY B 291 6.41 27.49 -33.29
N GLY B 292 6.29 28.26 -32.21
CA GLY B 292 5.24 28.09 -31.19
C GLY B 292 3.98 28.88 -31.50
N GLY B 293 4.05 30.08 -32.13
CA GLY B 293 2.86 30.93 -32.26
C GLY B 293 2.84 31.93 -33.43
N GLY B 294 3.74 31.82 -34.41
CA GLY B 294 4.03 32.92 -35.34
C GLY B 294 3.13 33.01 -36.58
N LEU B 295 2.54 31.91 -37.03
CA LEU B 295 1.95 31.80 -38.39
C LEU B 295 0.59 32.51 -38.48
N VAL B 296 0.39 33.11 -39.66
CA VAL B 296 -0.92 33.54 -40.22
C VAL B 296 -1.25 32.60 -41.36
N SER B 297 -2.51 32.19 -41.47
CA SER B 297 -3.00 31.22 -42.48
C SER B 297 -4.48 31.48 -42.74
N CYS B 298 -5.12 30.59 -43.48
CA CYS B 298 -6.54 30.68 -43.86
C CYS B 298 -7.13 29.26 -43.83
N VAL B 299 -8.46 29.13 -43.88
CA VAL B 299 -9.11 27.82 -43.64
C VAL B 299 -8.63 26.84 -44.73
N ASP B 300 -8.53 27.26 -45.99
CA ASP B 300 -8.18 26.36 -47.12
C ASP B 300 -6.75 25.84 -46.97
N ASP B 301 -5.81 26.70 -46.59
CA ASP B 301 -4.40 26.29 -46.39
C ASP B 301 -4.32 25.27 -45.23
N TYR B 302 -4.96 25.55 -44.08
CA TYR B 302 -4.88 24.66 -42.90
C TYR B 302 -5.65 23.37 -43.21
N TYR B 303 -6.73 23.45 -43.99
CA TYR B 303 -7.47 22.25 -44.47
C TYR B 303 -6.51 21.33 -45.24
N ARG B 304 -5.66 21.89 -46.07
CA ARG B 304 -4.76 21.10 -46.95
C ARG B 304 -3.72 20.41 -46.06
N PHE B 305 -3.22 21.10 -45.05
CA PHE B 305 -2.33 20.51 -44.01
C PHE B 305 -3.06 19.38 -43.28
N ALA B 306 -4.24 19.67 -42.75
CA ALA B 306 -5.05 18.70 -41.97
C ALA B 306 -5.36 17.48 -42.84
N GLN B 307 -5.79 17.67 -44.09
CA GLN B 307 -6.21 16.56 -45.00
C GLN B 307 -4.98 15.70 -45.33
N ALA B 308 -3.81 16.34 -45.54
CA ALA B 308 -2.52 15.64 -45.74
C ALA B 308 -2.31 14.67 -44.56
N LEU B 309 -2.51 15.14 -43.32
CA LEU B 309 -2.31 14.30 -42.11
C LEU B 309 -3.36 13.18 -42.08
N ALA B 310 -4.63 13.49 -42.31
CA ALA B 310 -5.73 12.51 -42.31
C ALA B 310 -5.47 11.41 -43.34
N ASN B 311 -4.71 11.70 -44.41
CA ASN B 311 -4.41 10.75 -45.52
C ASN B 311 -3.13 9.95 -45.21
N GLY B 312 -2.44 10.21 -44.10
CA GLY B 312 -1.17 9.54 -43.78
C GLY B 312 0.04 10.28 -44.33
N GLY B 313 -0.09 11.58 -44.65
CA GLY B 313 1.06 12.48 -44.91
C GLY B 313 1.19 12.93 -46.36
N GLU B 314 0.18 12.63 -47.19
CA GLU B 314 0.17 12.80 -48.67
C GLU B 314 -1.09 13.56 -49.05
N LEU B 315 -0.98 14.54 -49.95
CA LEU B 315 -2.15 15.17 -50.63
C LEU B 315 -1.82 15.44 -52.10
N ASP B 316 -2.67 14.96 -53.01
CA ASP B 316 -2.55 15.19 -54.48
C ASP B 316 -1.10 14.93 -54.93
N GLY B 317 -0.50 13.80 -54.50
CA GLY B 317 0.84 13.36 -54.95
C GLY B 317 2.00 14.01 -54.21
N ALA B 318 1.78 14.93 -53.27
CA ALA B 318 2.86 15.54 -52.45
C ALA B 318 2.89 14.89 -51.05
N ARG B 319 4.06 14.50 -50.57
CA ARG B 319 4.23 13.88 -49.24
C ARG B 319 5.08 14.78 -48.33
N ILE B 320 4.52 15.21 -47.19
CA ILE B 320 5.24 16.04 -46.17
C ILE B 320 5.85 15.14 -45.08
N ILE B 321 5.29 13.96 -44.84
CA ILE B 321 5.72 13.04 -43.73
C ILE B 321 5.34 11.61 -44.11
N GLY B 322 6.10 10.63 -43.62
CA GLY B 322 5.79 9.20 -43.76
C GLY B 322 4.57 8.80 -42.95
N ARG B 323 3.76 7.89 -43.49
CA ARG B 323 2.54 7.35 -42.84
C ARG B 323 2.88 6.88 -41.42
N LYS B 324 4.00 6.18 -41.27
CA LYS B 324 4.39 5.48 -40.02
C LYS B 324 4.93 6.52 -39.03
N THR B 325 5.72 7.48 -39.50
CA THR B 325 6.25 8.58 -38.66
C THR B 325 5.08 9.34 -38.05
N LEU B 326 4.04 9.63 -38.83
CA LEU B 326 2.85 10.38 -38.36
C LEU B 326 2.10 9.54 -37.31
N GLU B 327 1.99 8.24 -37.52
CA GLU B 327 1.28 7.31 -36.60
C GLU B 327 1.96 7.39 -35.23
N PHE B 328 3.29 7.54 -35.23
CA PHE B 328 4.17 7.65 -34.04
C PHE B 328 3.94 8.99 -33.32
N MET B 329 3.78 10.08 -34.07
CA MET B 329 3.50 11.44 -33.52
C MET B 329 2.12 11.49 -32.86
N ARG B 330 1.18 10.65 -33.29
CA ARG B 330 -0.25 10.65 -32.87
C ARG B 330 -0.45 9.79 -31.62
N MET B 331 0.55 9.00 -31.24
CA MET B 331 0.49 8.17 -30.01
C MET B 331 0.56 9.08 -28.79
N ASN B 332 0.00 8.62 -27.68
CA ASN B 332 0.24 9.24 -26.34
C ASN B 332 1.70 9.00 -25.95
N HIS B 333 2.50 10.07 -25.80
CA HIS B 333 3.92 9.98 -25.40
C HIS B 333 4.08 10.32 -23.93
N LEU B 334 2.97 10.51 -23.20
CA LEU B 334 3.05 10.69 -21.73
C LEU B 334 3.32 9.34 -21.09
N PRO B 335 3.98 9.33 -19.91
CA PRO B 335 4.35 8.09 -19.22
C PRO B 335 3.10 7.30 -18.82
N ASP B 336 3.12 5.96 -19.00
CA ASP B 336 2.11 5.00 -18.48
C ASP B 336 0.71 5.32 -19.05
N ASN B 337 0.64 5.83 -20.29
CA ASN B 337 -0.63 6.22 -20.96
C ASN B 337 -1.48 7.13 -20.04
N LYS B 338 -0.84 8.06 -19.32
CA LYS B 338 -1.55 9.05 -18.47
C LYS B 338 -2.15 10.15 -19.37
N GLY B 339 -3.21 10.80 -18.89
CA GLY B 339 -3.76 12.02 -19.52
C GLY B 339 -3.05 13.26 -19.00
N LEU B 340 -3.25 14.39 -19.67
CA LEU B 340 -2.62 15.68 -19.29
C LEU B 340 -2.88 16.00 -17.81
N PRO B 341 -4.11 15.87 -17.27
CA PRO B 341 -4.35 16.16 -15.86
C PRO B 341 -3.55 15.34 -14.85
N ASP B 342 -3.02 14.17 -15.24
CA ASP B 342 -2.21 13.34 -14.32
C ASP B 342 -0.78 13.86 -14.27
N VAL B 343 -0.35 14.75 -15.17
CA VAL B 343 1.09 15.16 -15.24
C VAL B 343 1.23 16.68 -15.33
N ALA B 344 0.19 17.41 -15.71
CA ALA B 344 0.27 18.85 -16.00
C ALA B 344 0.25 19.63 -14.68
N ILE B 345 1.22 20.51 -14.49
CA ILE B 345 1.41 21.31 -13.23
C ILE B 345 0.49 22.54 -13.24
N GLY B 346 -0.18 22.86 -14.37
CA GLY B 346 -0.85 24.16 -14.59
C GLY B 346 -2.32 24.03 -14.98
N SER B 347 -2.76 24.88 -15.94
CA SER B 347 -4.18 25.09 -16.38
C SER B 347 -4.72 23.93 -17.23
N PHE B 348 -3.82 23.19 -17.91
CA PHE B 348 -4.14 21.99 -18.72
C PHE B 348 -4.43 20.78 -17.81
N SER B 349 -4.55 21.04 -16.49
CA SER B 349 -4.92 20.09 -15.41
C SER B 349 -6.45 19.93 -15.33
N GLU B 350 -7.18 20.86 -15.96
CA GLU B 350 -8.61 21.08 -15.66
C GLU B 350 -9.47 20.13 -16.48
N THR B 351 -10.76 20.09 -16.17
CA THR B 351 -11.76 19.08 -16.60
C THR B 351 -11.80 18.92 -18.13
N PRO B 352 -11.73 19.99 -18.95
CA PRO B 352 -11.77 19.79 -20.40
C PRO B 352 -10.70 18.83 -20.97
N TYR B 353 -9.54 18.64 -20.32
CA TYR B 353 -8.41 17.83 -20.83
C TYR B 353 -8.40 16.43 -20.18
N ASP B 354 -9.43 16.08 -19.41
CA ASP B 354 -9.63 14.70 -18.87
C ASP B 354 -9.81 13.73 -20.02
N GLY B 355 -9.13 12.60 -19.97
CA GLY B 355 -9.14 11.55 -21.01
C GLY B 355 -8.43 11.96 -22.28
N THR B 356 -7.55 12.97 -22.21
CA THR B 356 -6.76 13.46 -23.37
C THR B 356 -5.27 13.40 -23.01
N GLY B 357 -4.47 12.73 -23.83
CA GLY B 357 -3.00 12.67 -23.70
C GLY B 357 -2.31 13.64 -24.65
N PHE B 358 -1.04 13.41 -24.94
CA PHE B 358 -0.24 14.31 -25.80
C PHE B 358 0.87 13.49 -26.49
N GLY B 359 1.01 13.67 -27.80
CA GLY B 359 2.09 13.06 -28.60
C GLY B 359 3.13 14.09 -29.00
N LEU B 360 3.69 13.97 -30.19
CA LEU B 360 4.78 14.87 -30.69
C LEU B 360 4.11 16.04 -31.42
N GLY B 361 3.40 16.89 -30.68
CA GLY B 361 2.84 18.16 -31.20
C GLY B 361 1.33 18.13 -31.34
N PHE B 362 0.67 17.03 -30.96
CA PHE B 362 -0.81 16.89 -30.99
C PHE B 362 -1.32 16.40 -29.64
N SER B 363 -2.51 16.87 -29.23
CA SER B 363 -3.31 16.19 -28.20
C SER B 363 -3.89 14.92 -28.81
N VAL B 364 -4.22 13.93 -27.98
CA VAL B 364 -4.73 12.60 -28.40
C VAL B 364 -5.84 12.22 -27.42
N LYS B 365 -7.05 11.93 -27.88
CA LYS B 365 -8.14 11.45 -27.00
C LYS B 365 -7.86 9.99 -26.61
N LEU B 366 -7.91 9.68 -25.31
CA LEU B 366 -7.69 8.31 -24.76
C LEU B 366 -9.03 7.67 -24.39
N ASP B 367 -9.92 8.42 -23.74
CA ASP B 367 -11.18 7.92 -23.12
C ASP B 367 -12.32 8.91 -23.39
N VAL B 368 -13.26 8.51 -24.24
CA VAL B 368 -14.36 9.41 -24.73
C VAL B 368 -15.27 9.78 -23.56
N ALA B 369 -15.79 8.80 -22.83
CA ALA B 369 -16.72 9.06 -21.70
C ALA B 369 -16.05 10.02 -20.71
N LYS B 370 -14.79 9.79 -20.38
CA LYS B 370 -14.08 10.56 -19.32
C LYS B 370 -13.96 12.03 -19.75
N SER B 371 -13.79 12.28 -21.05
CA SER B 371 -13.66 13.64 -21.65
C SER B 371 -14.99 14.39 -21.59
N GLN B 372 -16.10 13.67 -21.41
CA GLN B 372 -17.49 14.22 -21.34
C GLN B 372 -17.88 14.90 -22.68
N THR B 373 -17.13 14.63 -23.74
CA THR B 373 -17.36 15.19 -25.10
C THR B 373 -17.37 14.04 -26.12
N VAL B 374 -18.44 13.92 -26.90
CA VAL B 374 -18.56 12.95 -28.04
C VAL B 374 -17.34 13.10 -28.97
N GLY B 375 -16.91 11.98 -29.55
CA GLY B 375 -15.69 11.86 -30.36
C GLY B 375 -15.25 10.42 -30.42
N SER B 376 -14.03 10.17 -30.89
CA SER B 376 -13.44 8.82 -31.03
C SER B 376 -12.10 8.78 -30.30
N VAL B 377 -11.75 7.63 -29.73
CA VAL B 377 -10.36 7.37 -29.27
C VAL B 377 -9.45 7.67 -30.47
N GLY B 378 -8.38 8.44 -30.24
CA GLY B 378 -7.35 8.74 -31.24
C GLY B 378 -7.52 10.11 -31.87
N GLU B 379 -8.68 10.75 -31.67
CA GLU B 379 -8.91 12.14 -32.16
C GLU B 379 -7.68 12.98 -31.78
N TYR B 380 -7.03 13.62 -32.76
CA TYR B 380 -5.82 14.46 -32.52
C TYR B 380 -6.01 15.84 -33.13
N GLY B 381 -5.27 16.81 -32.57
CA GLY B 381 -5.28 18.20 -33.07
C GLY B 381 -4.67 19.14 -32.05
N TRP B 382 -4.90 20.43 -32.23
CA TRP B 382 -4.51 21.46 -31.24
C TRP B 382 -5.30 22.74 -31.51
N GLY B 383 -4.99 23.81 -30.79
CA GLY B 383 -5.74 25.08 -30.86
C GLY B 383 -4.79 26.26 -30.76
N GLY B 384 -5.32 27.45 -31.07
CA GLY B 384 -4.61 28.72 -30.88
C GLY B 384 -5.35 29.60 -29.87
N MET B 385 -4.60 30.43 -29.15
CA MET B 385 -5.11 31.26 -28.03
C MET B 385 -6.12 32.32 -28.51
N ALA B 386 -6.30 32.53 -29.81
CA ALA B 386 -7.37 33.40 -30.36
C ALA B 386 -8.61 32.58 -30.73
N SER B 387 -8.73 31.35 -30.22
CA SER B 387 -9.94 30.48 -30.30
C SER B 387 -10.03 29.79 -31.67
N THR B 388 -8.93 29.71 -32.41
CA THR B 388 -8.78 28.80 -33.59
C THR B 388 -8.64 27.36 -33.07
N ASN B 389 -9.21 26.41 -33.80
CA ASN B 389 -9.19 24.97 -33.42
C ASN B 389 -9.22 24.08 -34.67
N PHE B 390 -8.59 22.92 -34.59
CA PHE B 390 -8.73 21.84 -35.60
C PHE B 390 -8.59 20.48 -34.91
N PHE B 391 -9.28 19.48 -35.45
CA PHE B 391 -9.13 18.07 -35.05
C PHE B 391 -9.28 17.18 -36.28
N ILE B 392 -8.70 15.99 -36.14
CA ILE B 392 -8.76 14.87 -37.11
C ILE B 392 -9.17 13.64 -36.32
N ASP B 393 -10.28 13.01 -36.70
CA ASP B 393 -10.78 11.75 -36.10
C ASP B 393 -10.37 10.62 -37.05
N PRO B 394 -9.31 9.84 -36.74
CA PRO B 394 -8.86 8.80 -37.66
C PRO B 394 -9.80 7.59 -37.73
N GLU B 395 -10.67 7.40 -36.74
CA GLU B 395 -11.65 6.29 -36.71
C GLU B 395 -12.75 6.59 -37.74
N GLU B 396 -13.18 7.84 -37.88
CA GLU B 396 -14.31 8.26 -38.75
C GLU B 396 -13.79 8.92 -40.02
N ASP B 397 -12.47 9.10 -40.18
CA ASP B 397 -11.84 9.81 -41.32
C ASP B 397 -12.52 11.19 -41.50
N LEU B 398 -12.69 11.90 -40.40
CA LEU B 398 -13.47 13.17 -40.29
C LEU B 398 -12.51 14.25 -39.81
N LEU B 399 -12.65 15.51 -40.22
CA LEU B 399 -11.81 16.59 -39.67
C LEU B 399 -12.58 17.92 -39.71
N MET B 400 -12.11 18.90 -38.93
CA MET B 400 -12.73 20.23 -38.79
C MET B 400 -11.60 21.24 -38.67
N VAL B 401 -11.74 22.38 -39.35
CA VAL B 401 -10.91 23.60 -39.14
C VAL B 401 -11.88 24.73 -38.79
N PHE B 402 -11.65 25.39 -37.64
CA PHE B 402 -12.48 26.49 -37.12
C PHE B 402 -11.59 27.70 -36.87
N MET B 403 -11.97 28.83 -37.43
CA MET B 403 -11.21 30.10 -37.39
C MET B 403 -12.11 31.20 -36.82
N THR B 404 -11.60 31.90 -35.81
CA THR B 404 -12.17 33.15 -35.25
C THR B 404 -10.99 33.88 -34.62
N GLN B 405 -11.17 35.11 -34.16
CA GLN B 405 -10.08 35.88 -33.50
C GLN B 405 -10.65 36.51 -32.23
N LEU B 406 -10.63 35.74 -31.13
CA LEU B 406 -11.10 36.14 -29.77
C LEU B 406 -10.14 35.55 -28.75
N ILE B 407 -9.28 36.39 -28.15
CA ILE B 407 -8.33 36.02 -27.08
C ILE B 407 -9.00 36.24 -25.72
N PRO B 408 -8.91 35.29 -24.74
CA PRO B 408 -8.30 33.97 -24.92
C PRO B 408 -9.28 32.82 -25.26
N SER B 409 -8.74 31.71 -25.77
CA SER B 409 -9.49 30.50 -26.20
C SER B 409 -10.21 29.84 -25.01
N SER B 410 -9.73 30.05 -23.78
CA SER B 410 -10.38 29.54 -22.54
C SER B 410 -11.76 30.18 -22.32
N THR B 411 -12.11 31.26 -23.03
CA THR B 411 -13.34 32.05 -22.78
C THR B 411 -14.58 31.18 -22.99
N TYR B 412 -14.78 30.65 -24.20
CA TYR B 412 -16.00 29.89 -24.58
C TYR B 412 -15.64 28.46 -24.98
N ALA B 413 -16.61 27.54 -24.87
CA ALA B 413 -16.45 26.11 -25.18
C ALA B 413 -16.99 25.82 -26.59
N VAL B 414 -16.83 26.79 -27.50
CA VAL B 414 -17.38 26.67 -28.89
C VAL B 414 -16.82 25.40 -29.55
N ARG B 415 -15.55 25.06 -29.33
CA ARG B 415 -14.93 23.88 -29.99
C ARG B 415 -15.61 22.57 -29.55
N GLN B 416 -16.23 22.51 -28.36
CA GLN B 416 -16.95 21.30 -27.87
C GLN B 416 -18.36 21.26 -28.47
N GLU B 417 -19.03 22.41 -28.57
CA GLU B 417 -20.37 22.52 -29.20
C GLU B 417 -20.27 22.08 -30.68
N LEU B 418 -19.24 22.51 -31.40
CA LEU B 418 -19.00 22.12 -32.81
C LEU B 418 -18.81 20.61 -32.91
N ARG B 419 -18.07 20.00 -31.99
CA ARG B 419 -17.87 18.52 -31.95
C ARG B 419 -19.21 17.81 -31.78
N ALA B 420 -20.11 18.36 -30.95
CA ALA B 420 -21.43 17.75 -30.68
C ALA B 420 -22.26 17.74 -31.98
N ILE B 421 -22.26 18.87 -32.71
CA ILE B 421 -23.07 19.07 -33.96
C ILE B 421 -22.49 18.18 -35.06
N ILE B 422 -21.17 18.24 -35.26
CA ILE B 422 -20.44 17.52 -36.33
C ILE B 422 -20.60 16.01 -36.13
N ASN B 423 -20.38 15.49 -34.92
CA ASN B 423 -20.54 14.04 -34.61
C ASN B 423 -22.02 13.68 -34.74
N GLY B 424 -22.92 14.64 -34.48
CA GLY B 424 -24.38 14.44 -34.60
C GLY B 424 -24.82 14.24 -36.04
N ALA B 425 -24.02 14.69 -37.01
CA ALA B 425 -24.35 14.66 -38.46
C ALA B 425 -23.94 13.34 -39.10
N LEU B 426 -23.22 12.46 -38.39
CA LEU B 426 -22.90 11.11 -38.91
C LEU B 426 -24.18 10.27 -38.92
N VAL B 427 -24.54 9.71 -40.10
CA VAL B 427 -25.83 9.00 -40.34
C VAL B 427 -25.62 7.67 -41.06
N ASP B 428 -24.45 7.03 -40.99
CA ASP B 428 -24.22 5.67 -41.53
C ASP B 428 -24.10 4.67 -40.36
N SER C 27 4.22 -30.99 -47.52
CA SER C 27 4.17 -32.25 -48.31
C SER C 27 2.72 -32.77 -48.39
N ASN C 28 2.34 -33.66 -47.46
CA ASN C 28 0.94 -34.13 -47.28
C ASN C 28 0.22 -33.26 -46.24
N ILE C 29 -0.64 -32.36 -46.69
CA ILE C 29 -1.31 -31.31 -45.86
C ILE C 29 -2.82 -31.50 -45.92
N ILE C 30 -3.48 -31.62 -44.77
CA ILE C 30 -4.96 -31.59 -44.65
C ILE C 30 -5.34 -30.50 -43.64
N ALA C 31 -6.24 -29.62 -43.99
CA ALA C 31 -6.79 -28.58 -43.09
C ALA C 31 -5.63 -27.80 -42.45
N GLY C 32 -4.60 -27.47 -43.23
CA GLY C 32 -3.46 -26.65 -42.78
C GLY C 32 -2.55 -27.39 -41.81
N MET C 33 -2.62 -28.72 -41.77
CA MET C 33 -1.78 -29.56 -40.87
C MET C 33 -0.91 -30.51 -41.70
N ASP C 34 0.40 -30.52 -41.44
CA ASP C 34 1.38 -31.43 -42.09
C ASP C 34 1.27 -32.79 -41.42
N LEU C 35 0.79 -33.81 -42.14
CA LEU C 35 0.55 -35.17 -41.58
C LEU C 35 1.89 -35.85 -41.25
N ASN C 36 2.98 -35.46 -41.90
CA ASN C 36 4.33 -36.00 -41.59
C ASN C 36 4.76 -35.48 -40.23
N ARG C 37 4.45 -34.23 -39.91
CA ARG C 37 4.75 -33.63 -38.59
C ARG C 37 3.85 -34.31 -37.54
N LEU C 38 2.61 -34.65 -37.87
CA LEU C 38 1.69 -35.32 -36.91
C LEU C 38 2.16 -36.74 -36.62
N ASP C 39 2.96 -37.36 -37.49
CA ASP C 39 3.47 -38.75 -37.26
C ASP C 39 4.41 -38.75 -36.06
N ARG C 40 4.93 -37.58 -35.65
CA ARG C 40 5.84 -37.45 -34.48
C ARG C 40 5.12 -37.88 -33.20
N ILE C 41 3.79 -37.81 -33.17
CA ILE C 41 2.95 -38.26 -32.02
C ILE C 41 3.30 -39.72 -31.71
N ALA C 42 3.13 -40.61 -32.68
CA ALA C 42 3.35 -42.06 -32.54
C ALA C 42 4.83 -42.34 -32.20
N GLU C 43 5.77 -41.67 -32.88
CA GLU C 43 7.23 -41.79 -32.63
C GLU C 43 7.50 -41.42 -31.16
N HIS C 44 6.90 -40.33 -30.69
CA HIS C 44 7.06 -39.82 -29.29
C HIS C 44 6.48 -40.81 -28.27
N LEU C 45 5.25 -41.26 -28.45
CA LEU C 45 4.58 -42.19 -27.48
C LEU C 45 5.32 -43.52 -27.43
N ASP C 46 5.89 -43.99 -28.55
CA ASP C 46 6.72 -45.22 -28.59
C ASP C 46 8.00 -44.99 -27.78
N ARG C 47 8.81 -44.00 -28.17
CA ARG C 47 10.18 -43.72 -27.65
C ARG C 47 10.12 -43.42 -26.14
N ALA C 48 9.14 -42.62 -25.71
CA ALA C 48 9.12 -42.00 -24.37
C ALA C 48 8.25 -42.78 -23.36
N TYR C 49 7.30 -43.61 -23.82
CA TYR C 49 6.29 -44.24 -22.92
C TYR C 49 6.12 -45.76 -23.17
N LEU C 50 5.89 -46.20 -24.40
CA LEU C 50 5.47 -47.62 -24.68
C LEU C 50 6.69 -48.55 -24.63
N HIS C 51 7.76 -48.27 -25.41
CA HIS C 51 9.00 -49.09 -25.44
C HIS C 51 9.61 -49.18 -24.03
N PRO C 52 9.75 -48.07 -23.28
CA PRO C 52 10.29 -48.13 -21.92
C PRO C 52 9.33 -48.68 -20.84
N GLY C 53 8.08 -48.97 -21.19
CA GLY C 53 7.11 -49.63 -20.29
C GLY C 53 6.53 -48.72 -19.23
N LYS C 54 6.25 -47.46 -19.57
CA LYS C 54 5.65 -46.45 -18.64
C LYS C 54 4.13 -46.43 -18.79
N LEU C 55 3.64 -46.68 -20.01
CA LEU C 55 2.20 -46.85 -20.36
C LEU C 55 1.99 -48.19 -21.07
N ALA C 56 0.83 -48.81 -20.88
CA ALA C 56 0.40 -50.05 -21.58
C ALA C 56 0.10 -49.74 -23.05
N GLY C 57 -0.72 -48.73 -23.31
CA GLY C 57 -1.22 -48.41 -24.66
C GLY C 57 -1.96 -47.09 -24.70
N THR C 58 -2.09 -46.54 -25.91
CA THR C 58 -2.62 -45.18 -26.19
C THR C 58 -3.55 -45.21 -27.42
N MET C 59 -4.54 -44.33 -27.43
CA MET C 59 -5.37 -44.01 -28.61
C MET C 59 -5.38 -42.48 -28.73
N THR C 60 -4.91 -41.94 -29.86
CA THR C 60 -4.76 -40.48 -30.06
C THR C 60 -5.55 -40.07 -31.31
N LEU C 61 -6.45 -39.10 -31.19
CA LEU C 61 -7.18 -38.50 -32.35
C LEU C 61 -6.96 -36.98 -32.36
N VAL C 62 -6.74 -36.42 -33.55
CA VAL C 62 -6.62 -34.95 -33.79
C VAL C 62 -7.53 -34.59 -34.96
N ALA C 63 -8.28 -33.49 -34.83
CA ALA C 63 -9.20 -32.99 -35.88
C ALA C 63 -8.98 -31.47 -36.04
N ARG C 64 -9.15 -30.97 -37.24
CA ARG C 64 -9.12 -29.52 -37.50
C ARG C 64 -10.16 -29.18 -38.59
N ARG C 65 -10.95 -28.14 -38.33
CA ARG C 65 -11.98 -27.63 -39.26
C ARG C 65 -12.91 -28.76 -39.68
N GLY C 66 -13.28 -29.65 -38.75
CA GLY C 66 -14.26 -30.73 -39.00
C GLY C 66 -13.63 -32.01 -39.52
N GLU C 67 -12.35 -32.00 -39.90
CA GLU C 67 -11.67 -33.17 -40.53
C GLU C 67 -10.74 -33.85 -39.54
N VAL C 68 -10.93 -35.15 -39.31
CA VAL C 68 -9.99 -36.01 -38.55
C VAL C 68 -8.68 -36.14 -39.35
N VAL C 69 -7.56 -35.64 -38.84
CA VAL C 69 -6.24 -35.60 -39.54
C VAL C 69 -5.27 -36.58 -38.89
N TYR C 70 -5.61 -37.16 -37.74
CA TYR C 70 -4.75 -38.15 -37.04
C TYR C 70 -5.64 -39.07 -36.21
N CYS C 71 -5.37 -40.36 -36.30
CA CYS C 71 -6.04 -41.42 -35.51
C CYS C 71 -5.11 -42.63 -35.44
N GLN C 72 -4.53 -42.92 -34.26
CA GLN C 72 -3.52 -43.99 -34.09
C GLN C 72 -3.70 -44.67 -32.74
N ALA C 73 -3.97 -45.97 -32.78
CA ALA C 73 -3.87 -46.91 -31.65
C ALA C 73 -2.44 -47.40 -31.56
N GLN C 74 -1.90 -47.56 -30.35
CA GLN C 74 -0.53 -48.09 -30.11
C GLN C 74 -0.56 -48.96 -28.86
N GLY C 75 0.30 -49.97 -28.83
CA GLY C 75 0.49 -50.86 -27.67
C GLY C 75 -0.78 -51.62 -27.31
N LEU C 76 -0.95 -51.94 -26.01
CA LEU C 76 -1.89 -52.96 -25.52
C LEU C 76 -2.95 -52.30 -24.61
N ARG C 77 -4.21 -52.73 -24.74
CA ARG C 77 -5.32 -52.34 -23.84
C ARG C 77 -5.37 -53.25 -22.62
N ASP C 78 -4.82 -54.47 -22.77
CA ASP C 78 -4.75 -55.52 -21.71
C ASP C 78 -3.41 -56.26 -21.87
N VAL C 79 -2.45 -56.00 -20.97
CA VAL C 79 -1.07 -56.55 -21.07
C VAL C 79 -1.11 -58.05 -20.72
N GLU C 80 -1.84 -58.39 -19.66
CA GLU C 80 -2.01 -59.78 -19.14
C GLU C 80 -2.50 -60.71 -20.27
N ARG C 81 -3.42 -60.23 -21.13
CA ARG C 81 -4.08 -61.03 -22.20
C ARG C 81 -3.52 -60.67 -23.59
N GLN C 82 -2.49 -59.84 -23.66
CA GLN C 82 -1.74 -59.54 -24.91
C GLN C 82 -2.74 -59.01 -25.98
N LEU C 83 -3.78 -58.24 -25.59
CA LEU C 83 -4.80 -57.65 -26.50
C LEU C 83 -4.41 -56.21 -26.88
N PRO C 84 -4.36 -55.86 -28.19
CA PRO C 84 -3.90 -54.54 -28.60
C PRO C 84 -4.99 -53.47 -28.40
N VAL C 85 -4.58 -52.20 -28.43
CA VAL C 85 -5.52 -51.05 -28.48
C VAL C 85 -6.04 -50.99 -29.91
N GLU C 86 -7.36 -50.85 -30.09
CA GLU C 86 -8.01 -50.59 -31.39
C GLU C 86 -8.81 -49.28 -31.29
N ARG C 87 -9.16 -48.71 -32.45
CA ARG C 87 -10.02 -47.50 -32.59
C ARG C 87 -11.25 -47.59 -31.66
N ASP C 88 -11.77 -48.81 -31.49
CA ASP C 88 -13.07 -49.07 -30.80
C ASP C 88 -12.83 -49.47 -29.33
N THR C 89 -11.59 -49.37 -28.82
CA THR C 89 -11.29 -49.73 -27.42
C THR C 89 -12.04 -48.79 -26.47
N LEU C 90 -12.62 -49.36 -25.41
CA LEU C 90 -13.37 -48.61 -24.37
C LEU C 90 -12.44 -48.25 -23.21
N PHE C 91 -12.54 -47.01 -22.73
CA PHE C 91 -11.65 -46.40 -21.71
C PHE C 91 -12.49 -45.77 -20.59
N ARG C 92 -12.06 -45.94 -19.34
CA ARG C 92 -12.53 -45.15 -18.18
C ARG C 92 -12.05 -43.71 -18.40
N ILE C 93 -12.95 -42.80 -18.72
CA ILE C 93 -12.60 -41.39 -19.05
C ILE C 93 -12.68 -40.56 -17.77
N TYR C 94 -13.26 -41.14 -16.73
CA TYR C 94 -13.37 -40.52 -15.39
C TYR C 94 -13.87 -39.08 -15.48
N SER C 95 -13.04 -38.15 -14.95
CA SER C 95 -13.39 -36.73 -14.75
C SER C 95 -13.67 -35.99 -16.07
N MET C 96 -13.41 -36.65 -17.20
CA MET C 96 -13.85 -36.13 -18.52
C MET C 96 -15.36 -36.33 -18.65
N THR C 97 -15.99 -36.97 -17.66
CA THR C 97 -17.47 -37.00 -17.53
C THR C 97 -17.98 -35.59 -17.27
N LYS C 98 -17.22 -34.73 -16.60
CA LYS C 98 -17.72 -33.47 -15.99
C LYS C 98 -18.24 -32.51 -17.07
N PRO C 99 -17.54 -32.30 -18.21
CA PRO C 99 -18.08 -31.48 -19.30
C PRO C 99 -19.44 -31.96 -19.80
N ILE C 100 -19.66 -33.28 -19.87
CA ILE C 100 -20.95 -33.88 -20.31
C ILE C 100 -22.03 -33.52 -19.28
N THR C 101 -21.77 -33.72 -18.00
CA THR C 101 -22.71 -33.33 -16.90
C THR C 101 -22.99 -31.83 -16.96
N SER C 102 -21.97 -31.01 -17.25
CA SER C 102 -22.10 -29.53 -17.29
C SER C 102 -23.04 -29.14 -18.43
N ILE C 103 -22.84 -29.72 -19.62
CA ILE C 103 -23.72 -29.53 -20.81
C ILE C 103 -25.15 -29.92 -20.44
N ALA C 104 -25.32 -31.08 -19.78
CA ALA C 104 -26.66 -31.57 -19.37
C ALA C 104 -27.35 -30.49 -18.53
N LEU C 105 -26.68 -29.94 -17.51
CA LEU C 105 -27.33 -28.97 -16.61
C LEU C 105 -27.59 -27.66 -17.37
N MET C 106 -26.71 -27.27 -18.29
CA MET C 106 -26.87 -26.00 -19.02
C MET C 106 -27.99 -26.14 -20.08
N GLN C 107 -28.31 -27.35 -20.54
CA GLN C 107 -29.52 -27.58 -21.39
C GLN C 107 -30.76 -27.13 -20.61
N LEU C 108 -30.81 -27.38 -19.30
CA LEU C 108 -31.97 -27.00 -18.45
C LEU C 108 -31.92 -25.50 -18.15
N TYR C 109 -30.73 -24.88 -18.15
CA TYR C 109 -30.59 -23.41 -17.97
C TYR C 109 -31.30 -22.69 -19.13
N GLU C 110 -31.09 -23.21 -20.34
CA GLU C 110 -31.68 -22.74 -21.62
C GLU C 110 -33.21 -22.89 -21.65
N GLN C 111 -33.79 -23.75 -20.81
CA GLN C 111 -35.26 -23.96 -20.70
C GLN C 111 -35.83 -23.10 -19.57
N GLY C 112 -35.00 -22.34 -18.86
CA GLY C 112 -35.42 -21.39 -17.81
C GLY C 112 -35.60 -22.05 -16.44
N ARG C 113 -35.06 -23.26 -16.25
CA ARG C 113 -35.41 -24.13 -15.08
C ARG C 113 -34.70 -23.65 -13.80
N PHE C 114 -33.61 -22.89 -13.92
CA PHE C 114 -32.85 -22.29 -12.81
C PHE C 114 -31.97 -21.14 -13.32
N LEU C 115 -31.38 -20.40 -12.40
CA LEU C 115 -30.40 -19.31 -12.65
C LEU C 115 -29.11 -19.60 -11.87
N LEU C 116 -27.96 -19.19 -12.38
CA LEU C 116 -26.65 -19.55 -11.78
C LEU C 116 -26.47 -18.88 -10.41
N ASP C 117 -27.07 -17.71 -10.17
CA ASP C 117 -26.87 -16.96 -8.90
C ASP C 117 -27.94 -17.36 -7.87
N GLU C 118 -28.76 -18.36 -8.19
CA GLU C 118 -29.73 -18.94 -7.21
C GLU C 118 -28.97 -19.79 -6.19
N PRO C 119 -29.36 -19.75 -4.91
CA PRO C 119 -28.81 -20.66 -3.90
C PRO C 119 -29.16 -22.13 -4.19
N VAL C 120 -28.22 -23.05 -3.98
CA VAL C 120 -28.41 -24.53 -4.11
C VAL C 120 -29.56 -24.96 -3.20
N HIS C 121 -29.69 -24.35 -2.02
CA HIS C 121 -30.67 -24.79 -0.99
C HIS C 121 -32.10 -24.50 -1.45
N LYS C 122 -32.28 -23.71 -2.52
CA LYS C 122 -33.60 -23.53 -3.17
C LYS C 122 -34.08 -24.86 -3.76
N TYR C 123 -33.16 -25.70 -4.24
CA TYR C 123 -33.45 -27.02 -4.89
C TYR C 123 -33.12 -28.17 -3.93
N ILE C 124 -32.19 -27.96 -2.98
CA ILE C 124 -31.79 -28.96 -1.94
C ILE C 124 -31.96 -28.33 -0.56
N PRO C 125 -33.21 -28.23 -0.04
CA PRO C 125 -33.47 -27.43 1.17
C PRO C 125 -32.71 -27.85 2.43
N THR C 126 -32.34 -29.12 2.54
CA THR C 126 -31.57 -29.67 3.70
C THR C 126 -30.19 -29.00 3.77
N TRP C 127 -29.71 -28.41 2.67
CA TRP C 127 -28.38 -27.73 2.60
C TRP C 127 -28.45 -26.27 3.05
N LYS C 128 -29.59 -25.78 3.56
CA LYS C 128 -29.75 -24.32 3.86
C LYS C 128 -28.70 -23.87 4.91
N ASN C 129 -28.38 -24.70 5.90
CA ASN C 129 -27.58 -24.27 7.09
C ASN C 129 -26.17 -24.87 7.03
N LEU C 130 -25.65 -25.18 5.83
CA LEU C 130 -24.24 -25.61 5.67
C LEU C 130 -23.35 -24.54 6.31
N ARG C 131 -22.26 -24.96 6.95
CA ARG C 131 -21.33 -24.06 7.67
C ARG C 131 -19.88 -24.39 7.25
N VAL C 132 -18.94 -23.49 7.56
CA VAL C 132 -17.51 -23.60 7.14
C VAL C 132 -16.70 -24.26 8.25
N TYR C 133 -15.84 -25.21 7.91
CA TYR C 133 -14.91 -25.89 8.84
C TYR C 133 -14.12 -24.86 9.62
N LYS C 134 -14.04 -25.02 10.95
CA LYS C 134 -13.14 -24.23 11.85
C LYS C 134 -12.08 -25.17 12.44
N THR C 135 -12.48 -26.22 13.16
CA THR C 135 -11.52 -27.16 13.82
C THR C 135 -12.25 -28.43 14.24
N GLY C 136 -11.52 -29.49 14.58
CA GLY C 136 -12.06 -30.75 15.10
C GLY C 136 -11.97 -31.88 14.08
N SER C 137 -12.10 -33.12 14.56
CA SER C 137 -12.16 -34.35 13.73
C SER C 137 -13.60 -34.82 13.64
N HIS C 138 -13.96 -35.45 12.52
CA HIS C 138 -15.28 -36.10 12.34
C HIS C 138 -15.43 -37.13 13.47
N PRO C 139 -16.59 -37.20 14.17
CA PRO C 139 -17.75 -36.35 13.92
C PRO C 139 -18.01 -35.21 14.93
N GLN C 140 -16.96 -34.53 15.40
CA GLN C 140 -17.11 -33.39 16.35
C GLN C 140 -16.42 -32.15 15.74
N MET C 141 -16.78 -31.83 14.50
CA MET C 141 -16.22 -30.69 13.75
C MET C 141 -17.00 -29.43 14.12
N LEU C 142 -16.30 -28.39 14.58
CA LEU C 142 -16.85 -27.04 14.87
C LEU C 142 -16.77 -26.20 13.58
N THR C 143 -17.72 -25.27 13.40
CA THR C 143 -17.94 -24.54 12.14
C THR C 143 -18.24 -23.07 12.42
N THR C 144 -18.03 -22.20 11.44
CA THR C 144 -18.45 -20.77 11.44
C THR C 144 -19.52 -20.57 10.36
N ALA C 145 -20.28 -19.49 10.46
CA ALA C 145 -21.29 -19.06 9.46
C ALA C 145 -20.57 -18.67 8.17
N PRO C 146 -21.10 -19.04 6.98
CA PRO C 146 -20.56 -18.56 5.70
C PRO C 146 -21.04 -17.12 5.43
N GLN C 147 -20.29 -16.32 4.67
CA GLN C 147 -20.70 -14.94 4.28
C GLN C 147 -21.97 -15.00 3.43
N ARG C 148 -22.13 -16.03 2.59
CA ARG C 148 -23.34 -16.19 1.74
C ARG C 148 -23.57 -17.67 1.47
N PRO C 149 -24.83 -18.06 1.16
CA PRO C 149 -25.10 -19.45 0.78
C PRO C 149 -24.47 -19.80 -0.58
N MET C 150 -24.10 -21.08 -0.71
CA MET C 150 -23.66 -21.77 -1.95
C MET C 150 -24.66 -21.51 -3.09
N THR C 151 -24.17 -21.20 -4.29
CA THR C 151 -24.97 -21.04 -5.55
C THR C 151 -24.67 -22.15 -6.55
N ILE C 152 -25.50 -22.26 -7.58
CA ILE C 152 -25.30 -23.28 -8.66
C ILE C 152 -24.04 -22.91 -9.42
N ARG C 153 -23.77 -21.61 -9.62
CA ARG C 153 -22.50 -21.19 -10.28
C ARG C 153 -21.32 -21.74 -9.48
N ASP C 154 -21.38 -21.69 -8.15
CA ASP C 154 -20.33 -22.25 -7.26
C ASP C 154 -20.15 -23.76 -7.55
N LEU C 155 -21.23 -24.52 -7.76
CA LEU C 155 -21.13 -25.97 -8.09
C LEU C 155 -20.41 -26.17 -9.42
N LEU C 156 -20.83 -25.46 -10.45
CA LEU C 156 -20.31 -25.64 -11.84
C LEU C 156 -18.86 -25.19 -11.96
N THR C 157 -18.37 -24.37 -11.03
CA THR C 157 -17.00 -23.79 -11.06
C THR C 157 -16.10 -24.32 -9.94
N HIS C 158 -16.58 -25.22 -9.08
CA HIS C 158 -15.82 -25.81 -7.95
C HIS C 158 -15.36 -24.70 -6.98
N GLN C 159 -16.25 -23.73 -6.75
CA GLN C 159 -16.08 -22.66 -5.73
C GLN C 159 -17.10 -22.89 -4.58
N SER C 160 -17.75 -24.06 -4.55
CA SER C 160 -18.77 -24.51 -3.55
C SER C 160 -18.19 -24.48 -2.14
N GLY C 161 -16.95 -24.93 -1.99
CA GLY C 161 -16.36 -25.27 -0.68
C GLY C 161 -16.45 -26.76 -0.42
N LEU C 162 -17.15 -27.51 -1.28
CA LEU C 162 -17.10 -28.99 -1.26
C LEU C 162 -15.68 -29.43 -1.61
N THR C 163 -15.37 -30.71 -1.37
CA THR C 163 -14.04 -31.31 -1.68
C THR C 163 -14.24 -32.73 -2.23
N TYR C 164 -13.17 -33.51 -2.25
CA TYR C 164 -13.11 -34.93 -2.66
C TYR C 164 -12.34 -35.71 -1.59
N GLY C 165 -12.78 -36.91 -1.26
CA GLY C 165 -12.04 -37.83 -0.39
C GLY C 165 -10.57 -37.94 -0.77
N PHE C 166 -10.24 -38.10 -2.05
CA PHE C 166 -8.85 -38.44 -2.49
C PHE C 166 -7.91 -37.24 -2.32
N MET C 167 -8.41 -36.04 -2.00
CA MET C 167 -7.54 -34.84 -1.85
C MET C 167 -6.45 -35.10 -0.79
N ASN C 168 -6.81 -35.77 0.31
CA ASN C 168 -5.89 -36.19 1.40
C ASN C 168 -5.12 -34.96 1.92
N ARG C 169 -5.81 -33.86 2.24
CA ARG C 169 -5.16 -32.62 2.73
C ARG C 169 -5.75 -32.16 4.07
N THR C 170 -7.05 -32.35 4.31
CA THR C 170 -7.79 -31.75 5.44
C THR C 170 -8.65 -32.77 6.19
N ASN C 171 -9.05 -32.41 7.41
CA ASN C 171 -9.97 -33.20 8.26
C ASN C 171 -11.30 -33.39 7.52
N VAL C 172 -11.70 -32.46 6.65
CA VAL C 172 -13.00 -32.55 5.91
C VAL C 172 -12.92 -33.68 4.89
N ASP C 173 -11.85 -33.72 4.08
CA ASP C 173 -11.71 -34.83 3.10
C ASP C 173 -11.46 -36.16 3.85
N ALA C 174 -10.99 -36.15 5.09
CA ALA C 174 -10.85 -37.38 5.92
C ALA C 174 -12.26 -37.94 6.22
N ALA C 175 -13.20 -37.04 6.52
CA ALA C 175 -14.63 -37.38 6.76
C ALA C 175 -15.26 -37.94 5.48
N TYR C 176 -14.99 -37.33 4.32
CA TYR C 176 -15.48 -37.87 3.03
C TYR C 176 -14.98 -39.32 2.89
N ARG C 177 -13.71 -39.59 3.24
CA ARG C 177 -13.11 -40.94 3.06
C ARG C 177 -13.79 -41.95 4.00
N SER C 178 -13.96 -41.62 5.29
CA SER C 178 -14.56 -42.58 6.27
C SER C 178 -16.02 -42.85 5.91
N LEU C 179 -16.71 -41.93 5.22
CA LEU C 179 -18.11 -42.08 4.72
C LEU C 179 -18.15 -42.56 3.26
N LYS C 180 -16.98 -42.75 2.61
CA LYS C 180 -16.85 -43.26 1.22
C LYS C 180 -17.74 -42.46 0.26
N LEU C 181 -17.67 -41.12 0.29
CA LEU C 181 -18.46 -40.22 -0.58
C LEU C 181 -17.87 -40.13 -1.99
N ASP C 182 -16.64 -40.64 -2.21
CA ASP C 182 -16.04 -40.74 -3.57
C ASP C 182 -16.62 -41.96 -4.32
N GLY C 183 -17.27 -42.88 -3.59
CA GLY C 183 -17.79 -44.16 -4.13
C GLY C 183 -17.50 -45.31 -3.19
N GLY C 184 -18.19 -46.43 -3.36
CA GLY C 184 -18.03 -47.66 -2.54
C GLY C 184 -19.35 -48.39 -2.40
N PRO C 185 -19.37 -49.55 -1.71
CA PRO C 185 -20.56 -50.40 -1.65
C PRO C 185 -21.81 -49.66 -1.11
N GLY C 186 -22.90 -49.69 -1.89
CA GLY C 186 -24.21 -49.12 -1.55
C GLY C 186 -24.29 -47.62 -1.76
N HIS C 187 -23.27 -47.00 -2.35
CA HIS C 187 -23.23 -45.54 -2.61
C HIS C 187 -24.23 -45.20 -3.73
N THR C 188 -25.00 -44.12 -3.54
CA THR C 188 -25.98 -43.56 -4.50
C THR C 188 -25.88 -42.02 -4.41
N LEU C 189 -26.37 -41.31 -5.42
CA LEU C 189 -26.44 -39.83 -5.40
C LEU C 189 -27.27 -39.39 -4.19
N ASP C 190 -28.31 -40.14 -3.84
CA ASP C 190 -29.24 -39.76 -2.73
C ASP C 190 -28.46 -39.76 -1.41
N ARG C 191 -27.53 -40.69 -1.25
CA ARG C 191 -26.67 -40.83 -0.03
C ARG C 191 -25.69 -39.65 0.04
N LEU C 192 -25.04 -39.31 -1.09
CA LEU C 192 -24.11 -38.16 -1.17
C LEU C 192 -24.81 -36.89 -0.68
N ILE C 193 -25.97 -36.53 -1.25
CA ILE C 193 -26.71 -35.29 -0.90
C ILE C 193 -27.06 -35.33 0.60
N ASP C 194 -27.50 -36.49 1.10
CA ASP C 194 -27.91 -36.64 2.52
C ASP C 194 -26.66 -36.49 3.43
N GLU C 195 -25.55 -37.18 3.15
CA GLU C 195 -24.32 -37.07 3.97
C GLU C 195 -23.74 -35.66 3.92
N LEU C 196 -23.71 -35.01 2.75
CA LEU C 196 -23.09 -33.66 2.57
C LEU C 196 -23.84 -32.61 3.41
N ALA C 197 -25.11 -32.83 3.71
CA ALA C 197 -25.97 -31.90 4.49
C ALA C 197 -25.48 -31.79 5.94
N ARG C 198 -24.70 -32.76 6.41
CA ARG C 198 -24.24 -32.84 7.82
C ARG C 198 -22.71 -32.64 7.89
N LEU C 199 -22.07 -32.19 6.81
CA LEU C 199 -20.60 -31.95 6.78
C LEU C 199 -20.31 -30.48 6.56
N PRO C 200 -19.16 -29.97 7.03
CA PRO C 200 -18.76 -28.60 6.75
C PRO C 200 -18.05 -28.44 5.39
N LEU C 201 -17.96 -27.19 4.95
CA LEU C 201 -17.25 -26.74 3.72
C LEU C 201 -15.82 -26.33 4.06
N GLU C 202 -14.88 -26.44 3.13
CA GLU C 202 -13.47 -26.02 3.35
C GLU C 202 -13.41 -24.51 3.49
N PHE C 203 -14.37 -23.77 2.94
CA PHE C 203 -14.34 -22.28 2.94
C PHE C 203 -15.71 -21.73 2.57
N SER C 204 -15.92 -20.44 2.85
CA SER C 204 -17.17 -19.71 2.52
C SER C 204 -17.34 -19.73 1.01
N PRO C 205 -18.50 -20.18 0.49
CA PRO C 205 -18.72 -20.32 -0.96
C PRO C 205 -18.31 -19.06 -1.75
N GLY C 206 -17.53 -19.26 -2.81
CA GLY C 206 -17.13 -18.21 -3.76
C GLY C 206 -15.73 -17.66 -3.50
N THR C 207 -15.18 -17.90 -2.31
CA THR C 207 -13.97 -17.20 -1.78
C THR C 207 -12.70 -17.96 -2.16
N ALA C 208 -12.84 -19.16 -2.72
CA ALA C 208 -11.69 -19.98 -3.18
C ALA C 208 -12.16 -21.02 -4.19
N TRP C 209 -11.23 -21.81 -4.72
CA TRP C 209 -11.48 -22.95 -5.65
C TRP C 209 -10.87 -24.22 -5.07
N ASN C 210 -11.63 -25.30 -5.09
CA ASN C 210 -11.18 -26.64 -4.65
C ASN C 210 -11.98 -27.67 -5.43
N TYR C 211 -11.28 -28.52 -6.20
CA TYR C 211 -11.87 -29.62 -7.02
C TYR C 211 -12.68 -30.54 -6.11
N SER C 212 -13.89 -30.92 -6.51
CA SER C 212 -14.94 -31.44 -5.62
C SER C 212 -15.91 -32.42 -6.29
N VAL C 213 -16.72 -33.07 -5.46
CA VAL C 213 -17.94 -33.85 -5.81
C VAL C 213 -19.03 -32.91 -6.35
N ALA C 214 -18.76 -31.61 -6.50
CA ALA C 214 -19.79 -30.62 -6.93
C ALA C 214 -20.45 -31.09 -8.24
N THR C 215 -19.70 -31.73 -9.14
CA THR C 215 -20.24 -32.13 -10.46
C THR C 215 -21.15 -33.36 -10.26
N ASP C 216 -20.85 -34.21 -9.29
CA ASP C 216 -21.75 -35.32 -8.87
C ASP C 216 -23.09 -34.72 -8.39
N VAL C 217 -23.04 -33.61 -7.64
CA VAL C 217 -24.22 -32.84 -7.17
C VAL C 217 -24.95 -32.23 -8.37
N CYS C 218 -24.21 -31.72 -9.37
CA CYS C 218 -24.80 -31.20 -10.63
C CYS C 218 -25.62 -32.31 -11.29
N GLY C 219 -25.08 -33.53 -11.36
CA GLY C 219 -25.79 -34.71 -11.88
C GLY C 219 -27.08 -34.95 -11.10
N TYR C 220 -27.05 -34.81 -9.79
CA TYR C 220 -28.24 -34.97 -8.92
C TYR C 220 -29.28 -33.90 -9.31
N LEU C 221 -28.84 -32.70 -9.67
CA LEU C 221 -29.76 -31.58 -10.05
C LEU C 221 -30.36 -31.82 -11.43
N VAL C 222 -29.61 -32.42 -12.36
CA VAL C 222 -30.15 -32.87 -13.67
C VAL C 222 -31.34 -33.79 -13.40
N GLN C 223 -31.19 -34.76 -12.49
CA GLN C 223 -32.26 -35.70 -12.08
C GLN C 223 -33.43 -34.91 -11.47
N LEU C 224 -33.18 -34.08 -10.46
CA LEU C 224 -34.24 -33.33 -9.75
C LEU C 224 -35.08 -32.57 -10.79
N LEU C 225 -34.45 -31.88 -11.73
CA LEU C 225 -35.12 -30.89 -12.61
C LEU C 225 -35.76 -31.59 -13.81
N SER C 226 -35.14 -32.64 -14.36
CA SER C 226 -35.60 -33.33 -15.59
C SER C 226 -36.65 -34.40 -15.29
N GLY C 227 -36.67 -34.94 -14.06
CA GLY C 227 -37.48 -36.10 -13.66
C GLY C 227 -36.89 -37.44 -14.10
N MET C 228 -35.72 -37.46 -14.75
CA MET C 228 -35.10 -38.69 -15.30
C MET C 228 -33.84 -39.04 -14.47
N SER C 229 -33.45 -40.30 -14.43
CA SER C 229 -32.14 -40.72 -13.88
C SER C 229 -31.05 -40.32 -14.89
N LEU C 230 -29.83 -40.09 -14.41
CA LEU C 230 -28.78 -39.38 -15.19
C LEU C 230 -28.41 -40.17 -16.45
N ASP C 231 -28.39 -41.50 -16.39
CA ASP C 231 -28.01 -42.37 -17.56
C ASP C 231 -29.04 -42.16 -18.68
N ASP C 232 -30.34 -42.05 -18.33
CA ASP C 232 -31.45 -41.82 -19.28
C ASP C 232 -31.36 -40.39 -19.82
N TYR C 233 -31.12 -39.35 -19.00
CA TYR C 233 -31.00 -37.94 -19.48
C TYR C 233 -29.85 -37.90 -20.49
N PHE C 234 -28.67 -38.45 -20.16
CA PHE C 234 -27.48 -38.41 -21.04
C PHE C 234 -27.80 -39.08 -22.37
N SER C 235 -28.43 -40.25 -22.32
CA SER C 235 -28.75 -41.08 -23.52
C SER C 235 -29.68 -40.28 -24.43
N LYS C 236 -30.77 -39.76 -23.88
CA LYS C 236 -31.84 -39.10 -24.66
C LYS C 236 -31.31 -37.76 -25.22
N HIS C 237 -30.68 -36.93 -24.39
CA HIS C 237 -30.40 -35.51 -24.71
C HIS C 237 -28.95 -35.29 -25.17
N ILE C 238 -28.06 -36.29 -25.12
CA ILE C 238 -26.65 -36.10 -25.61
C ILE C 238 -26.21 -37.29 -26.48
N PHE C 239 -26.24 -38.54 -25.99
CA PHE C 239 -25.58 -39.68 -26.68
C PHE C 239 -26.35 -40.09 -27.94
N GLN C 240 -27.68 -40.21 -27.89
CA GLN C 240 -28.49 -40.60 -29.09
C GLN C 240 -28.36 -39.51 -30.14
N PRO C 241 -28.64 -38.23 -29.84
CA PRO C 241 -28.49 -37.15 -30.83
C PRO C 241 -27.12 -37.05 -31.52
N LEU C 242 -26.03 -37.32 -30.81
CA LEU C 242 -24.65 -37.14 -31.35
C LEU C 242 -24.13 -38.45 -31.96
N GLY C 243 -24.86 -39.56 -31.82
CA GLY C 243 -24.43 -40.87 -32.36
C GLY C 243 -23.25 -41.42 -31.60
N MET C 244 -23.42 -41.54 -30.28
CA MET C 244 -22.42 -42.05 -29.30
C MET C 244 -22.98 -43.32 -28.66
N PRO C 245 -22.92 -44.46 -29.38
CA PRO C 245 -23.50 -45.71 -28.86
C PRO C 245 -22.61 -46.46 -27.87
N ASP C 246 -21.37 -46.00 -27.66
CA ASP C 246 -20.33 -46.71 -26.88
C ASP C 246 -19.90 -45.86 -25.66
N THR C 247 -20.85 -45.17 -25.04
CA THR C 247 -20.65 -44.29 -23.85
C THR C 247 -21.74 -44.62 -22.84
N PHE C 248 -21.35 -45.02 -21.63
CA PHE C 248 -22.28 -45.52 -20.58
C PHE C 248 -21.58 -45.58 -19.22
N PHE C 249 -22.39 -45.58 -18.17
CA PHE C 249 -21.96 -45.76 -16.75
C PHE C 249 -21.62 -47.24 -16.50
N THR C 250 -22.31 -48.16 -17.17
CA THR C 250 -22.12 -49.63 -17.07
C THR C 250 -21.75 -50.18 -18.45
N VAL C 251 -20.66 -50.94 -18.55
CA VAL C 251 -20.24 -51.59 -19.82
C VAL C 251 -21.12 -52.80 -20.03
N PRO C 252 -21.92 -52.87 -21.12
CA PRO C 252 -22.75 -54.04 -21.41
C PRO C 252 -21.87 -55.28 -21.61
N ALA C 253 -22.34 -56.45 -21.18
CA ALA C 253 -21.69 -57.78 -21.32
C ALA C 253 -21.10 -57.99 -22.72
N GLU C 254 -21.85 -57.65 -23.77
CA GLU C 254 -21.47 -57.92 -25.17
C GLU C 254 -20.40 -56.93 -25.66
N LYS C 255 -19.99 -55.91 -24.88
CA LYS C 255 -18.91 -54.95 -25.29
C LYS C 255 -17.67 -55.09 -24.39
N LEU C 256 -17.75 -55.91 -23.34
CA LEU C 256 -16.69 -56.08 -22.31
C LEU C 256 -15.40 -56.59 -22.93
N SER C 257 -15.42 -57.26 -24.09
CA SER C 257 -14.17 -57.73 -24.75
C SER C 257 -13.33 -56.50 -25.17
N ARG C 258 -13.97 -55.37 -25.45
CA ARG C 258 -13.32 -54.15 -25.99
C ARG C 258 -12.77 -53.26 -24.86
N PHE C 259 -13.15 -53.52 -23.61
CA PHE C 259 -12.82 -52.69 -22.41
C PHE C 259 -11.35 -52.88 -22.02
N ALA C 260 -10.60 -51.77 -21.98
CA ALA C 260 -9.17 -51.74 -21.59
C ALA C 260 -9.03 -52.02 -20.10
N ALA C 261 -7.86 -52.53 -19.71
CA ALA C 261 -7.42 -52.62 -18.30
C ALA C 261 -6.97 -51.23 -17.86
N CYS C 262 -7.08 -50.95 -16.57
CA CYS C 262 -6.55 -49.75 -15.90
C CYS C 262 -5.28 -50.12 -15.10
N TYR C 263 -4.24 -49.31 -15.26
CA TYR C 263 -2.92 -49.48 -14.60
C TYR C 263 -2.68 -48.28 -13.69
N GLU C 264 -1.87 -48.48 -12.64
CA GLU C 264 -1.42 -47.41 -11.71
C GLU C 264 0.10 -47.35 -11.75
N TYR C 265 0.66 -46.18 -11.45
CA TYR C 265 2.12 -45.90 -11.45
C TYR C 265 2.80 -46.80 -10.41
N GLN C 266 3.98 -47.35 -10.74
CA GLN C 266 4.91 -47.99 -9.77
C GLN C 266 6.29 -47.35 -9.91
N PRO C 267 7.05 -47.20 -8.80
CA PRO C 267 8.41 -46.63 -8.86
C PRO C 267 9.30 -47.31 -9.93
N GLY C 268 10.21 -46.54 -10.52
CA GLY C 268 11.05 -46.96 -11.66
C GLY C 268 10.39 -46.64 -12.99
N ASP C 269 9.38 -45.75 -13.01
CA ASP C 269 8.62 -45.38 -14.23
C ASP C 269 8.05 -46.67 -14.84
N SER C 270 7.31 -47.41 -14.01
CA SER C 270 6.67 -48.69 -14.36
C SER C 270 5.17 -48.57 -14.05
N PHE C 271 4.43 -49.68 -14.14
CA PHE C 271 2.98 -49.72 -13.84
C PHE C 271 2.58 -51.14 -13.42
N SER C 272 1.46 -51.25 -12.70
CA SER C 272 0.88 -52.54 -12.22
C SER C 272 -0.63 -52.53 -12.48
N LEU C 273 -1.24 -53.71 -12.67
CA LEU C 273 -2.70 -53.88 -12.86
C LEU C 273 -3.45 -53.24 -11.68
N GLN C 274 -4.40 -52.34 -11.97
CA GLN C 274 -5.25 -51.65 -10.96
C GLN C 274 -6.72 -52.08 -11.09
N ASP C 275 -7.19 -52.40 -12.29
CA ASP C 275 -8.59 -52.85 -12.55
C ASP C 275 -8.57 -53.79 -13.75
N ASP C 276 -8.88 -55.07 -13.53
CA ASP C 276 -9.13 -56.09 -14.59
C ASP C 276 -10.46 -55.77 -15.25
N PRO C 277 -10.53 -55.66 -16.60
CA PRO C 277 -11.79 -55.38 -17.29
C PRO C 277 -12.87 -56.46 -17.01
N GLN C 278 -12.44 -57.74 -17.01
CA GLN C 278 -13.31 -58.88 -16.70
C GLN C 278 -13.23 -58.97 -15.18
N GLY C 279 -14.18 -58.47 -14.44
CA GLY C 279 -14.11 -58.41 -12.97
C GLY C 279 -14.11 -56.99 -12.47
N SER C 280 -14.69 -56.06 -13.25
CA SER C 280 -14.64 -54.61 -12.99
C SER C 280 -15.99 -54.17 -12.44
N ALA C 281 -15.99 -53.25 -11.48
CA ALA C 281 -17.23 -52.60 -10.99
C ALA C 281 -17.92 -51.80 -12.12
N PHE C 282 -17.18 -51.40 -13.16
CA PHE C 282 -17.73 -50.70 -14.35
C PHE C 282 -18.64 -51.65 -15.16
N ALA C 283 -18.59 -52.96 -14.90
CA ALA C 283 -19.42 -53.99 -15.57
C ALA C 283 -20.71 -54.27 -14.80
N LYS C 284 -20.86 -53.69 -13.61
CA LYS C 284 -22.06 -53.85 -12.74
C LYS C 284 -22.89 -52.56 -12.75
N ALA C 285 -24.21 -52.69 -12.58
CA ALA C 285 -25.16 -51.58 -12.38
C ALA C 285 -25.34 -51.40 -10.87
N HIS C 286 -24.30 -50.98 -10.18
CA HIS C 286 -24.25 -50.74 -8.71
C HIS C 286 -25.06 -49.53 -8.22
N GLY C 287 -25.74 -48.71 -9.02
CA GLY C 287 -26.66 -47.71 -8.44
C GLY C 287 -26.04 -46.35 -8.07
N TYR C 288 -24.74 -46.16 -8.29
CA TYR C 288 -24.06 -44.82 -8.27
C TYR C 288 -23.78 -44.31 -9.70
N LEU C 289 -24.57 -43.33 -10.14
CA LEU C 289 -24.36 -42.58 -11.40
C LEU C 289 -23.56 -41.30 -11.10
N SER C 290 -22.25 -41.35 -11.35
CA SER C 290 -21.26 -40.30 -11.03
C SER C 290 -21.14 -39.30 -12.19
N GLY C 291 -21.77 -38.14 -12.08
CA GLY C 291 -21.57 -37.01 -13.00
C GLY C 291 -20.13 -36.50 -12.98
N GLY C 292 -19.39 -36.83 -11.94
CA GLY C 292 -17.99 -36.40 -11.74
C GLY C 292 -16.99 -37.36 -12.35
N GLY C 293 -17.25 -38.69 -12.37
CA GLY C 293 -16.19 -39.65 -12.78
C GLY C 293 -16.66 -40.99 -13.33
N GLY C 294 -17.94 -41.15 -13.69
CA GLY C 294 -18.54 -42.49 -13.88
C GLY C 294 -18.37 -43.11 -15.27
N LEU C 295 -18.22 -42.30 -16.33
CA LEU C 295 -18.43 -42.77 -17.72
C LEU C 295 -17.25 -43.59 -18.25
N VAL C 296 -17.60 -44.58 -19.05
CA VAL C 296 -16.72 -45.31 -20.01
C VAL C 296 -17.13 -44.87 -21.42
N SER C 297 -16.14 -44.64 -22.28
CA SER C 297 -16.34 -44.15 -23.66
C SER C 297 -15.18 -44.64 -24.52
N CYS C 298 -15.11 -44.13 -25.74
CA CYS C 298 -14.09 -44.48 -26.75
C CYS C 298 -13.73 -43.21 -27.51
N VAL C 299 -12.64 -43.23 -28.26
CA VAL C 299 -12.10 -42.00 -28.89
C VAL C 299 -13.17 -41.43 -29.84
N ASP C 300 -13.84 -42.26 -30.63
CA ASP C 300 -14.84 -41.81 -31.65
C ASP C 300 -16.03 -41.12 -30.98
N ASP C 301 -16.54 -41.68 -29.88
CA ASP C 301 -17.70 -41.09 -29.16
C ASP C 301 -17.29 -39.74 -28.57
N TYR C 302 -16.13 -39.65 -27.90
CA TYR C 302 -15.68 -38.38 -27.25
C TYR C 302 -15.32 -37.37 -28.35
N TYR C 303 -14.81 -37.83 -29.50
CA TYR C 303 -14.55 -36.97 -30.68
C TYR C 303 -15.85 -36.29 -31.12
N ARG C 304 -16.95 -37.04 -31.14
CA ARG C 304 -18.24 -36.52 -31.64
C ARG C 304 -18.74 -35.46 -30.67
N PHE C 305 -18.59 -35.68 -29.36
CA PHE C 305 -18.91 -34.68 -28.31
C PHE C 305 -18.03 -33.45 -28.51
N ALA C 306 -16.71 -33.64 -28.59
CA ALA C 306 -15.73 -32.53 -28.75
C ALA C 306 -16.05 -31.73 -30.02
N GLN C 307 -16.29 -32.41 -31.15
CA GLN C 307 -16.53 -31.76 -32.46
C GLN C 307 -17.84 -30.95 -32.39
N ALA C 308 -18.87 -31.49 -31.73
CA ALA C 308 -20.15 -30.79 -31.49
C ALA C 308 -19.85 -29.45 -30.80
N LEU C 309 -18.98 -29.45 -29.77
CA LEU C 309 -18.63 -28.22 -29.01
C LEU C 309 -17.84 -27.26 -29.91
N ALA C 310 -16.84 -27.77 -30.63
CA ALA C 310 -16.02 -26.97 -31.57
C ALA C 310 -16.90 -26.29 -32.61
N ASN C 311 -18.05 -26.87 -32.95
CA ASN C 311 -18.97 -26.36 -33.99
C ASN C 311 -20.00 -25.39 -33.39
N GLY C 312 -19.99 -25.17 -32.08
CA GLY C 312 -20.96 -24.29 -31.41
C GLY C 312 -22.20 -25.06 -30.95
N GLY C 313 -22.13 -26.39 -30.82
CA GLY C 313 -23.14 -27.20 -30.11
C GLY C 313 -23.94 -28.13 -31.02
N GLU C 314 -23.55 -28.24 -32.28
CA GLU C 314 -24.30 -28.94 -33.37
C GLU C 314 -23.33 -29.91 -34.06
N LEU C 315 -23.77 -31.13 -34.35
CA LEU C 315 -23.06 -32.08 -35.26
C LEU C 315 -24.08 -32.81 -36.14
N ASP C 316 -23.89 -32.78 -37.46
CA ASP C 316 -24.72 -33.50 -38.46
C ASP C 316 -26.21 -33.25 -38.16
N GLY C 317 -26.62 -32.00 -37.92
CA GLY C 317 -28.03 -31.58 -37.72
C GLY C 317 -28.56 -31.80 -36.31
N ALA C 318 -27.80 -32.36 -35.37
CA ALA C 318 -28.23 -32.55 -33.97
C ALA C 318 -27.59 -31.48 -33.07
N ARG C 319 -28.40 -30.82 -32.24
CA ARG C 319 -27.92 -29.73 -31.36
C ARG C 319 -28.10 -30.13 -29.89
N ILE C 320 -27.00 -30.20 -29.13
CA ILE C 320 -27.00 -30.54 -27.68
C ILE C 320 -27.02 -29.26 -26.83
N ILE C 321 -26.53 -28.14 -27.36
CA ILE C 321 -26.43 -26.85 -26.60
C ILE C 321 -26.46 -25.68 -27.59
N GLY C 322 -26.96 -24.52 -27.17
CA GLY C 322 -26.92 -23.28 -27.95
C GLY C 322 -25.51 -22.74 -28.07
N ARG C 323 -25.18 -22.17 -29.23
CA ARG C 323 -23.87 -21.55 -29.56
C ARG C 323 -23.48 -20.58 -28.44
N LYS C 324 -24.43 -19.76 -27.99
CA LYS C 324 -24.18 -18.62 -27.07
C LYS C 324 -24.03 -19.17 -25.64
N THR C 325 -24.86 -20.14 -25.27
CA THR C 325 -24.76 -20.81 -23.94
C THR C 325 -23.36 -21.42 -23.80
N LEU C 326 -22.86 -22.08 -24.84
CA LEU C 326 -21.52 -22.73 -24.81
C LEU C 326 -20.43 -21.66 -24.68
N GLU C 327 -20.57 -20.53 -25.38
CA GLU C 327 -19.60 -19.41 -25.35
C GLU C 327 -19.48 -18.93 -23.89
N PHE C 328 -20.58 -18.93 -23.16
CA PHE C 328 -20.72 -18.51 -21.73
C PHE C 328 -20.00 -19.52 -20.82
N MET C 329 -20.13 -20.82 -21.09
CA MET C 329 -19.47 -21.91 -20.33
C MET C 329 -17.95 -21.86 -20.51
N ARG C 330 -17.46 -21.32 -21.63
CA ARG C 330 -16.02 -21.31 -22.02
C ARG C 330 -15.29 -20.08 -21.47
N MET C 331 -16.04 -19.11 -20.94
CA MET C 331 -15.45 -17.91 -20.29
C MET C 331 -14.79 -18.31 -18.99
N ASN C 332 -13.79 -17.55 -18.55
CA ASN C 332 -13.25 -17.62 -17.17
C ASN C 332 -14.33 -17.12 -16.20
N HIS C 333 -14.80 -17.98 -15.30
CA HIS C 333 -15.83 -17.62 -14.28
C HIS C 333 -15.15 -17.41 -12.91
N LEU C 334 -13.84 -17.45 -12.84
CA LEU C 334 -13.14 -17.10 -11.59
C LEU C 334 -13.14 -15.58 -11.44
N PRO C 335 -13.09 -15.08 -10.17
CA PRO C 335 -13.17 -13.65 -9.89
C PRO C 335 -11.96 -12.90 -10.50
N ASP C 336 -12.20 -11.71 -11.06
CA ASP C 336 -11.17 -10.74 -11.52
C ASP C 336 -10.26 -11.38 -12.58
N ASN C 337 -10.80 -12.28 -13.42
CA ASN C 337 -10.03 -13.02 -14.47
C ASN C 337 -8.74 -13.63 -13.88
N LYS C 338 -8.80 -14.17 -12.66
CA LYS C 338 -7.68 -14.88 -12.00
C LYS C 338 -7.52 -16.28 -12.61
N GLY C 339 -6.30 -16.82 -12.56
CA GLY C 339 -6.01 -18.21 -12.91
C GLY C 339 -6.22 -19.12 -11.70
N LEU C 340 -6.27 -20.42 -11.93
CA LEU C 340 -6.48 -21.43 -10.84
C LEU C 340 -5.47 -21.22 -9.71
N PRO C 341 -4.16 -21.03 -9.96
CA PRO C 341 -3.20 -20.83 -8.87
C PRO C 341 -3.45 -19.61 -7.98
N ASP C 342 -4.22 -18.62 -8.42
CA ASP C 342 -4.52 -17.44 -7.58
C ASP C 342 -5.68 -17.75 -6.62
N VAL C 343 -6.41 -18.85 -6.79
CA VAL C 343 -7.63 -19.11 -5.97
C VAL C 343 -7.63 -20.56 -5.43
N ALA C 344 -6.86 -21.47 -6.00
CA ALA C 344 -6.91 -22.90 -5.68
C ALA C 344 -6.13 -23.14 -4.39
N ILE C 345 -6.77 -23.81 -3.44
CA ILE C 345 -6.20 -24.07 -2.07
C ILE C 345 -5.27 -25.29 -2.10
N GLY C 346 -5.23 -26.06 -3.21
CA GLY C 346 -4.61 -27.42 -3.25
C GLY C 346 -3.59 -27.59 -4.36
N SER C 347 -3.60 -28.75 -5.02
CA SER C 347 -2.61 -29.26 -6.03
C SER C 347 -2.74 -28.56 -7.39
N PHE C 348 -3.92 -28.02 -7.71
CA PHE C 348 -4.19 -27.21 -8.94
C PHE C 348 -3.60 -25.80 -8.81
N SER C 349 -2.80 -25.58 -7.76
CA SER C 349 -2.00 -24.36 -7.44
C SER C 349 -0.68 -24.39 -8.20
N GLU C 350 -0.30 -25.55 -8.73
CA GLU C 350 1.08 -25.83 -9.20
C GLU C 350 1.23 -25.32 -10.63
N THR C 351 2.49 -25.29 -11.08
CA THR C 351 3.00 -24.55 -12.26
C THR C 351 2.23 -24.92 -13.54
N PRO C 352 1.86 -26.19 -13.80
CA PRO C 352 1.11 -26.50 -15.02
C PRO C 352 -0.19 -25.69 -15.23
N TYR C 353 -0.84 -25.20 -14.17
CA TYR C 353 -2.16 -24.51 -14.27
C TYR C 353 -1.97 -22.98 -14.24
N ASP C 354 -0.74 -22.48 -14.26
CA ASP C 354 -0.44 -21.02 -14.43
C ASP C 354 -0.99 -20.55 -15.78
N GLY C 355 -1.68 -19.40 -15.77
CA GLY C 355 -2.29 -18.79 -16.96
C GLY C 355 -3.50 -19.57 -17.45
N THR C 356 -4.11 -20.41 -16.61
CA THR C 356 -5.32 -21.20 -16.95
C THR C 356 -6.41 -20.89 -15.92
N GLY C 357 -7.58 -20.46 -16.39
CA GLY C 357 -8.77 -20.20 -15.55
C GLY C 357 -9.74 -21.36 -15.59
N PHE C 358 -11.00 -21.12 -15.26
CA PHE C 358 -12.03 -22.18 -15.21
C PHE C 358 -13.42 -21.58 -15.46
N GLY C 359 -14.19 -22.19 -16.36
CA GLY C 359 -15.58 -21.80 -16.65
C GLY C 359 -16.56 -22.81 -16.05
N LEU C 360 -17.66 -23.08 -16.73
CA LEU C 360 -18.73 -23.98 -16.26
C LEU C 360 -18.43 -25.40 -16.74
N GLY C 361 -17.34 -25.99 -16.23
CA GLY C 361 -17.01 -27.42 -16.47
C GLY C 361 -15.80 -27.59 -17.35
N PHE C 362 -15.16 -26.50 -17.79
CA PHE C 362 -13.93 -26.51 -18.62
C PHE C 362 -12.86 -25.61 -18.00
N SER C 363 -11.60 -26.01 -18.13
CA SER C 363 -10.45 -25.09 -17.96
C SER C 363 -10.40 -24.19 -19.19
N VAL C 364 -9.80 -23.01 -19.06
CA VAL C 364 -9.72 -21.97 -20.14
C VAL C 364 -8.32 -21.37 -20.07
N LYS C 365 -7.54 -21.41 -21.14
CA LYS C 365 -6.21 -20.75 -21.16
C LYS C 365 -6.41 -19.24 -21.26
N LEU C 366 -5.74 -18.47 -20.38
CA LEU C 366 -5.80 -16.99 -20.31
C LEU C 366 -4.54 -16.36 -20.92
N ASP C 367 -3.36 -16.94 -20.62
CA ASP C 367 -2.02 -16.37 -20.93
C ASP C 367 -1.09 -17.49 -21.38
N VAL C 368 -0.76 -17.49 -22.68
CA VAL C 368 0.00 -18.61 -23.32
C VAL C 368 1.42 -18.64 -22.74
N ALA C 369 2.15 -17.53 -22.78
CA ALA C 369 3.54 -17.46 -22.28
C ALA C 369 3.59 -17.95 -20.82
N LYS C 370 2.66 -17.49 -20.00
CA LYS C 370 2.66 -17.78 -18.53
C LYS C 370 2.52 -19.29 -18.30
N SER C 371 1.73 -19.96 -19.14
CA SER C 371 1.46 -21.42 -19.07
C SER C 371 2.69 -22.23 -19.45
N GLN C 372 3.67 -21.61 -20.13
CA GLN C 372 4.95 -22.22 -20.58
C GLN C 372 4.67 -23.34 -21.61
N THR C 373 3.45 -23.41 -22.15
CA THR C 373 3.04 -24.43 -23.14
C THR C 373 2.39 -23.73 -24.36
N VAL C 374 2.87 -24.02 -25.57
CA VAL C 374 2.28 -23.55 -26.85
C VAL C 374 0.79 -23.88 -26.90
N GLY C 375 0.01 -23.00 -27.52
CA GLY C 375 -1.46 -23.06 -27.59
C GLY C 375 -2.04 -21.68 -27.87
N SER C 376 -3.35 -21.52 -27.69
CA SER C 376 -4.08 -20.27 -27.99
C SER C 376 -4.85 -19.81 -26.76
N VAL C 377 -4.99 -18.50 -26.55
CA VAL C 377 -5.97 -17.95 -25.58
C VAL C 377 -7.32 -18.57 -25.92
N GLY C 378 -8.02 -19.10 -24.91
CA GLY C 378 -9.39 -19.65 -25.04
C GLY C 378 -9.40 -21.17 -25.13
N GLU C 379 -8.24 -21.80 -25.33
CA GLU C 379 -8.13 -23.29 -25.36
C GLU C 379 -8.90 -23.82 -24.14
N TYR C 380 -9.88 -24.70 -24.35
CA TYR C 380 -10.71 -25.27 -23.25
C TYR C 380 -10.72 -26.79 -23.34
N GLY C 381 -10.94 -27.43 -22.19
CA GLY C 381 -11.04 -28.89 -22.08
C GLY C 381 -10.97 -29.34 -20.65
N TRP C 382 -10.71 -30.62 -20.44
CA TRP C 382 -10.45 -31.19 -19.10
C TRP C 382 -9.79 -32.54 -19.27
N GLY C 383 -9.57 -33.25 -18.17
CA GLY C 383 -8.81 -34.51 -18.14
C GLY C 383 -9.43 -35.49 -17.16
N GLY C 384 -9.02 -36.75 -17.26
CA GLY C 384 -9.41 -37.81 -16.31
C GLY C 384 -8.19 -38.32 -15.57
N MET C 385 -8.38 -38.79 -14.34
CA MET C 385 -7.26 -39.14 -13.42
C MET C 385 -6.51 -40.38 -13.93
N ALA C 386 -6.99 -41.07 -14.96
CA ALA C 386 -6.25 -42.19 -15.60
C ALA C 386 -5.46 -41.70 -16.83
N SER C 387 -5.24 -40.38 -16.93
CA SER C 387 -4.34 -39.72 -17.93
C SER C 387 -5.03 -39.61 -19.30
N THR C 388 -6.36 -39.69 -19.34
CA THR C 388 -7.18 -39.25 -20.50
C THR C 388 -7.20 -37.72 -20.52
N ASN C 389 -7.20 -37.14 -21.71
CA ASN C 389 -7.18 -35.66 -21.91
C ASN C 389 -7.87 -35.29 -23.22
N PHE C 390 -8.50 -34.12 -23.26
CA PHE C 390 -8.99 -33.50 -24.51
C PHE C 390 -8.93 -31.98 -24.39
N PHE C 391 -8.73 -31.32 -25.53
CA PHE C 391 -8.81 -29.84 -25.65
C PHE C 391 -9.41 -29.48 -26.99
N ILE C 392 -9.96 -28.28 -27.02
CA ILE C 392 -10.53 -27.59 -28.21
C ILE C 392 -9.90 -26.20 -28.23
N ASP C 393 -9.22 -25.87 -29.33
CA ASP C 393 -8.60 -24.54 -29.57
C ASP C 393 -9.55 -23.79 -30.49
N PRO C 394 -10.37 -22.85 -29.99
CA PRO C 394 -11.34 -22.16 -30.85
C PRO C 394 -10.69 -21.16 -31.81
N GLU C 395 -9.45 -20.72 -31.54
CA GLU C 395 -8.71 -19.78 -32.42
C GLU C 395 -8.25 -20.53 -33.68
N GLU C 396 -7.84 -21.79 -33.54
CA GLU C 396 -7.27 -22.60 -34.66
C GLU C 396 -8.31 -23.61 -35.18
N ASP C 397 -9.50 -23.69 -34.58
CA ASP C 397 -10.54 -24.69 -34.89
C ASP C 397 -9.92 -26.10 -34.88
N LEU C 398 -9.14 -26.40 -33.85
CA LEU C 398 -8.31 -27.62 -33.71
C LEU C 398 -8.78 -28.36 -32.45
N LEU C 399 -8.73 -29.69 -32.41
CA LEU C 399 -9.04 -30.42 -31.15
C LEU C 399 -8.27 -31.73 -31.09
N MET C 400 -8.15 -32.29 -29.89
CA MET C 400 -7.41 -33.55 -29.62
C MET C 400 -8.19 -34.35 -28.59
N VAL C 401 -8.29 -35.66 -28.78
CA VAL C 401 -8.74 -36.63 -27.75
C VAL C 401 -7.61 -37.64 -27.56
N PHE C 402 -7.14 -37.80 -26.31
CA PHE C 402 -6.05 -38.71 -25.93
C PHE C 402 -6.54 -39.66 -24.86
N MET C 403 -6.38 -40.96 -25.11
CA MET C 403 -6.86 -42.06 -24.21
C MET C 403 -5.66 -42.94 -23.83
N THR C 404 -5.49 -43.18 -22.55
CA THR C 404 -4.60 -44.22 -21.96
C THR C 404 -5.22 -44.55 -20.60
N GLN C 405 -4.70 -45.54 -19.89
CA GLN C 405 -5.23 -45.89 -18.54
C GLN C 405 -4.03 -46.07 -17.59
N LEU C 406 -3.59 -44.96 -16.99
CA LEU C 406 -2.46 -44.86 -16.03
C LEU C 406 -2.85 -43.85 -14.95
N ILE C 407 -3.19 -44.32 -13.75
CA ILE C 407 -3.52 -43.49 -12.56
C ILE C 407 -2.25 -43.26 -11.74
N PRO C 408 -1.93 -42.03 -11.28
CA PRO C 408 -2.68 -40.80 -11.61
C PRO C 408 -2.13 -39.97 -12.79
N SER C 409 -2.96 -39.06 -13.32
CA SER C 409 -2.65 -38.18 -14.49
C SER C 409 -1.52 -37.20 -14.15
N SER C 410 -1.30 -36.90 -12.87
CA SER C 410 -0.19 -36.03 -12.39
C SER C 410 1.19 -36.69 -12.67
N THR C 411 1.24 -37.98 -13.00
CA THR C 411 2.50 -38.76 -13.15
C THR C 411 3.37 -38.17 -14.25
N TYR C 412 2.87 -38.12 -15.48
CA TYR C 412 3.65 -37.68 -16.68
C TYR C 412 2.97 -36.48 -17.33
N ALA C 413 3.75 -35.67 -18.04
CA ALA C 413 3.30 -34.44 -18.73
C ALA C 413 3.03 -34.74 -20.21
N VAL C 414 2.54 -35.94 -20.49
CA VAL C 414 2.30 -36.40 -21.89
C VAL C 414 1.34 -35.42 -22.59
N ARG C 415 0.34 -34.88 -21.90
CA ARG C 415 -0.66 -33.98 -22.53
C ARG C 415 0.00 -32.66 -22.98
N GLN C 416 1.12 -32.24 -22.40
CA GLN C 416 1.87 -31.02 -22.81
C GLN C 416 2.75 -31.32 -24.04
N GLU C 417 3.39 -32.50 -24.04
CA GLU C 417 4.23 -32.97 -25.18
C GLU C 417 3.35 -33.08 -26.43
N LEU C 418 2.14 -33.64 -26.30
CA LEU C 418 1.20 -33.79 -27.44
C LEU C 418 0.81 -32.40 -27.98
N ARG C 419 0.58 -31.43 -27.10
CA ARG C 419 0.27 -30.03 -27.50
C ARG C 419 1.43 -29.44 -28.30
N ALA C 420 2.67 -29.74 -27.92
CA ALA C 420 3.88 -29.21 -28.59
C ALA C 420 3.93 -29.75 -30.02
N ILE C 421 3.67 -31.06 -30.20
CA ILE C 421 3.76 -31.76 -31.51
C ILE C 421 2.63 -31.28 -32.41
N ILE C 422 1.41 -31.29 -31.87
CA ILE C 422 0.16 -30.95 -32.61
C ILE C 422 0.25 -29.50 -33.08
N ASN C 423 0.60 -28.56 -32.19
CA ASN C 423 0.70 -27.12 -32.57
C ASN C 423 1.87 -26.95 -33.54
N GLY C 424 2.88 -27.83 -33.44
CA GLY C 424 4.06 -27.84 -34.33
C GLY C 424 3.71 -28.18 -35.77
N ALA C 425 2.58 -28.88 -35.98
CA ALA C 425 2.13 -29.39 -37.30
C ALA C 425 1.30 -28.36 -38.06
N LEU C 426 0.93 -27.24 -37.45
CA LEU C 426 0.23 -26.15 -38.17
C LEU C 426 1.20 -25.48 -39.16
N VAL C 427 0.84 -25.42 -40.44
CA VAL C 427 1.73 -24.96 -41.57
C VAL C 427 0.99 -23.97 -42.50
N ASP C 428 -0.12 -23.37 -42.07
CA ASP C 428 -0.72 -22.16 -42.66
C ASP C 428 0.28 -20.99 -42.68
N ASN D 28 8.97 6.24 -57.17
CA ASN D 28 9.57 4.86 -57.44
C ASN D 28 9.36 3.94 -56.22
N ILE D 29 8.32 3.12 -56.28
CA ILE D 29 7.68 2.45 -55.11
C ILE D 29 7.69 0.94 -55.35
N ILE D 30 8.23 0.16 -54.43
CA ILE D 30 8.10 -1.32 -54.40
C ILE D 30 7.56 -1.74 -53.04
N ALA D 31 6.51 -2.55 -53.01
CA ALA D 31 5.92 -3.13 -51.79
C ALA D 31 5.62 -1.99 -50.80
N GLY D 32 5.07 -0.88 -51.29
CA GLY D 32 4.65 0.25 -50.45
C GLY D 32 5.82 1.02 -49.85
N MET D 33 7.03 0.86 -50.40
CA MET D 33 8.24 1.57 -49.92
C MET D 33 8.83 2.46 -51.00
N ASP D 34 9.07 3.73 -50.68
CA ASP D 34 9.69 4.73 -51.59
C ASP D 34 11.19 4.47 -51.61
N LEU D 35 11.73 4.02 -52.75
CA LEU D 35 13.17 3.65 -52.88
C LEU D 35 14.05 4.90 -52.79
N ASN D 36 13.52 6.07 -53.12
CA ASN D 36 14.25 7.36 -53.03
C ASN D 36 14.44 7.68 -51.55
N ARG D 37 13.43 7.42 -50.70
CA ARG D 37 13.51 7.60 -49.24
C ARG D 37 14.51 6.58 -48.67
N LEU D 38 14.55 5.36 -49.21
CA LEU D 38 15.50 4.32 -48.71
C LEU D 38 16.94 4.70 -49.07
N ASP D 39 17.17 5.55 -50.07
CA ASP D 39 18.55 5.97 -50.45
C ASP D 39 19.18 6.80 -49.32
N ARG D 40 18.36 7.33 -48.40
CA ARG D 40 18.84 8.14 -47.25
C ARG D 40 19.72 7.27 -46.34
N ILE D 41 19.54 5.94 -46.36
CA ILE D 41 20.38 4.98 -45.58
C ILE D 41 21.85 5.20 -45.95
N ALA D 42 22.20 5.07 -47.22
CA ALA D 42 23.59 5.19 -47.73
C ALA D 42 24.12 6.60 -47.48
N GLU D 43 23.31 7.64 -47.71
CA GLU D 43 23.67 9.06 -47.47
C GLU D 43 24.05 9.20 -45.99
N HIS D 44 23.21 8.64 -45.11
CA HIS D 44 23.39 8.71 -43.63
C HIS D 44 24.66 7.97 -43.20
N LEU D 45 24.86 6.72 -43.63
CA LEU D 45 26.03 5.91 -43.22
C LEU D 45 27.34 6.55 -43.72
N ASP D 46 27.33 7.18 -44.89
CA ASP D 46 28.51 7.92 -45.44
C ASP D 46 28.79 9.13 -44.54
N ARG D 47 27.81 10.04 -44.40
CA ARG D 47 27.96 11.35 -43.74
C ARG D 47 28.30 11.19 -42.26
N ALA D 48 27.67 10.25 -41.57
CA ALA D 48 27.69 10.14 -40.09
C ALA D 48 28.73 9.13 -39.59
N TYR D 49 29.17 8.16 -40.41
CA TYR D 49 30.03 7.04 -39.93
C TYR D 49 31.26 6.79 -40.83
N LEU D 50 31.10 6.64 -42.16
CA LEU D 50 32.19 6.14 -43.04
C LEU D 50 33.20 7.27 -43.34
N HIS D 51 32.74 8.41 -43.86
CA HIS D 51 33.59 9.60 -44.19
C HIS D 51 34.32 10.09 -42.93
N PRO D 52 33.66 10.24 -41.76
CA PRO D 52 34.37 10.63 -40.53
C PRO D 52 35.23 9.54 -39.86
N GLY D 53 35.22 8.31 -40.37
CA GLY D 53 36.08 7.21 -39.89
C GLY D 53 35.64 6.60 -38.56
N LYS D 54 34.33 6.46 -38.33
CA LYS D 54 33.77 5.81 -37.10
C LYS D 54 33.52 4.32 -37.33
N LEU D 55 33.17 3.93 -38.56
CA LEU D 55 33.03 2.52 -39.04
C LEU D 55 33.90 2.29 -40.28
N ALA D 56 34.44 1.09 -40.45
CA ALA D 56 35.22 0.68 -41.65
C ALA D 56 34.29 0.55 -42.86
N GLY D 57 33.20 -0.21 -42.71
CA GLY D 57 32.28 -0.54 -43.80
C GLY D 57 31.02 -1.20 -43.30
N THR D 58 29.98 -1.18 -44.15
CA THR D 58 28.59 -1.57 -43.83
C THR D 58 27.99 -2.37 -45.00
N MET D 59 27.08 -3.28 -44.68
CA MET D 59 26.21 -4.00 -45.62
C MET D 59 24.79 -3.91 -45.05
N THR D 60 23.86 -3.32 -45.78
CA THR D 60 22.48 -3.03 -45.30
C THR D 60 21.49 -3.65 -46.28
N LEU D 61 20.57 -4.48 -45.80
CA LEU D 61 19.47 -5.08 -46.61
C LEU D 61 18.13 -4.78 -45.94
N VAL D 62 17.12 -4.41 -46.73
CA VAL D 62 15.73 -4.19 -46.28
C VAL D 62 14.81 -4.96 -47.24
N ALA D 63 13.82 -5.66 -46.69
CA ALA D 63 12.82 -6.42 -47.45
C ALA D 63 11.43 -6.09 -46.91
N ARG D 64 10.43 -6.12 -47.78
CA ARG D 64 9.02 -6.00 -47.35
C ARG D 64 8.14 -6.90 -48.21
N ARG D 65 7.28 -7.68 -47.58
CA ARG D 65 6.31 -8.58 -48.25
C ARG D 65 7.06 -9.51 -49.20
N GLY D 66 8.22 -10.02 -48.80
CA GLY D 66 8.99 -11.02 -49.57
C GLY D 66 9.96 -10.39 -50.57
N GLU D 67 9.90 -9.08 -50.80
CA GLU D 67 10.68 -8.39 -51.87
C GLU D 67 11.83 -7.59 -51.23
N VAL D 68 13.06 -7.87 -51.64
CA VAL D 68 14.27 -7.09 -51.26
C VAL D 68 14.17 -5.73 -51.95
N VAL D 69 14.06 -4.64 -51.19
CA VAL D 69 13.85 -3.26 -51.71
C VAL D 69 15.11 -2.42 -51.52
N TYR D 70 16.09 -2.91 -50.76
CA TYR D 70 17.37 -2.20 -50.51
C TYR D 70 18.46 -3.22 -50.21
N CYS D 71 19.61 -3.03 -50.84
CA CYS D 71 20.83 -3.86 -50.66
C CYS D 71 22.03 -3.03 -51.07
N GLN D 72 22.86 -2.59 -50.12
CA GLN D 72 24.00 -1.67 -50.36
C GLN D 72 25.18 -2.04 -49.48
N ALA D 73 26.29 -2.39 -50.12
CA ALA D 73 27.65 -2.44 -49.53
C ALA D 73 28.25 -1.04 -49.60
N GLN D 74 28.98 -0.62 -48.55
CA GLN D 74 29.68 0.69 -48.50
C GLN D 74 30.99 0.50 -47.76
N GLY D 75 32.00 1.30 -48.11
CA GLY D 75 33.32 1.32 -47.45
C GLY D 75 34.05 -0.01 -47.55
N LEU D 76 34.86 -0.32 -46.55
CA LEU D 76 35.91 -1.37 -46.61
C LEU D 76 35.62 -2.47 -45.59
N ARG D 77 35.85 -3.73 -45.97
CA ARG D 77 35.80 -4.91 -45.07
C ARG D 77 37.15 -5.12 -44.39
N ASP D 78 38.23 -4.61 -45.01
CA ASP D 78 39.64 -4.72 -44.54
C ASP D 78 40.37 -3.41 -44.91
N VAL D 79 40.62 -2.54 -43.94
CA VAL D 79 41.19 -1.18 -44.14
C VAL D 79 42.67 -1.33 -44.51
N GLU D 80 43.38 -2.20 -43.79
CA GLU D 80 44.83 -2.48 -43.95
C GLU D 80 45.12 -2.89 -45.41
N ARG D 81 44.22 -3.69 -46.02
CA ARG D 81 44.40 -4.27 -47.39
C ARG D 81 43.52 -3.55 -48.42
N GLN D 82 42.85 -2.46 -48.03
CA GLN D 82 42.02 -1.62 -48.95
C GLN D 82 41.04 -2.49 -49.75
N LEU D 83 40.44 -3.50 -49.13
CA LEU D 83 39.41 -4.41 -49.75
C LEU D 83 38.01 -3.90 -49.44
N PRO D 84 37.12 -3.70 -50.45
CA PRO D 84 35.80 -3.13 -50.19
C PRO D 84 34.83 -4.17 -49.61
N VAL D 85 33.72 -3.70 -49.05
CA VAL D 85 32.58 -4.57 -48.65
C VAL D 85 31.86 -4.95 -49.95
N GLU D 86 31.53 -6.24 -50.11
CA GLU D 86 30.70 -6.75 -51.21
C GLU D 86 29.49 -7.48 -50.61
N ARG D 87 28.41 -7.65 -51.40
CA ARG D 87 27.19 -8.41 -51.04
C ARG D 87 27.55 -9.73 -50.32
N ASP D 88 28.65 -10.35 -50.75
CA ASP D 88 29.06 -11.72 -50.33
C ASP D 88 30.09 -11.65 -49.18
N THR D 89 30.35 -10.48 -48.61
CA THR D 89 31.33 -10.33 -47.49
C THR D 89 30.82 -11.11 -46.28
N LEU D 90 31.73 -11.82 -45.63
CA LEU D 90 31.44 -12.65 -44.42
C LEU D 90 31.71 -11.80 -43.16
N PHE D 91 30.80 -11.87 -42.19
CA PHE D 91 30.80 -11.06 -40.95
C PHE D 91 30.65 -11.96 -39.72
N ARG D 92 31.38 -11.64 -38.65
CA ARG D 92 31.15 -12.18 -37.29
C ARG D 92 29.82 -11.61 -36.82
N ILE D 93 28.78 -12.44 -36.73
CA ILE D 93 27.40 -11.96 -36.37
C ILE D 93 27.23 -12.07 -34.85
N TYR D 94 28.17 -12.75 -34.20
CA TYR D 94 28.21 -12.93 -32.73
C TYR D 94 26.84 -13.36 -32.20
N SER D 95 26.30 -12.55 -31.28
CA SER D 95 25.08 -12.87 -30.51
C SER D 95 23.81 -13.00 -31.38
N MET D 96 23.92 -12.67 -32.66
CA MET D 96 22.83 -12.95 -33.63
C MET D 96 22.79 -14.45 -33.94
N THR D 97 23.74 -15.19 -33.40
CA THR D 97 23.71 -16.67 -33.39
C THR D 97 22.52 -17.17 -32.56
N LYS D 98 22.12 -16.43 -31.52
CA LYS D 98 21.21 -16.91 -30.45
C LYS D 98 19.84 -17.29 -31.02
N PRO D 99 19.21 -16.46 -31.90
CA PRO D 99 17.95 -16.84 -32.54
C PRO D 99 18.04 -18.18 -33.29
N ILE D 100 19.16 -18.45 -33.96
CA ILE D 100 19.39 -19.73 -34.71
C ILE D 100 19.43 -20.89 -33.71
N THR D 101 20.19 -20.76 -32.62
CA THR D 101 20.25 -21.78 -31.54
C THR D 101 18.86 -21.99 -30.93
N SER D 102 18.10 -20.90 -30.76
CA SER D 102 16.74 -20.97 -30.15
C SER D 102 15.81 -21.77 -31.06
N ILE D 103 15.82 -21.48 -32.36
CA ILE D 103 15.04 -22.23 -33.39
C ILE D 103 15.44 -23.71 -33.33
N ALA D 104 16.74 -24.00 -33.27
CA ALA D 104 17.25 -25.38 -33.21
C ALA D 104 16.60 -26.10 -32.02
N LEU D 105 16.63 -25.50 -30.84
CA LEU D 105 16.10 -26.20 -29.63
C LEU D 105 14.56 -26.32 -29.74
N MET D 106 13.89 -25.34 -30.31
CA MET D 106 12.41 -25.37 -30.43
C MET D 106 11.98 -26.38 -31.51
N GLN D 107 12.83 -26.72 -32.48
CA GLN D 107 12.58 -27.84 -33.44
C GLN D 107 12.40 -29.14 -32.64
N LEU D 108 13.20 -29.32 -31.59
CA LEU D 108 13.16 -30.53 -30.74
C LEU D 108 11.96 -30.46 -29.78
N TYR D 109 11.50 -29.25 -29.42
CA TYR D 109 10.28 -29.07 -28.59
C TYR D 109 9.07 -29.64 -29.36
N GLU D 110 9.02 -29.33 -30.66
CA GLU D 110 7.98 -29.77 -31.64
C GLU D 110 7.99 -31.30 -31.85
N GLN D 111 9.09 -31.98 -31.52
CA GLN D 111 9.23 -33.46 -31.62
C GLN D 111 8.89 -34.10 -30.26
N GLY D 112 8.59 -33.32 -29.23
CA GLY D 112 8.20 -33.80 -27.89
C GLY D 112 9.39 -34.13 -26.97
N ARG D 113 10.58 -33.67 -27.30
CA ARG D 113 11.85 -34.12 -26.64
C ARG D 113 12.03 -33.53 -25.24
N PHE D 114 11.37 -32.39 -24.96
CA PHE D 114 11.39 -31.72 -23.63
C PHE D 114 10.21 -30.76 -23.52
N LEU D 115 10.00 -30.23 -22.32
CA LEU D 115 8.99 -29.18 -22.01
C LEU D 115 9.69 -27.99 -21.34
N LEU D 116 9.18 -26.77 -21.55
CA LEU D 116 9.86 -25.55 -21.10
C LEU D 116 9.90 -25.46 -19.56
N ASP D 117 8.91 -26.03 -18.87
CA ASP D 117 8.81 -25.91 -17.39
C ASP D 117 9.53 -27.09 -16.71
N GLU D 118 10.22 -27.93 -17.50
CA GLU D 118 11.06 -29.02 -16.94
C GLU D 118 12.34 -28.41 -16.37
N PRO D 119 12.82 -28.92 -15.21
CA PRO D 119 14.11 -28.50 -14.67
C PRO D 119 15.27 -28.90 -15.58
N VAL D 120 16.27 -28.04 -15.73
CA VAL D 120 17.50 -28.30 -16.53
C VAL D 120 18.20 -29.56 -15.97
N HIS D 121 18.14 -29.77 -14.66
CA HIS D 121 18.88 -30.86 -13.97
C HIS D 121 18.28 -32.23 -14.35
N LYS D 122 17.13 -32.27 -14.98
CA LYS D 122 16.57 -33.52 -15.57
C LYS D 122 17.48 -34.01 -16.71
N TYR D 123 18.11 -33.10 -17.45
CA TYR D 123 18.98 -33.37 -18.63
C TYR D 123 20.46 -33.20 -18.24
N ILE D 124 20.75 -32.37 -17.22
CA ILE D 124 22.11 -32.11 -16.69
C ILE D 124 22.12 -32.39 -15.19
N PRO D 125 22.13 -33.65 -14.73
CA PRO D 125 21.89 -33.97 -13.32
C PRO D 125 22.86 -33.34 -12.31
N THR D 126 24.11 -33.08 -12.72
CA THR D 126 25.15 -32.43 -11.89
C THR D 126 24.70 -31.01 -11.48
N TRP D 127 23.74 -30.41 -12.19
CA TRP D 127 23.22 -29.04 -11.91
C TRP D 127 22.09 -29.08 -10.85
N LYS D 128 21.78 -30.22 -10.24
CA LYS D 128 20.59 -30.31 -9.34
C LYS D 128 20.70 -29.35 -8.16
N ASN D 129 21.89 -29.16 -7.59
CA ASN D 129 22.09 -28.43 -6.31
C ASN D 129 22.73 -27.06 -6.58
N LEU D 130 22.53 -26.46 -7.75
CA LEU D 130 22.98 -25.08 -8.03
C LEU D 130 22.42 -24.17 -6.93
N ARG D 131 23.21 -23.20 -6.47
CA ARG D 131 22.84 -22.30 -5.35
C ARG D 131 23.12 -20.85 -5.75
N VAL D 132 22.52 -19.89 -5.02
CA VAL D 132 22.57 -18.43 -5.35
C VAL D 132 23.74 -17.79 -4.59
N TYR D 133 24.53 -16.97 -5.29
CA TYR D 133 25.67 -16.21 -4.70
C TYR D 133 25.18 -15.42 -3.48
N LYS D 134 25.92 -15.50 -2.36
CA LYS D 134 25.71 -14.63 -1.18
C LYS D 134 26.93 -13.72 -0.99
N THR D 135 28.13 -14.28 -0.82
CA THR D 135 29.37 -13.49 -0.58
C THR D 135 30.60 -14.38 -0.83
N GLY D 136 31.78 -13.78 -0.95
CA GLY D 136 33.06 -14.49 -1.06
C GLY D 136 33.63 -14.36 -2.46
N SER D 137 34.93 -14.65 -2.59
CA SER D 137 35.68 -14.67 -3.87
C SER D 137 35.88 -16.12 -4.30
N HIS D 138 35.90 -16.36 -5.61
CA HIS D 138 36.25 -17.69 -6.17
C HIS D 138 37.64 -18.07 -5.65
N PRO D 139 37.88 -19.30 -5.14
CA PRO D 139 36.87 -20.36 -5.07
C PRO D 139 36.25 -20.66 -3.70
N GLN D 140 35.98 -19.64 -2.87
CA GLN D 140 35.34 -19.83 -1.54
C GLN D 140 34.09 -18.97 -1.46
N MET D 141 33.20 -19.15 -2.44
CA MET D 141 31.92 -18.42 -2.57
C MET D 141 30.86 -19.14 -1.73
N LEU D 142 30.23 -18.41 -0.79
CA LEU D 142 29.09 -18.89 0.04
C LEU D 142 27.79 -18.59 -0.70
N THR D 143 26.77 -19.43 -0.51
CA THR D 143 25.54 -19.46 -1.34
C THR D 143 24.32 -19.69 -0.45
N THR D 144 23.13 -19.33 -0.93
CA THR D 144 21.81 -19.65 -0.32
C THR D 144 21.04 -20.57 -1.28
N ALA D 145 20.03 -21.29 -0.77
CA ALA D 145 19.13 -22.14 -1.56
C ALA D 145 18.29 -21.26 -2.49
N PRO D 146 18.05 -21.67 -3.75
CA PRO D 146 17.09 -20.99 -4.62
C PRO D 146 15.66 -21.39 -4.25
N GLN D 147 14.66 -20.54 -4.53
CA GLN D 147 13.22 -20.85 -4.29
C GLN D 147 12.78 -22.03 -5.18
N ARG D 148 13.33 -22.17 -6.38
CA ARG D 148 13.01 -23.31 -7.28
C ARG D 148 14.20 -23.59 -8.21
N PRO D 149 14.31 -24.81 -8.72
CA PRO D 149 15.35 -25.14 -9.68
C PRO D 149 15.14 -24.42 -11.03
N MET D 150 16.26 -24.11 -11.69
CA MET D 150 16.39 -23.60 -13.07
C MET D 150 15.59 -24.47 -14.05
N THR D 151 14.84 -23.85 -14.97
CA THR D 151 14.08 -24.54 -16.06
C THR D 151 14.66 -24.20 -17.43
N ILE D 152 14.25 -24.93 -18.46
CA ILE D 152 14.70 -24.67 -19.86
C ILE D 152 14.13 -23.32 -20.30
N ARG D 153 12.91 -22.97 -19.89
CA ARG D 153 12.36 -21.64 -20.22
C ARG D 153 13.29 -20.55 -19.67
N ASP D 154 13.83 -20.74 -18.46
CA ASP D 154 14.81 -19.82 -17.85
C ASP D 154 16.04 -19.68 -18.77
N LEU D 155 16.53 -20.77 -19.37
CA LEU D 155 17.71 -20.72 -20.27
C LEU D 155 17.37 -19.89 -21.53
N LEU D 156 16.23 -20.17 -22.16
CA LEU D 156 15.82 -19.55 -23.44
C LEU D 156 15.52 -18.06 -23.25
N THR D 157 15.24 -17.61 -22.02
CA THR D 157 14.83 -16.21 -21.72
C THR D 157 15.88 -15.46 -20.89
N HIS D 158 17.01 -16.07 -20.57
CA HIS D 158 18.11 -15.46 -19.76
C HIS D 158 17.58 -15.04 -18.38
N GLN D 159 16.73 -15.89 -17.78
CA GLN D 159 16.23 -15.76 -16.39
C GLN D 159 16.84 -16.91 -15.54
N SER D 160 17.83 -17.61 -16.05
CA SER D 160 18.60 -18.74 -15.43
C SER D 160 19.24 -18.29 -14.12
N GLY D 161 19.81 -17.10 -14.10
CA GLY D 161 20.75 -16.66 -13.05
C GLY D 161 22.19 -16.85 -13.48
N LEU D 162 22.42 -17.50 -14.62
CA LEU D 162 23.75 -17.54 -15.26
C LEU D 162 24.12 -16.12 -15.69
N THR D 163 25.40 -15.90 -16.01
CA THR D 163 25.92 -14.59 -16.48
C THR D 163 26.94 -14.82 -17.60
N TYR D 164 27.75 -13.80 -17.89
CA TYR D 164 28.85 -13.78 -18.89
C TYR D 164 30.08 -13.18 -18.23
N GLY D 165 31.26 -13.71 -18.50
CA GLY D 165 32.55 -13.13 -18.07
C GLY D 165 32.64 -11.64 -18.35
N PHE D 166 32.24 -11.18 -19.54
CA PHE D 166 32.51 -9.79 -19.97
C PHE D 166 31.60 -8.79 -19.22
N MET D 167 30.63 -9.24 -18.42
CA MET D 167 29.69 -8.31 -17.70
C MET D 167 30.51 -7.39 -16.78
N ASN D 168 31.55 -7.91 -16.13
CA ASN D 168 32.49 -7.14 -15.27
C ASN D 168 31.71 -6.37 -14.20
N ARG D 169 30.78 -7.01 -13.48
CA ARG D 169 29.96 -6.34 -12.43
C ARG D 169 30.07 -7.06 -11.08
N THR D 170 30.22 -8.39 -11.05
CA THR D 170 30.08 -9.21 -9.82
C THR D 170 31.23 -10.21 -9.67
N ASN D 171 31.39 -10.71 -8.45
CA ASN D 171 32.40 -11.76 -8.12
C ASN D 171 32.10 -13.02 -8.96
N VAL D 172 30.84 -13.26 -9.34
CA VAL D 172 30.46 -14.47 -10.15
C VAL D 172 31.04 -14.33 -11.57
N ASP D 173 30.85 -13.19 -12.23
CA ASP D 173 31.43 -12.99 -13.59
C ASP D 173 32.97 -12.92 -13.48
N ALA D 174 33.54 -12.60 -12.32
CA ALA D 174 35.01 -12.63 -12.12
C ALA D 174 35.49 -14.08 -12.20
N ALA D 175 34.72 -15.00 -11.61
CA ALA D 175 34.99 -16.46 -11.64
C ALA D 175 34.87 -16.99 -13.08
N TYR D 176 33.85 -16.55 -13.84
CA TYR D 176 33.71 -16.91 -15.27
C TYR D 176 35.00 -16.50 -15.99
N ARG D 177 35.54 -15.30 -15.70
CA ARG D 177 36.72 -14.77 -16.43
C ARG D 177 37.96 -15.60 -16.07
N SER D 178 38.20 -15.91 -14.79
CA SER D 178 39.42 -16.68 -14.39
C SER D 178 39.35 -18.10 -14.95
N LEU D 179 38.16 -18.64 -15.21
CA LEU D 179 37.93 -19.98 -15.84
C LEU D 179 37.71 -19.86 -17.36
N LYS D 180 37.72 -18.66 -17.92
CA LYS D 180 37.58 -18.39 -19.39
C LYS D 180 36.34 -19.10 -19.96
N LEU D 181 35.18 -18.95 -19.33
CA LEU D 181 33.91 -19.59 -19.74
C LEU D 181 33.27 -18.86 -20.94
N ASP D 182 33.74 -17.67 -21.29
CA ASP D 182 33.30 -16.93 -22.51
C ASP D 182 33.99 -17.49 -23.75
N GLY D 183 35.07 -18.27 -23.56
CA GLY D 183 35.93 -18.81 -24.64
C GLY D 183 37.40 -18.70 -24.29
N GLY D 184 38.27 -19.43 -24.98
CA GLY D 184 39.72 -19.46 -24.71
C GLY D 184 40.33 -20.80 -25.10
N PRO D 185 41.67 -20.94 -25.03
CA PRO D 185 42.34 -22.17 -25.48
C PRO D 185 41.82 -23.43 -24.75
N GLY D 186 41.37 -24.44 -25.52
CA GLY D 186 40.90 -25.74 -25.03
C GLY D 186 39.49 -25.72 -24.46
N HIS D 187 38.76 -24.61 -24.64
CA HIS D 187 37.35 -24.47 -24.19
C HIS D 187 36.47 -25.32 -25.12
N THR D 188 35.52 -26.04 -24.51
CA THR D 188 34.51 -26.89 -25.18
C THR D 188 33.18 -26.71 -24.45
N LEU D 189 32.05 -27.07 -25.08
CA LEU D 189 30.73 -27.05 -24.40
C LEU D 189 30.78 -27.96 -23.17
N ASP D 190 31.53 -29.06 -23.24
CA ASP D 190 31.57 -30.07 -22.16
C ASP D 190 32.20 -29.42 -20.92
N ARG D 191 33.19 -28.56 -21.12
CA ARG D 191 33.92 -27.85 -20.03
C ARG D 191 33.00 -26.80 -19.40
N LEU D 192 32.25 -26.03 -20.22
CA LEU D 192 31.28 -25.03 -19.73
C LEU D 192 30.29 -25.70 -18.77
N ILE D 193 29.62 -26.76 -19.20
CA ILE D 193 28.58 -27.47 -18.38
C ILE D 193 29.23 -27.99 -17.08
N ASP D 194 30.44 -28.53 -17.17
CA ASP D 194 31.17 -29.09 -16.01
C ASP D 194 31.54 -27.95 -15.03
N GLU D 195 32.14 -26.86 -15.52
CA GLU D 195 32.52 -25.71 -14.65
C GLU D 195 31.27 -25.06 -14.02
N LEU D 196 30.19 -24.86 -14.78
CA LEU D 196 28.98 -24.14 -14.29
C LEU D 196 28.31 -24.91 -13.15
N ALA D 197 28.53 -26.23 -13.06
CA ALA D 197 27.94 -27.10 -12.00
C ALA D 197 28.49 -26.74 -10.63
N ARG D 198 29.64 -26.10 -10.57
CA ARG D 198 30.37 -25.79 -9.31
C ARG D 198 30.40 -24.28 -9.07
N LEU D 199 29.60 -23.51 -9.79
CA LEU D 199 29.54 -22.02 -9.63
C LEU D 199 28.15 -21.62 -9.16
N PRO D 200 28.04 -20.49 -8.43
CA PRO D 200 26.74 -19.96 -8.04
C PRO D 200 26.06 -19.10 -9.13
N LEU D 201 24.76 -18.87 -8.95
CA LEU D 201 23.90 -18.03 -9.81
C LEU D 201 23.83 -16.62 -9.22
N GLU D 202 23.58 -15.61 -10.06
CA GLU D 202 23.43 -14.22 -9.59
C GLU D 202 22.14 -14.08 -8.77
N PHE D 203 21.15 -14.94 -9.00
CA PHE D 203 19.83 -14.83 -8.34
C PHE D 203 19.05 -16.12 -8.52
N SER D 204 18.00 -16.29 -7.72
CA SER D 204 17.10 -17.46 -7.76
C SER D 204 16.42 -17.48 -9.14
N PRO D 205 16.49 -18.61 -9.88
CA PRO D 205 15.97 -18.69 -11.25
C PRO D 205 14.54 -18.17 -11.38
N GLY D 206 14.32 -17.29 -12.37
CA GLY D 206 12.99 -16.74 -12.73
C GLY D 206 12.73 -15.36 -12.13
N THR D 207 13.53 -14.94 -11.15
CA THR D 207 13.24 -13.74 -10.30
C THR D 207 13.86 -12.49 -10.92
N ALA D 208 14.69 -12.65 -11.95
CA ALA D 208 15.35 -11.51 -12.63
C ALA D 208 15.80 -11.93 -14.03
N TRP D 209 16.37 -11.00 -14.79
CA TRP D 209 16.94 -11.23 -16.14
C TRP D 209 18.39 -10.75 -16.16
N ASN D 210 19.29 -11.56 -16.70
CA ASN D 210 20.71 -11.22 -16.87
C ASN D 210 21.23 -12.00 -18.08
N TYR D 211 21.70 -11.27 -19.09
CA TYR D 211 22.28 -11.82 -20.35
C TYR D 211 23.43 -12.76 -20.00
N SER D 212 23.49 -13.94 -20.64
CA SER D 212 24.25 -15.10 -20.12
C SER D 212 24.75 -16.05 -21.23
N VAL D 213 25.61 -16.97 -20.82
CA VAL D 213 26.03 -18.20 -21.56
C VAL D 213 24.85 -19.18 -21.68
N ALA D 214 23.64 -18.82 -21.25
CA ALA D 214 22.48 -19.74 -21.24
C ALA D 214 22.24 -20.29 -22.66
N THR D 215 22.47 -19.50 -23.70
CA THR D 215 22.22 -19.92 -25.09
C THR D 215 23.32 -20.91 -25.51
N ASP D 216 24.54 -20.76 -25.00
CA ASP D 216 25.63 -21.75 -25.18
C ASP D 216 25.20 -23.10 -24.55
N VAL D 217 24.52 -23.05 -23.39
CA VAL D 217 23.93 -24.25 -22.71
C VAL D 217 22.80 -24.82 -23.57
N CYS D 218 21.98 -23.97 -24.19
CA CYS D 218 20.90 -24.40 -25.12
C CYS D 218 21.53 -25.20 -26.26
N GLY D 219 22.64 -24.72 -26.82
CA GLY D 219 23.42 -25.43 -27.86
C GLY D 219 23.85 -26.81 -27.37
N TYR D 220 24.29 -26.90 -26.13
CA TYR D 220 24.70 -28.18 -25.50
C TYR D 220 23.49 -29.11 -25.44
N LEU D 221 22.29 -28.59 -25.20
CA LEU D 221 21.05 -29.41 -25.10
C LEU D 221 20.61 -29.88 -26.49
N VAL D 222 20.80 -29.07 -27.53
CA VAL D 222 20.59 -29.50 -28.94
C VAL D 222 21.42 -30.75 -29.19
N GLN D 223 22.70 -30.74 -28.80
CA GLN D 223 23.64 -31.89 -28.93
C GLN D 223 23.09 -33.07 -28.11
N LEU D 224 22.80 -32.88 -26.83
CA LEU D 224 22.35 -33.97 -25.93
C LEU D 224 21.16 -34.68 -26.58
N LEU D 225 20.19 -33.92 -27.07
CA LEU D 225 18.86 -34.46 -27.47
C LEU D 225 18.89 -35.00 -28.90
N SER D 226 19.65 -34.39 -29.82
CA SER D 226 19.69 -34.76 -31.26
C SER D 226 20.68 -35.89 -31.52
N GLY D 227 21.70 -36.04 -30.68
CA GLY D 227 22.86 -36.93 -30.88
C GLY D 227 23.89 -36.36 -31.83
N MET D 228 23.72 -35.13 -32.33
CA MET D 228 24.64 -34.52 -33.34
C MET D 228 25.41 -33.38 -32.68
N SER D 229 26.61 -33.07 -33.16
CA SER D 229 27.34 -31.84 -32.78
C SER D 229 26.63 -30.63 -33.42
N LEU D 230 26.75 -29.46 -32.81
CA LEU D 230 25.87 -28.30 -33.11
C LEU D 230 26.04 -27.84 -34.57
N ASP D 231 27.26 -27.90 -35.12
CA ASP D 231 27.55 -27.47 -36.51
C ASP D 231 26.79 -28.36 -37.50
N ASP D 232 26.72 -29.67 -37.22
CA ASP D 232 25.99 -30.68 -38.04
C ASP D 232 24.48 -30.47 -37.88
N TYR D 233 23.95 -30.26 -36.65
CA TYR D 233 22.49 -30.00 -36.46
C TYR D 233 22.10 -28.76 -37.27
N PHE D 234 22.86 -27.65 -37.14
CA PHE D 234 22.53 -26.39 -37.83
C PHE D 234 22.50 -26.60 -39.35
N SER D 235 23.51 -27.30 -39.87
CA SER D 235 23.70 -27.55 -41.33
C SER D 235 22.52 -28.34 -41.86
N LYS D 236 22.20 -29.45 -41.20
CA LYS D 236 21.16 -30.40 -41.66
C LYS D 236 19.77 -29.77 -41.53
N HIS D 237 19.44 -29.18 -40.37
CA HIS D 237 18.06 -28.79 -40.02
C HIS D 237 17.78 -27.30 -40.25
N ILE D 238 18.77 -26.47 -40.57
CA ILE D 238 18.52 -25.01 -40.81
C ILE D 238 19.23 -24.54 -42.09
N PHE D 239 20.55 -24.66 -42.21
CA PHE D 239 21.33 -23.99 -43.29
C PHE D 239 21.06 -24.65 -44.67
N GLN D 240 21.09 -25.98 -44.76
CA GLN D 240 20.85 -26.68 -46.06
C GLN D 240 19.41 -26.41 -46.51
N PRO D 241 18.37 -26.66 -45.69
CA PRO D 241 16.98 -26.37 -46.07
C PRO D 241 16.70 -24.93 -46.54
N LEU D 242 17.35 -23.92 -45.94
CA LEU D 242 17.06 -22.49 -46.25
C LEU D 242 17.99 -21.98 -47.35
N GLY D 243 19.00 -22.75 -47.76
CA GLY D 243 19.95 -22.34 -48.81
C GLY D 243 20.87 -21.26 -48.29
N MET D 244 21.54 -21.57 -47.19
CA MET D 244 22.53 -20.70 -46.48
C MET D 244 23.89 -21.40 -46.53
N PRO D 245 24.59 -21.34 -47.68
CA PRO D 245 25.87 -22.03 -47.84
C PRO D 245 27.08 -21.30 -47.20
N ASP D 246 26.88 -20.07 -46.72
CA ASP D 246 27.95 -19.16 -46.26
C ASP D 246 27.77 -18.81 -44.78
N THR D 247 27.32 -19.78 -43.97
CA THR D 247 27.09 -19.64 -42.51
C THR D 247 27.73 -20.83 -41.82
N PHE D 248 28.65 -20.60 -40.88
CA PHE D 248 29.47 -21.66 -40.24
C PHE D 248 30.18 -21.12 -39.00
N PHE D 249 30.58 -22.03 -38.10
CA PHE D 249 31.41 -21.74 -36.91
C PHE D 249 32.87 -21.50 -37.32
N THR D 250 33.34 -22.19 -38.36
CA THR D 250 34.69 -22.09 -38.94
C THR D 250 34.60 -21.63 -40.39
N VAL D 251 35.33 -20.57 -40.76
CA VAL D 251 35.38 -20.09 -42.17
C VAL D 251 36.29 -21.03 -42.94
N PRO D 252 35.78 -21.73 -44.00
CA PRO D 252 36.62 -22.61 -44.81
C PRO D 252 37.72 -21.81 -45.51
N ALA D 253 38.89 -22.43 -45.66
CA ALA D 253 40.11 -21.85 -46.31
C ALA D 253 39.76 -21.13 -47.62
N GLU D 254 38.93 -21.74 -48.46
CA GLU D 254 38.62 -21.23 -49.82
C GLU D 254 37.67 -20.01 -49.75
N LYS D 255 37.10 -19.64 -48.59
CA LYS D 255 36.18 -18.47 -48.48
C LYS D 255 36.82 -17.35 -47.64
N LEU D 256 37.99 -17.59 -47.05
CA LEU D 256 38.69 -16.65 -46.12
C LEU D 256 39.00 -15.31 -46.79
N SER D 257 39.10 -15.26 -48.11
CA SER D 257 39.34 -13.99 -48.85
C SER D 257 38.15 -13.04 -48.64
N ARG D 258 36.95 -13.58 -48.42
CA ARG D 258 35.68 -12.79 -48.32
C ARG D 258 35.44 -12.30 -46.88
N PHE D 259 36.18 -12.82 -45.90
CA PHE D 259 36.00 -12.56 -44.45
C PHE D 259 36.50 -11.16 -44.08
N ALA D 260 35.61 -10.35 -43.51
CA ALA D 260 35.90 -8.96 -43.07
C ALA D 260 36.85 -8.98 -41.86
N ALA D 261 37.57 -7.89 -41.67
CA ALA D 261 38.29 -7.60 -40.42
C ALA D 261 37.28 -7.10 -39.39
N CYS D 262 37.60 -7.30 -38.10
CA CYS D 262 36.84 -6.75 -36.95
C CYS D 262 37.62 -5.60 -36.32
N TYR D 263 36.93 -4.50 -36.03
CA TYR D 263 37.50 -3.26 -35.43
C TYR D 263 36.84 -3.04 -34.06
N GLU D 264 37.55 -2.38 -33.15
CA GLU D 264 37.04 -1.97 -31.80
C GLU D 264 37.14 -0.45 -31.69
N TYR D 265 36.28 0.15 -30.86
CA TYR D 265 36.17 1.61 -30.66
C TYR D 265 37.47 2.14 -30.07
N GLN D 266 37.93 3.31 -30.54
CA GLN D 266 39.01 4.12 -29.89
C GLN D 266 38.49 5.52 -29.64
N PRO D 267 38.92 6.19 -28.54
CA PRO D 267 38.49 7.56 -28.25
C PRO D 267 38.70 8.51 -29.43
N GLY D 268 37.83 9.52 -29.56
CA GLY D 268 37.78 10.44 -30.72
C GLY D 268 36.87 9.93 -31.83
N ASP D 269 35.98 8.98 -31.51
CA ASP D 269 35.04 8.36 -32.48
C ASP D 269 35.87 7.79 -33.64
N SER D 270 36.82 6.92 -33.27
CA SER D 270 37.76 6.25 -34.20
C SER D 270 37.68 4.75 -33.95
N PHE D 271 38.56 3.97 -34.57
CA PHE D 271 38.61 2.49 -34.42
C PHE D 271 40.02 1.98 -34.69
N SER D 272 40.34 0.79 -34.18
CA SER D 272 41.63 0.08 -34.36
C SER D 272 41.36 -1.40 -34.69
N LEU D 273 42.28 -2.04 -35.42
CA LEU D 273 42.23 -3.48 -35.78
C LEU D 273 42.08 -4.31 -34.51
N GLN D 274 41.06 -5.19 -34.46
CA GLN D 274 40.78 -6.09 -33.30
C GLN D 274 40.98 -7.56 -33.69
N ASP D 275 40.71 -7.92 -34.94
CA ASP D 275 40.87 -9.30 -35.46
C ASP D 275 41.19 -9.24 -36.96
N ASP D 276 42.40 -9.66 -37.35
CA ASP D 276 42.81 -9.87 -38.76
C ASP D 276 42.12 -11.13 -39.27
N PRO D 277 41.43 -11.09 -40.44
CA PRO D 277 40.79 -12.28 -41.00
C PRO D 277 41.78 -13.42 -41.28
N GLN D 278 42.97 -13.10 -41.77
CA GLN D 278 44.09 -14.07 -41.91
C GLN D 278 44.72 -14.23 -40.53
N GLY D 279 44.71 -15.44 -39.98
CA GLY D 279 45.13 -15.72 -38.59
C GLY D 279 44.07 -15.29 -37.59
N SER D 280 42.80 -15.57 -37.90
CA SER D 280 41.64 -15.41 -36.98
C SER D 280 41.32 -16.77 -36.37
N ALA D 281 40.90 -16.81 -35.11
CA ALA D 281 40.38 -18.05 -34.47
C ALA D 281 39.14 -18.57 -35.20
N PHE D 282 38.40 -17.71 -35.91
CA PHE D 282 37.21 -18.06 -36.72
C PHE D 282 37.63 -18.90 -37.94
N ALA D 283 38.92 -18.96 -38.27
CA ALA D 283 39.49 -19.73 -39.41
C ALA D 283 39.94 -21.13 -38.95
N LYS D 284 39.95 -21.39 -37.65
CA LYS D 284 40.40 -22.65 -37.02
C LYS D 284 39.20 -23.43 -36.52
N ALA D 285 39.27 -24.75 -36.53
CA ALA D 285 38.32 -25.66 -35.87
C ALA D 285 38.85 -25.97 -34.47
N HIS D 286 38.92 -24.96 -33.59
CA HIS D 286 39.07 -25.14 -32.11
C HIS D 286 37.79 -25.87 -31.68
N GLY D 287 37.72 -26.41 -30.46
CA GLY D 287 36.62 -27.36 -30.14
C GLY D 287 35.37 -26.68 -29.56
N TYR D 288 35.22 -25.35 -29.65
CA TYR D 288 34.11 -24.58 -28.99
C TYR D 288 33.08 -24.12 -30.03
N LEU D 289 31.94 -24.80 -30.04
CA LEU D 289 30.75 -24.44 -30.84
C LEU D 289 29.80 -23.61 -29.94
N SER D 290 29.86 -22.29 -30.10
CA SER D 290 29.17 -21.28 -29.27
C SER D 290 27.79 -20.99 -29.86
N GLY D 291 26.74 -21.56 -29.29
CA GLY D 291 25.33 -21.22 -29.61
C GLY D 291 25.01 -19.77 -29.27
N GLY D 292 25.84 -19.15 -28.41
CA GLY D 292 25.68 -17.76 -27.97
C GLY D 292 26.36 -16.75 -28.87
N GLY D 293 27.52 -17.07 -29.50
CA GLY D 293 28.28 -16.04 -30.26
C GLY D 293 29.19 -16.52 -31.37
N GLY D 294 29.10 -17.77 -31.82
CA GLY D 294 30.13 -18.44 -32.63
C GLY D 294 30.07 -18.18 -34.14
N LEU D 295 28.90 -17.89 -34.71
CA LEU D 295 28.67 -17.99 -36.17
C LEU D 295 29.27 -16.81 -36.93
N VAL D 296 29.77 -17.13 -38.13
CA VAL D 296 30.07 -16.19 -39.24
C VAL D 296 29.00 -16.42 -40.30
N SER D 297 28.51 -15.35 -40.91
CA SER D 297 27.46 -15.38 -41.95
C SER D 297 27.63 -14.18 -42.88
N CYS D 298 26.67 -13.95 -43.73
CA CYS D 298 26.63 -12.84 -44.72
C CYS D 298 25.19 -12.35 -44.80
N VAL D 299 24.98 -11.17 -45.40
CA VAL D 299 23.65 -10.51 -45.37
C VAL D 299 22.64 -11.45 -46.04
N ASP D 300 22.96 -12.09 -47.17
CA ASP D 300 22.01 -12.95 -47.93
C ASP D 300 21.58 -14.15 -47.11
N ASP D 301 22.51 -14.80 -46.43
CA ASP D 301 22.20 -16.00 -45.59
C ASP D 301 21.29 -15.58 -44.43
N TYR D 302 21.62 -14.48 -43.72
CA TYR D 302 20.82 -14.03 -42.55
C TYR D 302 19.46 -13.53 -43.05
N TYR D 303 19.41 -12.91 -44.23
CA TYR D 303 18.14 -12.49 -44.88
C TYR D 303 17.23 -13.71 -45.06
N ARG D 304 17.79 -14.84 -45.48
CA ARG D 304 16.98 -16.03 -45.81
C ARG D 304 16.43 -16.59 -44.49
N PHE D 305 17.23 -16.58 -43.42
CA PHE D 305 16.77 -16.96 -42.06
C PHE D 305 15.64 -16.00 -41.63
N ALA D 306 15.89 -14.70 -41.69
CA ALA D 306 14.92 -13.67 -41.28
C ALA D 306 13.62 -13.79 -42.08
N GLN D 307 13.70 -13.96 -43.41
CA GLN D 307 12.52 -14.04 -44.31
C GLN D 307 11.73 -15.31 -43.98
N ALA D 308 12.41 -16.42 -43.70
CA ALA D 308 11.77 -17.68 -43.24
C ALA D 308 10.91 -17.38 -42.01
N LEU D 309 11.43 -16.62 -41.04
CA LEU D 309 10.71 -16.27 -39.79
C LEU D 309 9.53 -15.35 -40.12
N ALA D 310 9.75 -14.31 -40.93
CA ALA D 310 8.71 -13.37 -41.36
C ALA D 310 7.56 -14.10 -42.04
N ASN D 311 7.82 -15.25 -42.67
CA ASN D 311 6.81 -16.04 -43.43
C ASN D 311 6.13 -17.06 -42.51
N GLY D 312 6.51 -17.17 -41.25
CA GLY D 312 5.94 -18.15 -40.32
C GLY D 312 6.70 -19.46 -40.32
N GLY D 313 7.95 -19.47 -40.80
CA GLY D 313 8.89 -20.59 -40.61
C GLY D 313 9.23 -21.36 -41.88
N GLU D 314 8.82 -20.84 -43.04
CA GLU D 314 8.90 -21.50 -44.37
C GLU D 314 9.56 -20.53 -45.35
N LEU D 315 10.47 -21.01 -46.18
CA LEU D 315 10.99 -20.25 -47.36
C LEU D 315 11.18 -21.20 -48.53
N ASP D 316 10.59 -20.87 -49.68
CA ASP D 316 10.73 -21.63 -50.96
C ASP D 316 10.52 -23.13 -50.70
N GLY D 317 9.46 -23.49 -49.95
CA GLY D 317 9.06 -24.90 -49.70
C GLY D 317 9.83 -25.62 -48.62
N ALA D 318 10.79 -24.98 -47.94
CA ALA D 318 11.52 -25.56 -46.78
C ALA D 318 10.96 -24.97 -45.48
N ARG D 319 10.64 -25.81 -44.50
CA ARG D 319 10.14 -25.35 -43.18
C ARG D 319 11.15 -25.70 -42.07
N ILE D 320 11.64 -24.69 -41.35
CA ILE D 320 12.59 -24.86 -40.22
C ILE D 320 11.82 -24.91 -38.88
N ILE D 321 10.63 -24.31 -38.80
CA ILE D 321 9.84 -24.22 -37.54
C ILE D 321 8.35 -24.08 -37.90
N GLY D 322 7.47 -24.57 -37.02
CA GLY D 322 6.02 -24.40 -37.17
C GLY D 322 5.60 -22.95 -36.94
N ARG D 323 4.60 -22.49 -37.69
CA ARG D 323 4.02 -21.13 -37.62
C ARG D 323 3.67 -20.81 -36.16
N LYS D 324 3.06 -21.75 -35.46
CA LYS D 324 2.49 -21.56 -34.11
C LYS D 324 3.62 -21.56 -33.07
N THR D 325 4.60 -22.46 -33.23
CA THR D 325 5.80 -22.53 -32.37
C THR D 325 6.51 -21.17 -32.43
N LEU D 326 6.67 -20.60 -33.61
CA LEU D 326 7.38 -19.30 -33.80
C LEU D 326 6.57 -18.17 -33.13
N GLU D 327 5.25 -18.21 -33.24
CA GLU D 327 4.34 -17.19 -32.65
C GLU D 327 4.59 -17.17 -31.13
N PHE D 328 4.83 -18.35 -30.54
CA PHE D 328 5.09 -18.60 -29.11
C PHE D 328 6.46 -18.04 -28.70
N MET D 329 7.48 -18.19 -29.55
CA MET D 329 8.85 -17.67 -29.32
C MET D 329 8.85 -16.12 -29.35
N ARG D 330 7.93 -15.51 -30.08
CA ARG D 330 7.88 -14.04 -30.31
C ARG D 330 7.07 -13.32 -29.21
N MET D 331 6.38 -14.07 -28.37
CA MET D 331 5.63 -13.49 -27.22
C MET D 331 6.63 -13.01 -26.17
N ASN D 332 6.22 -12.04 -25.37
CA ASN D 332 6.93 -11.62 -24.14
C ASN D 332 6.82 -12.76 -23.13
N HIS D 333 7.95 -13.36 -22.73
CA HIS D 333 7.99 -14.46 -21.72
C HIS D 333 8.45 -13.92 -20.37
N LEU D 334 8.62 -12.61 -20.24
CA LEU D 334 8.92 -12.02 -18.91
C LEU D 334 7.62 -11.97 -18.11
N PRO D 335 7.72 -12.03 -16.76
CA PRO D 335 6.55 -12.09 -15.87
C PRO D 335 5.74 -10.80 -15.99
N ASP D 336 4.39 -10.92 -16.00
CA ASP D 336 3.43 -9.79 -15.90
C ASP D 336 3.64 -8.80 -17.05
N ASN D 337 4.03 -9.28 -18.23
CA ASN D 337 4.29 -8.44 -19.44
C ASN D 337 5.22 -7.26 -19.09
N LYS D 338 6.23 -7.48 -18.25
CA LYS D 338 7.26 -6.47 -17.92
C LYS D 338 8.25 -6.32 -19.08
N GLY D 339 8.87 -5.15 -19.20
CA GLY D 339 10.00 -4.91 -20.11
C GLY D 339 11.32 -5.27 -19.47
N LEU D 340 12.38 -5.36 -20.26
CA LEU D 340 13.75 -5.69 -19.77
C LEU D 340 14.15 -4.79 -18.61
N PRO D 341 13.98 -3.46 -18.66
CA PRO D 341 14.38 -2.59 -17.55
C PRO D 341 13.64 -2.85 -16.21
N ASP D 342 12.50 -3.53 -16.22
CA ASP D 342 11.79 -3.87 -14.96
C ASP D 342 12.40 -5.11 -14.31
N VAL D 343 13.25 -5.87 -15.01
CA VAL D 343 13.76 -7.17 -14.48
C VAL D 343 15.28 -7.28 -14.63
N ALA D 344 15.90 -6.50 -15.50
CA ALA D 344 17.32 -6.65 -15.84
C ALA D 344 18.19 -6.03 -14.75
N ILE D 345 19.14 -6.79 -14.22
CA ILE D 345 20.01 -6.36 -13.09
C ILE D 345 21.18 -5.49 -13.60
N GLY D 346 21.39 -5.40 -14.93
CA GLY D 346 22.62 -4.87 -15.55
C GLY D 346 22.35 -3.76 -16.56
N SER D 347 23.10 -3.79 -17.68
CA SER D 347 23.20 -2.71 -18.73
C SER D 347 21.95 -2.67 -19.64
N PHE D 348 21.22 -3.79 -19.76
CA PHE D 348 19.94 -3.88 -20.52
C PHE D 348 18.80 -3.22 -19.75
N SER D 349 19.14 -2.53 -18.66
CA SER D 349 18.27 -1.69 -17.78
C SER D 349 18.08 -0.29 -18.40
N GLU D 350 18.89 0.05 -19.39
CA GLU D 350 19.07 1.44 -19.87
C GLU D 350 17.97 1.76 -20.88
N THR D 351 17.85 3.05 -21.21
CA THR D 351 16.70 3.71 -21.86
C THR D 351 16.39 3.08 -23.22
N PRO D 352 17.37 2.67 -24.07
CA PRO D 352 17.03 2.01 -25.33
C PRO D 352 16.12 0.78 -25.23
N TYR D 353 16.10 0.06 -24.11
CA TYR D 353 15.34 -1.21 -23.95
C TYR D 353 14.00 -0.97 -23.22
N ASP D 354 13.64 0.29 -22.96
CA ASP D 354 12.30 0.66 -22.42
C ASP D 354 11.23 0.27 -23.44
N GLY D 355 10.15 -0.36 -22.95
CA GLY D 355 9.03 -0.82 -23.78
C GLY D 355 9.39 -2.02 -24.64
N THR D 356 10.45 -2.74 -24.30
CA THR D 356 10.92 -3.95 -25.02
C THR D 356 11.00 -5.11 -24.03
N GLY D 357 10.31 -6.20 -24.33
CA GLY D 357 10.33 -7.46 -23.55
C GLY D 357 11.26 -8.48 -24.19
N PHE D 358 11.09 -9.74 -23.86
CA PHE D 358 11.98 -10.82 -24.36
C PHE D 358 11.20 -12.13 -24.40
N GLY D 359 11.28 -12.84 -25.51
CA GLY D 359 10.69 -14.18 -25.70
C GLY D 359 11.77 -15.26 -25.68
N LEU D 360 11.60 -16.30 -26.49
CA LEU D 360 12.52 -17.45 -26.53
C LEU D 360 13.61 -17.17 -27.58
N GLY D 361 14.46 -16.18 -27.33
CA GLY D 361 15.65 -15.87 -28.15
C GLY D 361 15.51 -14.59 -28.95
N PHE D 362 14.40 -13.87 -28.80
CA PHE D 362 14.16 -12.56 -29.46
C PHE D 362 13.74 -11.52 -28.44
N SER D 363 14.17 -10.26 -28.65
CA SER D 363 13.51 -9.09 -28.02
C SER D 363 12.16 -8.88 -28.71
N VAL D 364 11.23 -8.24 -28.03
CA VAL D 364 9.83 -8.00 -28.50
C VAL D 364 9.43 -6.60 -28.08
N LYS D 365 9.05 -5.73 -29.01
CA LYS D 365 8.55 -4.39 -28.65
C LYS D 365 7.14 -4.51 -28.06
N LEU D 366 6.91 -3.89 -26.90
CA LEU D 366 5.61 -3.89 -26.16
C LEU D 366 4.91 -2.54 -26.34
N ASP D 367 5.66 -1.43 -26.27
CA ASP D 367 5.16 -0.03 -26.22
C ASP D 367 6.04 0.89 -27.07
N VAL D 368 5.52 1.35 -28.21
CA VAL D 368 6.30 2.12 -29.22
C VAL D 368 6.70 3.47 -28.62
N ALA D 369 5.74 4.26 -28.11
CA ALA D 369 6.01 5.59 -27.52
C ALA D 369 7.09 5.47 -26.45
N LYS D 370 6.99 4.47 -25.57
CA LYS D 370 7.87 4.33 -24.40
C LYS D 370 9.31 4.08 -24.85
N SER D 371 9.47 3.36 -25.96
CA SER D 371 10.79 3.01 -26.57
C SER D 371 11.46 4.24 -27.18
N GLN D 372 10.68 5.31 -27.45
CA GLN D 372 11.15 6.59 -28.05
C GLN D 372 11.72 6.36 -29.46
N THR D 373 11.43 5.20 -30.06
CA THR D 373 11.87 4.81 -31.43
C THR D 373 10.65 4.36 -32.23
N VAL D 374 10.43 4.95 -33.42
CA VAL D 374 9.40 4.54 -34.41
C VAL D 374 9.53 3.04 -34.71
N GLY D 375 8.39 2.38 -34.94
CA GLY D 375 8.29 0.92 -35.12
C GLY D 375 6.88 0.45 -34.81
N SER D 376 6.68 -0.87 -34.66
CA SER D 376 5.35 -1.49 -34.42
C SER D 376 5.43 -2.35 -33.16
N VAL D 377 4.32 -2.43 -32.40
CA VAL D 377 4.22 -3.46 -31.33
C VAL D 377 4.49 -4.81 -32.01
N GLY D 378 5.32 -5.64 -31.41
CA GLY D 378 5.62 -7.01 -31.87
C GLY D 378 6.94 -7.10 -32.62
N GLU D 379 7.52 -5.96 -33.02
CA GLU D 379 8.86 -5.95 -33.67
C GLU D 379 9.79 -6.85 -32.86
N TYR D 380 10.40 -7.85 -33.49
CA TYR D 380 11.32 -8.81 -32.84
C TYR D 380 12.65 -8.88 -33.59
N GLY D 381 13.70 -9.24 -32.86
CA GLY D 381 15.04 -9.41 -33.43
C GLY D 381 16.07 -9.52 -32.34
N TRP D 382 17.34 -9.35 -32.71
CA TRP D 382 18.46 -9.27 -31.74
C TRP D 382 19.66 -8.65 -32.46
N GLY D 383 20.80 -8.60 -31.78
CA GLY D 383 22.01 -7.91 -32.26
C GLY D 383 23.25 -8.67 -31.87
N GLY D 384 24.38 -8.32 -32.47
CA GLY D 384 25.70 -8.84 -32.11
C GLY D 384 26.60 -7.73 -31.61
N MET D 385 27.54 -8.07 -30.74
CA MET D 385 28.39 -7.09 -30.01
C MET D 385 29.33 -6.36 -30.99
N ALA D 386 29.44 -6.78 -32.25
CA ALA D 386 30.22 -6.04 -33.29
C ALA D 386 29.32 -5.11 -34.10
N SER D 387 28.12 -4.80 -33.59
CA SER D 387 27.18 -3.77 -34.12
C SER D 387 26.39 -4.31 -35.32
N THR D 388 26.33 -5.63 -35.48
CA THR D 388 25.37 -6.32 -36.37
C THR D 388 23.98 -6.24 -35.72
N ASN D 389 22.94 -6.10 -36.53
CA ASN D 389 21.55 -5.98 -36.04
C ASN D 389 20.58 -6.52 -37.10
N PHE D 390 19.46 -7.08 -36.66
CA PHE D 390 18.31 -7.40 -37.53
C PHE D 390 17.00 -7.24 -36.73
N PHE D 391 15.93 -6.88 -37.43
CA PHE D 391 14.55 -6.89 -36.88
C PHE D 391 13.57 -7.33 -37.96
N ILE D 392 12.43 -7.83 -37.48
CA ILE D 392 11.25 -8.25 -38.26
C ILE D 392 10.05 -7.55 -37.63
N ASP D 393 9.33 -6.74 -38.41
CA ASP D 393 8.08 -6.07 -37.98
C ASP D 393 6.93 -6.88 -38.55
N PRO D 394 6.22 -7.71 -37.75
CA PRO D 394 5.16 -8.56 -38.28
C PRO D 394 3.90 -7.78 -38.66
N GLU D 395 3.72 -6.57 -38.14
CA GLU D 395 2.56 -5.70 -38.44
C GLU D 395 2.72 -5.16 -39.88
N GLU D 396 3.93 -4.80 -40.29
CA GLU D 396 4.23 -4.17 -41.60
C GLU D 396 4.83 -5.18 -42.58
N ASP D 397 5.07 -6.42 -42.15
CA ASP D 397 5.75 -7.47 -42.96
C ASP D 397 7.07 -6.91 -43.52
N LEU D 398 7.84 -6.24 -42.68
CA LEU D 398 9.06 -5.48 -43.05
C LEU D 398 10.23 -6.09 -42.28
N LEU D 399 11.44 -6.12 -42.83
CA LEU D 399 12.62 -6.60 -42.06
C LEU D 399 13.89 -5.92 -42.55
N MET D 400 14.93 -5.95 -41.73
CA MET D 400 16.23 -5.28 -41.99
C MET D 400 17.33 -6.19 -41.46
N VAL D 401 18.42 -6.34 -42.23
CA VAL D 401 19.69 -6.96 -41.78
C VAL D 401 20.79 -5.90 -41.99
N PHE D 402 21.52 -5.58 -40.93
CA PHE D 402 22.62 -4.58 -40.93
C PHE D 402 23.89 -5.24 -40.42
N MET D 403 24.95 -5.13 -41.19
CA MET D 403 26.26 -5.78 -40.93
C MET D 403 27.34 -4.69 -40.91
N THR D 404 28.13 -4.67 -39.84
CA THR D 404 29.39 -3.88 -39.72
C THR D 404 30.23 -4.66 -38.73
N GLN D 405 31.49 -4.28 -38.51
CA GLN D 405 32.35 -4.95 -37.50
C GLN D 405 33.03 -3.86 -36.66
N LEU D 406 32.32 -3.41 -35.61
CA LEU D 406 32.77 -2.38 -34.63
C LEU D 406 32.30 -2.82 -33.23
N ILE D 407 33.22 -3.30 -32.40
CA ILE D 407 32.96 -3.69 -30.98
C ILE D 407 33.23 -2.49 -30.07
N PRO D 408 32.36 -2.16 -29.09
CA PRO D 408 31.06 -2.80 -28.89
C PRO D 408 29.85 -2.09 -29.52
N SER D 409 28.73 -2.82 -29.65
CA SER D 409 27.45 -2.36 -30.27
C SER D 409 26.82 -1.22 -29.45
N SER D 410 27.16 -1.09 -28.17
CA SER D 410 26.68 0.02 -27.29
C SER D 410 27.25 1.36 -27.75
N THR D 411 28.28 1.38 -28.61
CA THR D 411 29.00 2.62 -29.01
C THR D 411 28.05 3.62 -29.68
N TYR D 412 27.44 3.25 -30.79
CA TYR D 412 26.59 4.15 -31.63
C TYR D 412 25.16 3.60 -31.71
N ALA D 413 24.21 4.50 -31.91
CA ALA D 413 22.76 4.22 -32.02
C ALA D 413 22.36 4.12 -33.50
N VAL D 414 23.27 3.59 -34.33
CA VAL D 414 23.04 3.46 -35.80
C VAL D 414 21.78 2.63 -36.03
N ARG D 415 21.52 1.59 -35.24
CA ARG D 415 20.35 0.70 -35.45
C ARG D 415 19.03 1.47 -35.25
N GLN D 416 19.01 2.55 -34.45
CA GLN D 416 17.79 3.39 -34.23
C GLN D 416 17.63 4.38 -35.39
N GLU D 417 18.73 4.96 -35.88
CA GLU D 417 18.73 5.89 -37.04
C GLU D 417 18.18 5.13 -38.27
N LEU D 418 18.64 3.90 -38.49
CA LEU D 418 18.18 3.04 -39.63
C LEU D 418 16.67 2.80 -39.52
N ARG D 419 16.17 2.53 -38.31
CA ARG D 419 14.72 2.32 -38.04
C ARG D 419 13.94 3.58 -38.44
N ALA D 420 14.47 4.76 -38.14
CA ALA D 420 13.81 6.05 -38.45
C ALA D 420 13.66 6.21 -39.97
N ILE D 421 14.73 5.92 -40.72
CA ILE D 421 14.80 6.09 -42.20
C ILE D 421 13.88 5.06 -42.87
N ILE D 422 14.02 3.80 -42.46
CA ILE D 422 13.27 2.65 -43.03
C ILE D 422 11.77 2.83 -42.78
N ASN D 423 11.35 3.15 -41.56
CA ASN D 423 9.92 3.38 -41.22
C ASN D 423 9.44 4.64 -41.95
N GLY D 424 10.35 5.58 -42.20
CA GLY D 424 10.06 6.82 -42.95
C GLY D 424 9.72 6.56 -44.40
N ALA D 425 10.15 5.42 -44.96
CA ALA D 425 9.99 5.07 -46.38
C ALA D 425 8.65 4.37 -46.64
N LEU D 426 7.88 4.02 -45.62
CA LEU D 426 6.51 3.45 -45.82
C LEU D 426 5.58 4.54 -46.35
N VAL D 427 4.94 4.33 -47.50
CA VAL D 427 4.15 5.38 -48.23
C VAL D 427 2.80 4.84 -48.71
N ASP D 428 2.22 3.80 -48.10
CA ASP D 428 0.86 3.31 -48.45
C ASP D 428 -0.12 3.66 -47.33
N SER E 27 -11.97 -4.41 59.32
CA SER E 27 -11.00 -3.87 58.33
C SER E 27 -9.71 -4.72 58.35
N ASN E 28 -9.74 -5.90 57.73
CA ASN E 28 -8.53 -6.76 57.54
C ASN E 28 -7.89 -6.39 56.20
N ILE E 29 -6.78 -5.67 56.24
CA ILE E 29 -5.91 -5.35 55.07
C ILE E 29 -4.53 -5.97 55.32
N ILE E 30 -4.05 -6.81 54.40
CA ILE E 30 -2.68 -7.38 54.42
C ILE E 30 -2.03 -7.08 53.08
N ALA E 31 -0.83 -6.50 53.10
CA ALA E 31 -0.05 -6.17 51.89
C ALA E 31 -0.94 -5.43 50.88
N GLY E 32 -1.73 -4.47 51.34
CA GLY E 32 -2.55 -3.61 50.47
C GLY E 32 -3.74 -4.35 49.87
N MET E 33 -4.13 -5.50 50.41
CA MET E 33 -5.28 -6.29 49.92
C MET E 33 -6.36 -6.44 50.99
N ASP E 34 -7.62 -6.12 50.67
CA ASP E 34 -8.79 -6.23 51.56
C ASP E 34 -9.22 -7.70 51.58
N LEU E 35 -9.06 -8.38 52.71
CA LEU E 35 -9.35 -9.83 52.86
C LEU E 35 -10.87 -10.07 52.77
N ASN E 36 -11.69 -9.08 53.09
CA ASN E 36 -13.16 -9.18 52.98
C ASN E 36 -13.53 -9.23 51.50
N ARG E 37 -12.84 -8.44 50.67
CA ARG E 37 -13.04 -8.44 49.20
C ARG E 37 -12.55 -9.78 48.63
N LEU E 38 -11.47 -10.34 49.18
CA LEU E 38 -10.94 -11.65 48.69
C LEU E 38 -11.91 -12.78 49.06
N ASP E 39 -12.78 -12.62 50.04
CA ASP E 39 -13.76 -13.69 50.43
C ASP E 39 -14.77 -13.90 49.29
N ARG E 40 -14.88 -12.94 48.37
CA ARG E 40 -15.79 -13.05 47.19
C ARG E 40 -15.39 -14.23 46.30
N ILE E 41 -14.11 -14.63 46.34
CA ILE E 41 -13.59 -15.81 45.59
C ILE E 41 -14.43 -17.04 45.94
N ALA E 42 -14.48 -17.40 47.24
CA ALA E 42 -15.18 -18.60 47.73
C ALA E 42 -16.68 -18.48 47.46
N GLU E 43 -17.29 -17.30 47.69
CA GLU E 43 -18.72 -17.01 47.42
C GLU E 43 -18.98 -17.30 45.93
N HIS E 44 -18.11 -16.80 45.05
CA HIS E 44 -18.22 -16.93 43.58
C HIS E 44 -18.10 -18.39 43.15
N LEU E 45 -17.05 -19.10 43.60
CA LEU E 45 -16.83 -20.52 43.20
C LEU E 45 -17.98 -21.41 43.69
N ASP E 46 -18.56 -21.13 44.86
CA ASP E 46 -19.76 -21.85 45.39
C ASP E 46 -20.95 -21.59 44.47
N ARG E 47 -21.34 -20.31 44.31
CA ARG E 47 -22.58 -19.87 43.64
C ARG E 47 -22.57 -20.29 42.16
N ALA E 48 -21.43 -20.13 41.48
CA ALA E 48 -21.32 -20.21 40.00
C ALA E 48 -20.85 -21.60 39.52
N TYR E 49 -20.19 -22.40 40.36
CA TYR E 49 -19.54 -23.67 39.92
C TYR E 49 -19.86 -24.88 40.82
N LEU E 50 -19.68 -24.79 42.14
CA LEU E 50 -19.74 -25.98 43.05
C LEU E 50 -21.19 -26.37 43.33
N HIS E 51 -22.03 -25.46 43.81
CA HIS E 51 -23.47 -25.70 44.12
C HIS E 51 -24.20 -26.17 42.86
N PRO E 52 -24.04 -25.53 41.68
CA PRO E 52 -24.68 -26.00 40.45
C PRO E 52 -24.06 -27.26 39.80
N GLY E 53 -22.94 -27.77 40.33
CA GLY E 53 -22.34 -29.05 39.91
C GLY E 53 -21.58 -28.95 38.58
N LYS E 54 -20.86 -27.84 38.35
CA LYS E 54 -20.05 -27.62 37.12
C LYS E 54 -18.60 -28.04 37.36
N LEU E 55 -18.11 -27.87 38.59
CA LEU E 55 -16.80 -28.34 39.11
C LEU E 55 -16.99 -29.21 40.35
N ALA E 56 -16.14 -30.21 40.55
CA ALA E 56 -16.10 -31.09 41.74
C ALA E 56 -15.61 -30.29 42.95
N GLY E 57 -14.46 -29.63 42.80
CA GLY E 57 -13.77 -28.93 43.91
C GLY E 57 -12.60 -28.08 43.43
N THR E 58 -12.19 -27.14 44.28
CA THR E 58 -11.22 -26.06 43.98
C THR E 58 -10.26 -25.87 45.15
N MET E 59 -9.02 -25.48 44.84
CA MET E 59 -8.02 -25.00 45.81
C MET E 59 -7.48 -23.68 45.23
N THR E 60 -7.63 -22.58 45.95
CA THR E 60 -7.27 -21.21 45.46
C THR E 60 -6.29 -20.58 46.46
N LEU E 61 -5.14 -20.11 45.99
CA LEU E 61 -4.14 -19.37 46.80
C LEU E 61 -3.83 -18.02 46.12
N VAL E 62 -3.72 -16.96 46.90
CA VAL E 62 -3.31 -15.60 46.45
C VAL E 62 -2.23 -15.10 47.39
N ALA E 63 -1.17 -14.48 46.88
CA ALA E 63 -0.04 -13.91 47.65
C ALA E 63 0.30 -12.53 47.09
N ARG E 64 0.77 -11.64 47.93
CA ARG E 64 1.27 -10.31 47.50
C ARG E 64 2.45 -9.91 48.38
N ARG E 65 3.54 -9.46 47.76
CA ARG E 65 4.77 -8.98 48.46
C ARG E 65 5.26 -10.05 49.43
N GLY E 66 5.22 -11.33 49.03
CA GLY E 66 5.79 -12.44 49.81
C GLY E 66 4.78 -13.06 50.78
N GLU E 67 3.62 -12.42 51.00
CA GLU E 67 2.66 -12.83 52.05
C GLU E 67 1.44 -13.49 51.43
N VAL E 68 1.13 -14.71 51.87
CA VAL E 68 -0.10 -15.45 51.46
C VAL E 68 -1.30 -14.75 52.10
N VAL E 69 -2.22 -14.20 51.30
CA VAL E 69 -3.38 -13.40 51.79
C VAL E 69 -4.68 -14.18 51.59
N TYR E 70 -4.65 -15.31 50.88
CA TYR E 70 -5.85 -16.16 50.64
C TYR E 70 -5.41 -17.60 50.37
N CYS E 71 -6.11 -18.55 51.01
CA CYS E 71 -5.89 -20.01 50.84
C CYS E 71 -7.17 -20.73 51.25
N GLN E 72 -7.92 -21.30 50.29
CA GLN E 72 -9.25 -21.90 50.54
C GLN E 72 -9.44 -23.13 49.65
N ALA E 73 -9.63 -24.28 50.31
CA ALA E 73 -10.15 -25.52 49.70
C ALA E 73 -11.68 -25.45 49.73
N GLN E 74 -12.34 -25.94 48.67
CA GLN E 74 -13.82 -26.03 48.58
C GLN E 74 -14.20 -27.32 47.86
N GLY E 75 -15.36 -27.88 48.19
CA GLY E 75 -15.94 -29.06 47.54
C GLY E 75 -15.06 -30.30 47.65
N LEU E 76 -15.12 -31.18 46.65
CA LEU E 76 -14.63 -32.57 46.72
C LEU E 76 -13.50 -32.80 45.71
N ARG E 77 -12.47 -33.54 46.10
CA ARG E 77 -11.36 -34.01 45.22
C ARG E 77 -11.77 -35.33 44.53
N ASP E 78 -12.69 -36.08 45.16
CA ASP E 78 -13.22 -37.39 44.67
C ASP E 78 -14.70 -37.47 45.04
N VAL E 79 -15.59 -37.31 44.04
CA VAL E 79 -17.06 -37.23 44.24
C VAL E 79 -17.58 -38.63 44.59
N GLU E 80 -17.11 -39.65 43.87
CA GLU E 80 -17.49 -41.09 44.03
C GLU E 80 -17.26 -41.52 45.49
N ARG E 81 -16.15 -41.07 46.12
CA ARG E 81 -15.74 -41.46 47.49
C ARG E 81 -16.02 -40.35 48.52
N GLN E 82 -16.69 -39.27 48.12
CA GLN E 82 -17.11 -38.16 49.02
C GLN E 82 -15.91 -37.66 49.84
N LEU E 83 -14.71 -37.56 49.23
CA LEU E 83 -13.47 -37.04 49.88
C LEU E 83 -13.30 -35.55 49.56
N PRO E 84 -13.10 -34.67 50.58
CA PRO E 84 -13.04 -33.23 50.33
C PRO E 84 -11.67 -32.81 49.76
N VAL E 85 -11.61 -31.61 49.19
CA VAL E 85 -10.32 -30.97 48.81
C VAL E 85 -9.67 -30.46 50.10
N GLU E 86 -8.37 -30.72 50.27
CA GLU E 86 -7.56 -30.18 51.39
C GLU E 86 -6.37 -29.43 50.80
N ARG E 87 -5.74 -28.55 51.58
CA ARG E 87 -4.50 -27.79 51.24
C ARG E 87 -3.46 -28.72 50.58
N ASP E 88 -3.41 -29.99 51.00
CA ASP E 88 -2.36 -30.96 50.60
C ASP E 88 -2.86 -31.86 49.45
N THR E 89 -4.02 -31.56 48.85
CA THR E 89 -4.57 -32.39 47.74
C THR E 89 -3.63 -32.29 46.54
N LEU E 90 -3.38 -33.44 45.89
CA LEU E 90 -2.50 -33.54 44.70
C LEU E 90 -3.35 -33.42 43.43
N PHE E 91 -2.88 -32.63 42.47
CA PHE E 91 -3.61 -32.28 41.22
C PHE E 91 -2.70 -32.57 40.02
N ARG E 92 -3.29 -33.08 38.93
CA ARG E 92 -2.66 -33.09 37.59
C ARG E 92 -2.59 -31.63 37.14
N ILE E 93 -1.39 -31.04 37.11
CA ILE E 93 -1.22 -29.60 36.75
C ILE E 93 -0.97 -29.51 35.24
N TYR E 94 -0.72 -30.66 34.62
CA TYR E 94 -0.53 -30.80 33.16
C TYR E 94 0.44 -29.75 32.61
N SER E 95 -0.07 -28.94 31.67
CA SER E 95 0.75 -27.99 30.87
C SER E 95 1.39 -26.88 31.73
N MET E 96 1.02 -26.82 33.01
CA MET E 96 1.72 -25.97 33.99
C MET E 96 3.08 -26.60 34.32
N THR E 97 3.36 -27.77 33.78
CA THR E 97 4.72 -28.36 33.79
C THR E 97 5.66 -27.49 32.97
N LYS E 98 5.17 -26.81 31.93
CA LYS E 98 6.03 -26.22 30.86
C LYS E 98 6.93 -25.12 31.42
N PRO E 99 6.43 -24.20 32.27
CA PRO E 99 7.31 -23.21 32.92
C PRO E 99 8.47 -23.86 33.70
N ILE E 100 8.23 -24.98 34.37
CA ILE E 100 9.27 -25.73 35.14
C ILE E 100 10.32 -26.26 34.15
N THR E 101 9.89 -26.91 33.07
CA THR E 101 10.80 -27.41 32.01
C THR E 101 11.59 -26.25 31.41
N SER E 102 10.95 -25.10 31.21
CA SER E 102 11.59 -23.90 30.59
C SER E 102 12.69 -23.39 31.51
N ILE E 103 12.40 -23.26 32.81
CA ILE E 103 13.40 -22.88 33.85
C ILE E 103 14.57 -23.87 33.82
N ALA E 104 14.27 -25.16 33.78
CA ALA E 104 15.31 -26.21 33.75
C ALA E 104 16.25 -25.96 32.57
N LEU E 105 15.74 -25.74 31.38
CA LEU E 105 16.61 -25.57 30.18
C LEU E 105 17.36 -24.24 30.29
N MET E 106 16.74 -23.20 30.84
CA MET E 106 17.40 -21.87 30.95
C MET E 106 18.47 -21.89 32.03
N GLN E 107 18.40 -22.79 33.03
CA GLN E 107 19.53 -23.02 33.99
C GLN E 107 20.78 -23.41 33.21
N LEU E 108 20.64 -24.23 32.16
CA LEU E 108 21.77 -24.70 31.32
C LEU E 108 22.21 -23.59 30.36
N TYR E 109 21.31 -22.68 29.98
CA TYR E 109 21.67 -21.49 29.15
C TYR E 109 22.68 -20.62 29.91
N GLU E 110 22.41 -20.43 31.21
CA GLU E 110 23.23 -19.66 32.19
C GLU E 110 24.61 -20.29 32.41
N GLN E 111 24.77 -21.59 32.11
CA GLN E 111 26.06 -22.32 32.24
C GLN E 111 26.81 -22.33 30.89
N GLY E 112 26.24 -21.73 29.85
CA GLY E 112 26.87 -21.55 28.52
C GLY E 112 26.67 -22.75 27.61
N ARG E 113 25.75 -23.66 27.93
CA ARG E 113 25.69 -25.02 27.31
C ARG E 113 25.06 -24.96 25.91
N PHE E 114 24.31 -23.89 25.59
CA PHE E 114 23.70 -23.63 24.27
C PHE E 114 23.32 -22.15 24.14
N LEU E 115 22.96 -21.74 22.92
CA LEU E 115 22.45 -20.40 22.57
C LEU E 115 21.09 -20.52 21.89
N LEU E 116 20.21 -19.54 22.05
CA LEU E 116 18.81 -19.65 21.56
C LEU E 116 18.73 -19.68 20.04
N ASP E 117 19.65 -19.06 19.33
CA ASP E 117 19.62 -18.97 17.85
C ASP E 117 20.39 -20.14 17.22
N GLU E 118 20.84 -21.10 18.03
CA GLU E 118 21.46 -22.35 17.52
C GLU E 118 20.39 -23.25 16.93
N PRO E 119 20.67 -23.92 15.79
CA PRO E 119 19.75 -24.93 15.26
C PRO E 119 19.60 -26.14 16.19
N VAL E 120 18.38 -26.66 16.35
CA VAL E 120 18.07 -27.87 17.16
C VAL E 120 18.91 -29.05 16.65
N HIS E 121 19.16 -29.13 15.34
CA HIS E 121 19.84 -30.29 14.70
C HIS E 121 21.32 -30.34 15.10
N LYS E 122 21.84 -29.28 15.71
CA LYS E 122 23.19 -29.29 16.33
C LYS E 122 23.23 -30.28 17.50
N TYR E 123 22.11 -30.45 18.24
CA TYR E 123 21.98 -31.33 19.43
C TYR E 123 21.20 -32.59 19.06
N ILE E 124 20.35 -32.53 18.03
CA ILE E 124 19.53 -33.67 17.53
C ILE E 124 19.81 -33.85 16.03
N PRO E 125 20.96 -34.43 15.63
CA PRO E 125 21.39 -34.40 14.23
C PRO E 125 20.44 -35.07 13.23
N THR E 126 19.64 -36.05 13.67
CA THR E 126 18.62 -36.75 12.84
C THR E 126 17.56 -35.74 12.35
N TRP E 127 17.41 -34.59 13.00
CA TRP E 127 16.42 -33.54 12.66
C TRP E 127 16.95 -32.58 11.59
N LYS E 128 18.14 -32.80 11.03
CA LYS E 128 18.75 -31.80 10.09
C LYS E 128 17.84 -31.60 8.86
N ASN E 129 17.16 -32.64 8.37
CA ASN E 129 16.43 -32.57 7.06
C ASN E 129 14.92 -32.49 7.26
N LEU E 130 14.45 -32.00 8.41
CA LEU E 130 12.99 -31.75 8.63
C LEU E 130 12.48 -30.86 7.50
N ARG E 131 11.26 -31.12 7.04
CA ARG E 131 10.62 -30.39 5.92
C ARG E 131 9.20 -29.97 6.32
N VAL E 132 8.57 -29.07 5.56
CA VAL E 132 7.25 -28.46 5.85
C VAL E 132 6.17 -29.24 5.09
N TYR E 133 5.07 -29.59 5.75
CA TYR E 133 3.90 -30.26 5.15
C TYR E 133 3.43 -29.48 3.93
N LYS E 134 3.18 -30.18 2.82
CA LYS E 134 2.51 -29.63 1.60
C LYS E 134 1.15 -30.30 1.41
N THR E 135 1.11 -31.62 1.25
CA THR E 135 -0.16 -32.38 1.03
C THR E 135 0.06 -33.88 1.29
N GLY E 136 -1.02 -34.64 1.41
CA GLY E 136 -0.97 -36.11 1.58
C GLY E 136 -1.32 -36.54 2.99
N SER E 137 -1.66 -37.82 3.15
CA SER E 137 -1.98 -38.48 4.45
C SER E 137 -0.78 -39.30 4.89
N HIS E 138 -0.56 -39.44 6.20
CA HIS E 138 0.47 -40.33 6.76
C HIS E 138 0.16 -41.75 6.26
N PRO E 139 1.15 -42.53 5.75
CA PRO E 139 2.55 -42.13 5.67
C PRO E 139 3.11 -41.70 4.30
N GLN E 140 2.33 -41.00 3.49
CA GLN E 140 2.78 -40.54 2.15
C GLN E 140 2.60 -39.02 2.05
N MET E 141 3.16 -38.31 3.03
CA MET E 141 3.09 -36.83 3.13
C MET E 141 4.20 -36.23 2.27
N LEU E 142 3.83 -35.34 1.34
CA LEU E 142 4.78 -34.58 0.47
C LEU E 142 5.11 -33.26 1.20
N THR E 143 6.33 -32.74 1.01
CA THR E 143 6.88 -31.64 1.85
C THR E 143 7.64 -30.65 0.96
N THR E 144 7.83 -29.41 1.44
CA THR E 144 8.71 -28.38 0.84
C THR E 144 9.86 -28.09 1.81
N ALA E 145 10.95 -27.51 1.30
CA ALA E 145 12.12 -27.06 2.10
C ALA E 145 11.68 -25.91 3.00
N PRO E 146 12.15 -25.86 4.27
CA PRO E 146 11.94 -24.70 5.12
C PRO E 146 12.92 -23.57 4.74
N GLN E 147 12.57 -22.31 4.99
CA GLN E 147 13.46 -21.15 4.72
C GLN E 147 14.71 -21.22 5.62
N ARG E 148 14.57 -21.73 6.84
CA ARG E 148 15.71 -21.90 7.77
C ARG E 148 15.42 -23.07 8.71
N PRO E 149 16.48 -23.69 9.27
CA PRO E 149 16.29 -24.75 10.25
C PRO E 149 15.69 -24.21 11.58
N MET E 150 14.92 -25.07 12.23
CA MET E 150 14.37 -24.92 13.60
C MET E 150 15.49 -24.55 14.58
N THR E 151 15.24 -23.58 15.48
CA THR E 151 16.16 -23.16 16.58
C THR E 151 15.59 -23.53 17.95
N ILE E 152 16.42 -23.44 18.98
CA ILE E 152 15.98 -23.73 20.38
C ILE E 152 14.98 -22.64 20.79
N ARG E 153 15.21 -21.39 20.37
CA ARG E 153 14.22 -20.33 20.66
C ARG E 153 12.85 -20.71 20.10
N ASP E 154 12.81 -21.29 18.89
CA ASP E 154 11.55 -21.80 18.26
C ASP E 154 10.90 -22.83 19.18
N LEU E 155 11.65 -23.75 19.80
CA LEU E 155 11.08 -24.77 20.72
C LEU E 155 10.46 -24.09 21.94
N LEU E 156 11.20 -23.18 22.59
CA LEU E 156 10.78 -22.54 23.86
C LEU E 156 9.57 -21.61 23.64
N THR E 157 9.31 -21.18 22.39
CA THR E 157 8.24 -20.21 22.06
C THR E 157 7.12 -20.84 21.21
N HIS E 158 7.19 -22.13 20.90
CA HIS E 158 6.18 -22.86 20.10
C HIS E 158 6.06 -22.22 18.71
N GLN E 159 7.19 -21.83 18.13
CA GLN E 159 7.32 -21.36 16.72
C GLN E 159 8.08 -22.42 15.89
N SER E 160 8.30 -23.62 16.45
CA SER E 160 9.02 -24.79 15.86
C SER E 160 8.36 -25.21 14.54
N GLY E 161 7.02 -25.20 14.50
CA GLY E 161 6.23 -25.87 13.45
C GLY E 161 5.79 -27.25 13.89
N LEU E 162 6.25 -27.71 15.04
CA LEU E 162 5.72 -28.93 15.69
C LEU E 162 4.26 -28.65 16.08
N THR E 163 3.51 -29.70 16.42
CA THR E 163 2.10 -29.60 16.86
C THR E 163 1.84 -30.60 18.00
N TYR E 164 0.57 -30.89 18.27
CA TYR E 164 0.07 -31.84 19.28
C TYR E 164 -1.00 -32.70 18.63
N GLY E 165 -1.04 -33.99 18.93
CA GLY E 165 -2.12 -34.89 18.49
C GLY E 165 -3.51 -34.31 18.75
N PHE E 166 -3.76 -33.74 19.93
CA PHE E 166 -5.14 -33.38 20.36
C PHE E 166 -5.63 -32.14 19.60
N MET E 167 -4.78 -31.46 18.81
CA MET E 167 -5.21 -30.24 18.04
C MET E 167 -6.38 -30.59 17.13
N ASN E 168 -6.37 -31.76 16.49
CA ASN E 168 -7.45 -32.30 15.63
C ASN E 168 -7.80 -31.27 14.54
N ARG E 169 -6.81 -30.73 13.82
CA ARG E 169 -7.05 -29.72 12.77
C ARG E 169 -6.45 -30.14 11.43
N THR E 170 -5.31 -30.84 11.41
CA THR E 170 -4.51 -31.10 10.19
C THR E 170 -4.11 -32.58 10.07
N ASN E 171 -3.72 -32.97 8.85
CA ASN E 171 -3.18 -34.31 8.55
C ASN E 171 -1.94 -34.58 9.39
N VAL E 172 -1.18 -33.55 9.77
CA VAL E 172 0.07 -33.74 10.60
C VAL E 172 -0.31 -34.17 12.01
N ASP E 173 -1.26 -33.48 12.66
CA ASP E 173 -1.70 -33.90 14.01
C ASP E 173 -2.44 -35.25 13.93
N ALA E 174 -2.98 -35.65 12.77
CA ALA E 174 -3.59 -36.98 12.59
C ALA E 174 -2.49 -38.06 12.69
N ALA E 175 -1.32 -37.78 12.11
CA ALA E 175 -0.12 -38.65 12.18
C ALA E 175 0.38 -38.74 13.61
N TYR E 176 0.43 -37.63 14.35
CA TYR E 176 0.80 -37.63 15.79
C TYR E 176 -0.15 -38.60 16.51
N ARG E 177 -1.45 -38.55 16.22
CA ARG E 177 -2.46 -39.38 16.93
C ARG E 177 -2.26 -40.87 16.60
N SER E 178 -2.07 -41.24 15.33
CA SER E 178 -1.93 -42.68 14.95
C SER E 178 -0.63 -43.24 15.55
N LEU E 179 0.39 -42.39 15.80
CA LEU E 179 1.67 -42.77 16.46
C LEU E 179 1.65 -42.50 17.97
N LYS E 180 0.55 -41.96 18.52
CA LYS E 180 0.36 -41.66 19.96
C LYS E 180 1.56 -40.88 20.53
N LEU E 181 1.95 -39.78 19.87
CA LEU E 181 3.09 -38.92 20.30
C LEU E 181 2.70 -37.99 21.47
N ASP E 182 1.41 -37.90 21.80
CA ASP E 182 0.91 -37.17 23.00
C ASP E 182 1.13 -38.01 24.27
N GLY E 183 1.38 -39.31 24.11
CA GLY E 183 1.48 -40.30 25.19
C GLY E 183 0.72 -41.57 24.85
N GLY E 184 1.02 -42.68 25.51
CA GLY E 184 0.38 -43.99 25.24
C GLY E 184 1.31 -45.14 25.58
N PRO E 185 0.86 -46.40 25.47
CA PRO E 185 1.66 -47.56 25.89
C PRO E 185 3.04 -47.62 25.20
N GLY E 186 4.11 -47.69 26.02
CA GLY E 186 5.51 -47.84 25.60
C GLY E 186 6.13 -46.55 25.09
N HIS E 187 5.45 -45.42 25.26
CA HIS E 187 5.96 -44.09 24.81
C HIS E 187 7.09 -43.65 25.75
N THR E 188 8.16 -43.12 25.17
CA THR E 188 9.35 -42.55 25.84
C THR E 188 9.77 -41.28 25.08
N LEU E 189 10.56 -40.41 25.71
CA LEU E 189 11.14 -39.23 25.02
C LEU E 189 11.97 -39.69 23.82
N ASP E 190 12.64 -40.84 23.93
CA ASP E 190 13.55 -41.35 22.85
C ASP E 190 12.70 -41.65 21.61
N ARG E 191 11.49 -42.17 21.81
CA ARG E 191 10.54 -42.52 20.72
C ARG E 191 10.00 -41.25 20.06
N LEU E 192 9.64 -40.24 20.85
CA LEU E 192 9.17 -38.92 20.35
C LEU E 192 10.21 -38.33 19.39
N ILE E 193 11.46 -38.19 19.83
CA ILE E 193 12.55 -37.59 19.01
C ILE E 193 12.74 -38.43 17.73
N ASP E 194 12.70 -39.75 17.83
CA ASP E 194 12.90 -40.66 16.68
C ASP E 194 11.71 -40.52 15.70
N GLU E 195 10.47 -40.57 16.17
CA GLU E 195 9.27 -40.43 15.29
C GLU E 195 9.22 -39.03 14.65
N LEU E 196 9.53 -37.95 15.39
CA LEU E 196 9.42 -36.57 14.87
C LEU E 196 10.42 -36.33 13.74
N ALA E 197 11.50 -37.10 13.67
CA ALA E 197 12.56 -36.98 12.63
C ALA E 197 12.01 -37.37 11.25
N ARG E 198 10.90 -38.11 11.21
CA ARG E 198 10.31 -38.63 9.95
C ARG E 198 8.96 -37.98 9.68
N LEU E 199 8.61 -36.91 10.38
CA LEU E 199 7.33 -36.19 10.21
C LEU E 199 7.59 -34.78 9.72
N PRO E 200 6.65 -34.20 8.95
CA PRO E 200 6.77 -32.79 8.56
C PRO E 200 6.25 -31.81 9.63
N LEU E 201 6.61 -30.54 9.45
CA LEU E 201 6.20 -29.39 10.28
C LEU E 201 4.96 -28.72 9.66
N GLU E 202 4.13 -28.08 10.46
CA GLU E 202 2.93 -27.34 9.95
C GLU E 202 3.39 -26.13 9.14
N PHE E 203 4.59 -25.60 9.38
CA PHE E 203 5.06 -24.38 8.69
C PHE E 203 6.57 -24.21 8.90
N SER E 204 7.19 -23.36 8.09
CA SER E 204 8.63 -23.06 8.15
C SER E 204 8.91 -22.44 9.52
N PRO E 205 9.88 -22.98 10.29
CA PRO E 205 10.16 -22.49 11.65
C PRO E 205 10.29 -20.97 11.75
N GLY E 206 9.57 -20.37 12.71
CA GLY E 206 9.64 -18.93 13.05
C GLY E 206 8.50 -18.14 12.43
N THR E 207 7.81 -18.68 11.43
CA THR E 207 6.88 -17.91 10.55
C THR E 207 5.45 -17.94 11.12
N ALA E 208 5.21 -18.71 12.17
CA ALA E 208 3.90 -18.78 12.85
C ALA E 208 4.09 -19.34 14.28
N TRP E 209 2.99 -19.46 15.02
CA TRP E 209 2.95 -20.05 16.38
C TRP E 209 1.88 -21.15 16.39
N ASN E 210 2.21 -22.30 16.97
CA ASN E 210 1.30 -23.44 17.14
C ASN E 210 1.76 -24.22 18.37
N TYR E 211 0.89 -24.32 19.38
CA TYR E 211 1.13 -25.04 20.66
C TYR E 211 1.48 -26.50 20.33
N SER E 212 2.51 -27.07 20.97
CA SER E 212 3.24 -28.26 20.49
C SER E 212 3.86 -29.09 21.60
N VAL E 213 4.33 -30.29 21.22
CA VAL E 213 5.23 -31.20 21.98
C VAL E 213 6.61 -30.56 22.11
N ALA E 214 6.84 -29.33 21.64
CA ALA E 214 8.16 -28.67 21.69
C ALA E 214 8.72 -28.68 23.11
N THR E 215 7.86 -28.55 24.14
CA THR E 215 8.35 -28.47 25.54
C THR E 215 8.76 -29.88 26.00
N ASP E 216 8.11 -30.92 25.48
CA ASP E 216 8.54 -32.33 25.69
C ASP E 216 9.95 -32.52 25.09
N VAL E 217 10.22 -31.91 23.94
CA VAL E 217 11.56 -31.90 23.27
C VAL E 217 12.55 -31.11 24.13
N CYS E 218 12.13 -29.99 24.72
CA CYS E 218 12.96 -29.20 25.67
C CYS E 218 13.40 -30.10 26.82
N GLY E 219 12.48 -30.88 27.38
CA GLY E 219 12.78 -31.88 28.42
C GLY E 219 13.84 -32.86 27.96
N TYR E 220 13.74 -33.32 26.72
CA TYR E 220 14.74 -34.25 26.13
C TYR E 220 16.10 -33.55 26.08
N LEU E 221 16.15 -32.24 25.83
CA LEU E 221 17.42 -31.47 25.73
C LEU E 221 18.01 -31.25 27.13
N VAL E 222 17.18 -31.07 28.16
CA VAL E 222 17.64 -31.04 29.57
C VAL E 222 18.43 -32.32 29.84
N GLN E 223 17.87 -33.47 29.46
CA GLN E 223 18.52 -34.80 29.60
C GLN E 223 19.84 -34.83 28.81
N LEU E 224 19.79 -34.51 27.52
CA LEU E 224 20.98 -34.58 26.64
C LEU E 224 22.12 -33.77 27.28
N LEU E 225 21.84 -32.57 27.76
CA LEU E 225 22.89 -31.59 28.16
C LEU E 225 23.36 -31.85 29.60
N SER E 226 22.47 -32.27 30.50
CA SER E 226 22.76 -32.44 31.95
C SER E 226 23.36 -33.82 32.25
N GLY E 227 23.09 -34.82 31.40
CA GLY E 227 23.42 -36.23 31.65
C GLY E 227 22.41 -36.93 32.56
N MET E 228 21.38 -36.25 33.05
CA MET E 228 20.41 -36.80 34.04
C MET E 228 19.06 -37.01 33.37
N SER E 229 18.25 -37.96 33.86
CA SER E 229 16.83 -38.11 33.44
C SER E 229 16.04 -36.94 34.07
N LEU E 230 14.94 -36.55 33.44
CA LEU E 230 14.26 -35.25 33.72
C LEU E 230 13.74 -35.21 35.16
N ASP E 231 13.26 -36.34 35.71
CA ASP E 231 12.71 -36.40 37.09
C ASP E 231 13.83 -36.08 38.10
N ASP E 232 15.04 -36.59 37.85
CA ASP E 232 16.25 -36.35 38.70
C ASP E 232 16.70 -34.89 38.52
N TYR E 233 16.77 -34.33 37.30
CA TYR E 233 17.17 -32.91 37.09
C TYR E 233 16.20 -32.02 37.88
N PHE E 234 14.89 -32.22 37.72
CA PHE E 234 13.87 -31.38 38.39
C PHE E 234 14.05 -31.45 39.92
N SER E 235 14.23 -32.66 40.45
CA SER E 235 14.35 -32.92 41.91
C SER E 235 15.58 -32.19 42.45
N LYS E 236 16.72 -32.38 41.81
CA LYS E 236 18.01 -31.84 42.28
C LYS E 236 18.04 -30.32 42.15
N HIS E 237 17.67 -29.77 40.98
CA HIS E 237 17.92 -28.35 40.62
C HIS E 237 16.69 -27.46 40.84
N ILE E 238 15.50 -28.01 41.15
CA ILE E 238 14.28 -27.17 41.37
C ILE E 238 13.55 -27.60 42.65
N PHE E 239 13.09 -28.85 42.76
CA PHE E 239 12.14 -29.27 43.83
C PHE E 239 12.83 -29.30 45.20
N GLN E 240 14.02 -29.90 45.32
CA GLN E 240 14.75 -29.97 46.63
C GLN E 240 15.09 -28.56 47.09
N PRO E 241 15.78 -27.73 46.27
CA PRO E 241 16.10 -26.34 46.67
C PRO E 241 14.90 -25.48 47.11
N LEU E 242 13.73 -25.64 46.50
CA LEU E 242 12.55 -24.77 46.78
C LEU E 242 11.67 -25.39 47.88
N GLY E 243 11.94 -26.63 48.30
CA GLY E 243 11.12 -27.31 49.32
C GLY E 243 9.77 -27.69 48.76
N MET E 244 9.78 -28.44 47.65
CA MET E 244 8.59 -28.96 46.93
C MET E 244 8.64 -30.49 46.98
N PRO E 245 8.26 -31.09 48.13
CA PRO E 245 8.34 -32.55 48.29
C PRO E 245 7.17 -33.32 47.66
N ASP E 246 6.15 -32.62 47.16
CA ASP E 246 4.87 -33.21 46.68
C ASP E 246 4.66 -32.91 45.19
N THR E 247 5.74 -32.95 44.39
CA THR E 247 5.73 -32.68 42.93
C THR E 247 6.56 -33.78 42.26
N PHE E 248 5.95 -34.51 41.31
CA PHE E 248 6.56 -35.72 40.69
C PHE E 248 5.78 -36.14 39.44
N PHE E 249 6.46 -36.89 38.57
CA PHE E 249 5.87 -37.49 37.35
C PHE E 249 5.02 -38.72 37.71
N THR E 250 5.40 -39.44 38.77
CA THR E 250 4.68 -40.61 39.32
C THR E 250 4.25 -40.31 40.75
N VAL E 251 2.97 -40.50 41.09
CA VAL E 251 2.47 -40.34 42.48
C VAL E 251 2.91 -41.57 43.27
N PRO E 252 3.74 -41.42 44.33
CA PRO E 252 4.17 -42.58 45.13
C PRO E 252 2.95 -43.21 45.81
N ALA E 253 2.97 -44.55 45.97
CA ALA E 253 1.91 -45.36 46.60
C ALA E 253 1.44 -44.73 47.92
N GLU E 254 2.37 -44.26 48.76
CA GLU E 254 2.03 -43.74 50.12
C GLU E 254 1.34 -42.36 50.05
N LYS E 255 1.24 -41.69 48.87
CA LYS E 255 0.58 -40.36 48.76
C LYS E 255 -0.71 -40.44 47.92
N LEU E 256 -1.01 -41.61 47.35
CA LEU E 256 -2.14 -41.83 46.41
C LEU E 256 -3.49 -41.51 47.07
N SER E 257 -3.60 -41.57 48.39
CA SER E 257 -4.85 -41.22 49.11
C SER E 257 -5.17 -39.73 48.89
N ARG E 258 -4.15 -38.90 48.68
CA ARG E 258 -4.29 -37.41 48.58
C ARG E 258 -4.62 -36.98 47.14
N PHE E 259 -4.49 -37.90 46.16
CA PHE E 259 -4.60 -37.61 44.71
C PHE E 259 -6.07 -37.43 44.31
N ALA E 260 -6.39 -36.27 43.73
CA ALA E 260 -7.75 -35.91 43.27
C ALA E 260 -8.13 -36.75 42.06
N ALA E 261 -9.42 -36.94 41.84
CA ALA E 261 -9.99 -37.47 40.59
C ALA E 261 -9.97 -36.35 39.55
N CYS E 262 -9.89 -36.73 38.27
CA CYS E 262 -10.04 -35.82 37.11
C CYS E 262 -11.41 -36.02 36.46
N TYR E 263 -12.10 -34.92 36.16
CA TYR E 263 -13.45 -34.90 35.53
C TYR E 263 -13.34 -34.23 34.17
N GLU E 264 -14.25 -34.58 33.25
CA GLU E 264 -14.39 -33.94 31.92
C GLU E 264 -15.80 -33.37 31.79
N TYR E 265 -15.96 -32.34 30.95
CA TYR E 265 -17.23 -31.62 30.72
C TYR E 265 -18.27 -32.57 30.12
N GLN E 266 -19.52 -32.47 30.57
CA GLN E 266 -20.72 -33.11 29.93
C GLN E 266 -21.76 -32.02 29.66
N PRO E 267 -22.54 -32.13 28.55
CA PRO E 267 -23.58 -31.15 28.26
C PRO E 267 -24.54 -30.93 29.44
N GLY E 268 -25.08 -29.71 29.55
CA GLY E 268 -25.91 -29.26 30.69
C GLY E 268 -25.06 -28.65 31.80
N ASP E 269 -23.81 -28.26 31.50
CA ASP E 269 -22.85 -27.68 32.47
C ASP E 269 -22.70 -28.68 33.64
N SER E 270 -22.35 -29.91 33.28
CA SER E 270 -22.15 -31.05 34.20
C SER E 270 -20.74 -31.62 33.97
N PHE E 271 -20.42 -32.74 34.60
CA PHE E 271 -19.11 -33.42 34.47
C PHE E 271 -19.25 -34.91 34.77
N SER E 272 -18.32 -35.73 34.26
CA SER E 272 -18.26 -37.19 34.44
C SER E 272 -16.82 -37.60 34.77
N LEU E 273 -16.64 -38.71 35.51
CA LEU E 273 -15.31 -39.26 35.88
C LEU E 273 -14.49 -39.48 34.60
N GLN E 274 -13.26 -38.94 34.56
CA GLN E 274 -12.31 -39.10 33.42
C GLN E 274 -11.09 -39.92 33.84
N ASP E 275 -10.66 -39.83 35.10
CA ASP E 275 -9.49 -40.57 35.64
C ASP E 275 -9.73 -40.83 37.14
N ASP E 276 -9.89 -42.10 37.53
CA ASP E 276 -9.92 -42.57 38.94
C ASP E 276 -8.50 -42.48 39.48
N PRO E 277 -8.27 -41.83 40.65
CA PRO E 277 -6.93 -41.75 41.25
C PRO E 277 -6.33 -43.14 41.54
N GLN E 278 -7.16 -44.06 42.03
CA GLN E 278 -6.76 -45.48 42.23
C GLN E 278 -6.86 -46.16 40.85
N GLY E 279 -5.74 -46.68 40.33
CA GLY E 279 -5.67 -47.21 38.96
C GLY E 279 -5.57 -46.09 37.93
N SER E 280 -4.78 -45.07 38.23
CA SER E 280 -4.41 -43.98 37.28
C SER E 280 -3.03 -44.31 36.70
N ALA E 281 -2.78 -43.96 35.44
CA ALA E 281 -1.45 -44.06 34.80
C ALA E 281 -0.44 -43.13 35.52
N PHE E 282 -0.91 -42.09 36.21
CA PHE E 282 -0.05 -41.17 37.01
C PHE E 282 0.51 -41.89 38.24
N ALA E 283 -0.01 -43.08 38.59
CA ALA E 283 0.44 -43.91 39.73
C ALA E 283 1.49 -44.93 39.29
N LYS E 284 1.73 -45.06 37.99
CA LYS E 284 2.68 -46.03 37.38
C LYS E 284 3.93 -45.28 36.90
N ALA E 285 5.09 -45.93 36.96
CA ALA E 285 6.34 -45.46 36.33
C ALA E 285 6.43 -46.12 34.94
N HIS E 286 5.51 -45.74 34.04
CA HIS E 286 5.67 -45.93 32.57
C HIS E 286 6.90 -45.11 32.17
N GLY E 287 7.44 -45.25 30.97
CA GLY E 287 8.78 -44.68 30.69
C GLY E 287 8.77 -43.23 30.18
N TYR E 288 7.63 -42.50 30.24
CA TYR E 288 7.44 -41.18 29.57
C TYR E 288 7.46 -40.05 30.59
N LEU E 289 8.57 -39.31 30.63
CA LEU E 289 8.73 -38.05 31.40
C LEU E 289 8.39 -36.85 30.49
N SER E 290 7.16 -36.36 30.62
CA SER E 290 6.56 -35.29 29.78
C SER E 290 6.88 -33.91 30.36
N GLY E 291 7.87 -33.21 29.79
CA GLY E 291 8.14 -31.79 30.10
C GLY E 291 6.98 -30.89 29.73
N GLY E 292 6.07 -31.38 28.89
CA GLY E 292 4.89 -30.65 28.41
C GLY E 292 3.68 -30.82 29.30
N GLY E 293 3.46 -31.99 29.93
CA GLY E 293 2.19 -32.23 30.65
C GLY E 293 2.21 -33.25 31.78
N GLY E 294 3.37 -33.68 32.26
CA GLY E 294 3.49 -34.91 33.08
C GLY E 294 3.27 -34.74 34.58
N LEU E 295 3.51 -33.55 35.14
CA LEU E 295 3.66 -33.38 36.61
C LEU E 295 2.31 -33.42 37.33
N VAL E 296 2.37 -34.02 38.53
CA VAL E 296 1.37 -33.90 39.64
C VAL E 296 2.02 -33.06 40.73
N SER E 297 1.25 -32.15 41.32
CA SER E 297 1.74 -31.20 42.35
C SER E 297 0.57 -30.79 43.24
N CYS E 298 0.79 -29.81 44.11
CA CYS E 298 -0.22 -29.28 45.06
C CYS E 298 -0.08 -27.77 45.12
N VAL E 299 -1.04 -27.07 45.70
CA VAL E 299 -1.05 -25.59 45.67
C VAL E 299 0.22 -25.06 46.34
N ASP E 300 0.65 -25.63 47.48
CA ASP E 300 1.81 -25.13 48.26
C ASP E 300 3.10 -25.26 47.46
N ASP E 301 3.29 -26.40 46.78
CA ASP E 301 4.51 -26.64 45.96
C ASP E 301 4.54 -25.63 44.80
N TYR E 302 3.42 -25.46 44.08
CA TYR E 302 3.37 -24.54 42.91
C TYR E 302 3.50 -23.10 43.39
N TYR E 303 2.95 -22.79 44.58
CA TYR E 303 3.11 -21.45 45.23
C TYR E 303 4.60 -21.15 45.41
N ARG E 304 5.37 -22.14 45.85
CA ARG E 304 6.80 -21.92 46.18
C ARG E 304 7.56 -21.65 44.87
N PHE E 305 7.21 -22.38 43.81
CA PHE E 305 7.76 -22.14 42.45
C PHE E 305 7.39 -20.72 42.00
N ALA E 306 6.10 -20.38 42.04
CA ALA E 306 5.57 -19.06 41.62
C ALA E 306 6.27 -17.94 42.42
N GLN E 307 6.36 -18.07 43.74
CA GLN E 307 6.92 -17.04 44.64
C GLN E 307 8.42 -16.86 44.33
N ALA E 308 9.13 -17.95 44.07
CA ALA E 308 10.56 -17.92 43.64
C ALA E 308 10.67 -17.02 42.40
N LEU E 309 9.78 -17.20 41.42
CA LEU E 309 9.81 -16.39 40.16
C LEU E 309 9.46 -14.93 40.47
N ALA E 310 8.41 -14.69 41.26
CA ALA E 310 7.99 -13.33 41.67
C ALA E 310 9.14 -12.59 42.38
N ASN E 311 10.05 -13.31 43.03
CA ASN E 311 11.19 -12.73 43.80
C ASN E 311 12.41 -12.54 42.90
N GLY E 312 12.36 -12.95 41.63
CA GLY E 312 13.52 -12.85 40.72
C GLY E 312 14.37 -14.11 40.76
N GLY E 313 13.83 -15.25 41.22
CA GLY E 313 14.45 -16.57 41.05
C GLY E 313 14.97 -17.20 42.34
N GLU E 314 14.66 -16.60 43.49
CA GLU E 314 15.21 -16.95 44.83
C GLU E 314 14.03 -17.10 45.81
N LEU E 315 14.04 -18.14 46.66
CA LEU E 315 13.13 -18.25 47.83
C LEU E 315 13.91 -18.83 49.03
N ASP E 316 13.86 -18.14 50.17
CA ASP E 316 14.46 -18.59 51.46
C ASP E 316 15.92 -19.05 51.21
N GLY E 317 16.71 -18.28 50.47
CA GLY E 317 18.15 -18.52 50.24
C GLY E 317 18.45 -19.49 49.10
N ALA E 318 17.46 -20.12 48.46
CA ALA E 318 17.68 -21.04 47.32
C ALA E 318 17.37 -20.33 45.99
N ARG E 319 18.28 -20.43 45.01
CA ARG E 319 18.12 -19.76 43.70
C ARG E 319 18.00 -20.82 42.58
N ILE E 320 16.89 -20.82 41.85
CA ILE E 320 16.64 -21.74 40.70
C ILE E 320 17.04 -21.07 39.38
N ILE E 321 17.02 -19.74 39.30
CA ILE E 321 17.34 -18.98 38.04
C ILE E 321 17.86 -17.59 38.40
N GLY E 322 18.68 -17.00 37.54
CA GLY E 322 19.13 -15.60 37.67
C GLY E 322 18.00 -14.61 37.42
N ARG E 323 18.00 -13.52 38.16
CA ARG E 323 17.02 -12.39 38.08
C ARG E 323 16.91 -11.95 36.61
N LYS E 324 18.05 -11.81 35.92
CA LYS E 324 18.13 -11.21 34.57
C LYS E 324 17.68 -12.24 33.53
N THR E 325 18.07 -13.49 33.70
CA THR E 325 17.64 -14.62 32.83
C THR E 325 16.11 -14.69 32.86
N LEU E 326 15.50 -14.59 34.03
CA LEU E 326 14.02 -14.67 34.18
C LEU E 326 13.36 -13.47 33.49
N GLU E 327 13.95 -12.29 33.61
CA GLU E 327 13.43 -11.04 32.99
C GLU E 327 13.34 -11.26 31.47
N PHE E 328 14.33 -11.97 30.92
CA PHE E 328 14.46 -12.32 29.48
C PHE E 328 13.38 -13.32 29.05
N MET E 329 13.08 -14.31 29.90
CA MET E 329 12.02 -15.34 29.65
C MET E 329 10.63 -14.69 29.65
N ARG E 330 10.45 -13.57 30.37
CA ARG E 330 9.13 -12.90 30.59
C ARG E 330 8.84 -11.88 29.48
N MET E 331 9.83 -11.56 28.65
CA MET E 331 9.64 -10.66 27.49
C MET E 331 8.78 -11.36 26.44
N ASN E 332 8.08 -10.58 25.62
CA ASN E 332 7.42 -11.06 24.38
C ASN E 332 8.52 -11.46 23.39
N HIS E 333 8.59 -12.75 23.01
CA HIS E 333 9.58 -13.27 22.02
C HIS E 333 8.91 -13.47 20.66
N LEU E 334 7.66 -13.07 20.52
CA LEU E 334 7.01 -13.10 19.19
C LEU E 334 7.52 -11.94 18.36
N PRO E 335 7.55 -12.08 17.01
CA PRO E 335 8.13 -11.07 16.13
C PRO E 335 7.31 -9.76 16.21
N ASP E 336 8.00 -8.61 16.21
CA ASP E 336 7.41 -7.25 16.06
C ASP E 336 6.38 -6.98 17.18
N ASN E 337 6.63 -7.52 18.38
CA ASN E 337 5.75 -7.37 19.58
C ASN E 337 4.28 -7.72 19.21
N LYS E 338 4.08 -8.75 18.40
CA LYS E 338 2.73 -9.26 18.06
C LYS E 338 2.15 -10.06 19.23
N GLY E 339 0.83 -10.12 19.34
CA GLY E 339 0.10 -11.01 20.26
C GLY E 339 -0.13 -12.37 19.62
N LEU E 340 -0.52 -13.36 20.41
CA LEU E 340 -0.79 -14.73 19.94
C LEU E 340 -1.77 -14.73 18.75
N PRO E 341 -2.90 -14.00 18.78
CA PRO E 341 -3.82 -13.99 17.64
C PRO E 341 -3.24 -13.46 16.32
N ASP E 342 -2.14 -12.72 16.34
CA ASP E 342 -1.50 -12.24 15.08
C ASP E 342 -0.62 -13.33 14.47
N VAL E 343 -0.32 -14.42 15.18
CA VAL E 343 0.67 -15.43 14.70
C VAL E 343 0.12 -16.85 14.84
N ALA E 344 -0.86 -17.07 15.70
CA ALA E 344 -1.34 -18.43 16.04
C ALA E 344 -2.25 -18.91 14.94
N ILE E 345 -1.95 -20.10 14.41
CA ILE E 345 -2.72 -20.75 13.30
C ILE E 345 -3.93 -21.49 13.87
N GLY E 346 -4.07 -21.60 15.22
CA GLY E 346 -5.06 -22.47 15.89
C GLY E 346 -6.04 -21.75 16.81
N SER E 347 -6.45 -22.43 17.88
CA SER E 347 -7.50 -22.03 18.89
C SER E 347 -7.05 -20.86 19.81
N PHE E 348 -5.74 -20.68 19.96
CA PHE E 348 -5.09 -19.57 20.70
C PHE E 348 -5.16 -18.27 19.88
N SER E 349 -5.92 -18.28 18.78
CA SER E 349 -6.28 -17.14 17.88
C SER E 349 -7.45 -16.35 18.47
N GLU E 350 -8.16 -16.93 19.44
CA GLU E 350 -9.50 -16.47 19.86
C GLU E 350 -9.35 -15.35 20.90
N THR E 351 -10.48 -14.71 21.20
CA THR E 351 -10.59 -13.37 21.86
C THR E 351 -9.88 -13.36 23.22
N PRO E 352 -9.94 -14.41 24.07
CA PRO E 352 -9.23 -14.36 25.35
C PRO E 352 -7.72 -14.06 25.27
N TYR E 353 -7.04 -14.38 24.15
CA TYR E 353 -5.56 -14.22 24.03
C TYR E 353 -5.22 -12.90 23.30
N ASP E 354 -6.20 -12.06 23.00
CA ASP E 354 -5.96 -10.68 22.46
C ASP E 354 -5.17 -9.87 23.49
N GLY E 355 -4.15 -9.16 23.03
CA GLY E 355 -3.24 -8.34 23.86
C GLY E 355 -2.31 -9.18 24.72
N THR E 356 -2.12 -10.46 24.40
CA THR E 356 -1.23 -11.39 25.15
C THR E 356 -0.20 -11.97 24.18
N GLY E 357 1.08 -11.79 24.49
CA GLY E 357 2.22 -12.36 23.73
C GLY E 357 2.73 -13.64 24.39
N PHE E 358 3.97 -14.01 24.11
CA PHE E 358 4.55 -15.29 24.61
C PHE E 358 6.07 -15.14 24.66
N GLY E 359 6.66 -15.52 25.81
CA GLY E 359 8.12 -15.56 26.00
C GLY E 359 8.64 -16.98 26.00
N LEU E 360 9.64 -17.28 26.82
CA LEU E 360 10.29 -18.61 26.88
C LEU E 360 9.55 -19.47 27.92
N GLY E 361 8.28 -19.80 27.66
CA GLY E 361 7.50 -20.74 28.48
C GLY E 361 6.40 -20.07 29.26
N PHE E 362 6.22 -18.74 29.10
CA PHE E 362 5.14 -17.96 29.74
C PHE E 362 4.38 -17.15 28.69
N SER E 363 3.06 -16.99 28.90
CA SER E 363 2.28 -15.90 28.25
C SER E 363 2.66 -14.59 28.92
N VAL E 364 2.50 -13.47 28.22
CA VAL E 364 2.89 -12.11 28.68
C VAL E 364 1.78 -11.16 28.25
N LYS E 365 1.16 -10.43 29.17
CA LYS E 365 0.13 -9.42 28.80
C LYS E 365 0.85 -8.20 28.20
N LEU E 366 0.41 -7.74 27.03
CA LEU E 366 0.97 -6.57 26.30
C LEU E 366 0.05 -5.34 26.47
N ASP E 367 -1.27 -5.56 26.36
CA ASP E 367 -2.30 -4.48 26.27
C ASP E 367 -3.53 -4.88 27.10
N VAL E 368 -3.74 -4.20 28.23
CA VAL E 368 -4.77 -4.58 29.23
C VAL E 368 -6.14 -4.36 28.62
N ALA E 369 -6.44 -3.17 28.10
CA ALA E 369 -7.77 -2.85 27.51
C ALA E 369 -8.11 -3.89 26.44
N LYS E 370 -7.15 -4.22 25.57
CA LYS E 370 -7.39 -5.11 24.39
C LYS E 370 -7.80 -6.50 24.87
N SER E 371 -7.22 -6.96 25.98
CA SER E 371 -7.48 -8.29 26.61
C SER E 371 -8.88 -8.35 27.21
N GLN E 372 -9.52 -7.19 27.45
CA GLN E 372 -10.89 -7.06 28.01
C GLN E 372 -10.94 -7.59 29.45
N THR E 373 -9.77 -7.83 30.07
CA THR E 373 -9.65 -8.36 31.45
C THR E 373 -8.70 -7.47 32.26
N VAL E 374 -9.15 -7.01 33.44
CA VAL E 374 -8.32 -6.23 34.40
C VAL E 374 -7.02 -7.00 34.72
N GLY E 375 -5.93 -6.26 34.94
CA GLY E 375 -4.58 -6.79 35.16
C GLY E 375 -3.54 -5.73 34.81
N SER E 376 -2.27 -6.14 34.69
CA SER E 376 -1.13 -5.22 34.46
C SER E 376 -0.36 -5.67 33.23
N VAL E 377 0.21 -4.73 32.48
CA VAL E 377 1.22 -5.06 31.44
C VAL E 377 2.29 -5.89 32.13
N GLY E 378 2.68 -7.02 31.53
CA GLY E 378 3.80 -7.87 32.01
C GLY E 378 3.30 -9.08 32.79
N GLU E 379 2.00 -9.12 33.15
CA GLU E 379 1.41 -10.29 33.82
C GLU E 379 1.84 -11.54 33.04
N TYR E 380 2.47 -12.51 33.70
CA TYR E 380 2.94 -13.77 33.06
C TYR E 380 2.41 -14.99 33.81
N GLY E 381 2.29 -16.10 33.11
CA GLY E 381 1.89 -17.38 33.68
C GLY E 381 1.54 -18.37 32.59
N TRP E 382 0.84 -19.44 32.96
CA TRP E 382 0.28 -20.41 31.99
C TRP E 382 -0.79 -21.23 32.70
N GLY E 383 -1.33 -22.24 32.02
CA GLY E 383 -2.47 -23.03 32.51
C GLY E 383 -2.31 -24.49 32.13
N GLY E 384 -3.13 -25.35 32.71
CA GLY E 384 -3.24 -26.76 32.36
C GLY E 384 -4.64 -27.05 31.83
N MET E 385 -4.76 -28.06 30.96
CA MET E 385 -5.98 -28.41 30.22
C MET E 385 -7.07 -28.91 31.18
N ALA E 386 -6.75 -29.19 32.46
CA ALA E 386 -7.77 -29.57 33.48
C ALA E 386 -8.22 -28.33 34.27
N SER E 387 -7.97 -27.12 33.76
CA SER E 387 -8.48 -25.83 34.27
C SER E 387 -7.68 -25.36 35.49
N THR E 388 -6.46 -25.89 35.68
CA THR E 388 -5.44 -25.32 36.58
C THR E 388 -4.88 -24.05 35.93
N ASN E 389 -4.56 -23.04 36.73
CA ASN E 389 -4.07 -21.73 36.25
C ASN E 389 -3.18 -21.08 37.31
N PHE E 390 -2.18 -20.31 36.88
CA PHE E 390 -1.41 -19.40 37.74
C PHE E 390 -0.97 -18.17 36.94
N PHE E 391 -0.84 -17.05 37.64
CA PHE E 391 -0.24 -15.81 37.08
C PHE E 391 0.57 -15.10 38.15
N ILE E 392 1.50 -14.29 37.69
CA ILE E 392 2.39 -13.40 38.48
C ILE E 392 2.28 -12.02 37.83
N ASP E 393 1.86 -11.02 38.59
CA ASP E 393 1.79 -9.61 38.17
C ASP E 393 3.01 -8.90 38.72
N PRO E 394 4.06 -8.63 37.92
CA PRO E 394 5.27 -8.01 38.44
C PRO E 394 5.11 -6.52 38.78
N GLU E 395 4.07 -5.86 38.25
CA GLU E 395 3.78 -4.43 38.54
C GLU E 395 3.21 -4.32 39.97
N GLU E 396 2.38 -5.28 40.40
CA GLU E 396 1.68 -5.27 41.70
C GLU E 396 2.34 -6.22 42.70
N ASP E 397 3.36 -6.97 42.29
CA ASP E 397 4.03 -8.01 43.11
C ASP E 397 2.96 -8.97 43.70
N LEU E 398 2.02 -9.40 42.86
CA LEU E 398 0.81 -10.18 43.22
C LEU E 398 0.89 -11.52 42.47
N LEU E 399 0.37 -12.62 43.02
CA LEU E 399 0.29 -13.89 42.25
C LEU E 399 -0.89 -14.73 42.74
N MET E 400 -1.30 -15.69 41.92
CA MET E 400 -2.46 -16.58 42.19
C MET E 400 -2.09 -17.98 41.69
N VAL E 401 -2.45 -19.02 42.45
CA VAL E 401 -2.45 -20.43 42.00
C VAL E 401 -3.87 -20.95 42.19
N PHE E 402 -4.47 -21.49 41.13
CA PHE E 402 -5.84 -22.04 41.12
C PHE E 402 -5.78 -23.49 40.62
N MET E 403 -6.36 -24.40 41.40
CA MET E 403 -6.37 -25.86 41.12
C MET E 403 -7.82 -26.33 41.08
N THR E 404 -8.17 -27.04 40.02
CA THR E 404 -9.41 -27.84 39.89
C THR E 404 -9.07 -28.95 38.89
N GLN E 405 -9.96 -29.91 38.66
CA GLN E 405 -9.72 -30.98 37.66
C GLN E 405 -10.99 -31.11 36.80
N LEU E 406 -11.08 -30.29 35.74
CA LEU E 406 -12.19 -30.27 34.75
C LEU E 406 -11.57 -30.04 33.37
N ILE E 407 -11.53 -31.08 32.53
CA ILE E 407 -11.05 -31.04 31.12
C ILE E 407 -12.24 -30.77 30.20
N PRO E 408 -12.15 -29.84 29.21
CA PRO E 408 -11.01 -28.95 29.00
C PRO E 408 -11.11 -27.55 29.63
N SER E 409 -9.97 -26.86 29.78
CA SER E 409 -9.84 -25.50 30.39
C SER E 409 -10.60 -24.45 29.57
N SER E 410 -10.83 -24.69 28.28
CA SER E 410 -11.61 -23.79 27.40
C SER E 410 -13.08 -23.71 27.83
N THR E 411 -13.56 -24.62 28.69
CA THR E 411 -15.00 -24.76 29.04
C THR E 411 -15.52 -23.48 29.70
N TYR E 412 -14.93 -23.06 30.82
CA TYR E 412 -15.40 -21.89 31.62
C TYR E 412 -14.30 -20.84 31.71
N ALA E 413 -14.70 -19.59 31.94
CA ALA E 413 -13.80 -18.42 32.03
C ALA E 413 -13.52 -18.11 33.50
N VAL E 414 -13.45 -19.15 34.34
CA VAL E 414 -13.25 -18.99 35.81
C VAL E 414 -11.95 -18.22 36.06
N ARG E 415 -10.89 -18.44 35.27
CA ARG E 415 -9.58 -17.77 35.53
C ARG E 415 -9.69 -16.26 35.30
N GLN E 416 -10.64 -15.77 34.48
CA GLN E 416 -10.86 -14.31 34.25
C GLN E 416 -11.69 -13.72 35.40
N GLU E 417 -12.70 -14.45 35.87
CA GLU E 417 -13.55 -14.04 37.03
C GLU E 417 -12.65 -13.87 38.27
N LEU E 418 -11.74 -14.81 38.50
CA LEU E 418 -10.80 -14.75 39.65
C LEU E 418 -9.93 -13.50 39.56
N ARG E 419 -9.44 -13.18 38.35
CA ARG E 419 -8.62 -11.98 38.10
C ARG E 419 -9.43 -10.72 38.45
N ALA E 420 -10.71 -10.69 38.13
CA ALA E 420 -11.60 -9.53 38.38
C ALA E 420 -11.70 -9.29 39.90
N ILE E 421 -11.91 -10.38 40.66
CA ILE E 421 -12.13 -10.33 42.15
C ILE E 421 -10.81 -9.94 42.83
N ILE E 422 -9.73 -10.63 42.45
CA ILE E 422 -8.38 -10.45 43.06
C ILE E 422 -7.89 -9.02 42.80
N ASN E 423 -7.97 -8.53 41.56
CA ASN E 423 -7.53 -7.14 41.23
C ASN E 423 -8.46 -6.15 41.93
N GLY E 424 -9.73 -6.55 42.14
CA GLY E 424 -10.72 -5.73 42.85
C GLY E 424 -10.38 -5.51 44.33
N ALA E 425 -9.56 -6.39 44.91
CA ALA E 425 -9.20 -6.39 46.34
C ALA E 425 -7.98 -5.49 46.62
N LEU E 426 -7.30 -4.96 45.61
CA LEU E 426 -6.21 -3.97 45.83
C LEU E 426 -6.81 -2.66 46.32
N VAL E 427 -6.35 -2.16 47.48
CA VAL E 427 -6.94 -0.99 48.21
C VAL E 427 -5.86 0.00 48.69
N ASP E 428 -4.61 -0.09 48.23
CA ASP E 428 -3.60 0.98 48.43
C ASP E 428 -3.64 1.95 47.24
N ASN F 28 28.76 -16.00 48.18
CA ASN F 28 29.82 -14.97 47.96
C ASN F 28 29.41 -14.00 46.83
N ILE F 29 28.95 -12.81 47.22
CA ILE F 29 28.29 -11.80 46.35
C ILE F 29 29.11 -10.50 46.43
N ILE F 30 29.51 -9.96 45.29
CA ILE F 30 30.14 -8.61 45.17
C ILE F 30 29.35 -7.81 44.14
N ALA F 31 28.92 -6.59 44.49
CA ALA F 31 28.21 -5.67 43.58
C ALA F 31 27.03 -6.40 42.93
N GLY F 32 26.29 -7.19 43.71
CA GLY F 32 25.07 -7.88 43.23
C GLY F 32 25.36 -9.03 42.28
N MET F 33 26.61 -9.52 42.23
CA MET F 33 27.01 -10.64 41.36
C MET F 33 27.51 -11.84 42.20
N ASP F 34 26.95 -13.03 41.98
CA ASP F 34 27.33 -14.29 42.65
C ASP F 34 28.63 -14.79 42.00
N LEU F 35 29.74 -14.79 42.74
CA LEU F 35 31.08 -15.18 42.22
C LEU F 35 31.12 -16.68 41.89
N ASN F 36 30.27 -17.49 42.54
CA ASN F 36 30.17 -18.94 42.25
C ASN F 36 29.57 -19.12 40.84
N ARG F 37 28.57 -18.30 40.49
CA ARG F 37 27.95 -18.30 39.15
C ARG F 37 28.97 -17.79 38.13
N LEU F 38 29.82 -16.82 38.49
CA LEU F 38 30.85 -16.28 37.55
C LEU F 38 31.94 -17.32 37.29
N ASP F 39 32.12 -18.31 38.17
CA ASP F 39 33.17 -19.36 37.96
C ASP F 39 32.81 -20.22 36.75
N ARG F 40 31.53 -20.19 36.32
CA ARG F 40 31.06 -20.96 35.14
C ARG F 40 31.79 -20.50 33.88
N ILE F 41 32.30 -19.25 33.85
CA ILE F 41 33.08 -18.70 32.72
C ILE F 41 34.27 -19.62 32.44
N ALA F 42 35.13 -19.83 33.43
CA ALA F 42 36.37 -20.63 33.30
C ALA F 42 36.02 -22.09 32.98
N GLU F 43 35.00 -22.66 33.64
CA GLU F 43 34.50 -24.04 33.39
C GLU F 43 34.11 -24.14 31.91
N HIS F 44 33.36 -23.16 31.41
CA HIS F 44 32.84 -23.10 30.02
C HIS F 44 33.99 -22.98 29.02
N LEU F 45 34.92 -22.03 29.21
CA LEU F 45 36.05 -21.82 28.25
C LEU F 45 36.96 -23.05 28.21
N ASP F 46 37.14 -23.75 29.34
CA ASP F 46 37.92 -25.03 29.38
C ASP F 46 37.16 -26.10 28.57
N ARG F 47 35.91 -26.41 28.94
CA ARG F 47 35.10 -27.54 28.43
C ARG F 47 34.89 -27.37 26.91
N ALA F 48 34.55 -26.15 26.47
CA ALA F 48 34.01 -25.87 25.12
C ALA F 48 35.09 -25.40 24.14
N TYR F 49 36.24 -24.87 24.59
CA TYR F 49 37.25 -24.24 23.71
C TYR F 49 38.69 -24.73 23.96
N LEU F 50 39.17 -24.70 25.21
CA LEU F 50 40.63 -24.91 25.50
C LEU F 50 40.98 -26.40 25.46
N HIS F 51 40.28 -27.25 26.23
CA HIS F 51 40.50 -28.73 26.26
C HIS F 51 40.32 -29.32 24.86
N PRO F 52 39.26 -28.98 24.10
CA PRO F 52 39.11 -29.49 22.72
C PRO F 52 40.04 -28.87 21.66
N GLY F 53 40.82 -27.84 22.02
CA GLY F 53 41.83 -27.23 21.13
C GLY F 53 41.23 -26.34 20.04
N LYS F 54 40.20 -25.57 20.38
CA LYS F 54 39.55 -24.60 19.44
C LYS F 54 40.17 -23.21 19.58
N LEU F 55 40.59 -22.86 20.80
CA LEU F 55 41.34 -21.62 21.16
C LEU F 55 42.65 -22.01 21.89
N ALA F 56 43.71 -21.22 21.69
CA ALA F 56 45.01 -21.37 22.40
C ALA F 56 44.85 -20.98 23.86
N GLY F 57 44.30 -19.79 24.12
CA GLY F 57 44.17 -19.22 25.47
C GLY F 57 43.30 -17.99 25.49
N THR F 58 42.84 -17.63 26.70
CA THR F 58 41.83 -16.57 26.96
C THR F 58 42.22 -15.73 28.18
N MET F 59 41.84 -14.46 28.16
CA MET F 59 41.89 -13.55 29.33
C MET F 59 40.50 -12.90 29.44
N THR F 60 39.79 -13.08 30.54
CA THR F 60 38.40 -12.62 30.73
C THR F 60 38.32 -11.73 31.97
N LEU F 61 37.80 -10.51 31.85
CA LEU F 61 37.57 -9.59 32.99
C LEU F 61 36.10 -9.13 32.98
N VAL F 62 35.49 -9.08 34.16
CA VAL F 62 34.10 -8.58 34.37
C VAL F 62 34.14 -7.59 35.53
N ALA F 63 33.44 -6.46 35.41
CA ALA F 63 33.34 -5.40 36.43
C ALA F 63 31.89 -4.97 36.56
N ARG F 64 31.49 -4.57 37.77
CA ARG F 64 30.15 -3.99 37.99
C ARG F 64 30.26 -2.89 39.05
N ARG F 65 29.67 -1.73 38.78
CA ARG F 65 29.63 -0.57 39.71
C ARG F 65 31.06 -0.21 40.14
N GLY F 66 32.01 -0.26 39.21
CA GLY F 66 33.40 0.18 39.46
C GLY F 66 34.30 -0.93 39.98
N GLU F 67 33.75 -2.08 40.38
CA GLU F 67 34.50 -3.17 41.07
C GLU F 67 34.73 -4.33 40.10
N VAL F 68 35.99 -4.71 39.90
CA VAL F 68 36.38 -5.93 39.15
C VAL F 68 35.94 -7.16 39.96
N VAL F 69 35.02 -7.96 39.43
CA VAL F 69 34.42 -9.13 40.13
C VAL F 69 34.93 -10.44 39.52
N TYR F 70 35.63 -10.39 38.38
CA TYR F 70 36.18 -11.59 37.71
C TYR F 70 37.38 -11.18 36.86
N CYS F 71 38.45 -11.97 36.96
CA CYS F 71 39.70 -11.80 36.18
C CYS F 71 40.41 -13.16 36.14
N GLN F 72 40.45 -13.81 34.97
CA GLN F 72 41.01 -15.18 34.81
C GLN F 72 41.74 -15.30 33.47
N ALA F 73 43.04 -15.58 33.53
CA ALA F 73 43.86 -16.07 32.41
C ALA F 73 43.70 -17.59 32.35
N GLN F 74 43.63 -18.17 31.15
CA GLN F 74 43.54 -19.63 30.92
C GLN F 74 44.36 -19.98 29.69
N GLY F 75 44.92 -21.20 29.66
CA GLY F 75 45.65 -21.74 28.50
C GLY F 75 46.89 -20.92 28.15
N LEU F 76 47.25 -20.92 26.86
CA LEU F 76 48.58 -20.50 26.37
C LEU F 76 48.45 -19.28 25.44
N ARG F 77 49.37 -18.32 25.56
CA ARG F 77 49.49 -17.15 24.65
C ARG F 77 50.36 -17.51 23.44
N ASP F 78 51.23 -18.52 23.60
CA ASP F 78 52.18 -19.03 22.55
C ASP F 78 52.28 -20.56 22.72
N VAL F 79 51.65 -21.33 21.83
CA VAL F 79 51.55 -22.81 21.92
C VAL F 79 52.94 -23.40 21.58
N GLU F 80 53.58 -22.89 20.53
CA GLU F 80 54.92 -23.32 20.03
C GLU F 80 55.95 -23.26 21.18
N ARG F 81 55.89 -22.24 22.04
CA ARG F 81 56.87 -21.98 23.14
C ARG F 81 56.28 -22.34 24.51
N GLN F 82 55.08 -22.92 24.56
CA GLN F 82 54.42 -23.38 25.81
C GLN F 82 54.41 -22.27 26.88
N LEU F 83 54.16 -21.01 26.47
CA LEU F 83 54.05 -19.83 27.36
C LEU F 83 52.59 -19.57 27.74
N PRO F 84 52.24 -19.46 29.05
CA PRO F 84 50.84 -19.31 29.44
C PRO F 84 50.33 -17.88 29.21
N VAL F 85 49.01 -17.70 29.23
CA VAL F 85 48.36 -16.37 29.26
C VAL F 85 48.52 -15.85 30.69
N GLU F 86 48.93 -14.59 30.84
CA GLU F 86 48.98 -13.88 32.15
C GLU F 86 48.13 -12.61 32.04
N ARG F 87 47.73 -12.05 33.17
CA ARG F 87 47.00 -10.75 33.30
C ARG F 87 47.60 -9.69 32.37
N ASP F 88 48.93 -9.72 32.20
CA ASP F 88 49.72 -8.66 31.52
C ASP F 88 50.01 -9.08 30.06
N THR F 89 49.41 -10.15 29.56
CA THR F 89 49.62 -10.60 28.16
C THR F 89 49.09 -9.53 27.18
N LEU F 90 49.87 -9.25 26.14
CA LEU F 90 49.52 -8.26 25.10
C LEU F 90 48.81 -8.97 23.93
N PHE F 91 47.73 -8.37 23.45
CA PHE F 91 46.81 -8.94 22.43
C PHE F 91 46.62 -7.92 21.30
N ARG F 92 46.60 -8.40 20.05
CA ARG F 92 46.08 -7.65 18.88
C ARG F 92 44.58 -7.49 19.09
N ILE F 93 44.13 -6.28 19.44
CA ILE F 93 42.69 -6.01 19.74
C ILE F 93 42.00 -5.59 18.43
N TYR F 94 42.79 -5.33 17.40
CA TYR F 94 42.32 -4.98 16.04
C TYR F 94 41.21 -3.92 16.10
N SER F 95 40.03 -4.29 15.56
CA SER F 95 38.88 -3.39 15.33
C SER F 95 38.30 -2.80 16.62
N MET F 96 38.78 -3.30 17.77
CA MET F 96 38.48 -2.66 19.07
C MET F 96 39.30 -1.36 19.19
N THR F 97 40.15 -1.07 18.21
CA THR F 97 40.80 0.25 18.07
C THR F 97 39.73 1.31 17.79
N LYS F 98 38.63 0.96 17.11
CA LYS F 98 37.70 1.94 16.47
C LYS F 98 37.05 2.83 17.52
N PRO F 99 36.55 2.29 18.66
CA PRO F 99 36.00 3.14 19.73
C PRO F 99 37.01 4.20 20.23
N ILE F 100 38.30 3.84 20.33
CA ILE F 100 39.38 4.77 20.76
C ILE F 100 39.53 5.88 19.71
N THR F 101 39.61 5.54 18.43
CA THR F 101 39.69 6.52 17.31
C THR F 101 38.44 7.41 17.34
N SER F 102 37.27 6.85 17.62
CA SER F 102 35.99 7.60 17.63
C SER F 102 36.01 8.62 18.77
N ILE F 103 36.43 8.21 19.97
CA ILE F 103 36.61 9.11 21.15
C ILE F 103 37.60 10.23 20.76
N ALA F 104 38.71 9.89 20.14
CA ALA F 104 39.74 10.88 19.72
C ALA F 104 39.08 11.95 18.84
N LEU F 105 38.32 11.56 17.83
CA LEU F 105 37.72 12.55 16.90
C LEU F 105 36.64 13.36 17.63
N MET F 106 35.89 12.73 18.54
CA MET F 106 34.80 13.43 19.27
C MET F 106 35.39 14.39 20.32
N GLN F 107 36.63 14.17 20.79
CA GLN F 107 37.35 15.16 21.64
C GLN F 107 37.47 16.48 20.86
N LEU F 108 37.73 16.41 19.56
CA LEU F 108 37.89 17.60 18.69
C LEU F 108 36.51 18.19 18.35
N TYR F 109 35.46 17.38 18.35
CA TYR F 109 34.07 17.87 18.15
C TYR F 109 33.71 18.83 19.30
N GLU F 110 34.07 18.43 20.52
CA GLU F 110 33.88 19.18 21.79
C GLU F 110 34.67 20.50 21.82
N GLN F 111 35.71 20.64 20.99
CA GLN F 111 36.52 21.89 20.88
C GLN F 111 35.99 22.76 19.73
N GLY F 112 34.95 22.33 19.01
CA GLY F 112 34.30 23.08 17.92
C GLY F 112 35.01 22.97 16.57
N ARG F 113 35.87 21.97 16.41
CA ARG F 113 36.83 21.88 15.26
C ARG F 113 36.10 21.41 13.99
N PHE F 114 34.94 20.78 14.12
CA PHE F 114 34.09 20.30 12.99
C PHE F 114 32.68 20.01 13.49
N LEU F 115 31.76 19.79 12.56
CA LEU F 115 30.36 19.35 12.80
C LEU F 115 30.07 18.07 12.02
N LEU F 116 29.20 17.21 12.54
CA LEU F 116 28.98 15.85 11.97
C LEU F 116 28.33 15.94 10.57
N ASP F 117 27.53 16.95 10.29
CA ASP F 117 26.78 17.08 9.00
C ASP F 117 27.62 17.88 7.99
N GLU F 118 28.87 18.20 8.32
CA GLU F 118 29.81 18.82 7.34
C GLU F 118 30.28 17.76 6.35
N PRO F 119 30.42 18.12 5.06
CA PRO F 119 31.02 17.23 4.07
C PRO F 119 32.49 16.92 4.38
N VAL F 120 32.91 15.68 4.17
CA VAL F 120 34.32 15.22 4.33
C VAL F 120 35.22 16.06 3.41
N HIS F 121 34.73 16.44 2.23
CA HIS F 121 35.57 17.13 1.20
C HIS F 121 35.92 18.55 1.65
N LYS F 122 35.28 19.05 2.71
CA LYS F 122 35.67 20.33 3.35
C LYS F 122 37.07 20.19 3.96
N TYR F 123 37.44 19.00 4.46
CA TYR F 123 38.72 18.69 5.13
C TYR F 123 39.64 17.90 4.17
N ILE F 124 39.06 17.16 3.22
CA ILE F 124 39.81 16.36 2.20
C ILE F 124 39.33 16.79 0.81
N PRO F 125 39.78 17.95 0.27
CA PRO F 125 39.18 18.51 -0.95
C PRO F 125 39.27 17.63 -2.21
N THR F 126 40.27 16.74 -2.29
CA THR F 126 40.43 15.79 -3.43
C THR F 126 39.22 14.84 -3.49
N TRP F 127 38.47 14.67 -2.40
CA TRP F 127 37.29 13.77 -2.31
C TRP F 127 36.00 14.47 -2.77
N LYS F 128 36.06 15.70 -3.30
CA LYS F 128 34.82 16.45 -3.64
C LYS F 128 34.01 15.69 -4.70
N ASN F 129 34.65 15.02 -5.67
CA ASN F 129 33.95 14.44 -6.85
C ASN F 129 33.87 12.91 -6.75
N LEU F 130 33.89 12.35 -5.54
CA LEU F 130 33.65 10.90 -5.34
C LEU F 130 32.31 10.55 -6.00
N ARG F 131 32.26 9.37 -6.63
CA ARG F 131 31.04 8.91 -7.35
C ARG F 131 30.68 7.48 -6.90
N VAL F 132 29.48 7.01 -7.23
CA VAL F 132 28.94 5.67 -6.83
C VAL F 132 29.21 4.66 -7.93
N TYR F 133 29.70 3.46 -7.57
CA TYR F 133 29.92 2.32 -8.49
C TYR F 133 28.65 2.06 -9.30
N LYS F 134 28.78 1.90 -10.63
CA LYS F 134 27.70 1.40 -11.53
C LYS F 134 28.10 0.04 -12.09
N THR F 135 29.23 -0.06 -12.82
CA THR F 135 29.68 -1.31 -13.47
C THR F 135 31.16 -1.19 -13.85
N GLY F 136 31.80 -2.31 -14.18
CA GLY F 136 33.18 -2.36 -14.70
C GLY F 136 34.14 -2.94 -13.65
N SER F 137 35.32 -3.37 -14.11
CA SER F 137 36.44 -3.83 -13.25
C SER F 137 37.49 -2.72 -13.16
N HIS F 138 38.20 -2.66 -12.04
CA HIS F 138 39.35 -1.75 -11.84
C HIS F 138 40.37 -2.05 -12.94
N PRO F 139 40.95 -1.05 -13.64
CA PRO F 139 40.67 0.37 -13.41
C PRO F 139 39.76 1.09 -14.42
N GLN F 140 38.71 0.43 -14.93
CA GLN F 140 37.74 1.07 -15.86
C GLN F 140 36.33 0.94 -15.28
N MET F 141 36.17 1.42 -14.05
CA MET F 141 34.89 1.42 -13.31
C MET F 141 34.10 2.66 -13.70
N LEU F 142 32.86 2.46 -14.18
CA LEU F 142 31.88 3.53 -14.50
C LEU F 142 31.06 3.83 -13.24
N THR F 143 30.64 5.09 -13.08
CA THR F 143 30.07 5.61 -11.81
C THR F 143 28.88 6.52 -12.11
N THR F 144 27.99 6.72 -11.15
CA THR F 144 26.89 7.72 -11.17
C THR F 144 27.15 8.77 -10.09
N ALA F 145 26.50 9.94 -10.21
CA ALA F 145 26.55 11.02 -9.21
C ALA F 145 25.85 10.56 -7.93
N PRO F 146 26.39 10.88 -6.72
CA PRO F 146 25.69 10.60 -5.48
C PRO F 146 24.60 11.65 -5.24
N GLN F 147 23.53 11.32 -4.49
CA GLN F 147 22.46 12.28 -4.13
C GLN F 147 23.02 13.41 -3.26
N ARG F 148 24.00 13.13 -2.40
CA ARG F 148 24.66 14.15 -1.55
C ARG F 148 26.09 13.72 -1.25
N PRO F 149 26.97 14.70 -0.95
CA PRO F 149 28.35 14.36 -0.56
C PRO F 149 28.40 13.64 0.81
N MET F 150 29.39 12.76 0.95
CA MET F 150 29.81 12.08 2.20
C MET F 150 30.01 13.10 3.32
N THR F 151 29.51 12.80 4.53
CA THR F 151 29.69 13.61 5.77
C THR F 151 30.55 12.87 6.80
N ILE F 152 31.00 13.58 7.82
CA ILE F 152 31.82 12.97 8.91
C ILE F 152 30.92 12.01 9.69
N ARG F 153 29.64 12.33 9.87
CA ARG F 153 28.71 11.38 10.53
C ARG F 153 28.70 10.05 9.74
N ASP F 154 28.70 10.12 8.41
CA ASP F 154 28.77 8.92 7.53
C ASP F 154 30.04 8.11 7.85
N LEU F 155 31.19 8.76 8.06
CA LEU F 155 32.46 8.06 8.39
C LEU F 155 32.33 7.34 9.75
N LEU F 156 31.84 8.04 10.77
CA LEU F 156 31.77 7.53 12.16
C LEU F 156 30.75 6.39 12.27
N THR F 157 29.81 6.29 11.34
CA THR F 157 28.70 5.30 11.38
C THR F 157 28.80 4.24 10.27
N HIS F 158 29.83 4.28 9.42
CA HIS F 158 30.05 3.32 8.30
C HIS F 158 28.86 3.37 7.32
N GLN F 159 28.36 4.58 7.06
CA GLN F 159 27.33 4.89 6.03
C GLN F 159 27.99 5.70 4.89
N SER F 160 29.32 5.78 4.85
CA SER F 160 30.18 6.51 3.87
C SER F 160 29.91 5.98 2.45
N GLY F 161 29.79 4.66 2.32
CA GLY F 161 29.86 3.97 1.02
C GLY F 161 31.25 3.41 0.78
N LEU F 162 32.21 3.72 1.65
CA LEU F 162 33.52 3.06 1.63
C LEU F 162 33.32 1.59 2.02
N THR F 163 34.33 0.75 1.79
CA THR F 163 34.31 -0.69 2.12
C THR F 163 35.67 -1.12 2.68
N TYR F 164 35.91 -2.44 2.73
CA TYR F 164 37.16 -3.09 3.18
C TYR F 164 37.54 -4.13 2.12
N GLY F 165 38.83 -4.26 1.80
CA GLY F 165 39.34 -5.34 0.93
C GLY F 165 38.80 -6.71 1.31
N PHE F 166 38.78 -7.06 2.61
CA PHE F 166 38.49 -8.45 3.05
C PHE F 166 37.00 -8.79 2.86
N MET F 167 36.14 -7.83 2.51
CA MET F 167 34.68 -8.08 2.36
C MET F 167 34.46 -9.17 1.30
N ASN F 168 35.24 -9.15 0.21
CA ASN F 168 35.23 -10.17 -0.87
C ASN F 168 33.80 -10.35 -1.41
N ARG F 169 33.13 -9.25 -1.75
CA ARG F 169 31.74 -9.32 -2.26
C ARG F 169 31.60 -8.60 -3.62
N THR F 170 32.33 -7.50 -3.84
CA THR F 170 32.13 -6.59 -5.00
C THR F 170 33.43 -6.27 -5.73
N ASN F 171 33.29 -5.79 -6.96
CA ASN F 171 34.40 -5.29 -7.80
C ASN F 171 35.13 -4.16 -7.07
N VAL F 172 34.45 -3.38 -6.22
CA VAL F 172 35.08 -2.25 -5.48
C VAL F 172 36.05 -2.80 -4.44
N ASP F 173 35.63 -3.76 -3.62
CA ASP F 173 36.56 -4.37 -2.63
C ASP F 173 37.64 -5.18 -3.35
N ALA F 174 37.46 -5.60 -4.60
CA ALA F 174 38.52 -6.27 -5.39
C ALA F 174 39.62 -5.24 -5.69
N ALA F 175 39.24 -4.00 -6.01
CA ALA F 175 40.16 -2.87 -6.24
C ALA F 175 40.91 -2.52 -4.95
N TYR F 176 40.23 -2.49 -3.80
CA TYR F 176 40.89 -2.29 -2.50
C TYR F 176 41.98 -3.35 -2.34
N ARG F 177 41.69 -4.62 -2.68
CA ARG F 177 42.65 -5.75 -2.47
C ARG F 177 43.86 -5.57 -3.39
N SER F 178 43.68 -5.27 -4.67
CA SER F 178 44.82 -5.16 -5.63
C SER F 178 45.70 -3.96 -5.23
N LEU F 179 45.14 -2.94 -4.57
CA LEU F 179 45.87 -1.75 -4.06
C LEU F 179 46.27 -1.92 -2.58
N LYS F 180 45.92 -3.04 -1.93
CA LYS F 180 46.27 -3.37 -0.52
C LYS F 180 45.91 -2.20 0.43
N LEU F 181 44.68 -1.69 0.34
CA LEU F 181 44.20 -0.55 1.18
C LEU F 181 43.83 -1.01 2.60
N ASP F 182 43.78 -2.31 2.86
CA ASP F 182 43.57 -2.88 4.23
C ASP F 182 44.88 -2.83 5.02
N GLY F 183 46.01 -2.66 4.32
CA GLY F 183 47.37 -2.72 4.89
C GLY F 183 48.30 -3.53 4.00
N GLY F 184 49.60 -3.38 4.22
CA GLY F 184 50.65 -4.10 3.49
C GLY F 184 51.90 -3.23 3.33
N PRO F 185 52.98 -3.78 2.71
CA PRO F 185 54.25 -3.04 2.60
C PRO F 185 54.09 -1.67 1.93
N GLY F 186 54.58 -0.62 2.60
CA GLY F 186 54.62 0.77 2.10
C GLY F 186 53.30 1.50 2.30
N HIS F 187 52.31 0.88 2.95
CA HIS F 187 50.99 1.52 3.18
C HIS F 187 51.13 2.59 4.27
N THR F 188 50.50 3.73 4.06
CA THR F 188 50.41 4.90 4.99
C THR F 188 48.99 5.47 4.90
N LEU F 189 48.54 6.23 5.89
CA LEU F 189 47.24 6.94 5.85
C LEU F 189 47.22 7.86 4.62
N ASP F 190 48.36 8.46 4.26
CA ASP F 190 48.44 9.44 3.13
C ASP F 190 48.09 8.72 1.83
N ARG F 191 48.53 7.45 1.70
CA ARG F 191 48.29 6.61 0.50
C ARG F 191 46.80 6.23 0.43
N LEU F 192 46.21 5.83 1.57
CA LEU F 192 44.76 5.49 1.65
C LEU F 192 43.93 6.66 1.13
N ILE F 193 44.10 7.86 1.67
CA ILE F 193 43.32 9.06 1.29
C ILE F 193 43.53 9.35 -0.22
N ASP F 194 44.75 9.21 -0.71
CA ASP F 194 45.09 9.50 -2.13
C ASP F 194 44.43 8.44 -3.03
N GLU F 195 44.57 7.14 -2.72
CA GLU F 195 43.95 6.05 -3.53
C GLU F 195 42.41 6.14 -3.50
N LEU F 196 41.80 6.42 -2.34
CA LEU F 196 40.32 6.43 -2.20
C LEU F 196 39.70 7.56 -3.04
N ALA F 197 40.46 8.60 -3.35
CA ALA F 197 40.00 9.77 -4.14
C ALA F 197 39.70 9.35 -5.59
N ARG F 198 40.25 8.23 -6.05
CA ARG F 198 40.12 7.75 -7.44
C ARG F 198 39.30 6.46 -7.49
N LEU F 199 38.62 6.09 -6.42
CA LEU F 199 37.79 4.86 -6.36
C LEU F 199 36.32 5.24 -6.14
N PRO F 200 35.38 4.41 -6.63
CA PRO F 200 33.97 4.64 -6.36
C PRO F 200 33.51 4.08 -5.01
N LEU F 201 32.33 4.54 -4.57
CA LEU F 201 31.62 4.10 -3.36
C LEU F 201 30.63 2.98 -3.71
N GLU F 202 30.33 2.09 -2.77
CA GLU F 202 29.35 1.00 -2.99
C GLU F 202 27.93 1.59 -3.15
N PHE F 203 27.67 2.78 -2.62
CA PHE F 203 26.32 3.39 -2.63
C PHE F 203 26.40 4.87 -2.27
N SER F 204 25.35 5.60 -2.57
CA SER F 204 25.23 7.05 -2.27
C SER F 204 25.30 7.21 -0.75
N PRO F 205 26.21 8.07 -0.23
CA PRO F 205 26.39 8.22 1.22
C PRO F 205 25.08 8.41 2.00
N GLY F 206 24.91 7.64 3.06
CA GLY F 206 23.77 7.73 4.00
C GLY F 206 22.70 6.70 3.73
N THR F 207 22.68 6.09 2.54
CA THR F 207 21.53 5.29 2.03
C THR F 207 21.68 3.82 2.42
N ALA F 208 22.82 3.42 2.99
CA ALA F 208 23.05 2.05 3.46
C ALA F 208 24.18 2.05 4.50
N TRP F 209 24.50 0.88 5.04
CA TRP F 209 25.62 0.64 5.99
C TRP F 209 26.52 -0.47 5.43
N ASN F 210 27.83 -0.26 5.46
CA ASN F 210 28.85 -1.25 5.05
C ASN F 210 30.12 -0.95 5.85
N TYR F 211 30.58 -1.93 6.63
CA TYR F 211 31.81 -1.85 7.47
C TYR F 211 32.99 -1.54 6.56
N SER F 212 33.87 -0.60 6.96
CA SER F 212 34.78 0.11 6.05
C SER F 212 36.08 0.57 6.73
N VAL F 213 37.03 1.01 5.90
CA VAL F 213 38.25 1.79 6.27
C VAL F 213 37.86 3.20 6.76
N ALA F 214 36.58 3.51 6.91
CA ALA F 214 36.12 4.86 7.31
C ALA F 214 36.80 5.28 8.62
N THR F 215 37.05 4.36 9.55
CA THR F 215 37.63 4.69 10.87
C THR F 215 39.12 5.00 10.68
N ASP F 216 39.78 4.36 9.71
CA ASP F 216 41.17 4.70 9.31
C ASP F 216 41.20 6.15 8.80
N VAL F 217 40.18 6.56 8.04
CA VAL F 217 40.00 7.96 7.54
C VAL F 217 39.73 8.90 8.73
N CYS F 218 38.94 8.47 9.72
CA CYS F 218 38.71 9.23 10.97
C CYS F 218 40.06 9.52 11.65
N GLY F 219 40.94 8.51 11.73
CA GLY F 219 42.30 8.66 12.26
C GLY F 219 43.07 9.72 11.49
N TYR F 220 42.94 9.72 10.17
CA TYR F 220 43.61 10.73 9.30
C TYR F 220 43.08 12.13 9.66
N LEU F 221 41.80 12.25 10.01
CA LEU F 221 41.17 13.56 10.35
C LEU F 221 41.65 14.02 11.74
N VAL F 222 41.85 13.10 12.69
CA VAL F 222 42.46 13.42 14.00
C VAL F 222 43.82 14.09 13.74
N GLN F 223 44.63 13.52 12.84
CA GLN F 223 45.95 14.09 12.45
C GLN F 223 45.75 15.47 11.82
N LEU F 224 44.90 15.59 10.81
CA LEU F 224 44.70 16.87 10.07
C LEU F 224 44.37 17.97 11.10
N LEU F 225 43.46 17.70 12.04
CA LEU F 225 42.86 18.74 12.89
C LEU F 225 43.74 19.03 14.11
N SER F 226 44.42 18.04 14.67
CA SER F 226 45.22 18.17 15.91
C SER F 226 46.65 18.66 15.62
N GLY F 227 47.15 18.42 14.41
CA GLY F 227 48.54 18.66 14.02
C GLY F 227 49.48 17.55 14.46
N MET F 228 49.00 16.50 15.13
CA MET F 228 49.84 15.42 15.70
C MET F 228 49.63 14.13 14.90
N SER F 229 50.61 13.23 14.86
CA SER F 229 50.45 11.86 14.35
C SER F 229 49.60 11.07 15.35
N LEU F 230 48.88 10.05 14.88
CA LEU F 230 47.77 9.42 15.65
C LEU F 230 48.31 8.77 16.93
N ASP F 231 49.52 8.19 16.90
CA ASP F 231 50.12 7.49 18.08
C ASP F 231 50.36 8.52 19.20
N ASP F 232 50.82 9.73 18.83
CA ASP F 232 51.07 10.86 19.78
C ASP F 232 49.72 11.39 20.30
N TYR F 233 48.69 11.59 19.45
CA TYR F 233 47.35 12.08 19.92
C TYR F 233 46.82 11.07 20.93
N PHE F 234 46.82 9.77 20.63
CA PHE F 234 46.27 8.71 21.51
C PHE F 234 47.00 8.74 22.86
N SER F 235 48.34 8.82 22.83
CA SER F 235 49.21 8.78 24.03
C SER F 235 48.88 9.96 24.93
N LYS F 236 48.87 11.17 24.35
CA LYS F 236 48.70 12.42 25.11
C LYS F 236 47.27 12.53 25.66
N HIS F 237 46.25 12.30 24.81
CA HIS F 237 44.83 12.65 25.12
C HIS F 237 44.03 11.45 25.60
N ILE F 238 44.55 10.21 25.55
CA ILE F 238 43.79 9.02 26.04
C ILE F 238 44.65 8.13 26.95
N PHE F 239 45.79 7.62 26.48
CA PHE F 239 46.53 6.54 27.20
C PHE F 239 47.21 7.08 28.46
N GLN F 240 47.90 8.23 28.39
CA GLN F 240 48.59 8.81 29.59
C GLN F 240 47.54 9.18 30.64
N PRO F 241 46.50 9.97 30.31
CA PRO F 241 45.46 10.31 31.28
C PRO F 241 44.78 9.12 31.99
N LEU F 242 44.54 8.01 31.28
CA LEU F 242 43.79 6.86 31.84
C LEU F 242 44.75 5.84 32.49
N GLY F 243 46.06 6.01 32.33
CA GLY F 243 47.04 5.08 32.91
C GLY F 243 47.04 3.76 32.17
N MET F 244 47.23 3.85 30.85
CA MET F 244 47.28 2.72 29.89
C MET F 244 48.69 2.69 29.27
N PRO F 245 49.70 2.18 30.01
CA PRO F 245 51.08 2.17 29.51
C PRO F 245 51.40 1.03 28.53
N ASP F 246 50.46 0.11 28.31
CA ASP F 246 50.67 -1.15 27.53
C ASP F 246 49.73 -1.19 26.31
N THR F 247 49.53 -0.04 25.67
CA THR F 247 48.66 0.14 24.47
C THR F 247 49.43 0.97 23.45
N PHE F 248 49.64 0.44 22.24
CA PHE F 248 50.50 1.07 21.20
C PHE F 248 50.28 0.40 19.85
N PHE F 249 50.63 1.13 18.78
CA PHE F 249 50.66 0.65 17.38
C PHE F 249 51.85 -0.28 17.16
N THR F 250 52.98 -0.02 17.82
CA THR F 250 54.23 -0.82 17.75
C THR F 250 54.57 -1.37 19.15
N VAL F 251 54.79 -2.68 19.26
CA VAL F 251 55.18 -3.31 20.57
C VAL F 251 56.65 -3.01 20.80
N PRO F 252 57.02 -2.30 21.90
CA PRO F 252 58.42 -2.02 22.20
C PRO F 252 59.19 -3.33 22.45
N ALA F 253 60.46 -3.36 22.05
CA ALA F 253 61.39 -4.52 22.16
C ALA F 253 61.32 -5.14 23.56
N GLU F 254 61.31 -4.32 24.62
CA GLU F 254 61.40 -4.83 26.02
C GLU F 254 60.05 -5.45 26.47
N LYS F 255 58.96 -5.33 25.70
CA LYS F 255 57.64 -5.91 26.09
C LYS F 255 57.24 -7.08 25.17
N LEU F 256 58.02 -7.35 24.13
CA LEU F 256 57.75 -8.37 23.08
C LEU F 256 57.64 -9.77 23.70
N SER F 257 58.25 -10.03 24.85
CA SER F 257 58.14 -11.35 25.53
C SER F 257 56.68 -11.59 25.95
N ARG F 258 55.92 -10.52 26.22
CA ARG F 258 54.53 -10.60 26.76
C ARG F 258 53.49 -10.74 25.62
N PHE F 259 53.91 -10.50 24.36
CA PHE F 259 53.03 -10.46 23.17
C PHE F 259 52.60 -11.88 22.78
N ALA F 260 51.30 -12.11 22.72
CA ALA F 260 50.67 -13.40 22.37
C ALA F 260 50.89 -13.69 20.88
N ALA F 261 50.86 -14.96 20.51
CA ALA F 261 50.77 -15.40 19.10
C ALA F 261 49.32 -15.23 18.65
N CYS F 262 49.13 -15.02 17.34
CA CYS F 262 47.79 -15.01 16.68
C CYS F 262 47.59 -16.31 15.91
N TYR F 263 46.41 -16.91 16.06
CA TYR F 263 46.02 -18.17 15.40
C TYR F 263 44.83 -17.89 14.47
N GLU F 264 44.69 -18.70 13.43
CA GLU F 264 43.53 -18.66 12.49
C GLU F 264 42.83 -20.02 12.53
N TYR F 265 41.53 -20.02 12.22
CA TYR F 265 40.65 -21.22 12.22
C TYR F 265 41.17 -22.21 11.18
N GLN F 266 41.16 -23.51 11.52
CA GLN F 266 41.33 -24.63 10.56
C GLN F 266 40.15 -25.57 10.69
N PRO F 267 39.67 -26.20 9.58
CA PRO F 267 38.56 -27.16 9.65
C PRO F 267 38.79 -28.26 10.69
N GLY F 268 37.71 -28.75 11.29
CA GLY F 268 37.74 -29.69 12.44
C GLY F 268 37.74 -28.97 13.78
N ASP F 269 37.38 -27.69 13.79
CA ASP F 269 37.37 -26.83 15.01
C ASP F 269 38.77 -26.87 15.62
N SER F 270 39.76 -26.53 14.80
CA SER F 270 41.20 -26.50 15.14
C SER F 270 41.74 -25.10 14.82
N PHE F 271 43.06 -24.91 14.93
CA PHE F 271 43.73 -23.62 14.63
C PHE F 271 45.18 -23.86 14.23
N SER F 272 45.77 -22.91 13.49
CA SER F 272 47.17 -22.93 13.02
C SER F 272 47.80 -21.55 13.27
N LEU F 273 49.12 -21.51 13.46
CA LEU F 273 49.92 -20.26 13.68
C LEU F 273 49.67 -19.31 12.51
N GLN F 274 49.28 -18.07 12.80
CA GLN F 274 49.00 -17.01 11.79
C GLN F 274 50.01 -15.87 11.90
N ASP F 275 50.49 -15.56 13.11
CA ASP F 275 51.50 -14.50 13.37
C ASP F 275 52.35 -14.89 14.58
N ASP F 276 53.65 -15.14 14.36
CA ASP F 276 54.67 -15.33 15.43
C ASP F 276 54.92 -13.96 16.07
N PRO F 277 54.86 -13.83 17.42
CA PRO F 277 55.15 -12.57 18.09
C PRO F 277 56.59 -12.06 17.80
N GLN F 278 57.55 -12.97 17.79
CA GLN F 278 58.95 -12.65 17.36
C GLN F 278 58.94 -12.64 15.82
N GLY F 279 59.28 -11.52 15.20
CA GLY F 279 59.17 -11.33 13.74
C GLY F 279 57.73 -11.07 13.32
N SER F 280 57.00 -10.27 14.09
CA SER F 280 55.66 -9.74 13.76
C SER F 280 55.82 -8.33 13.21
N ALA F 281 54.99 -7.94 12.24
CA ALA F 281 54.90 -6.55 11.74
C ALA F 281 54.46 -5.60 12.86
N PHE F 282 53.77 -6.09 13.89
CA PHE F 282 53.36 -5.29 15.08
C PHE F 282 54.58 -4.87 15.92
N ALA F 283 55.76 -5.49 15.67
CA ALA F 283 57.03 -5.19 16.38
C ALA F 283 57.85 -4.14 15.62
N LYS F 284 57.44 -3.77 14.41
CA LYS F 284 58.11 -2.79 13.53
C LYS F 284 57.30 -1.49 13.50
N ALA F 285 57.98 -0.36 13.33
CA ALA F 285 57.36 0.95 12.99
C ALA F 285 57.35 1.09 11.47
N HIS F 286 56.54 0.26 10.78
CA HIS F 286 56.08 0.50 9.38
C HIS F 286 55.29 1.81 9.42
N GLY F 287 54.94 2.41 8.28
CA GLY F 287 54.40 3.78 8.30
C GLY F 287 52.88 3.91 8.49
N TYR F 288 52.17 2.83 8.84
CA TYR F 288 50.67 2.77 8.82
C TYR F 288 50.09 2.76 10.23
N LEU F 289 49.55 3.91 10.64
CA LEU F 289 48.79 4.08 11.91
C LEU F 289 47.30 3.90 11.65
N SER F 290 46.79 2.69 11.92
CA SER F 290 45.42 2.21 11.58
C SER F 290 44.47 2.53 12.72
N GLY F 291 43.66 3.59 12.58
CA GLY F 291 42.55 3.88 13.50
C GLY F 291 41.48 2.80 13.49
N GLY F 292 41.48 1.97 12.44
CA GLY F 292 40.50 0.87 12.26
C GLY F 292 40.96 -0.43 12.88
N GLY F 293 42.26 -0.75 12.91
CA GLY F 293 42.70 -2.10 13.36
C GLY F 293 44.11 -2.22 13.94
N GLY F 294 44.80 -1.13 14.28
CA GLY F 294 46.27 -1.15 14.47
C GLY F 294 46.75 -1.51 15.87
N LEU F 295 45.93 -1.31 16.91
CA LEU F 295 46.42 -1.29 18.31
C LEU F 295 46.66 -2.71 18.84
N VAL F 296 47.70 -2.80 19.68
CA VAL F 296 47.96 -3.91 20.64
C VAL F 296 47.72 -3.32 22.03
N SER F 297 47.08 -4.10 22.90
CA SER F 297 46.72 -3.70 24.29
C SER F 297 46.64 -4.94 25.18
N CYS F 298 46.13 -4.79 26.38
CA CYS F 298 46.01 -5.87 27.39
C CYS F 298 44.69 -5.66 28.13
N VAL F 299 44.25 -6.65 28.90
CA VAL F 299 42.90 -6.60 29.53
C VAL F 299 42.82 -5.37 30.45
N ASP F 300 43.86 -5.11 31.24
CA ASP F 300 43.84 -4.01 32.26
C ASP F 300 43.73 -2.64 31.58
N ASP F 301 44.48 -2.43 30.49
CA ASP F 301 44.44 -1.15 29.74
C ASP F 301 43.04 -0.94 29.15
N TYR F 302 42.48 -1.97 28.49
CA TYR F 302 41.16 -1.84 27.83
C TYR F 302 40.07 -1.72 28.91
N TYR F 303 40.26 -2.37 30.06
CA TYR F 303 39.34 -2.24 31.23
C TYR F 303 39.28 -0.77 31.65
N ARG F 304 40.41 -0.09 31.67
CA ARG F 304 40.49 1.31 32.18
C ARG F 304 39.74 2.19 31.18
N PHE F 305 39.91 1.96 29.88
CA PHE F 305 39.14 2.64 28.81
C PHE F 305 37.64 2.37 29.00
N ALA F 306 37.25 1.10 29.09
CA ALA F 306 35.84 0.68 29.25
C ALA F 306 35.23 1.32 30.51
N GLN F 307 35.93 1.27 31.65
CA GLN F 307 35.41 1.77 32.94
C GLN F 307 35.26 3.31 32.86
N ALA F 308 36.21 4.00 32.21
CA ALA F 308 36.10 5.45 31.93
C ALA F 308 34.77 5.73 31.22
N LEU F 309 34.42 4.94 30.20
CA LEU F 309 33.16 5.13 29.41
C LEU F 309 31.96 4.83 30.32
N ALA F 310 31.98 3.73 31.05
CA ALA F 310 30.88 3.32 31.97
C ALA F 310 30.63 4.43 33.00
N ASN F 311 31.64 5.23 33.34
CA ASN F 311 31.54 6.31 34.36
C ASN F 311 31.10 7.64 33.72
N GLY F 312 30.93 7.69 32.39
CA GLY F 312 30.56 8.94 31.70
C GLY F 312 31.78 9.73 31.24
N GLY F 313 32.95 9.10 31.15
CA GLY F 313 34.13 9.65 30.43
C GLY F 313 35.30 10.01 31.34
N GLU F 314 35.22 9.63 32.63
CA GLU F 314 36.16 10.03 33.71
C GLU F 314 36.60 8.75 34.43
N LEU F 315 37.89 8.64 34.76
CA LEU F 315 38.42 7.61 35.69
C LEU F 315 39.50 8.23 36.58
N ASP F 316 39.34 8.08 37.90
CA ASP F 316 40.31 8.54 38.92
C ASP F 316 40.75 9.98 38.61
N GLY F 317 39.81 10.89 38.30
CA GLY F 317 40.07 12.33 38.08
C GLY F 317 40.58 12.69 36.68
N ALA F 318 40.77 11.75 35.77
CA ALA F 318 41.12 12.03 34.35
C ALA F 318 39.87 11.91 33.46
N ARG F 319 39.63 12.90 32.60
CA ARG F 319 38.45 12.93 31.70
C ARG F 319 38.92 12.88 30.23
N ILE F 320 38.51 11.85 29.48
CA ILE F 320 38.85 11.72 28.03
C ILE F 320 37.71 12.29 27.17
N ILE F 321 36.47 12.34 27.67
CA ILE F 321 35.28 12.79 26.88
C ILE F 321 34.21 13.31 27.85
N GLY F 322 33.38 14.23 27.39
CA GLY F 322 32.21 14.72 28.15
C GLY F 322 31.12 13.66 28.28
N ARG F 323 30.45 13.63 29.43
CA ARG F 323 29.32 12.72 29.76
C ARG F 323 28.29 12.77 28.63
N LYS F 324 27.97 13.98 28.16
CA LYS F 324 26.86 14.23 27.22
C LYS F 324 27.29 13.84 25.80
N THR F 325 28.54 14.15 25.44
CA THR F 325 29.14 13.76 24.14
C THR F 325 29.08 12.23 24.02
N LEU F 326 29.44 11.51 25.08
CA LEU F 326 29.46 10.02 25.08
C LEU F 326 28.04 9.49 24.94
N GLU F 327 27.07 10.11 25.60
CA GLU F 327 25.64 9.72 25.56
C GLU F 327 25.18 9.77 24.09
N PHE F 328 25.66 10.75 23.35
CA PHE F 328 25.37 11.02 21.92
C PHE F 328 25.99 9.94 21.02
N MET F 329 27.22 9.51 21.33
CA MET F 329 27.94 8.44 20.59
C MET F 329 27.24 7.08 20.78
N ARG F 330 26.53 6.88 21.90
CA ARG F 330 25.91 5.59 22.30
C ARG F 330 24.49 5.45 21.72
N MET F 331 23.94 6.53 21.17
CA MET F 331 22.61 6.49 20.52
C MET F 331 22.70 5.71 19.22
N ASN F 332 21.58 5.12 18.80
CA ASN F 332 21.43 4.59 17.41
C ASN F 332 21.45 5.77 16.43
N HIS F 333 22.45 5.82 15.53
CA HIS F 333 22.57 6.88 14.49
C HIS F 333 22.10 6.36 13.13
N LEU F 334 21.56 5.14 13.09
CA LEU F 334 20.96 4.63 11.84
C LEU F 334 19.60 5.28 11.66
N PRO F 335 19.14 5.43 10.39
CA PRO F 335 17.88 6.09 10.08
C PRO F 335 16.69 5.33 10.68
N ASP F 336 15.71 6.06 11.24
CA ASP F 336 14.39 5.55 11.69
C ASP F 336 14.58 4.45 12.77
N ASN F 337 15.60 4.56 13.61
CA ASN F 337 15.92 3.57 14.67
C ASN F 337 15.94 2.13 14.10
N LYS F 338 16.46 1.96 12.88
CA LYS F 338 16.63 0.63 12.25
C LYS F 338 17.83 -0.10 12.89
N GLY F 339 17.81 -1.42 12.86
CA GLY F 339 18.96 -2.27 13.21
C GLY F 339 19.87 -2.48 12.02
N LEU F 340 21.07 -2.99 12.26
CA LEU F 340 22.08 -3.24 11.20
C LEU F 340 21.49 -4.07 10.06
N PRO F 341 20.76 -5.18 10.31
CA PRO F 341 20.19 -5.97 9.22
C PRO F 341 19.20 -5.23 8.30
N ASP F 342 18.62 -4.12 8.74
CA ASP F 342 17.67 -3.34 7.90
C ASP F 342 18.46 -2.43 6.94
N VAL F 343 19.76 -2.23 7.13
CA VAL F 343 20.53 -1.26 6.29
C VAL F 343 21.83 -1.87 5.75
N ALA F 344 22.32 -2.95 6.35
CA ALA F 344 23.65 -3.52 6.04
C ALA F 344 23.55 -4.35 4.76
N ILE F 345 24.42 -4.05 3.80
CA ILE F 345 24.44 -4.70 2.45
C ILE F 345 25.17 -6.06 2.52
N GLY F 346 25.85 -6.40 3.63
CA GLY F 346 26.83 -7.51 3.71
C GLY F 346 26.55 -8.50 4.82
N SER F 347 27.60 -8.97 5.52
CA SER F 347 27.62 -10.08 6.52
C SER F 347 27.00 -9.67 7.88
N PHE F 348 27.01 -8.37 8.18
CA PHE F 348 26.39 -7.77 9.39
C PHE F 348 24.86 -7.71 9.24
N SER F 349 24.34 -8.36 8.19
CA SER F 349 22.89 -8.57 7.85
C SER F 349 22.34 -9.76 8.64
N GLU F 350 23.23 -10.59 9.19
CA GLU F 350 22.88 -11.95 9.66
C GLU F 350 22.31 -11.87 11.07
N THR F 351 21.73 -12.98 11.53
CA THR F 351 20.84 -13.11 12.71
C THR F 351 21.50 -12.57 13.99
N PRO F 352 22.81 -12.78 14.27
CA PRO F 352 23.38 -12.23 15.50
C PRO F 352 23.22 -10.70 15.68
N TYR F 353 23.07 -9.91 14.62
CA TYR F 353 23.01 -8.42 14.69
C TYR F 353 21.55 -7.94 14.64
N ASP F 354 20.57 -8.85 14.67
CA ASP F 354 19.13 -8.48 14.82
C ASP F 354 18.93 -7.78 16.17
N GLY F 355 18.18 -6.68 16.15
CA GLY F 355 17.88 -5.87 17.33
C GLY F 355 19.09 -5.08 17.83
N THR F 356 20.12 -4.90 16.98
CA THR F 356 21.33 -4.13 17.31
C THR F 356 21.52 -3.01 16.27
N GLY F 357 21.61 -1.77 16.73
CA GLY F 357 21.89 -0.57 15.91
C GLY F 357 23.36 -0.19 15.97
N PHE F 358 23.69 1.04 15.59
CA PHE F 358 25.08 1.53 15.54
C PHE F 358 25.11 3.05 15.76
N GLY F 359 25.98 3.50 16.66
CA GLY F 359 26.23 4.94 16.93
C GLY F 359 27.56 5.38 16.35
N LEU F 360 28.26 6.28 17.04
CA LEU F 360 29.53 6.87 16.56
C LEU F 360 30.69 6.00 17.05
N GLY F 361 30.78 4.75 16.58
CA GLY F 361 31.92 3.85 16.88
C GLY F 361 31.52 2.70 17.80
N PHE F 362 30.26 2.62 18.22
CA PHE F 362 29.72 1.53 19.05
C PHE F 362 28.47 0.90 18.41
N SER F 363 28.32 -0.42 18.55
CA SER F 363 27.01 -1.09 18.38
C SER F 363 26.15 -0.73 19.60
N VAL F 364 24.83 -0.80 19.45
CA VAL F 364 23.84 -0.43 20.48
C VAL F 364 22.72 -1.45 20.42
N LYS F 365 22.40 -2.13 21.51
CA LYS F 365 21.25 -3.08 21.55
C LYS F 365 19.95 -2.27 21.60
N LEU F 366 18.99 -2.57 20.72
CA LEU F 366 17.66 -1.89 20.61
C LEU F 366 16.57 -2.77 21.21
N ASP F 367 16.58 -4.07 20.91
CA ASP F 367 15.47 -5.03 21.21
C ASP F 367 16.08 -6.36 21.70
N VAL F 368 15.95 -6.64 23.00
CA VAL F 368 16.63 -7.79 23.65
C VAL F 368 16.07 -9.10 23.09
N ALA F 369 14.75 -9.29 23.13
CA ALA F 369 14.10 -10.53 22.62
C ALA F 369 14.53 -10.80 21.18
N LYS F 370 14.52 -9.76 20.34
CA LYS F 370 14.80 -9.90 18.89
C LYS F 370 16.23 -10.40 18.66
N SER F 371 17.17 -9.96 19.51
CA SER F 371 18.61 -10.34 19.47
C SER F 371 18.81 -11.80 19.88
N GLN F 372 17.82 -12.41 20.55
CA GLN F 372 17.84 -13.82 21.02
C GLN F 372 18.97 -14.04 22.04
N THR F 373 19.56 -12.96 22.57
CA THR F 373 20.65 -13.00 23.58
C THR F 373 20.27 -12.11 24.77
N VAL F 374 20.31 -12.66 25.99
CA VAL F 374 20.11 -11.91 27.26
C VAL F 374 21.05 -10.70 27.32
N GLY F 375 20.58 -9.61 27.92
CA GLY F 375 21.26 -8.30 27.95
C GLY F 375 20.27 -7.20 28.25
N SER F 376 20.68 -5.94 28.07
CA SER F 376 19.82 -4.76 28.34
C SER F 376 19.75 -3.87 27.10
N VAL F 377 18.62 -3.22 26.88
CA VAL F 377 18.55 -2.12 25.87
C VAL F 377 19.65 -1.14 26.23
N GLY F 378 20.44 -0.71 25.24
CA GLY F 378 21.49 0.31 25.38
C GLY F 378 22.88 -0.30 25.48
N GLU F 379 22.99 -1.62 25.70
CA GLU F 379 24.30 -2.32 25.75
C GLU F 379 25.11 -1.86 24.54
N TYR F 380 26.32 -1.35 24.75
CA TYR F 380 27.21 -0.86 23.68
C TYR F 380 28.59 -1.50 23.78
N GLY F 381 29.28 -1.59 22.66
CA GLY F 381 30.66 -2.09 22.57
C GLY F 381 31.05 -2.34 21.13
N TRP F 382 32.12 -3.11 20.94
CA TRP F 382 32.52 -3.62 19.61
C TRP F 382 33.48 -4.80 19.81
N GLY F 383 34.04 -5.31 18.73
CA GLY F 383 34.86 -6.53 18.71
C GLY F 383 36.02 -6.38 17.75
N GLY F 384 37.00 -7.27 17.85
CA GLY F 384 38.13 -7.39 16.92
C GLY F 384 38.08 -8.72 16.20
N MET F 385 38.60 -8.77 14.98
CA MET F 385 38.49 -9.93 14.07
C MET F 385 39.27 -11.13 14.62
N ALA F 386 40.09 -10.97 15.67
CA ALA F 386 40.79 -12.09 16.34
C ALA F 386 39.98 -12.57 17.55
N SER F 387 38.70 -12.23 17.63
CA SER F 387 37.70 -12.76 18.60
C SER F 387 37.83 -12.09 19.97
N THR F 388 38.48 -10.92 20.01
CA THR F 388 38.44 -9.97 21.15
C THR F 388 37.07 -9.31 21.16
N ASN F 389 36.52 -9.05 22.35
CA ASN F 389 35.17 -8.46 22.51
C ASN F 389 35.11 -7.67 23.81
N PHE F 390 34.33 -6.60 23.83
CA PHE F 390 33.96 -5.87 25.07
C PHE F 390 32.55 -5.30 24.93
N PHE F 391 31.83 -5.19 26.05
CA PHE F 391 30.54 -4.51 26.12
C PHE F 391 30.41 -3.79 27.47
N ILE F 392 29.55 -2.78 27.49
CA ILE F 392 29.15 -1.96 28.65
C ILE F 392 27.62 -1.95 28.66
N ASP F 393 27.01 -2.42 29.73
CA ASP F 393 25.54 -2.41 29.94
C ASP F 393 25.24 -1.24 30.88
N PRO F 394 24.74 -0.10 30.35
CA PRO F 394 24.51 1.07 31.20
C PRO F 394 23.31 0.92 32.15
N GLU F 395 22.40 -0.03 31.87
CA GLU F 395 21.23 -0.29 32.75
C GLU F 395 21.70 -1.01 34.02
N GLU F 396 22.67 -1.91 33.92
CA GLU F 396 23.16 -2.76 35.05
C GLU F 396 24.51 -2.24 35.57
N ASP F 397 25.08 -1.21 34.95
CA ASP F 397 26.44 -0.67 35.28
C ASP F 397 27.45 -1.84 35.29
N LEU F 398 27.39 -2.69 34.26
CA LEU F 398 28.14 -3.96 34.14
C LEU F 398 29.02 -3.87 32.90
N LEU F 399 30.21 -4.47 32.88
CA LEU F 399 31.03 -4.50 31.63
C LEU F 399 31.90 -5.75 31.61
N MET F 400 32.40 -6.10 30.42
CA MET F 400 33.23 -7.30 30.17
C MET F 400 34.31 -6.92 29.17
N VAL F 401 35.54 -7.39 29.38
CA VAL F 401 36.62 -7.40 28.36
C VAL F 401 37.06 -8.86 28.19
N PHE F 402 37.04 -9.37 26.96
CA PHE F 402 37.42 -10.75 26.61
C PHE F 402 38.50 -10.71 25.52
N MET F 403 39.60 -11.40 25.78
CA MET F 403 40.80 -11.43 24.90
C MET F 403 41.12 -12.88 24.55
N THR F 404 41.30 -13.15 23.26
CA THR F 404 41.85 -14.40 22.68
C THR F 404 42.45 -13.99 21.35
N GLN F 405 43.13 -14.88 20.65
CA GLN F 405 43.69 -14.57 19.31
C GLN F 405 43.36 -15.72 18.36
N LEU F 406 42.15 -15.66 17.77
CA LEU F 406 41.61 -16.64 16.79
C LEU F 406 40.86 -15.87 15.70
N ILE F 407 41.44 -15.78 14.51
CA ILE F 407 40.84 -15.14 13.30
C ILE F 407 40.10 -16.19 12.49
N PRO F 408 38.84 -15.97 12.02
CA PRO F 408 38.05 -14.79 12.32
C PRO F 408 37.04 -14.91 13.48
N SER F 409 36.57 -13.78 14.02
CA SER F 409 35.63 -13.66 15.17
C SER F 409 34.28 -14.28 14.84
N SER F 410 33.91 -14.36 13.55
CA SER F 410 32.64 -14.99 13.07
C SER F 410 32.64 -16.50 13.37
N THR F 411 33.79 -17.10 13.69
CA THR F 411 33.94 -18.56 13.84
C THR F 411 33.01 -19.12 14.92
N TYR F 412 33.14 -18.65 16.16
CA TYR F 412 32.39 -19.18 17.34
C TYR F 412 31.58 -18.05 17.96
N ALA F 413 30.51 -18.40 18.67
CA ALA F 413 29.59 -17.48 19.37
C ALA F 413 29.99 -17.39 20.86
N VAL F 414 31.27 -17.45 21.14
CA VAL F 414 31.80 -17.41 22.55
C VAL F 414 31.31 -16.10 23.22
N ARG F 415 31.26 -14.98 22.49
CA ARG F 415 30.86 -13.68 23.11
C ARG F 415 29.39 -13.71 23.57
N GLN F 416 28.53 -14.55 22.98
CA GLN F 416 27.11 -14.69 23.38
C GLN F 416 27.01 -15.62 24.61
N GLU F 417 27.79 -16.70 24.62
CA GLU F 417 27.86 -17.66 25.77
C GLU F 417 28.31 -16.89 27.03
N LEU F 418 29.33 -16.05 26.91
CA LEU F 418 29.85 -15.24 28.05
C LEU F 418 28.74 -14.30 28.56
N ARG F 419 27.98 -13.68 27.66
CA ARG F 419 26.83 -12.80 28.03
C ARG F 419 25.79 -13.60 28.84
N ALA F 420 25.54 -14.85 28.45
CA ALA F 420 24.55 -15.73 29.12
C ALA F 420 24.98 -15.99 30.56
N ILE F 421 26.27 -16.31 30.76
CA ILE F 421 26.84 -16.69 32.09
C ILE F 421 26.88 -15.45 32.98
N ILE F 422 27.42 -14.34 32.45
CA ILE F 422 27.61 -13.06 33.18
C ILE F 422 26.24 -12.52 33.61
N ASN F 423 25.26 -12.45 32.70
CA ASN F 423 23.90 -11.94 33.04
C ASN F 423 23.23 -12.92 34.00
N GLY F 424 23.60 -14.20 33.93
CA GLY F 424 23.10 -15.25 34.83
C GLY F 424 23.54 -15.07 36.27
N ALA F 425 24.64 -14.35 36.48
CA ALA F 425 25.28 -14.13 37.81
C ALA F 425 24.67 -12.93 38.54
N LEU F 426 23.81 -12.14 37.91
CA LEU F 426 23.10 -11.02 38.62
C LEU F 426 22.07 -11.63 39.58
N VAL F 427 22.15 -11.28 40.88
CA VAL F 427 21.35 -11.91 41.97
C VAL F 427 20.73 -10.86 42.91
N ASP F 428 20.52 -9.62 42.48
CA ASP F 428 19.81 -8.59 43.30
C ASP F 428 18.41 -8.33 42.70
N SER G 27 1.69 34.87 45.75
CA SER G 27 1.94 34.74 47.23
C SER G 27 0.80 34.00 47.95
N ASN G 28 -0.47 34.00 47.45
CA ASN G 28 -1.53 33.15 48.06
C ASN G 28 -1.67 31.84 47.27
N ILE G 29 -1.03 30.78 47.76
CA ILE G 29 -0.78 29.49 47.06
C ILE G 29 -1.32 28.38 47.96
N ILE G 30 -2.20 27.54 47.43
CA ILE G 30 -2.64 26.27 48.10
C ILE G 30 -2.40 25.12 47.11
N ALA G 31 -1.73 24.07 47.57
CA ALA G 31 -1.51 22.84 46.78
C ALA G 31 -0.91 23.20 45.42
N GLY G 32 0.05 24.13 45.38
CA GLY G 32 0.76 24.51 44.15
C GLY G 32 -0.10 25.30 43.18
N MET G 33 -1.22 25.87 43.63
CA MET G 33 -2.13 26.68 42.78
C MET G 33 -2.23 28.12 43.32
N ASP G 34 -2.01 29.10 42.46
CA ASP G 34 -2.13 30.56 42.77
C ASP G 34 -3.62 30.92 42.78
N LEU G 35 -4.18 31.25 43.95
CA LEU G 35 -5.62 31.55 44.11
C LEU G 35 -5.98 32.86 43.39
N ASN G 36 -5.02 33.76 43.20
CA ASN G 36 -5.25 35.03 42.47
C ASN G 36 -5.46 34.69 40.98
N ARG G 37 -4.70 33.72 40.46
CA ARG G 37 -4.86 33.25 39.06
C ARG G 37 -6.19 32.51 38.94
N LEU G 38 -6.63 31.79 39.97
CA LEU G 38 -7.94 31.07 39.92
C LEU G 38 -9.10 32.07 39.94
N ASP G 39 -8.90 33.30 40.41
CA ASP G 39 -9.99 34.32 40.42
C ASP G 39 -10.36 34.71 38.99
N ARG G 40 -9.50 34.41 38.00
CA ARG G 40 -9.76 34.70 36.57
C ARG G 40 -10.98 33.91 36.10
N ILE G 41 -11.32 32.80 36.75
CA ILE G 41 -12.52 31.98 36.43
C ILE G 41 -13.75 32.87 36.51
N ALA G 42 -13.99 33.50 37.67
CA ALA G 42 -15.17 34.35 37.94
C ALA G 42 -15.16 35.56 36.99
N GLU G 43 -14.01 36.20 36.81
CA GLU G 43 -13.82 37.36 35.90
C GLU G 43 -14.26 36.94 34.48
N HIS G 44 -13.81 35.76 34.04
CA HIS G 44 -14.10 35.20 32.69
C HIS G 44 -15.59 34.89 32.54
N LEU G 45 -16.20 34.16 33.48
CA LEU G 45 -17.64 33.78 33.39
C LEU G 45 -18.54 35.02 33.43
N ASP G 46 -18.15 36.07 34.17
CA ASP G 46 -18.88 37.36 34.20
C ASP G 46 -18.76 38.03 32.82
N ARG G 47 -17.55 38.32 32.37
CA ARG G 47 -17.22 39.12 31.16
C ARG G 47 -17.80 38.45 29.91
N ALA G 48 -17.68 37.12 29.79
CA ALA G 48 -17.91 36.38 28.52
C ALA G 48 -19.30 35.75 28.46
N TYR G 49 -19.98 35.53 29.60
CA TYR G 49 -21.24 34.74 29.64
C TYR G 49 -22.37 35.42 30.45
N LEU G 50 -22.13 35.85 31.69
CA LEU G 50 -23.22 36.29 32.62
C LEU G 50 -23.66 37.72 32.28
N HIS G 51 -22.73 38.69 32.24
CA HIS G 51 -23.02 40.12 31.91
C HIS G 51 -23.65 40.22 30.52
N PRO G 52 -23.14 39.53 29.47
CA PRO G 52 -23.77 39.55 28.15
C PRO G 52 -25.04 38.72 27.98
N GLY G 53 -25.45 37.96 29.01
CA GLY G 53 -26.73 37.23 29.05
C GLY G 53 -26.74 35.96 28.19
N LYS G 54 -25.63 35.21 28.16
CA LYS G 54 -25.49 33.95 27.39
C LYS G 54 -25.80 32.74 28.29
N LEU G 55 -25.48 32.85 29.58
CA LEU G 55 -25.82 31.88 30.66
C LEU G 55 -26.57 32.60 31.79
N ALA G 56 -27.51 31.90 32.43
CA ALA G 56 -28.22 32.38 33.64
C ALA G 56 -27.27 32.45 34.83
N GLY G 57 -26.56 31.35 35.12
CA GLY G 57 -25.72 31.22 36.32
C GLY G 57 -24.84 29.98 36.30
N THR G 58 -23.79 30.00 37.12
CA THR G 58 -22.69 29.01 37.15
C THR G 58 -22.31 28.67 38.60
N MET G 59 -21.89 27.43 38.82
CA MET G 59 -21.23 26.96 40.05
C MET G 59 -19.95 26.24 39.63
N THR G 60 -18.80 26.71 40.08
CA THR G 60 -17.47 26.19 39.68
C THR G 60 -16.69 25.76 40.92
N LEU G 61 -16.21 24.51 40.95
CA LEU G 61 -15.32 24.00 42.03
C LEU G 61 -14.05 23.42 41.40
N VAL G 62 -12.91 23.71 42.02
CA VAL G 62 -11.57 23.18 41.63
C VAL G 62 -10.90 22.63 42.90
N ALA G 63 -10.30 21.45 42.81
CA ALA G 63 -9.59 20.77 43.91
C ALA G 63 -8.24 20.26 43.40
N ARG G 64 -7.23 20.24 44.26
CA ARG G 64 -5.92 19.64 43.94
C ARG G 64 -5.36 18.96 45.20
N ARG G 65 -4.90 17.72 45.05
CA ARG G 65 -4.27 16.93 46.13
C ARG G 65 -5.20 16.89 47.35
N GLY G 66 -6.50 16.73 47.13
CA GLY G 66 -7.50 16.54 48.20
C GLY G 66 -8.09 17.85 48.71
N GLU G 67 -7.52 19.00 48.35
CA GLU G 67 -7.91 20.33 48.91
C GLU G 67 -8.73 21.12 47.88
N VAL G 68 -9.94 21.53 48.24
CA VAL G 68 -10.78 22.47 47.47
C VAL G 68 -10.09 23.84 47.47
N VAL G 69 -9.68 24.35 46.31
CA VAL G 69 -8.90 25.62 46.17
C VAL G 69 -9.79 26.70 45.52
N TYR G 70 -10.96 26.34 45.01
CA TYR G 70 -11.89 27.30 44.36
C TYR G 70 -13.31 26.74 44.46
N CYS G 71 -14.24 27.61 44.84
CA CYS G 71 -15.69 27.32 44.92
C CYS G 71 -16.44 28.66 44.82
N GLN G 72 -17.14 28.90 43.72
CA GLN G 72 -17.81 30.19 43.42
C GLN G 72 -19.12 29.94 42.69
N ALA G 73 -20.22 30.37 43.31
CA ALA G 73 -21.54 30.56 42.68
C ALA G 73 -21.55 31.96 42.04
N GLN G 74 -22.18 32.07 40.87
CA GLN G 74 -22.34 33.37 40.14
C GLN G 74 -23.71 33.37 39.47
N GLY G 75 -24.30 34.57 39.35
CA GLY G 75 -25.58 34.77 38.64
C GLY G 75 -26.74 34.02 39.28
N LEU G 76 -27.72 33.63 38.47
CA LEU G 76 -29.08 33.21 38.92
C LEU G 76 -29.33 31.75 38.53
N ARG G 77 -29.97 30.98 39.42
CA ARG G 77 -30.45 29.60 39.16
C ARG G 77 -31.86 29.64 38.54
N ASP G 78 -32.59 30.73 38.80
CA ASP G 78 -33.99 30.96 38.31
C ASP G 78 -34.14 32.46 37.99
N VAL G 79 -34.14 32.83 36.70
CA VAL G 79 -34.16 34.25 36.24
C VAL G 79 -35.55 34.83 36.51
N GLU G 80 -36.59 34.06 36.17
CA GLU G 80 -38.02 34.43 36.34
C GLU G 80 -38.30 34.84 37.80
N ARG G 81 -37.70 34.14 38.78
CA ARG G 81 -37.95 34.33 40.24
C ARG G 81 -36.77 35.04 40.92
N GLN G 82 -35.78 35.51 40.15
CA GLN G 82 -34.66 36.36 40.65
C GLN G 82 -33.94 35.63 41.81
N LEU G 83 -33.81 34.28 41.76
CA LEU G 83 -33.13 33.46 42.80
C LEU G 83 -31.67 33.22 42.40
N PRO G 84 -30.67 33.51 43.27
CA PRO G 84 -29.27 33.36 42.90
C PRO G 84 -28.82 31.89 42.93
N VAL G 85 -27.67 31.60 42.32
CA VAL G 85 -26.99 30.28 42.45
C VAL G 85 -26.33 30.28 43.83
N GLU G 86 -26.49 29.20 44.59
CA GLU G 86 -25.77 28.96 45.88
C GLU G 86 -25.00 27.65 45.76
N ARG G 87 -24.00 27.46 46.63
CA ARG G 87 -23.20 26.21 46.79
C ARG G 87 -24.10 24.98 46.74
N ASP G 88 -25.32 25.07 47.29
CA ASP G 88 -26.24 23.93 47.50
C ASP G 88 -27.28 23.85 46.36
N THR G 89 -27.12 24.63 45.29
CA THR G 89 -28.09 24.62 44.15
C THR G 89 -28.06 23.24 43.47
N LEU G 90 -29.23 22.72 43.15
CA LEU G 90 -29.41 21.41 42.47
C LEU G 90 -29.49 21.62 40.96
N PHE G 91 -28.78 20.78 40.19
CA PHE G 91 -28.60 20.88 38.72
C PHE G 91 -28.95 19.55 38.07
N ARG G 92 -29.63 19.58 36.92
CA ARG G 92 -29.74 18.43 36.00
C ARG G 92 -28.33 18.18 35.44
N ILE G 93 -27.65 17.12 35.87
CA ILE G 93 -26.25 16.82 35.47
C ILE G 93 -26.30 15.93 34.23
N TYR G 94 -27.49 15.43 33.90
CA TYR G 94 -27.77 14.60 32.71
C TYR G 94 -26.71 13.51 32.50
N SER G 95 -26.02 13.57 31.36
CA SER G 95 -25.10 12.51 30.88
C SER G 95 -23.89 12.32 31.79
N MET G 96 -23.73 13.22 32.77
CA MET G 96 -22.72 13.01 33.84
C MET G 96 -23.24 11.92 34.80
N THR G 97 -24.44 11.42 34.58
CA THR G 97 -24.95 10.19 35.23
C THR G 97 -24.10 8.99 34.81
N LYS G 98 -23.55 8.98 33.59
CA LYS G 98 -23.00 7.76 32.94
C LYS G 98 -21.81 7.21 33.72
N PRO G 99 -20.85 8.04 34.16
CA PRO G 99 -19.75 7.54 35.01
C PRO G 99 -20.24 6.83 36.29
N ILE G 100 -21.32 7.33 36.92
CA ILE G 100 -21.92 6.73 38.14
C ILE G 100 -22.48 5.35 37.77
N THR G 101 -23.26 5.24 36.70
CA THR G 101 -23.80 3.95 36.20
C THR G 101 -22.66 2.99 35.89
N SER G 102 -21.57 3.49 35.30
CA SER G 102 -20.40 2.67 34.89
C SER G 102 -19.75 2.09 36.14
N ILE G 103 -19.50 2.92 37.15
CA ILE G 103 -18.96 2.49 38.48
C ILE G 103 -19.87 1.42 39.07
N ALA G 104 -21.18 1.64 39.05
CA ALA G 104 -22.16 0.69 39.61
C ALA G 104 -21.96 -0.68 38.94
N LEU G 105 -21.89 -0.74 37.60
CA LEU G 105 -21.77 -2.05 36.91
C LEU G 105 -20.38 -2.66 37.19
N MET G 106 -19.35 -1.85 37.29
CA MET G 106 -17.97 -2.37 37.53
C MET G 106 -17.82 -2.85 38.98
N GLN G 107 -18.64 -2.36 39.93
CA GLN G 107 -18.70 -2.93 41.31
C GLN G 107 -19.08 -4.41 41.21
N LEU G 108 -20.01 -4.75 40.31
CA LEU G 108 -20.48 -6.15 40.11
C LEU G 108 -19.43 -6.96 39.33
N TYR G 109 -18.61 -6.31 38.49
CA TYR G 109 -17.49 -6.97 37.77
C TYR G 109 -16.50 -7.53 38.80
N GLU G 110 -16.21 -6.71 39.82
CA GLU G 110 -15.29 -7.00 40.96
C GLU G 110 -15.82 -8.15 41.84
N GLN G 111 -17.13 -8.46 41.79
CA GLN G 111 -17.74 -9.57 42.56
C GLN G 111 -17.84 -10.82 41.68
N GLY G 112 -17.36 -10.77 40.42
CA GLY G 112 -17.31 -11.92 39.51
C GLY G 112 -18.61 -12.18 38.76
N ARG G 113 -19.52 -11.20 38.73
CA ARG G 113 -20.94 -11.43 38.30
C ARG G 113 -21.04 -11.49 36.77
N PHE G 114 -20.05 -10.95 36.05
CA PHE G 114 -19.96 -10.99 34.56
C PHE G 114 -18.53 -10.68 34.12
N LEU G 115 -18.27 -10.89 32.83
CA LEU G 115 -17.00 -10.55 32.14
C LEU G 115 -17.28 -9.63 30.96
N LEU G 116 -16.34 -8.76 30.60
CA LEU G 116 -16.59 -7.72 29.57
C LEU G 116 -16.76 -8.34 28.18
N ASP G 117 -16.13 -9.49 27.90
CA ASP G 117 -16.18 -10.11 26.55
C ASP G 117 -17.35 -11.09 26.45
N GLU G 118 -18.20 -11.16 27.48
CA GLU G 118 -19.45 -11.97 27.43
C GLU G 118 -20.47 -11.27 26.54
N PRO G 119 -21.23 -12.03 25.73
CA PRO G 119 -22.34 -11.46 24.97
C PRO G 119 -23.46 -10.92 25.89
N VAL G 120 -24.04 -9.78 25.53
CA VAL G 120 -25.19 -9.16 26.26
C VAL G 120 -26.35 -10.17 26.28
N HIS G 121 -26.53 -10.96 25.22
CA HIS G 121 -27.70 -11.87 25.07
C HIS G 121 -27.63 -13.02 26.08
N LYS G 122 -26.48 -13.20 26.74
CA LYS G 122 -26.36 -14.15 27.88
C LYS G 122 -27.25 -13.68 29.03
N TYR G 123 -27.42 -12.37 29.23
CA TYR G 123 -28.20 -11.74 30.33
C TYR G 123 -29.55 -11.22 29.78
N ILE G 124 -29.62 -10.90 28.48
CA ILE G 124 -30.86 -10.42 27.80
C ILE G 124 -31.14 -11.33 26.60
N PRO G 125 -31.69 -12.54 26.80
CA PRO G 125 -31.76 -13.55 25.73
C PRO G 125 -32.56 -13.14 24.48
N THR G 126 -33.54 -12.24 24.63
CA THR G 126 -34.37 -11.71 23.51
C THR G 126 -33.48 -10.96 22.50
N TRP G 127 -32.29 -10.51 22.92
CA TRP G 127 -31.33 -9.76 22.06
C TRP G 127 -30.42 -10.71 21.26
N LYS G 128 -30.62 -12.03 21.30
CA LYS G 128 -29.66 -12.97 20.66
C LYS G 128 -29.58 -12.71 19.14
N ASN G 129 -30.69 -12.37 18.47
CA ASN G 129 -30.76 -12.30 16.99
C ASN G 129 -30.80 -10.84 16.51
N LEU G 130 -30.24 -9.90 17.28
CA LEU G 130 -30.08 -8.50 16.82
C LEU G 130 -29.34 -8.52 15.49
N ARG G 131 -29.74 -7.64 14.56
CA ARG G 131 -29.18 -7.57 13.20
C ARG G 131 -28.83 -6.11 12.87
N VAL G 132 -28.02 -5.89 11.83
CA VAL G 132 -27.49 -4.55 11.43
C VAL G 132 -28.39 -3.97 10.36
N TYR G 133 -28.73 -2.68 10.49
CA TYR G 133 -29.54 -1.93 9.50
C TYR G 133 -28.94 -2.08 8.10
N LYS G 134 -29.77 -2.38 7.10
CA LYS G 134 -29.39 -2.35 5.66
C LYS G 134 -30.18 -1.23 4.95
N THR G 135 -31.52 -1.29 4.95
CA THR G 135 -32.38 -0.30 4.25
C THR G 135 -33.83 -0.41 4.77
N GLY G 136 -34.67 0.59 4.48
CA GLY G 136 -36.09 0.60 4.80
C GLY G 136 -36.42 1.57 5.93
N SER G 137 -37.70 1.92 6.07
CA SER G 137 -38.25 2.77 7.16
C SER G 137 -38.95 1.90 8.18
N HIS G 138 -38.94 2.31 9.45
CA HIS G 138 -39.71 1.64 10.53
C HIS G 138 -41.17 1.64 10.12
N PRO G 139 -41.92 0.51 10.22
CA PRO G 139 -41.41 -0.76 10.75
C PRO G 139 -41.10 -1.87 9.74
N GLN G 140 -40.53 -1.54 8.57
CA GLN G 140 -40.17 -2.55 7.53
C GLN G 140 -38.69 -2.39 7.19
N MET G 141 -37.84 -2.41 8.22
CA MET G 141 -36.37 -2.27 8.09
C MET G 141 -35.77 -3.64 7.80
N LEU G 142 -35.03 -3.76 6.69
CA LEU G 142 -34.26 -4.97 6.30
C LEU G 142 -32.86 -4.88 6.92
N THR G 143 -32.27 -6.04 7.25
CA THR G 143 -31.05 -6.13 8.10
C THR G 143 -30.11 -7.19 7.54
N THR G 144 -28.83 -7.12 7.91
CA THR G 144 -27.80 -8.16 7.64
C THR G 144 -27.34 -8.75 8.97
N ALA G 145 -26.74 -9.95 8.95
CA ALA G 145 -26.13 -10.61 10.12
C ALA G 145 -24.92 -9.79 10.59
N PRO G 146 -24.71 -9.64 11.92
CA PRO G 146 -23.50 -9.01 12.45
C PRO G 146 -22.34 -10.02 12.41
N GLN G 147 -21.08 -9.54 12.33
CA GLN G 147 -19.88 -10.41 12.37
C GLN G 147 -19.80 -11.12 13.73
N ARG G 148 -20.20 -10.46 14.81
CA ARG G 148 -20.21 -11.08 16.17
C ARG G 148 -21.30 -10.46 17.02
N PRO G 149 -21.79 -11.18 18.05
CA PRO G 149 -22.77 -10.62 18.97
C PRO G 149 -22.18 -9.47 19.82
N MET G 150 -23.05 -8.51 20.15
CA MET G 150 -22.82 -7.39 21.12
C MET G 150 -22.28 -7.95 22.44
N THR G 151 -21.25 -7.30 23.02
CA THR G 151 -20.68 -7.64 24.35
C THR G 151 -20.94 -6.52 25.36
N ILE G 152 -20.70 -6.79 26.64
CA ILE G 152 -20.89 -5.79 27.73
C ILE G 152 -19.84 -4.69 27.53
N ARG G 153 -18.63 -5.06 27.11
CA ARG G 153 -17.59 -4.02 26.82
C ARG G 153 -18.13 -3.05 25.75
N ASP G 154 -18.83 -3.56 24.73
CA ASP G 154 -19.46 -2.73 23.67
C ASP G 154 -20.45 -1.74 24.31
N LEU G 155 -21.25 -2.17 25.30
CA LEU G 155 -22.23 -1.26 25.98
C LEU G 155 -21.47 -0.15 26.73
N LEU G 156 -20.45 -0.50 27.52
CA LEU G 156 -19.72 0.45 28.39
C LEU G 156 -18.91 1.45 27.56
N THR G 157 -18.61 1.14 26.30
CA THR G 157 -17.74 1.97 25.41
C THR G 157 -18.52 2.59 24.24
N HIS G 158 -19.83 2.36 24.14
CA HIS G 158 -20.70 2.90 23.06
C HIS G 158 -20.21 2.41 21.69
N GLN G 159 -19.80 1.13 21.62
CA GLN G 159 -19.44 0.40 20.38
C GLN G 159 -20.51 -0.67 20.10
N SER G 160 -21.65 -0.64 20.81
CA SER G 160 -22.81 -1.57 20.73
C SER G 160 -23.38 -1.58 19.32
N GLY G 161 -23.48 -0.41 18.69
CA GLY G 161 -24.29 -0.20 17.48
C GLY G 161 -25.65 0.39 17.84
N LEU G 162 -25.95 0.49 19.12
CA LEU G 162 -27.15 1.25 19.59
C LEU G 162 -26.92 2.72 19.27
N THR G 163 -27.99 3.53 19.35
CA THR G 163 -27.94 4.99 19.10
C THR G 163 -28.85 5.71 20.10
N TYR G 164 -29.17 6.97 19.83
CA TYR G 164 -30.08 7.85 20.59
C TYR G 164 -31.06 8.50 19.60
N GLY G 165 -32.33 8.63 19.98
CA GLY G 165 -33.33 9.38 19.21
C GLY G 165 -32.84 10.73 18.74
N PHE G 166 -32.19 11.51 19.61
CA PHE G 166 -31.86 12.93 19.33
C PHE G 166 -30.73 13.04 18.28
N MET G 167 -30.08 11.94 17.89
CA MET G 167 -28.94 11.99 16.91
C MET G 167 -29.44 12.61 15.59
N ASN G 168 -30.66 12.28 15.17
CA ASN G 168 -31.34 12.86 13.97
C ASN G 168 -30.45 12.69 12.73
N ARG G 169 -29.93 11.48 12.49
CA ARG G 169 -29.02 11.23 11.33
C ARG G 169 -29.51 10.07 10.48
N THR G 170 -30.14 9.04 11.06
CA THR G 170 -30.46 7.77 10.37
C THR G 170 -31.91 7.33 10.60
N ASN G 171 -32.38 6.43 9.74
CA ASN G 171 -33.72 5.80 9.83
C ASN G 171 -33.85 5.08 11.18
N VAL G 172 -32.75 4.58 11.75
CA VAL G 172 -32.77 3.85 13.04
C VAL G 172 -33.10 4.83 14.18
N ASP G 173 -32.41 5.97 14.26
CA ASP G 173 -32.73 6.96 15.30
C ASP G 173 -34.13 7.58 15.04
N ALA G 174 -34.66 7.52 13.82
CA ALA G 174 -36.04 7.97 13.53
C ALA G 174 -37.03 7.02 14.23
N ALA G 175 -36.74 5.73 14.21
CA ALA G 175 -37.53 4.68 14.89
C ALA G 175 -37.45 4.88 16.42
N TYR G 176 -36.27 5.19 16.96
CA TYR G 176 -36.13 5.50 18.41
C TYR G 176 -37.07 6.67 18.73
N ARG G 177 -37.14 7.69 17.88
CA ARG G 177 -37.96 8.91 18.17
C ARG G 177 -39.45 8.55 18.13
N SER G 178 -39.93 7.81 17.13
CA SER G 178 -41.39 7.48 17.02
C SER G 178 -41.80 6.58 18.20
N LEU G 179 -40.88 5.80 18.78
CA LEU G 179 -41.10 4.93 19.97
C LEU G 179 -40.69 5.64 21.27
N LYS G 180 -40.17 6.87 21.21
CA LYS G 180 -39.79 7.70 22.38
C LYS G 180 -38.88 6.90 23.33
N LEU G 181 -37.82 6.29 22.81
CA LEU G 181 -36.85 5.48 23.60
C LEU G 181 -35.86 6.37 24.36
N ASP G 182 -35.81 7.67 24.07
CA ASP G 182 -35.01 8.67 24.83
C ASP G 182 -35.73 9.05 26.12
N GLY G 183 -37.03 8.74 26.24
CA GLY G 183 -37.89 9.13 27.38
C GLY G 183 -39.26 9.59 26.91
N GLY G 184 -40.23 9.66 27.83
CA GLY G 184 -41.60 10.16 27.54
C GLY G 184 -42.67 9.36 28.26
N PRO G 185 -43.96 9.64 28.02
CA PRO G 185 -45.05 9.08 28.81
C PRO G 185 -45.05 7.54 28.82
N GLY G 186 -45.02 6.94 30.02
CA GLY G 186 -45.11 5.48 30.25
C GLY G 186 -43.78 4.76 30.02
N HIS G 187 -42.68 5.49 29.79
CA HIS G 187 -41.36 4.88 29.47
C HIS G 187 -40.78 4.28 30.75
N THR G 188 -40.23 3.07 30.63
CA THR G 188 -39.53 2.32 31.71
C THR G 188 -38.32 1.62 31.07
N LEU G 189 -37.33 1.21 31.87
CA LEU G 189 -36.18 0.41 31.37
C LEU G 189 -36.71 -0.88 30.72
N ASP G 190 -37.79 -1.46 31.24
CA ASP G 190 -38.34 -2.74 30.74
C ASP G 190 -38.81 -2.55 29.29
N ARG G 191 -39.38 -1.38 29.00
CA ARG G 191 -39.90 -1.04 27.65
C ARG G 191 -38.72 -0.84 26.67
N LEU G 192 -37.67 -0.13 27.11
CA LEU G 192 -36.43 0.09 26.30
C LEU G 192 -35.87 -1.27 25.86
N ILE G 193 -35.62 -2.19 26.79
CA ILE G 193 -35.02 -3.51 26.48
C ILE G 193 -35.95 -4.28 25.52
N ASP G 194 -37.26 -4.21 25.73
CA ASP G 194 -38.26 -4.92 24.90
C ASP G 194 -38.27 -4.31 23.49
N GLU G 195 -38.36 -2.98 23.36
CA GLU G 195 -38.37 -2.30 22.03
C GLU G 195 -37.04 -2.51 21.29
N LEU G 196 -35.89 -2.44 21.97
CA LEU G 196 -34.55 -2.56 21.31
C LEU G 196 -34.36 -3.96 20.72
N ALA G 197 -35.06 -4.97 21.22
CA ALA G 197 -34.97 -6.37 20.75
C ALA G 197 -35.54 -6.50 19.34
N ARG G 198 -36.34 -5.54 18.88
CA ARG G 198 -37.04 -5.59 17.58
C ARG G 198 -36.50 -4.49 16.66
N LEU G 199 -35.38 -3.84 17.01
CA LEU G 199 -34.77 -2.77 16.20
C LEU G 199 -33.39 -3.20 15.72
N PRO G 200 -32.94 -2.71 14.55
CA PRO G 200 -31.58 -2.96 14.10
C PRO G 200 -30.53 -2.02 14.71
N LEU G 201 -29.27 -2.42 14.59
CA LEU G 201 -28.07 -1.65 15.02
C LEU G 201 -27.54 -0.83 13.85
N GLU G 202 -26.87 0.29 14.14
CA GLU G 202 -26.29 1.15 13.09
C GLU G 202 -25.13 0.42 12.40
N PHE G 203 -24.50 -0.53 13.09
CA PHE G 203 -23.31 -1.23 12.57
C PHE G 203 -23.04 -2.49 13.40
N SER G 204 -22.22 -3.38 12.86
CA SER G 204 -21.80 -4.64 13.52
C SER G 204 -21.04 -4.26 14.79
N PRO G 205 -21.43 -4.81 15.97
CA PRO G 205 -20.82 -4.43 17.24
C PRO G 205 -19.29 -4.47 17.23
N GLY G 206 -18.66 -3.40 17.70
CA GLY G 206 -17.20 -3.26 17.88
C GLY G 206 -16.55 -2.49 16.73
N THR G 207 -17.23 -2.31 15.59
CA THR G 207 -16.62 -1.87 14.31
C THR G 207 -16.67 -0.34 14.20
N ALA G 208 -17.37 0.33 15.11
CA ALA G 208 -17.47 1.80 15.15
C ALA G 208 -17.88 2.25 16.55
N TRP G 209 -17.97 3.56 16.75
CA TRP G 209 -18.45 4.21 18.01
C TRP G 209 -19.59 5.15 17.68
N ASN G 210 -20.67 5.09 18.45
CA ASN G 210 -21.86 5.96 18.33
C ASN G 210 -22.48 6.08 19.71
N TYR G 211 -22.55 7.31 20.24
CA TYR G 211 -23.14 7.65 21.57
C TYR G 211 -24.59 7.17 21.58
N SER G 212 -25.02 6.53 22.67
CA SER G 212 -26.21 5.64 22.69
C SER G 212 -26.90 5.58 24.05
N VAL G 213 -28.09 4.97 24.05
CA VAL G 213 -28.85 4.47 25.24
C VAL G 213 -28.11 3.31 25.90
N ALA G 214 -26.91 2.94 25.45
CA ALA G 214 -26.19 1.76 25.97
C ALA G 214 -26.03 1.87 27.50
N THR G 215 -25.85 3.08 28.03
CA THR G 215 -25.62 3.27 29.48
C THR G 215 -26.95 3.08 30.22
N ASP G 216 -28.07 3.42 29.59
CA ASP G 216 -29.44 3.11 30.11
C ASP G 216 -29.59 1.58 30.22
N VAL G 217 -29.07 0.83 29.24
CA VAL G 217 -29.05 -0.67 29.24
C VAL G 217 -28.12 -1.16 30.34
N CYS G 218 -26.98 -0.50 30.56
CA CYS G 218 -26.05 -0.82 31.67
C CYS G 218 -26.81 -0.73 33.00
N GLY G 219 -27.59 0.34 33.19
CA GLY G 219 -28.45 0.52 34.37
C GLY G 219 -29.42 -0.65 34.53
N TYR G 220 -30.00 -1.12 33.43
CA TYR G 220 -30.92 -2.28 33.43
C TYR G 220 -30.16 -3.52 33.91
N LEU G 221 -28.88 -3.65 33.56
CA LEU G 221 -28.04 -4.82 33.95
C LEU G 221 -27.65 -4.74 35.42
N VAL G 222 -27.43 -3.55 35.96
CA VAL G 222 -27.22 -3.33 37.42
C VAL G 222 -28.45 -3.92 38.16
N GLN G 223 -29.65 -3.61 37.69
CA GLN G 223 -30.93 -4.15 38.24
C GLN G 223 -30.94 -5.69 38.12
N LEU G 224 -30.74 -6.22 36.91
CA LEU G 224 -30.81 -7.67 36.66
C LEU G 224 -29.87 -8.39 37.65
N LEU G 225 -28.65 -7.90 37.83
CA LEU G 225 -27.58 -8.64 38.55
C LEU G 225 -27.68 -8.43 40.05
N SER G 226 -28.07 -7.24 40.51
CA SER G 226 -28.08 -6.86 41.96
C SER G 226 -29.40 -7.29 42.63
N GLY G 227 -30.47 -7.44 41.86
CA GLY G 227 -31.84 -7.67 42.38
C GLY G 227 -32.53 -6.38 42.81
N MET G 228 -31.87 -5.21 42.74
CA MET G 228 -32.40 -3.92 43.25
C MET G 228 -32.76 -3.00 42.07
N SER G 229 -33.70 -2.08 42.26
CA SER G 229 -33.96 -0.98 41.31
C SER G 229 -32.79 0.02 41.39
N LEU G 230 -32.51 0.74 40.31
CA LEU G 230 -31.25 1.48 40.13
C LEU G 230 -31.09 2.57 41.19
N ASP G 231 -32.19 3.23 41.60
CA ASP G 231 -32.14 4.34 42.60
C ASP G 231 -31.66 3.78 43.94
N ASP G 232 -32.11 2.56 44.31
CA ASP G 232 -31.72 1.85 45.56
C ASP G 232 -30.26 1.40 45.44
N TYR G 233 -29.81 0.82 44.30
CA TYR G 233 -28.40 0.40 44.13
C TYR G 233 -27.51 1.62 44.31
N PHE G 234 -27.80 2.73 43.63
CA PHE G 234 -26.96 3.96 43.68
C PHE G 234 -26.86 4.47 45.12
N SER G 235 -28.00 4.52 45.81
CA SER G 235 -28.11 5.06 47.20
C SER G 235 -27.25 4.21 48.12
N LYS G 236 -27.44 2.89 48.09
CA LYS G 236 -26.77 1.95 49.02
C LYS G 236 -25.27 1.89 48.74
N HIS G 237 -24.87 1.71 47.47
CA HIS G 237 -23.47 1.34 47.09
C HIS G 237 -22.64 2.54 46.65
N ILE G 238 -23.22 3.74 46.47
CA ILE G 238 -22.43 4.94 46.05
C ILE G 238 -22.77 6.15 46.92
N PHE G 239 -24.03 6.60 46.96
CA PHE G 239 -24.39 7.93 47.55
C PHE G 239 -24.25 7.91 49.08
N GLN G 240 -24.76 6.89 49.78
CA GLN G 240 -24.66 6.81 51.27
C GLN G 240 -23.19 6.71 51.67
N PRO G 241 -22.40 5.75 51.15
CA PRO G 241 -20.98 5.65 51.49
C PRO G 241 -20.14 6.93 51.28
N LEU G 242 -20.42 7.70 50.23
CA LEU G 242 -19.59 8.90 49.88
C LEU G 242 -20.15 10.15 50.55
N GLY G 243 -21.35 10.08 51.16
CA GLY G 243 -21.97 11.26 51.79
C GLY G 243 -22.46 12.23 50.75
N MET G 244 -23.31 11.73 49.85
CA MET G 244 -23.98 12.46 48.75
C MET G 244 -25.48 12.42 48.98
N PRO G 245 -26.00 13.25 49.92
CA PRO G 245 -27.43 13.22 50.25
C PRO G 245 -28.33 13.99 49.26
N ASP G 246 -27.72 14.70 48.30
CA ASP G 246 -28.44 15.64 47.38
C ASP G 246 -28.28 15.18 45.92
N THR G 247 -28.33 13.87 45.67
CA THR G 247 -28.22 13.24 44.33
C THR G 247 -29.32 12.18 44.22
N PHE G 248 -30.18 12.29 43.21
CA PHE G 248 -31.40 11.46 43.05
C PHE G 248 -32.00 11.60 41.64
N PHE G 249 -32.79 10.62 41.24
CA PHE G 249 -33.57 10.61 39.98
C PHE G 249 -34.78 11.53 40.08
N THR G 250 -35.36 11.63 41.28
CA THR G 250 -36.53 12.47 41.62
C THR G 250 -36.12 13.48 42.69
N VAL G 251 -36.37 14.77 42.47
CA VAL G 251 -36.09 15.83 43.49
C VAL G 251 -37.20 15.75 44.53
N PRO G 252 -36.88 15.48 45.82
CA PRO G 252 -37.90 15.45 46.87
C PRO G 252 -38.53 16.85 47.03
N ALA G 253 -39.83 16.89 47.33
CA ALA G 253 -40.62 18.12 47.55
C ALA G 253 -39.88 19.12 48.45
N GLU G 254 -39.25 18.65 49.54
CA GLU G 254 -38.60 19.54 50.53
C GLU G 254 -37.28 20.14 49.99
N LYS G 255 -36.77 19.72 48.82
CA LYS G 255 -35.50 20.28 48.24
C LYS G 255 -35.77 21.07 46.95
N LEU G 256 -37.01 21.06 46.45
CA LEU G 256 -37.40 21.66 45.15
C LEU G 256 -37.12 23.17 45.11
N SER G 257 -37.04 23.86 46.26
CA SER G 257 -36.72 25.30 46.31
C SER G 257 -35.29 25.52 45.77
N ARG G 258 -34.41 24.53 45.94
CA ARG G 258 -32.96 24.66 45.61
C ARG G 258 -32.70 24.30 44.13
N PHE G 259 -33.69 23.72 43.43
CA PHE G 259 -33.59 23.21 42.04
C PHE G 259 -33.54 24.38 41.04
N ALA G 260 -32.48 24.44 40.25
CA ALA G 260 -32.25 25.46 39.20
C ALA G 260 -33.24 25.24 38.05
N ALA G 261 -33.53 26.32 37.31
CA ALA G 261 -34.23 26.26 36.02
C ALA G 261 -33.23 25.81 34.96
N CYS G 262 -33.74 25.16 33.91
CA CYS G 262 -32.96 24.80 32.69
C CYS G 262 -33.32 25.75 31.54
N TYR G 263 -32.30 26.26 30.87
CA TYR G 263 -32.43 27.20 29.72
C TYR G 263 -31.89 26.53 28.45
N GLU G 264 -32.40 26.93 27.28
CA GLU G 264 -31.91 26.48 25.95
C GLU G 264 -31.44 27.71 25.17
N TYR G 265 -30.50 27.50 24.24
CA TYR G 265 -29.89 28.54 23.39
C TYR G 265 -30.97 29.19 22.52
N GLN G 266 -30.92 30.52 22.37
CA GLN G 266 -31.70 31.29 21.35
C GLN G 266 -30.73 32.14 20.53
N PRO G 267 -31.00 32.34 19.21
CA PRO G 267 -30.13 33.18 18.38
C PRO G 267 -29.87 34.57 18.99
N GLY G 268 -28.68 35.12 18.72
CA GLY G 268 -28.17 36.37 19.33
C GLY G 268 -27.37 36.10 20.59
N ASP G 269 -26.95 34.84 20.82
CA ASP G 269 -26.20 34.42 22.05
C ASP G 269 -27.06 34.80 23.27
N SER G 270 -28.30 34.30 23.26
CA SER G 270 -29.31 34.51 24.31
C SER G 270 -29.81 33.13 24.77
N PHE G 271 -30.86 33.10 25.60
CA PHE G 271 -31.45 31.84 26.13
C PHE G 271 -32.92 32.08 26.51
N SER G 272 -33.71 31.02 26.56
CA SER G 272 -35.14 31.00 26.93
C SER G 272 -35.41 29.85 27.90
N LEU G 273 -36.41 29.97 28.76
CA LEU G 273 -36.83 28.93 29.73
C LEU G 273 -37.12 27.63 28.96
N GLN G 274 -36.51 26.52 29.39
CA GLN G 274 -36.71 25.17 28.80
C GLN G 274 -37.41 24.23 29.80
N ASP G 275 -37.16 24.39 31.10
CA ASP G 275 -37.78 23.56 32.17
C ASP G 275 -37.90 24.42 33.43
N ASP G 276 -39.15 24.70 33.84
CA ASP G 276 -39.47 25.35 35.14
C ASP G 276 -39.23 24.31 36.24
N PRO G 277 -38.45 24.65 37.30
CA PRO G 277 -38.22 23.72 38.41
C PRO G 277 -39.53 23.29 39.11
N GLN G 278 -40.46 24.23 39.29
CA GLN G 278 -41.83 23.95 39.78
C GLN G 278 -42.62 23.39 38.60
N GLY G 279 -43.14 22.16 38.71
CA GLY G 279 -43.79 21.46 37.58
C GLY G 279 -42.77 20.94 36.57
N SER G 280 -41.66 20.39 37.08
CA SER G 280 -40.65 19.65 36.28
C SER G 280 -40.94 18.14 36.39
N ALA G 281 -40.72 17.40 35.32
CA ALA G 281 -40.79 15.92 35.34
C ALA G 281 -39.73 15.33 36.29
N PHE G 282 -38.66 16.07 36.60
CA PHE G 282 -37.60 15.68 37.58
C PHE G 282 -38.17 15.67 39.01
N ALA G 283 -39.35 16.27 39.23
CA ALA G 283 -40.04 16.33 40.55
C ALA G 283 -41.04 15.18 40.72
N LYS G 284 -41.26 14.39 39.66
CA LYS G 284 -42.19 13.22 39.65
C LYS G 284 -41.38 11.91 39.65
N ALA G 285 -41.94 10.86 40.23
CA ALA G 285 -41.42 9.49 40.16
C ALA G 285 -42.11 8.77 39.00
N HIS G 286 -41.82 9.20 37.77
CA HIS G 286 -42.41 8.67 36.51
C HIS G 286 -41.95 7.26 36.13
N GLY G 287 -41.06 6.57 36.83
CA GLY G 287 -40.86 5.12 36.57
C GLY G 287 -39.84 4.80 35.46
N TYR G 288 -39.19 5.82 34.86
CA TYR G 288 -37.95 5.68 34.03
C TYR G 288 -36.71 6.11 34.85
N LEU G 289 -35.91 5.13 35.26
CA LEU G 289 -34.58 5.33 35.90
C LEU G 289 -33.49 5.28 34.81
N SER G 290 -33.04 6.46 34.37
CA SER G 290 -32.10 6.67 33.23
C SER G 290 -30.66 6.65 33.74
N GLY G 291 -29.95 5.53 33.58
CA GLY G 291 -28.50 5.43 33.82
C GLY G 291 -27.71 6.33 32.88
N GLY G 292 -28.33 6.76 31.78
CA GLY G 292 -27.72 7.63 30.75
C GLY G 292 -27.88 9.11 31.05
N GLY G 293 -29.00 9.57 31.64
CA GLY G 293 -29.24 11.02 31.77
C GLY G 293 -30.16 11.48 32.90
N GLY G 294 -30.47 10.64 33.89
CA GLY G 294 -31.59 10.87 34.83
C GLY G 294 -31.29 11.73 36.05
N LEU G 295 -30.04 11.80 36.50
CA LEU G 295 -29.70 12.30 37.86
C LEU G 295 -29.75 13.82 37.93
N VAL G 296 -30.20 14.30 39.09
CA VAL G 296 -30.03 15.68 39.63
C VAL G 296 -29.04 15.59 40.79
N SER G 297 -28.12 16.55 40.88
CA SER G 297 -27.05 16.58 41.91
C SER G 297 -26.63 18.04 42.14
N CYS G 298 -25.55 18.24 42.87
CA CYS G 298 -25.01 19.57 43.23
C CYS G 298 -23.48 19.46 43.21
N VAL G 299 -22.79 20.59 43.25
CA VAL G 299 -21.32 20.63 43.04
C VAL G 299 -20.67 19.78 44.14
N ASP G 300 -21.09 19.90 45.40
CA ASP G 300 -20.45 19.21 46.56
C ASP G 300 -20.59 17.69 46.42
N ASP G 301 -21.77 17.20 46.02
CA ASP G 301 -22.02 15.75 45.85
C ASP G 301 -21.13 15.21 44.71
N TYR G 302 -21.09 15.90 43.56
CA TYR G 302 -20.31 15.43 42.39
C TYR G 302 -18.81 15.56 42.72
N TYR G 303 -18.42 16.57 43.50
CA TYR G 303 -17.03 16.73 43.99
C TYR G 303 -16.62 15.48 44.78
N ARG G 304 -17.51 14.97 45.62
CA ARG G 304 -17.18 13.84 46.52
C ARG G 304 -16.99 12.59 45.64
N PHE G 305 -17.84 12.41 44.62
CA PHE G 305 -17.69 11.32 43.62
C PHE G 305 -16.34 11.49 42.89
N ALA G 306 -16.08 12.67 42.33
CA ALA G 306 -14.85 12.98 41.58
C ALA G 306 -13.62 12.74 42.45
N GLN G 307 -13.62 13.22 43.69
CA GLN G 307 -12.45 13.13 44.62
C GLN G 307 -12.22 11.66 44.97
N ALA G 308 -13.29 10.88 45.19
CA ALA G 308 -13.21 9.43 45.41
C ALA G 308 -12.43 8.79 44.26
N LEU G 309 -12.75 9.15 43.00
CA LEU G 309 -12.07 8.60 41.80
C LEU G 309 -10.61 9.06 41.77
N ALA G 310 -10.36 10.36 41.98
CA ALA G 310 -8.98 10.92 42.00
C ALA G 310 -8.11 10.21 43.04
N ASN G 311 -8.71 9.68 44.11
CA ASN G 311 -7.99 9.00 45.22
C ASN G 311 -7.83 7.50 44.94
N GLY G 312 -8.37 6.98 43.84
CA GLY G 312 -8.30 5.54 43.53
C GLY G 312 -9.48 4.78 44.09
N GLY G 313 -10.60 5.46 44.40
CA GLY G 313 -11.91 4.82 44.64
C GLY G 313 -12.39 4.91 46.09
N GLU G 314 -11.69 5.68 46.92
CA GLU G 314 -11.85 5.77 48.38
C GLU G 314 -11.95 7.26 48.75
N LEU G 315 -12.88 7.61 49.65
CA LEU G 315 -12.93 8.95 50.30
C LEU G 315 -13.30 8.80 51.77
N ASP G 316 -12.47 9.36 52.66
CA ASP G 316 -12.72 9.37 54.13
C ASP G 316 -13.13 7.95 54.60
N GLY G 317 -12.40 6.91 54.18
CA GLY G 317 -12.59 5.51 54.62
C GLY G 317 -13.71 4.75 53.92
N ALA G 318 -14.46 5.35 52.99
CA ALA G 318 -15.49 4.65 52.19
C ALA G 318 -14.95 4.33 50.78
N ARG G 319 -15.12 3.10 50.31
CA ARG G 319 -14.61 2.65 49.00
C ARG G 319 -15.78 2.26 48.08
N ILE G 320 -15.91 2.92 46.93
CA ILE G 320 -16.97 2.59 45.91
C ILE G 320 -16.40 1.64 44.84
N ILE G 321 -15.09 1.64 44.61
CA ILE G 321 -14.45 0.83 43.53
C ILE G 321 -12.99 0.56 43.90
N GLY G 322 -12.43 -0.55 43.43
CA GLY G 322 -11.01 -0.88 43.60
C GLY G 322 -10.11 0.03 42.77
N ARG G 323 -8.95 0.37 43.31
CA ARG G 323 -7.90 1.21 42.68
C ARG G 323 -7.61 0.69 41.28
N LYS G 324 -7.46 -0.63 41.14
CA LYS G 324 -6.99 -1.28 39.89
C LYS G 324 -8.15 -1.34 38.88
N THR G 325 -9.35 -1.64 39.36
CA THR G 325 -10.57 -1.64 38.51
C THR G 325 -10.74 -0.24 37.89
N LEU G 326 -10.55 0.81 38.66
CA LEU G 326 -10.72 2.20 38.17
C LEU G 326 -9.64 2.52 37.14
N GLU G 327 -8.41 2.06 37.36
CA GLU G 327 -7.26 2.29 36.44
C GLU G 327 -7.64 1.69 35.07
N PHE G 328 -8.35 0.56 35.08
CA PHE G 328 -8.83 -0.19 33.89
C PHE G 328 -9.93 0.59 33.15
N MET G 329 -10.84 1.21 33.88
CA MET G 329 -11.95 2.04 33.33
C MET G 329 -11.39 3.31 32.66
N ARG G 330 -10.23 3.79 33.08
CA ARG G 330 -9.62 5.07 32.63
C ARG G 330 -8.74 4.86 31.40
N MET G 331 -8.45 3.62 31.04
CA MET G 331 -7.66 3.31 29.82
C MET G 331 -8.52 3.61 28.59
N ASN G 332 -7.85 3.90 27.47
CA ASN G 332 -8.49 3.93 26.13
C ASN G 332 -8.90 2.50 25.78
N HIS G 333 -10.20 2.25 25.60
CA HIS G 333 -10.75 0.91 25.22
C HIS G 333 -11.12 0.90 23.74
N LEU G 334 -10.80 1.97 23.00
CA LEU G 334 -10.99 1.96 21.53
C LEU G 334 -9.89 1.14 20.90
N PRO G 335 -10.15 0.52 19.72
CA PRO G 335 -9.19 -0.35 19.06
C PRO G 335 -7.93 0.46 18.65
N ASP G 336 -6.73 -0.15 18.82
CA ASP G 336 -5.44 0.37 18.29
C ASP G 336 -5.15 1.77 18.84
N ASN G 337 -5.57 2.06 20.07
CA ASN G 337 -5.36 3.38 20.75
C ASN G 337 -5.81 4.53 19.82
N LYS G 338 -6.91 4.35 19.08
CA LYS G 338 -7.51 5.40 18.22
C LYS G 338 -8.26 6.42 19.10
N GLY G 339 -8.39 7.65 18.61
CA GLY G 339 -9.25 8.67 19.22
C GLY G 339 -10.67 8.56 18.70
N LEU G 340 -11.61 9.24 19.35
CA LEU G 340 -13.05 9.22 18.95
C LEU G 340 -13.21 9.56 17.46
N PRO G 341 -12.57 10.59 16.90
CA PRO G 341 -12.73 10.91 15.48
C PRO G 341 -12.32 9.81 14.49
N ASP G 342 -11.50 8.85 14.90
CA ASP G 342 -11.09 7.74 14.00
C ASP G 342 -12.17 6.66 13.96
N VAL G 343 -13.17 6.68 14.86
CA VAL G 343 -14.15 5.57 14.95
C VAL G 343 -15.59 6.10 15.02
N ALA G 344 -15.78 7.37 15.37
CA ALA G 344 -17.12 7.92 15.64
C ALA G 344 -17.80 8.27 14.32
N ILE G 345 -19.02 7.79 14.13
CA ILE G 345 -19.79 7.91 12.86
C ILE G 345 -20.51 9.28 12.83
N GLY G 346 -20.52 10.06 13.93
CA GLY G 346 -21.40 11.22 14.13
C GLY G 346 -20.66 12.50 14.50
N SER G 347 -21.23 13.28 15.43
CA SER G 347 -20.82 14.66 15.87
C SER G 347 -19.55 14.64 16.75
N PHE G 348 -19.28 13.51 17.42
CA PHE G 348 -18.07 13.29 18.25
C PHE G 348 -16.85 13.03 17.34
N SER G 349 -17.02 13.23 16.03
CA SER G 349 -16.00 13.16 14.93
C SER G 349 -15.23 14.47 14.84
N GLU G 350 -15.77 15.53 15.46
CA GLU G 350 -15.35 16.92 15.17
C GLU G 350 -14.11 17.26 16.00
N THR G 351 -13.49 18.39 15.67
CA THR G 351 -12.14 18.83 16.09
C THR G 351 -11.99 18.84 17.61
N PRO G 352 -12.99 19.26 18.43
CA PRO G 352 -12.81 19.21 19.88
C PRO G 352 -12.42 17.85 20.47
N TYR G 353 -12.76 16.72 19.83
CA TYR G 353 -12.52 15.35 20.38
C TYR G 353 -11.25 14.73 19.75
N ASP G 354 -10.49 15.48 18.96
CA ASP G 354 -9.15 15.06 18.46
C ASP G 354 -8.21 14.84 19.65
N GLY G 355 -7.48 13.72 19.63
CA GLY G 355 -6.52 13.33 20.67
C GLY G 355 -7.22 12.88 21.95
N THR G 356 -8.51 12.53 21.88
CA THR G 356 -9.30 12.04 23.04
C THR G 356 -9.89 10.67 22.69
N GLY G 357 -9.61 9.67 23.53
CA GLY G 357 -10.17 8.30 23.43
C GLY G 357 -11.35 8.11 24.35
N PHE G 358 -11.69 6.87 24.67
CA PHE G 358 -12.85 6.53 25.52
C PHE G 358 -12.60 5.20 26.22
N GLY G 359 -12.83 5.16 27.52
CA GLY G 359 -12.76 3.94 28.36
C GLY G 359 -14.14 3.46 28.75
N LEU G 360 -14.29 2.93 29.96
CA LEU G 360 -15.57 2.35 30.44
C LEU G 360 -16.37 3.45 31.14
N GLY G 361 -16.82 4.45 30.37
CA GLY G 361 -17.74 5.50 30.87
C GLY G 361 -17.05 6.87 31.00
N PHE G 362 -15.77 6.96 30.65
CA PHE G 362 -14.98 8.21 30.66
C PHE G 362 -14.31 8.45 29.31
N SER G 363 -14.22 9.71 28.89
CA SER G 363 -13.26 10.14 27.85
C SER G 363 -11.87 10.13 28.47
N VAL G 364 -10.82 10.00 27.65
CA VAL G 364 -9.41 9.91 28.09
C VAL G 364 -8.57 10.70 27.11
N LYS G 365 -7.81 11.68 27.56
CA LYS G 365 -6.91 12.46 26.67
C LYS G 365 -5.69 11.60 26.32
N LEU G 366 -5.38 11.48 25.02
CA LEU G 366 -4.25 10.69 24.47
C LEU G 366 -3.09 11.59 24.08
N ASP G 367 -3.38 12.73 23.43
CA ASP G 367 -2.38 13.63 22.79
C ASP G 367 -2.77 15.09 23.04
N VAL G 368 -2.01 15.79 23.88
CA VAL G 368 -2.38 17.15 24.37
C VAL G 368 -2.32 18.13 23.20
N ALA G 369 -1.20 18.20 22.46
CA ALA G 369 -1.03 19.12 21.32
C ALA G 369 -2.18 18.91 20.32
N LYS G 370 -2.52 17.68 20.01
CA LYS G 370 -3.51 17.34 18.96
C LYS G 370 -4.89 17.87 19.36
N SER G 371 -5.20 17.83 20.66
CA SER G 371 -6.49 18.31 21.23
C SER G 371 -6.58 19.85 21.17
N GLN G 372 -5.45 20.54 20.99
CA GLN G 372 -5.31 22.02 20.92
C GLN G 372 -5.76 22.68 22.24
N THR G 373 -5.90 21.90 23.31
CA THR G 373 -6.31 22.37 24.65
C THR G 373 -5.29 21.89 25.69
N VAL G 374 -4.74 22.82 26.48
CA VAL G 374 -3.81 22.52 27.61
C VAL G 374 -4.46 21.50 28.56
N GLY G 375 -3.65 20.64 29.15
CA GLY G 375 -4.06 19.49 29.97
C GLY G 375 -2.93 18.48 30.03
N SER G 376 -3.23 17.28 30.52
CA SER G 376 -2.25 16.18 30.69
C SER G 376 -2.77 14.94 29.97
N VAL G 377 -1.87 14.11 29.44
CA VAL G 377 -2.25 12.74 28.98
C VAL G 377 -2.92 12.07 30.18
N GLY G 378 -4.07 11.43 29.96
CA GLY G 378 -4.79 10.62 30.96
C GLY G 378 -5.98 11.36 31.54
N GLU G 379 -6.07 12.68 31.32
CA GLU G 379 -7.22 13.47 31.80
C GLU G 379 -8.50 12.73 31.43
N TYR G 380 -9.36 12.44 32.41
CA TYR G 380 -10.64 11.72 32.18
C TYR G 380 -11.80 12.49 32.78
N GLY G 381 -12.99 12.25 32.22
CA GLY G 381 -14.24 12.86 32.68
C GLY G 381 -15.35 12.65 31.68
N TRP G 382 -16.42 13.43 31.81
CA TRP G 382 -17.52 13.48 30.82
C TRP G 382 -18.33 14.75 31.06
N GLY G 383 -19.45 14.91 30.35
CA GLY G 383 -20.24 16.14 30.37
C GLY G 383 -21.72 15.82 30.27
N GLY G 384 -22.57 16.80 30.56
CA GLY G 384 -24.02 16.73 30.35
C GLY G 384 -24.46 17.73 29.30
N MET G 385 -25.56 17.41 28.62
CA MET G 385 -26.04 18.19 27.44
C MET G 385 -26.53 19.60 27.86
N ALA G 386 -26.66 19.89 29.16
CA ALA G 386 -26.99 21.23 29.67
C ALA G 386 -25.72 22.00 30.06
N SER G 387 -24.56 21.56 29.56
CA SER G 387 -23.25 22.28 29.65
C SER G 387 -22.59 22.09 31.02
N THR G 388 -23.02 21.09 31.78
CA THR G 388 -22.30 20.58 32.99
C THR G 388 -21.07 19.80 32.51
N ASN G 389 -19.96 19.90 33.25
CA ASN G 389 -18.69 19.26 32.87
C ASN G 389 -17.88 18.94 34.12
N PHE G 390 -17.09 17.86 34.07
CA PHE G 390 -16.06 17.57 35.10
C PHE G 390 -14.89 16.84 34.44
N PHE G 391 -13.69 17.04 34.99
CA PHE G 391 -12.49 16.29 34.61
C PHE G 391 -11.62 16.06 35.85
N ILE G 392 -10.80 15.02 35.74
CA ILE G 392 -9.77 14.59 36.73
C ILE G 392 -8.47 14.43 35.94
N ASP G 393 -7.44 15.17 36.32
CA ASP G 393 -6.07 15.08 35.73
C ASP G 393 -5.23 14.24 36.68
N PRO G 394 -4.97 12.95 36.40
CA PRO G 394 -4.24 12.10 37.34
C PRO G 394 -2.74 12.44 37.40
N GLU G 395 -2.20 13.13 36.40
CA GLU G 395 -0.77 13.56 36.39
C GLU G 395 -0.57 14.70 37.40
N GLU G 396 -1.53 15.61 37.52
CA GLU G 396 -1.44 16.82 38.39
C GLU G 396 -2.25 16.65 39.67
N ASP G 397 -2.98 15.54 39.82
CA ASP G 397 -3.90 15.28 40.96
C ASP G 397 -4.85 16.48 41.11
N LEU G 398 -5.41 16.94 40.00
CA LEU G 398 -6.23 18.17 39.88
C LEU G 398 -7.61 17.76 39.37
N LEU G 399 -8.69 18.43 39.80
CA LEU G 399 -10.02 18.13 39.23
C LEU G 399 -10.91 19.39 39.26
N MET G 400 -11.98 19.37 38.47
CA MET G 400 -12.90 20.51 38.30
C MET G 400 -14.31 19.94 38.16
N VAL G 401 -15.28 20.58 38.82
CA VAL G 401 -16.74 20.35 38.59
C VAL G 401 -17.33 21.70 38.20
N PHE G 402 -18.01 21.75 37.05
CA PHE G 402 -18.64 22.99 36.51
C PHE G 402 -20.12 22.70 36.24
N MET G 403 -20.98 23.55 36.78
CA MET G 403 -22.46 23.40 36.72
C MET G 403 -23.04 24.68 36.12
N THR G 404 -23.90 24.52 35.11
CA THR G 404 -24.76 25.57 34.52
C THR G 404 -25.92 24.80 33.89
N GLN G 405 -26.95 25.49 33.40
CA GLN G 405 -28.10 24.82 32.74
C GLN G 405 -28.41 25.58 31.44
N LEU G 406 -27.70 25.20 30.36
CA LEU G 406 -27.84 25.77 28.99
C LEU G 406 -27.71 24.61 28.00
N ILE G 407 -28.83 24.20 27.39
CA ILE G 407 -28.90 23.15 26.34
C ILE G 407 -28.79 23.82 24.97
N PRO G 408 -27.98 23.32 24.00
CA PRO G 408 -27.04 22.20 24.21
C PRO G 408 -25.59 22.60 24.56
N SER G 409 -24.82 21.64 25.10
CA SER G 409 -23.41 21.82 25.55
C SER G 409 -22.48 22.16 24.37
N SER G 410 -22.85 21.80 23.15
CA SER G 410 -22.09 22.13 21.91
C SER G 410 -22.06 23.65 21.66
N THR G 411 -22.92 24.43 22.33
CA THR G 411 -23.12 25.87 22.03
C THR G 411 -21.83 26.65 22.24
N TYR G 412 -21.27 26.62 23.45
CA TYR G 412 -20.06 27.41 23.83
C TYR G 412 -18.96 26.45 24.27
N ALA G 413 -17.71 26.88 24.17
CA ALA G 413 -16.50 26.12 24.51
C ALA G 413 -16.02 26.53 25.92
N VAL G 414 -16.97 26.83 26.81
CA VAL G 414 -16.67 27.30 28.19
C VAL G 414 -15.77 26.26 28.89
N ARG G 415 -16.01 24.96 28.69
CA ARG G 415 -15.22 23.90 29.37
C ARG G 415 -13.75 23.93 28.95
N GLN G 416 -13.41 24.45 27.76
CA GLN G 416 -11.98 24.55 27.29
C GLN G 416 -11.34 25.81 27.90
N GLU G 417 -12.09 26.92 27.96
CA GLU G 417 -11.62 28.19 28.57
C GLU G 417 -11.30 27.94 30.05
N LEU G 418 -12.15 27.21 30.77
CA LEU G 418 -11.92 26.89 32.21
C LEU G 418 -10.63 26.07 32.36
N ARG G 419 -10.40 25.10 31.46
CA ARG G 419 -9.16 24.28 31.47
C ARG G 419 -7.94 25.20 31.29
N ALA G 420 -8.03 26.22 30.44
CA ALA G 420 -6.91 27.15 30.14
C ALA G 420 -6.55 27.93 31.41
N ILE G 421 -7.56 28.43 32.13
CA ILE G 421 -7.39 29.28 33.34
C ILE G 421 -6.85 28.41 34.48
N ILE G 422 -7.48 27.25 34.70
CA ILE G 422 -7.14 26.32 35.80
C ILE G 422 -5.71 25.82 35.61
N ASN G 423 -5.34 25.36 34.43
CA ASN G 423 -3.96 24.86 34.15
C ASN G 423 -2.99 26.04 34.25
N GLY G 424 -3.47 27.26 33.95
CA GLY G 424 -2.67 28.50 34.06
C GLY G 424 -2.29 28.84 35.50
N ALA G 425 -3.05 28.32 36.48
CA ALA G 425 -2.89 28.63 37.91
C ALA G 425 -1.87 27.69 38.59
N LEU G 426 -1.37 26.67 37.90
CA LEU G 426 -0.29 25.81 38.44
C LEU G 426 1.02 26.61 38.49
N VAL G 427 1.65 26.68 39.67
CA VAL G 427 2.86 27.54 39.92
C VAL G 427 3.95 26.78 40.67
N ASP G 428 3.90 25.44 40.74
CA ASP G 428 5.03 24.57 41.17
C ASP G 428 6.33 24.92 40.44
N ASN H 28 37.96 24.44 38.33
CA ASN H 28 36.73 25.23 38.42
C ASN H 28 35.58 24.44 37.79
N ILE H 29 34.69 23.91 38.65
CA ILE H 29 33.37 23.34 38.29
C ILE H 29 32.28 24.18 38.95
N ILE H 30 31.32 24.68 38.18
CA ILE H 30 30.07 25.31 38.73
C ILE H 30 28.87 24.60 38.10
N ALA H 31 27.91 24.18 38.91
CA ALA H 31 26.65 23.57 38.44
C ALA H 31 26.95 22.44 37.44
N GLY H 32 27.94 21.60 37.74
CA GLY H 32 28.30 20.42 36.93
C GLY H 32 28.94 20.79 35.60
N MET H 33 29.45 22.01 35.46
CA MET H 33 30.09 22.50 34.20
C MET H 33 31.55 22.89 34.44
N ASP H 34 32.47 22.34 33.65
CA ASP H 34 33.91 22.64 33.71
C ASP H 34 34.14 23.99 33.01
N LEU H 35 34.54 25.02 33.76
CA LEU H 35 34.73 26.40 33.23
C LEU H 35 35.95 26.44 32.30
N ASN H 36 36.91 25.53 32.45
CA ASN H 36 38.08 25.44 31.54
C ASN H 36 37.61 24.96 30.17
N ARG H 37 36.66 24.02 30.14
CA ARG H 37 36.06 23.51 28.89
C ARG H 37 35.23 24.65 28.27
N LEU H 38 34.55 25.47 29.07
CA LEU H 38 33.73 26.60 28.53
C LEU H 38 34.62 27.68 27.94
N ASP H 39 35.90 27.77 28.32
CA ASP H 39 36.83 28.79 27.76
C ASP H 39 37.07 28.51 26.27
N ARG H 40 36.78 27.29 25.79
CA ARG H 40 36.94 26.90 24.37
C ARG H 40 36.01 27.75 23.49
N ILE H 41 34.92 28.26 24.04
CA ILE H 41 33.97 29.16 23.32
C ILE H 41 34.76 30.35 22.76
N ALA H 42 35.43 31.12 23.61
CA ALA H 42 36.17 32.34 23.22
C ALA H 42 37.32 31.97 22.27
N GLU H 43 38.05 30.89 22.54
CA GLU H 43 39.15 30.38 21.67
C GLU H 43 38.58 30.12 20.27
N HIS H 44 37.43 29.44 20.21
CA HIS H 44 36.74 29.06 18.95
C HIS H 44 36.28 30.31 18.18
N LEU H 45 35.56 31.23 18.83
CA LEU H 45 35.03 32.45 18.16
C LEU H 45 36.17 33.33 17.65
N ASP H 46 37.31 33.38 18.36
CA ASP H 46 38.51 34.13 17.91
C ASP H 46 39.08 33.46 16.65
N ARG H 47 39.45 32.18 16.77
CA ARG H 47 40.21 31.41 15.73
C ARG H 47 39.37 31.31 14.44
N ALA H 48 38.07 31.05 14.55
CA ALA H 48 37.20 30.64 13.42
C ALA H 48 36.43 31.82 12.81
N TYR H 49 36.21 32.92 13.54
CA TYR H 49 35.30 34.02 13.10
C TYR H 49 35.93 35.42 13.23
N LEU H 50 36.47 35.80 14.41
CA LEU H 50 36.87 37.20 14.68
C LEU H 50 38.20 37.54 14.02
N HIS H 51 39.27 36.76 14.28
CA HIS H 51 40.62 36.96 13.69
C HIS H 51 40.55 36.90 12.16
N PRO H 52 39.87 35.92 11.54
CA PRO H 52 39.73 35.89 10.08
C PRO H 52 38.74 36.89 9.47
N GLY H 53 38.01 37.66 10.29
CA GLY H 53 37.14 38.77 9.85
C GLY H 53 35.84 38.30 9.21
N LYS H 54 35.21 37.26 9.76
CA LYS H 54 33.90 36.71 9.30
C LYS H 54 32.75 37.35 10.09
N LEU H 55 32.99 37.65 11.37
CA LEU H 55 32.09 38.40 12.29
C LEU H 55 32.83 39.61 12.87
N ALA H 56 32.10 40.71 13.11
CA ALA H 56 32.61 41.93 13.79
C ALA H 56 32.88 41.63 15.27
N GLY H 57 31.89 41.07 15.97
CA GLY H 57 31.94 40.86 17.43
C GLY H 57 30.81 40.01 17.94
N THR H 58 30.98 39.46 19.14
CA THR H 58 30.09 38.44 19.78
C THR H 58 29.90 38.74 21.27
N MET H 59 28.74 38.38 21.79
CA MET H 59 28.44 38.34 23.24
C MET H 59 27.80 36.98 23.51
N THR H 60 28.42 36.17 24.38
CA THR H 60 27.99 34.77 24.64
C THR H 60 27.73 34.58 26.14
N LEU H 61 26.56 34.10 26.51
CA LEU H 61 26.19 33.77 27.92
C LEU H 61 25.71 32.32 28.00
N VAL H 62 26.14 31.59 29.04
CA VAL H 62 25.68 30.20 29.34
C VAL H 62 25.29 30.16 30.82
N ALA H 63 24.17 29.51 31.15
CA ALA H 63 23.67 29.34 32.53
C ALA H 63 23.23 27.89 32.73
N ARG H 64 23.35 27.38 33.95
CA ARG H 64 22.82 26.06 34.32
C ARG H 64 22.29 26.10 35.75
N ARG H 65 21.09 25.58 35.97
CA ARG H 65 20.42 25.48 37.29
C ARG H 65 20.42 26.85 37.96
N GLY H 66 20.14 27.91 37.21
CA GLY H 66 19.97 29.28 37.74
C GLY H 66 21.26 30.07 37.79
N GLU H 67 22.42 29.43 37.58
CA GLU H 67 23.76 30.06 37.77
C GLU H 67 24.40 30.36 36.42
N VAL H 68 24.74 31.62 36.17
CA VAL H 68 25.51 32.07 34.99
C VAL H 68 26.93 31.52 35.13
N VAL H 69 27.38 30.66 34.21
CA VAL H 69 28.71 29.97 34.27
C VAL H 69 29.63 30.53 33.19
N TYR H 70 29.13 31.33 32.25
CA TYR H 70 29.94 31.93 31.16
C TYR H 70 29.29 33.21 30.69
N CYS H 71 30.09 34.26 30.50
CA CYS H 71 29.68 35.58 29.97
C CYS H 71 30.92 36.25 29.40
N GLN H 72 31.01 36.40 28.07
CA GLN H 72 32.21 36.94 27.39
C GLN H 72 31.82 37.77 26.17
N ALA H 73 32.20 39.05 26.18
CA ALA H 73 32.21 39.96 25.01
C ALA H 73 33.52 39.75 24.26
N GLN H 74 33.49 39.79 22.93
CA GLN H 74 34.69 39.70 22.07
C GLN H 74 34.51 40.64 20.87
N GLY H 75 35.62 41.15 20.34
CA GLY H 75 35.66 41.98 19.13
C GLY H 75 34.84 43.27 19.26
N LEU H 76 34.29 43.74 18.14
CA LEU H 76 33.77 45.13 17.98
C LEU H 76 32.26 45.10 17.70
N ARG H 77 31.51 46.02 18.31
CA ARG H 77 30.07 46.28 18.03
C ARG H 77 29.93 47.25 16.85
N ASP H 78 30.96 48.07 16.60
CA ASP H 78 31.04 49.09 15.51
C ASP H 78 32.47 49.14 14.98
N VAL H 79 32.72 48.59 13.79
CA VAL H 79 34.09 48.46 13.20
C VAL H 79 34.57 49.85 12.76
N GLU H 80 33.68 50.60 12.10
CA GLU H 80 33.93 51.97 11.56
C GLU H 80 34.43 52.89 12.68
N ARG H 81 33.87 52.77 13.90
CA ARG H 81 34.17 53.64 15.07
C ARG H 81 35.06 52.93 16.10
N GLN H 82 35.55 51.73 15.78
CA GLN H 82 36.49 50.97 16.66
C GLN H 82 35.94 50.85 18.09
N LEU H 83 34.63 50.66 18.27
CA LEU H 83 33.96 50.48 19.59
C LEU H 83 33.82 49.00 19.92
N PRO H 84 34.27 48.53 21.10
CA PRO H 84 34.23 47.10 21.42
C PRO H 84 32.82 46.65 21.84
N VAL H 85 32.58 45.34 21.83
CA VAL H 85 31.36 44.73 22.40
C VAL H 85 31.53 44.76 23.91
N GLU H 86 30.50 45.18 24.64
CA GLU H 86 30.44 45.13 26.13
C GLU H 86 29.20 44.35 26.55
N ARG H 87 29.16 43.86 27.78
CA ARG H 87 28.03 43.14 28.41
C ARG H 87 26.70 43.85 28.10
N ASP H 88 26.72 45.18 28.03
CA ASP H 88 25.53 46.04 27.96
C ASP H 88 25.27 46.46 26.49
N THR H 89 25.97 45.88 25.52
CA THR H 89 25.78 46.22 24.08
C THR H 89 24.36 45.80 23.65
N LEU H 90 23.70 46.68 22.90
CA LEU H 90 22.32 46.45 22.38
C LEU H 90 22.41 45.84 20.98
N PHE H 91 21.58 44.83 20.72
CA PHE H 91 21.59 44.00 19.49
C PHE H 91 20.18 43.94 18.91
N ARG H 92 20.07 44.04 17.57
CA ARG H 92 18.83 43.65 16.83
C ARG H 92 18.67 42.13 16.97
N ILE H 93 17.71 41.68 17.75
CA ILE H 93 17.51 40.22 18.04
C ILE H 93 16.52 39.68 17.01
N TYR H 94 15.89 40.57 16.28
CA TYR H 94 14.95 40.24 15.18
C TYR H 94 13.95 39.16 15.62
N SER H 95 13.97 38.04 14.88
CA SER H 95 12.98 36.94 15.01
C SER H 95 12.97 36.26 16.39
N MET H 96 13.96 36.60 17.22
CA MET H 96 13.94 36.19 18.64
C MET H 96 12.89 37.01 19.40
N THR H 97 12.26 37.97 18.73
CA THR H 97 11.05 38.65 19.23
C THR H 97 9.89 37.64 19.38
N LYS H 98 9.85 36.60 18.53
CA LYS H 98 8.63 35.77 18.33
C LYS H 98 8.24 35.02 19.61
N PRO H 99 9.20 34.40 20.34
CA PRO H 99 8.88 33.78 21.63
C PRO H 99 8.23 34.75 22.63
N ILE H 100 8.69 36.02 22.66
CA ILE H 100 8.12 37.08 23.55
C ILE H 100 6.67 37.34 23.14
N THR H 101 6.41 37.54 21.84
CA THR H 101 5.03 37.74 21.31
C THR H 101 4.17 36.53 21.65
N SER H 102 4.72 35.33 21.54
CA SER H 102 3.97 34.06 21.79
C SER H 102 3.57 34.00 23.27
N ILE H 103 4.50 34.29 24.19
CA ILE H 103 4.24 34.38 25.65
C ILE H 103 3.14 35.41 25.90
N ALA H 104 3.22 36.58 25.28
CA ALA H 104 2.23 37.66 25.45
C ALA H 104 0.85 37.11 25.10
N LEU H 105 0.69 36.44 23.95
CA LEU H 105 -0.65 35.98 23.53
C LEU H 105 -1.11 34.83 24.46
N MET H 106 -0.20 33.98 24.92
CA MET H 106 -0.57 32.84 25.79
C MET H 106 -0.92 33.33 27.21
N GLN H 107 -0.43 34.51 27.64
CA GLN H 107 -0.90 35.16 28.90
C GLN H 107 -2.41 35.38 28.81
N LEU H 108 -2.90 35.78 27.64
CA LEU H 108 -4.34 36.05 27.40
C LEU H 108 -5.11 34.73 27.26
N TYR H 109 -4.47 33.66 26.81
CA TYR H 109 -5.09 32.31 26.74
C TYR H 109 -5.47 31.86 28.16
N GLU H 110 -4.57 32.09 29.11
CA GLU H 110 -4.68 31.78 30.55
C GLU H 110 -5.80 32.60 31.22
N GLN H 111 -6.22 33.74 30.63
CA GLN H 111 -7.31 34.60 31.15
C GLN H 111 -8.64 34.22 30.47
N GLY H 112 -8.64 33.25 29.54
CA GLY H 112 -9.85 32.75 28.86
C GLY H 112 -10.27 33.59 27.66
N ARG H 113 -9.39 34.44 27.15
CA ARG H 113 -9.77 35.48 26.15
C ARG H 113 -9.98 34.87 24.74
N PHE H 114 -9.36 33.72 24.49
CA PHE H 114 -9.51 32.95 23.23
C PHE H 114 -9.11 31.49 23.44
N LEU H 115 -9.40 30.67 22.43
CA LEU H 115 -9.01 29.23 22.36
C LEU H 115 -8.23 28.99 21.06
N LEU H 116 -7.30 28.04 21.07
CA LEU H 116 -6.37 27.83 19.92
C LEU H 116 -7.13 27.30 18.69
N ASP H 117 -8.23 26.57 18.87
CA ASP H 117 -8.97 25.96 17.72
C ASP H 117 -10.04 26.93 17.22
N GLU H 118 -10.11 28.15 17.74
CA GLU H 118 -11.04 29.19 17.24
C GLU H 118 -10.52 29.73 15.92
N PRO H 119 -11.41 30.00 14.95
CA PRO H 119 -11.00 30.66 13.70
C PRO H 119 -10.49 32.10 13.94
N VAL H 120 -9.45 32.51 13.24
CA VAL H 120 -8.90 33.89 13.28
C VAL H 120 -10.01 34.89 12.90
N HIS H 121 -10.90 34.52 11.98
CA HIS H 121 -11.93 35.43 11.44
C HIS H 121 -12.99 35.75 12.52
N LYS H 122 -13.00 35.04 13.64
CA LYS H 122 -13.83 35.40 14.81
C LYS H 122 -13.35 36.73 15.40
N TYR H 123 -12.04 37.04 15.32
CA TYR H 123 -11.41 38.27 15.88
C TYR H 123 -11.09 39.26 14.74
N ILE H 124 -10.90 38.75 13.51
CA ILE H 124 -10.60 39.57 12.29
C ILE H 124 -11.63 39.19 11.21
N PRO H 125 -12.88 39.69 11.29
CA PRO H 125 -13.96 39.20 10.41
C PRO H 125 -13.72 39.35 8.90
N THR H 126 -12.93 40.35 8.48
CA THR H 126 -12.60 40.58 7.05
C THR H 126 -11.80 39.39 6.49
N TRP H 127 -11.19 38.56 7.35
CA TRP H 127 -10.40 37.36 6.94
C TRP H 127 -11.30 36.13 6.73
N LYS H 128 -12.63 36.24 6.82
CA LYS H 128 -13.51 35.03 6.77
C LYS H 128 -13.34 34.30 5.43
N ASN H 129 -13.16 35.01 4.32
CA ASN H 129 -13.23 34.43 2.95
C ASN H 129 -11.82 34.32 2.34
N LEU H 130 -10.77 34.20 3.17
CA LEU H 130 -9.40 33.93 2.66
C LEU H 130 -9.47 32.67 1.82
N ARG H 131 -8.71 32.64 0.72
CA ARG H 131 -8.70 31.51 -0.24
C ARG H 131 -7.24 31.15 -0.56
N VAL H 132 -7.02 29.96 -1.17
CA VAL H 132 -5.68 29.39 -1.43
C VAL H 132 -5.25 29.77 -2.86
N TYR H 133 -4.00 30.22 -3.02
CA TYR H 133 -3.41 30.55 -4.34
C TYR H 133 -3.58 29.36 -5.29
N LYS H 134 -4.02 29.61 -6.53
CA LYS H 134 -4.02 28.63 -7.65
C LYS H 134 -3.04 29.10 -8.74
N THR H 135 -3.24 30.28 -9.32
CA THR H 135 -2.40 30.81 -10.42
C THR H 135 -2.65 32.32 -10.59
N GLY H 136 -1.77 33.00 -11.33
CA GLY H 136 -1.91 34.43 -11.67
C GLY H 136 -0.89 35.28 -10.93
N SER H 137 -0.67 36.50 -11.43
CA SER H 137 0.20 37.53 -10.81
C SER H 137 -0.68 38.57 -10.10
N HIS H 138 -0.18 39.15 -9.01
CA HIS H 138 -0.84 40.28 -8.32
C HIS H 138 -1.03 41.40 -9.34
N PRO H 139 -2.21 42.04 -9.45
CA PRO H 139 -3.39 41.75 -8.62
C PRO H 139 -4.52 40.93 -9.23
N GLN H 140 -4.23 39.93 -10.06
CA GLN H 140 -5.26 39.08 -10.71
C GLN H 140 -4.98 37.61 -10.40
N MET H 141 -4.85 37.33 -9.10
CA MET H 141 -4.56 35.97 -8.57
C MET H 141 -5.89 35.20 -8.44
N LEU H 142 -5.98 34.03 -9.07
CA LEU H 142 -7.12 33.07 -8.93
C LEU H 142 -6.83 32.12 -7.76
N THR H 143 -7.90 31.68 -7.09
CA THR H 143 -7.81 30.99 -5.78
C THR H 143 -8.83 29.85 -5.74
N THR H 144 -8.61 28.86 -4.86
CA THR H 144 -9.58 27.78 -4.55
C THR H 144 -10.02 27.93 -3.08
N ALA H 145 -11.15 27.32 -2.71
CA ALA H 145 -11.65 27.27 -1.32
C ALA H 145 -10.69 26.44 -0.46
N PRO H 146 -10.40 26.88 0.80
CA PRO H 146 -9.63 26.06 1.74
C PRO H 146 -10.53 24.98 2.34
N GLN H 147 -9.97 23.86 2.79
CA GLN H 147 -10.74 22.76 3.46
C GLN H 147 -11.32 23.28 4.79
N ARG H 148 -10.62 24.17 5.49
CA ARG H 148 -11.13 24.79 6.73
C ARG H 148 -10.52 26.18 6.93
N PRO H 149 -11.21 27.07 7.66
CA PRO H 149 -10.64 28.39 7.97
C PRO H 149 -9.42 28.31 8.90
N MET H 150 -8.50 29.25 8.72
CA MET H 150 -7.31 29.53 9.58
C MET H 150 -7.72 29.64 11.06
N THR H 151 -6.95 29.02 11.95
CA THR H 151 -7.11 29.10 13.44
C THR H 151 -5.95 29.84 14.09
N ILE H 152 -6.09 30.20 15.35
CA ILE H 152 -5.01 30.91 16.12
C ILE H 152 -3.86 29.92 16.30
N ARG H 153 -4.15 28.63 16.50
CA ARG H 153 -3.05 27.63 16.59
C ARG H 153 -2.22 27.67 15.30
N ASP H 154 -2.87 27.79 14.13
CA ASP H 154 -2.19 27.93 12.83
C ASP H 154 -1.25 29.15 12.85
N LEU H 155 -1.68 30.28 13.43
CA LEU H 155 -0.81 31.50 13.50
C LEU H 155 0.42 31.23 14.37
N LEU H 156 0.21 30.66 15.55
CA LEU H 156 1.31 30.46 16.55
C LEU H 156 2.31 29.41 16.06
N THR H 157 1.93 28.55 15.10
CA THR H 157 2.76 27.42 14.61
C THR H 157 3.21 27.61 13.16
N HIS H 158 2.85 28.73 12.50
CA HIS H 158 3.22 29.04 11.09
C HIS H 158 2.66 27.95 10.16
N GLN H 159 1.44 27.49 10.42
CA GLN H 159 0.65 26.59 9.55
C GLN H 159 -0.55 27.35 8.96
N SER H 160 -0.56 28.69 9.08
CA SER H 160 -1.60 29.64 8.59
C SER H 160 -1.77 29.50 7.07
N GLY H 161 -0.65 29.38 6.35
CA GLY H 161 -0.62 29.57 4.89
C GLY H 161 -0.15 30.97 4.53
N LEU H 162 0.01 31.84 5.53
CA LEU H 162 0.68 33.14 5.34
C LEU H 162 2.15 32.88 5.00
N THR H 163 2.85 33.90 4.50
CA THR H 163 4.29 33.82 4.13
C THR H 163 5.00 35.11 4.55
N TYR H 164 6.19 35.33 4.00
CA TYR H 164 7.05 36.53 4.20
C TYR H 164 7.51 37.00 2.80
N GLY H 165 7.55 38.30 2.58
CA GLY H 165 8.13 38.88 1.36
C GLY H 165 9.49 38.30 1.01
N PHE H 166 10.39 38.16 1.98
CA PHE H 166 11.82 37.83 1.70
C PHE H 166 11.96 36.37 1.27
N MET H 167 10.90 35.54 1.34
CA MET H 167 10.99 34.10 0.94
C MET H 167 11.46 33.99 -0.52
N ASN H 168 10.97 34.88 -1.40
CA ASN H 168 11.38 34.97 -2.83
C ASN H 168 11.21 33.60 -3.50
N ARG H 169 10.05 32.94 -3.34
CA ARG H 169 9.81 31.61 -3.96
C ARG H 169 8.54 31.62 -4.83
N THR H 170 7.51 32.38 -4.48
CA THR H 170 6.16 32.30 -5.11
C THR H 170 5.61 33.68 -5.48
N ASN H 171 4.62 33.67 -6.36
CA ASN H 171 3.87 34.89 -6.77
C ASN H 171 3.23 35.54 -5.54
N VAL H 172 2.88 34.78 -4.50
CA VAL H 172 2.25 35.33 -3.27
C VAL H 172 3.27 36.19 -2.51
N ASP H 173 4.48 35.68 -2.27
CA ASP H 173 5.52 36.48 -1.58
C ASP H 173 5.96 37.64 -2.50
N ALA H 174 5.76 37.56 -3.81
CA ALA H 174 6.04 38.71 -4.73
C ALA H 174 5.06 39.84 -4.45
N ALA H 175 3.79 39.50 -4.19
CA ALA H 175 2.73 40.45 -3.81
C ALA H 175 3.05 41.09 -2.44
N TYR H 176 3.51 40.29 -1.47
CA TYR H 176 3.95 40.82 -0.16
C TYR H 176 5.03 41.88 -0.41
N ARG H 177 5.98 41.61 -1.32
CA ARG H 177 7.14 42.52 -1.56
C ARG H 177 6.65 43.82 -2.20
N SER H 178 5.79 43.76 -3.23
CA SER H 178 5.32 45.00 -3.94
C SER H 178 4.47 45.85 -2.97
N LEU H 179 3.83 45.23 -1.96
CA LEU H 179 3.04 45.93 -0.91
C LEU H 179 3.88 46.19 0.36
N LYS H 180 5.14 45.77 0.39
CA LYS H 180 6.11 45.99 1.51
C LYS H 180 5.48 45.55 2.85
N LEU H 181 4.94 44.34 2.93
CA LEU H 181 4.31 43.77 4.15
C LEU H 181 5.35 43.28 5.17
N ASP H 182 6.62 43.18 4.78
CA ASP H 182 7.74 42.86 5.69
C ASP H 182 8.15 44.10 6.49
N GLY H 183 7.72 45.29 6.05
CA GLY H 183 8.12 46.60 6.61
C GLY H 183 8.44 47.60 5.53
N GLY H 184 8.49 48.89 5.87
CA GLY H 184 8.79 50.00 4.94
C GLY H 184 8.04 51.27 5.33
N PRO H 185 8.27 52.40 4.63
CA PRO H 185 7.70 53.69 5.03
C PRO H 185 6.16 53.66 5.15
N GLY H 186 5.63 54.05 6.32
CA GLY H 186 4.19 54.16 6.62
C GLY H 186 3.52 52.83 6.91
N HIS H 187 4.30 51.74 7.05
CA HIS H 187 3.78 50.40 7.42
C HIS H 187 3.33 50.42 8.89
N THR H 188 2.17 49.84 9.17
CA THR H 188 1.57 49.65 10.51
C THR H 188 0.95 48.25 10.58
N LEU H 189 0.71 47.72 11.77
CA LEU H 189 -0.03 46.44 11.95
C LEU H 189 -1.40 46.56 11.32
N ASP H 190 -2.05 47.74 11.37
CA ASP H 190 -3.42 47.93 10.82
C ASP H 190 -3.40 47.69 9.31
N ARG H 191 -2.32 48.13 8.65
CA ARG H 191 -2.14 48.00 7.19
C ARG H 191 -1.90 46.52 6.82
N LEU H 192 -1.05 45.82 7.58
CA LEU H 192 -0.79 44.37 7.39
C LEU H 192 -2.12 43.59 7.39
N ILE H 193 -2.93 43.73 8.43
CA ILE H 193 -4.21 43.00 8.57
C ILE H 193 -5.14 43.35 7.40
N ASP H 194 -5.18 44.62 7.01
CA ASP H 194 -6.05 45.11 5.92
C ASP H 194 -5.56 44.52 4.58
N GLU H 195 -4.26 44.61 4.26
CA GLU H 195 -3.70 44.06 3.00
C GLU H 195 -3.87 42.52 2.95
N LEU H 196 -3.62 41.80 4.05
CA LEU H 196 -3.65 40.31 4.08
C LEU H 196 -5.07 39.80 3.79
N ALA H 197 -6.10 40.60 4.05
CA ALA H 197 -7.53 40.22 3.84
C ALA H 197 -7.83 40.04 2.35
N ARG H 198 -7.01 40.63 1.48
CA ARG H 198 -7.23 40.64 0.01
C ARG H 198 -6.15 39.83 -0.70
N LEU H 199 -5.35 39.03 0.03
CA LEU H 199 -4.29 38.19 -0.56
C LEU H 199 -4.61 36.71 -0.33
N PRO H 200 -4.14 35.82 -1.23
CA PRO H 200 -4.30 34.39 -1.02
C PRO H 200 -3.22 33.77 -0.12
N LEU H 201 -3.50 32.55 0.35
CA LEU H 201 -2.60 31.71 1.19
C LEU H 201 -1.80 30.76 0.30
N GLU H 202 -0.62 30.36 0.72
CA GLU H 202 0.22 29.39 -0.04
C GLU H 202 -0.46 28.02 -0.04
N PHE H 203 -1.30 27.72 0.95
CA PHE H 203 -1.93 26.39 1.09
C PHE H 203 -3.08 26.46 2.08
N SER H 204 -3.94 25.43 2.06
CA SER H 204 -5.09 25.30 2.99
C SER H 204 -4.56 25.23 4.41
N PRO H 205 -5.04 26.09 5.33
CA PRO H 205 -4.52 26.14 6.70
C PRO H 205 -4.43 24.76 7.37
N GLY H 206 -3.26 24.47 7.96
CA GLY H 206 -3.00 23.26 8.76
C GLY H 206 -2.26 22.18 7.96
N THR H 207 -2.24 22.28 6.63
CA THR H 207 -1.83 21.18 5.71
C THR H 207 -0.34 21.26 5.42
N ALA H 208 0.33 22.34 5.83
CA ALA H 208 1.80 22.51 5.66
C ALA H 208 2.32 23.53 6.66
N TRP H 209 3.62 23.79 6.64
CA TRP H 209 4.32 24.80 7.46
C TRP H 209 5.11 25.73 6.54
N ASN H 210 5.01 27.03 6.78
CA ASN H 210 5.77 28.08 6.05
C ASN H 210 5.95 29.26 6.99
N TYR H 211 7.20 29.62 7.28
CA TYR H 211 7.58 30.76 8.15
C TYR H 211 6.97 32.04 7.59
N SER H 212 6.38 32.89 8.44
CA SER H 212 5.38 33.92 8.02
C SER H 212 5.38 35.14 8.93
N VAL H 213 4.66 36.16 8.48
CA VAL H 213 4.21 37.36 9.26
C VAL H 213 3.17 36.94 10.31
N ALA H 214 2.88 35.65 10.48
CA ALA H 214 1.81 35.18 11.41
C ALA H 214 2.07 35.71 12.82
N THR H 215 3.33 35.86 13.23
CA THR H 215 3.66 36.32 14.60
C THR H 215 3.39 37.82 14.70
N ASP H 216 3.59 38.57 13.60
CA ASP H 216 3.18 40.00 13.51
C ASP H 216 1.66 40.10 13.71
N VAL H 217 0.89 39.17 13.15
CA VAL H 217 -0.60 39.07 13.33
C VAL H 217 -0.91 38.71 14.78
N CYS H 218 -0.13 37.83 15.40
CA CYS H 218 -0.28 37.47 16.84
C CYS H 218 -0.14 38.75 17.68
N GLY H 219 0.86 39.59 17.37
CA GLY H 219 1.05 40.90 18.02
C GLY H 219 -0.19 41.77 17.88
N TYR H 220 -0.80 41.77 16.70
CA TYR H 220 -2.03 42.54 16.42
C TYR H 220 -3.15 42.01 17.33
N LEU H 221 -3.19 40.70 17.60
CA LEU H 221 -4.26 40.08 18.43
C LEU H 221 -4.01 40.40 19.92
N VAL H 222 -2.75 40.50 20.36
CA VAL H 222 -2.42 40.99 21.72
C VAL H 222 -3.06 42.37 21.90
N GLN H 223 -2.90 43.27 20.91
CA GLN H 223 -3.50 44.62 20.90
C GLN H 223 -5.03 44.50 20.95
N LEU H 224 -5.64 43.77 20.03
CA LEU H 224 -7.11 43.66 19.93
C LEU H 224 -7.67 43.25 21.30
N LEU H 225 -7.07 42.25 21.94
CA LEU H 225 -7.67 41.57 23.13
C LEU H 225 -7.34 42.36 24.41
N SER H 226 -6.14 42.95 24.52
CA SER H 226 -5.66 43.63 25.75
C SER H 226 -6.14 45.08 25.82
N GLY H 227 -6.45 45.70 24.68
CA GLY H 227 -6.73 47.14 24.56
C GLY H 227 -5.48 48.01 24.56
N MET H 228 -4.28 47.42 24.61
CA MET H 228 -3.00 48.18 24.70
C MET H 228 -2.23 48.03 23.39
N SER H 229 -1.37 49.00 23.05
CA SER H 229 -0.40 48.85 21.94
C SER H 229 0.71 47.89 22.41
N LEU H 230 1.36 47.19 21.48
CA LEU H 230 2.20 46.01 21.79
C LEU H 230 3.40 46.42 22.68
N ASP H 231 3.98 47.59 22.47
CA ASP H 231 5.16 48.08 23.26
C ASP H 231 4.75 48.24 24.73
N ASP H 232 3.53 48.73 24.99
CA ASP H 232 2.96 48.92 26.34
C ASP H 232 2.65 47.55 26.96
N TYR H 233 2.01 46.61 26.21
CA TYR H 233 1.72 45.24 26.74
C TYR H 233 3.03 44.59 27.15
N PHE H 234 4.05 44.60 26.29
CA PHE H 234 5.34 43.93 26.56
C PHE H 234 5.97 44.53 27.83
N SER H 235 5.98 45.86 27.94
CA SER H 235 6.61 46.61 29.05
C SER H 235 5.92 46.23 30.37
N LYS H 236 4.59 46.30 30.39
CA LYS H 236 3.80 46.09 31.62
C LYS H 236 3.86 44.61 32.04
N HIS H 237 3.62 43.68 31.11
CA HIS H 237 3.35 42.26 31.44
C HIS H 237 4.58 41.36 31.25
N ILE H 238 5.71 41.86 30.71
CA ILE H 238 6.94 41.03 30.55
C ILE H 238 8.19 41.79 31.01
N PHE H 239 8.52 42.96 30.45
CA PHE H 239 9.84 43.60 30.65
C PHE H 239 9.96 44.17 32.08
N GLN H 240 8.95 44.87 32.60
CA GLN H 240 9.01 45.45 33.98
C GLN H 240 9.09 44.30 35.00
N PRO H 241 8.16 43.32 34.98
CA PRO H 241 8.22 42.19 35.91
C PRO H 241 9.55 41.41 35.94
N LEU H 242 10.22 41.25 34.80
CA LEU H 242 11.45 40.42 34.70
C LEU H 242 12.70 41.29 34.90
N GLY H 243 12.57 42.61 34.96
CA GLY H 243 13.72 43.51 35.12
C GLY H 243 14.56 43.54 33.86
N MET H 244 13.91 43.87 32.75
CA MET H 244 14.49 44.01 31.39
C MET H 244 14.32 45.46 30.94
N PRO H 245 15.18 46.39 31.44
CA PRO H 245 15.04 47.80 31.11
C PRO H 245 15.64 48.21 29.75
N ASP H 246 16.32 47.27 29.06
CA ASP H 246 17.11 47.54 27.83
C ASP H 246 16.54 46.72 26.65
N THR H 247 15.22 46.59 26.57
CA THR H 247 14.50 45.84 25.51
C THR H 247 13.34 46.71 25.03
N PHE H 248 13.30 47.02 23.73
CA PHE H 248 12.34 47.99 23.15
C PHE H 248 12.31 47.89 21.62
N PHE H 249 11.21 48.37 21.03
CA PHE H 249 11.04 48.49 19.56
C PHE H 249 11.85 49.68 19.02
N THR H 250 11.97 50.74 19.82
CA THR H 250 12.73 51.97 19.50
C THR H 250 13.85 52.16 20.52
N VAL H 251 15.10 52.35 20.07
CA VAL H 251 16.26 52.61 20.98
C VAL H 251 16.18 54.06 21.43
N PRO H 252 16.02 54.35 22.75
CA PRO H 252 15.99 55.72 23.24
C PRO H 252 17.33 56.42 22.94
N ALA H 253 17.26 57.72 22.64
CA ALA H 253 18.40 58.59 22.29
C ALA H 253 19.57 58.41 23.28
N GLU H 254 19.31 58.32 24.58
CA GLU H 254 20.37 58.27 25.62
C GLU H 254 21.04 56.87 25.66
N LYS H 255 20.54 55.86 24.94
CA LYS H 255 21.15 54.49 24.95
C LYS H 255 21.78 54.15 23.58
N LEU H 256 21.60 55.02 22.58
CA LEU H 256 22.05 54.81 21.17
C LEU H 256 23.57 54.62 21.09
N SER H 257 24.34 55.12 22.05
CA SER H 257 25.82 54.92 22.10
C SER H 257 26.13 53.42 22.25
N ARG H 258 25.24 52.64 22.89
CA ARG H 258 25.47 51.21 23.22
C ARG H 258 25.04 50.30 22.06
N PHE H 259 24.32 50.84 21.06
CA PHE H 259 23.69 50.08 19.95
C PHE H 259 24.76 49.65 18.94
N ALA H 260 24.85 48.34 18.69
CA ALA H 260 25.82 47.74 17.74
C ALA H 260 25.42 48.09 16.31
N ALA H 261 26.40 48.07 15.40
CA ALA H 261 26.17 48.08 13.95
C ALA H 261 25.72 46.67 13.52
N CYS H 262 24.97 46.60 12.43
CA CYS H 262 24.58 45.35 11.73
C CYS H 262 25.39 45.20 10.45
N TYR H 263 25.92 44.00 10.22
CA TYR H 263 26.75 43.64 9.03
C TYR H 263 26.02 42.56 8.23
N GLU H 264 26.28 42.50 6.92
CA GLU H 264 25.75 41.44 6.01
C GLU H 264 26.94 40.72 5.38
N TYR H 265 26.73 39.46 4.99
CA TYR H 265 27.77 38.56 4.41
C TYR H 265 28.25 39.15 3.08
N GLN H 266 29.56 39.09 2.81
CA GLN H 266 30.16 39.35 1.48
C GLN H 266 31.03 38.14 1.08
N PRO H 267 31.09 37.79 -0.22
CA PRO H 267 31.92 36.67 -0.68
C PRO H 267 33.37 36.76 -0.18
N GLY H 268 34.00 35.60 0.04
CA GLY H 268 35.33 35.47 0.66
C GLY H 268 35.26 35.37 2.18
N ASP H 269 34.09 35.04 2.73
CA ASP H 269 33.84 34.92 4.19
C ASP H 269 34.22 36.26 4.84
N SER H 270 33.61 37.32 4.34
CA SER H 270 33.82 38.72 4.78
C SER H 270 32.45 39.31 5.14
N PHE H 271 32.40 40.62 5.41
CA PHE H 271 31.15 41.33 5.75
C PHE H 271 31.27 42.81 5.38
N SER H 272 30.14 43.48 5.21
CA SER H 272 30.03 44.92 4.88
C SER H 272 28.95 45.56 5.78
N LEU H 273 29.07 46.85 6.07
CA LEU H 273 28.09 47.65 6.88
C LEU H 273 26.71 47.51 6.23
N GLN H 274 25.69 47.12 7.02
CA GLN H 274 24.28 46.95 6.56
C GLN H 274 23.37 47.98 7.25
N ASP H 275 23.65 48.35 8.50
CA ASP H 275 22.86 49.34 9.28
C ASP H 275 23.80 50.06 10.26
N ASP H 276 24.00 51.36 10.05
CA ASP H 276 24.71 52.28 10.99
C ASP H 276 23.78 52.52 12.18
N PRO H 277 24.25 52.34 13.43
CA PRO H 277 23.43 52.60 14.62
C PRO H 277 22.93 54.06 14.69
N GLN H 278 23.79 55.01 14.34
CA GLN H 278 23.39 56.44 14.18
C GLN H 278 22.71 56.57 12.81
N GLY H 279 21.45 56.99 12.79
CA GLY H 279 20.63 57.01 11.56
C GLY H 279 20.14 55.61 11.20
N SER H 280 19.72 54.84 12.20
CA SER H 280 19.02 53.54 12.05
C SER H 280 17.53 53.78 12.20
N ALA H 281 16.70 53.05 11.45
CA ALA H 281 15.22 53.07 11.63
C ALA H 281 14.85 52.55 13.04
N PHE H 282 15.71 51.76 13.68
CA PHE H 282 15.50 51.26 15.07
C PHE H 282 15.58 52.42 16.09
N ALA H 283 16.09 53.59 15.67
CA ALA H 283 16.21 54.80 16.53
C ALA H 283 14.98 55.71 16.38
N LYS H 284 14.08 55.40 15.45
CA LYS H 284 12.87 56.20 15.14
C LYS H 284 11.63 55.44 15.64
N ALA H 285 10.59 56.15 16.05
CA ALA H 285 9.24 55.59 16.32
C ALA H 285 8.42 55.77 15.04
N HIS H 286 8.78 55.04 13.98
CA HIS H 286 7.89 54.74 12.82
C HIS H 286 6.70 53.97 13.38
N GLY H 287 5.61 53.76 12.65
CA GLY H 287 4.37 53.25 13.28
C GLY H 287 4.26 51.72 13.36
N TYR H 288 5.33 50.95 13.08
CA TYR H 288 5.28 49.47 12.92
C TYR H 288 5.92 48.77 14.13
N LEU H 289 5.08 48.19 14.98
CA LEU H 289 5.47 47.30 16.10
C LEU H 289 5.40 45.85 15.62
N SER H 290 6.56 45.30 15.26
CA SER H 290 6.73 43.94 14.66
C SER H 290 6.88 42.88 15.76
N GLY H 291 5.82 42.13 16.07
CA GLY H 291 5.88 40.94 16.93
C GLY H 291 6.77 39.85 16.35
N GLY H 292 7.05 39.93 15.05
CA GLY H 292 7.88 38.97 14.32
C GLY H 292 9.35 39.31 14.33
N GLY H 293 9.76 40.60 14.32
CA GLY H 293 11.18 40.95 14.15
C GLY H 293 11.64 42.28 14.70
N GLY H 294 10.86 42.96 15.55
CA GLY H 294 11.06 44.40 15.84
C GLY H 294 12.05 44.71 16.96
N LEU H 295 12.28 43.81 17.91
CA LEU H 295 12.92 44.16 19.21
C LEU H 295 14.44 44.31 19.06
N VAL H 296 14.95 45.27 19.85
CA VAL H 296 16.37 45.42 20.24
C VAL H 296 16.46 45.05 21.72
N SER H 297 17.51 44.32 22.10
CA SER H 297 17.73 43.84 23.49
C SER H 297 19.23 43.67 23.72
N CYS H 298 19.59 43.06 24.83
CA CYS H 298 21.00 42.82 25.25
C CYS H 298 21.05 41.42 25.90
N VAL H 299 22.25 40.88 26.10
CA VAL H 299 22.39 39.47 26.57
C VAL H 299 21.70 39.34 27.93
N ASP H 300 21.87 40.31 28.85
CA ASP H 300 21.32 40.22 30.24
C ASP H 300 19.80 40.19 30.22
N ASP H 301 19.18 41.04 29.41
CA ASP H 301 17.69 41.11 29.31
C ASP H 301 17.17 39.78 28.74
N TYR H 302 17.76 39.27 27.66
CA TYR H 302 17.27 38.02 27.02
C TYR H 302 17.56 36.84 27.94
N TYR H 303 18.67 36.89 28.70
CA TYR H 303 18.99 35.87 29.74
C TYR H 303 17.86 35.79 30.76
N ARG H 304 17.33 36.94 31.17
CA ARG H 304 16.31 36.99 32.26
C ARG H 304 15.02 36.37 31.70
N PHE H 305 14.69 36.65 30.43
CA PHE H 305 13.54 36.03 29.73
C PHE H 305 13.76 34.51 29.66
N ALA H 306 14.91 34.08 29.15
CA ALA H 306 15.25 32.66 28.97
C ALA H 306 15.20 31.93 30.34
N GLN H 307 15.79 32.52 31.39
CA GLN H 307 15.87 31.91 32.74
C GLN H 307 14.46 31.79 33.32
N ALA H 308 13.61 32.80 33.12
CA ALA H 308 12.19 32.76 33.53
C ALA H 308 11.53 31.50 32.92
N LEU H 309 11.77 31.23 31.63
CA LEU H 309 11.17 30.06 30.93
C LEU H 309 11.78 28.77 31.50
N ALA H 310 13.10 28.71 31.65
CA ALA H 310 13.80 27.54 32.21
C ALA H 310 13.27 27.20 33.61
N ASN H 311 12.75 28.19 34.36
CA ASN H 311 12.23 28.03 35.74
C ASN H 311 10.74 27.68 35.74
N GLY H 312 10.10 27.61 34.58
CA GLY H 312 8.65 27.32 34.48
C GLY H 312 7.81 28.58 34.50
N GLY H 313 8.40 29.74 34.21
CA GLY H 313 7.66 30.99 33.96
C GLY H 313 7.81 32.05 35.04
N GLU H 314 8.72 31.84 35.99
CA GLU H 314 8.92 32.67 37.21
C GLU H 314 10.40 33.03 37.30
N LEU H 315 10.73 34.29 37.63
CA LEU H 315 12.09 34.72 38.03
C LEU H 315 12.01 35.73 39.17
N ASP H 316 12.72 35.46 40.28
CA ASP H 316 12.83 36.36 41.45
C ASP H 316 11.44 36.85 41.87
N GLY H 317 10.43 35.95 41.95
CA GLY H 317 9.07 36.26 42.43
C GLY H 317 8.14 36.88 41.39
N ALA H 318 8.58 37.12 40.15
CA ALA H 318 7.71 37.60 39.04
C ALA H 318 7.32 36.44 38.12
N ARG H 319 6.03 36.29 37.79
CA ARG H 319 5.55 35.21 36.89
C ARG H 319 4.99 35.81 35.60
N ILE H 320 5.56 35.47 34.44
CA ILE H 320 5.08 35.92 33.11
C ILE H 320 4.14 34.88 32.49
N ILE H 321 4.24 33.60 32.86
CA ILE H 321 3.41 32.51 32.28
C ILE H 321 3.29 31.36 33.31
N GLY H 322 2.20 30.61 33.26
CA GLY H 322 2.00 29.39 34.06
C GLY H 322 2.93 28.25 33.63
N ARG H 323 3.43 27.48 34.58
CA ARG H 323 4.33 26.31 34.36
C ARG H 323 3.72 25.38 33.29
N LYS H 324 2.42 25.12 33.39
CA LYS H 324 1.70 24.12 32.57
C LYS H 324 1.45 24.71 31.17
N THR H 325 1.09 25.99 31.08
CA THR H 325 0.90 26.70 29.80
C THR H 325 2.21 26.63 29.00
N LEU H 326 3.34 26.87 29.66
CA LEU H 326 4.67 26.85 28.99
C LEU H 326 4.99 25.44 28.51
N GLU H 327 4.65 24.42 29.30
CA GLU H 327 4.91 22.99 28.96
C GLU H 327 4.17 22.68 27.64
N PHE H 328 2.98 23.26 27.47
CA PHE H 328 2.09 23.12 26.29
C PHE H 328 2.70 23.82 25.06
N MET H 329 3.31 25.00 25.24
CA MET H 329 3.98 25.77 24.17
C MET H 329 5.23 25.03 23.67
N ARG H 330 5.85 24.21 24.51
CA ARG H 330 7.16 23.53 24.22
C ARG H 330 6.93 22.18 23.54
N MET H 331 5.69 21.70 23.49
CA MET H 331 5.34 20.45 22.79
C MET H 331 5.44 20.68 21.28
N ASN H 332 5.70 19.61 20.53
CA ASN H 332 5.56 19.58 19.06
C ASN H 332 4.08 19.72 18.71
N HIS H 333 3.69 20.81 18.02
CA HIS H 333 2.28 21.06 17.59
C HIS H 333 2.12 20.71 16.11
N LEU H 334 3.15 20.15 15.47
CA LEU H 334 3.02 19.67 14.08
C LEU H 334 2.24 18.35 14.10
N PRO H 335 1.51 18.04 13.00
CA PRO H 335 0.68 16.84 12.92
C PRO H 335 1.56 15.57 13.03
N ASP H 336 1.08 14.56 13.75
CA ASP H 336 1.64 13.18 13.82
C ASP H 336 3.11 13.23 14.29
N ASN H 337 3.47 14.17 15.17
CA ASN H 337 4.85 14.34 15.70
C ASN H 337 5.87 14.39 14.54
N LYS H 338 5.54 15.04 13.43
CA LYS H 338 6.47 15.25 12.30
C LYS H 338 7.48 16.35 12.63
N GLY H 339 8.66 16.30 12.01
CA GLY H 339 9.67 17.38 12.06
C GLY H 339 9.39 18.41 10.99
N LEU H 340 10.04 19.57 11.08
CA LEU H 340 9.87 20.68 10.10
C LEU H 340 10.06 20.18 8.66
N PRO H 341 11.11 19.39 8.34
CA PRO H 341 11.30 18.92 6.97
C PRO H 341 10.17 18.05 6.39
N ASP H 342 9.33 17.46 7.23
CA ASP H 342 8.20 16.62 6.74
C ASP H 342 7.02 17.51 6.35
N VAL H 343 7.00 18.80 6.71
CA VAL H 343 5.81 19.67 6.47
C VAL H 343 6.22 21.00 5.82
N ALA H 344 7.47 21.40 5.90
CA ALA H 344 7.93 22.74 5.48
C ALA H 344 8.07 22.77 3.95
N ILE H 345 7.45 23.74 3.30
CA ILE H 345 7.43 23.90 1.82
C ILE H 345 8.72 24.58 1.33
N GLY H 346 9.56 25.11 2.22
CA GLY H 346 10.66 26.04 1.88
C GLY H 346 12.03 25.62 2.38
N SER H 347 12.83 26.58 2.86
CA SER H 347 14.27 26.46 3.28
C SER H 347 14.46 25.74 4.62
N PHE H 348 13.42 25.76 5.49
CA PHE H 348 13.39 25.03 6.78
C PHE H 348 13.17 23.53 6.56
N SER H 349 13.25 23.09 5.28
CA SER H 349 13.18 21.69 4.78
C SER H 349 14.56 21.03 4.90
N GLU H 350 15.61 21.83 5.10
CA GLU H 350 17.01 21.40 4.89
C GLU H 350 17.51 20.70 6.16
N THR H 351 18.68 20.08 6.03
CA THR H 351 19.29 19.09 6.96
C THR H 351 19.40 19.64 8.38
N PRO H 352 19.77 20.93 8.63
CA PRO H 352 19.84 21.40 10.01
C PRO H 352 18.57 21.24 10.85
N TYR H 353 17.37 21.19 10.25
CA TYR H 353 16.07 21.14 10.97
C TYR H 353 15.53 19.70 11.05
N ASP H 354 16.30 18.71 10.60
CA ASP H 354 15.96 17.27 10.77
C ASP H 354 15.89 16.94 12.26
N GLY H 355 14.84 16.21 12.66
CA GLY H 355 14.60 15.80 14.06
C GLY H 355 14.18 16.96 14.95
N THR H 356 13.72 18.08 14.36
CA THR H 356 13.27 19.28 15.09
C THR H 356 11.83 19.60 14.67
N GLY H 357 10.93 19.68 15.65
CA GLY H 357 9.52 20.07 15.46
C GLY H 357 9.30 21.53 15.81
N PHE H 358 8.06 21.92 16.06
CA PHE H 358 7.69 23.32 16.33
C PHE H 358 6.45 23.36 17.21
N GLY H 359 6.51 24.15 18.29
CA GLY H 359 5.36 24.39 19.19
C GLY H 359 4.79 25.77 18.98
N LEU H 360 4.35 26.42 20.05
CA LEU H 360 3.71 27.76 20.00
C LEU H 360 4.79 28.83 20.15
N GLY H 361 5.69 28.93 19.18
CA GLY H 361 6.69 30.01 19.10
C GLY H 361 8.10 29.53 19.34
N PHE H 362 8.30 28.23 19.56
CA PHE H 362 9.62 27.61 19.77
C PHE H 362 9.80 26.41 18.84
N SER H 363 11.03 26.20 18.36
CA SER H 363 11.46 24.90 17.82
C SER H 363 11.62 23.93 19.00
N VAL H 364 11.52 22.63 18.74
CA VAL H 364 11.56 21.55 19.77
C VAL H 364 12.36 20.40 19.17
N LYS H 365 13.44 19.95 19.82
CA LYS H 365 14.19 18.77 19.35
C LYS H 365 13.39 17.50 19.65
N LEU H 366 13.20 16.63 18.65
CA LEU H 366 12.44 15.36 18.75
C LEU H 366 13.39 14.16 18.80
N ASP H 367 14.46 14.20 17.99
CA ASP H 367 15.40 13.08 17.77
C ASP H 367 16.83 13.63 17.66
N VAL H 368 17.66 13.35 18.66
CA VAL H 368 19.03 13.94 18.79
C VAL H 368 19.90 13.41 17.65
N ALA H 369 19.99 12.09 17.50
CA ALA H 369 20.85 11.47 16.45
C ALA H 369 20.48 12.04 15.09
N LYS H 370 19.19 12.15 14.79
CA LYS H 370 18.70 12.56 13.45
C LYS H 370 19.15 13.99 13.15
N SER H 371 19.20 14.85 14.18
CA SER H 371 19.60 16.27 14.08
C SER H 371 21.11 16.40 13.81
N GLN H 372 21.88 15.33 14.06
CA GLN H 372 23.35 15.27 13.85
C GLN H 372 24.08 16.28 14.77
N THR H 373 23.39 16.82 15.77
CA THR H 373 23.93 17.81 16.72
C THR H 373 23.65 17.35 18.16
N VAL H 374 24.69 17.26 18.99
CA VAL H 374 24.58 16.94 20.45
C VAL H 374 23.57 17.89 21.12
N GLY H 375 22.83 17.36 22.09
CA GLY H 375 21.74 18.05 22.80
C GLY H 375 20.80 17.04 23.41
N SER H 376 19.62 17.48 23.84
CA SER H 376 18.62 16.65 24.57
C SER H 376 17.27 16.73 23.85
N VAL H 377 16.50 15.64 23.86
CA VAL H 377 15.08 15.71 23.43
C VAL H 377 14.44 16.81 24.26
N GLY H 378 13.68 17.71 23.62
CA GLY H 378 12.91 18.77 24.28
C GLY H 378 13.61 20.12 24.20
N GLU H 379 14.90 20.16 23.84
CA GLU H 379 15.65 21.44 23.65
C GLU H 379 14.76 22.38 22.83
N TYR H 380 14.47 23.57 23.34
CA TYR H 380 13.61 24.57 22.67
C TYR H 380 14.32 25.93 22.58
N GLY H 381 13.93 26.72 21.59
CA GLY H 381 14.45 28.09 21.40
C GLY H 381 14.09 28.60 20.02
N TRP H 382 14.77 29.66 19.59
CA TRP H 382 14.65 30.21 18.22
C TRP H 382 15.86 31.09 17.94
N GLY H 383 15.88 31.74 16.78
CA GLY H 383 17.03 32.53 16.31
C GLY H 383 16.55 33.79 15.61
N GLY H 384 17.47 34.71 15.37
CA GLY H 384 17.24 35.92 14.57
C GLY H 384 18.11 35.92 13.34
N MET H 385 17.66 36.59 12.27
CA MET H 385 18.29 36.50 10.93
C MET H 385 19.66 37.20 10.93
N ALA H 386 20.02 37.91 11.99
CA ALA H 386 21.38 38.50 12.15
C ALA H 386 22.30 37.58 12.96
N SER H 387 21.94 36.29 13.09
CA SER H 387 22.77 35.19 13.66
C SER H 387 22.76 35.23 15.20
N THR H 388 21.78 35.90 15.79
CA THR H 388 21.42 35.77 17.23
C THR H 388 20.74 34.41 17.42
N ASN H 389 21.00 33.77 18.56
CA ASN H 389 20.43 32.43 18.88
C ASN H 389 20.30 32.27 20.39
N PHE H 390 19.28 31.51 20.81
CA PHE H 390 19.17 31.03 22.21
C PHE H 390 18.50 29.65 22.22
N PHE H 391 18.85 28.84 23.21
CA PHE H 391 18.17 27.55 23.49
C PHE H 391 18.12 27.32 24.99
N ILE H 392 17.17 26.49 25.39
CA ILE H 392 16.92 26.00 26.76
C ILE H 392 16.80 24.49 26.66
N ASP H 393 17.65 23.76 27.37
CA ASP H 393 17.63 22.28 27.48
C ASP H 393 16.94 21.94 28.79
N PRO H 394 15.67 21.52 28.79
CA PRO H 394 14.95 21.24 30.04
C PRO H 394 15.42 19.95 30.74
N GLU H 395 16.08 19.04 30.02
CA GLU H 395 16.61 17.77 30.58
C GLU H 395 17.84 18.10 31.44
N GLU H 396 18.68 19.05 31.01
CA GLU H 396 19.95 19.40 31.67
C GLU H 396 19.83 20.71 32.48
N ASP H 397 18.68 21.37 32.43
CA ASP H 397 18.44 22.70 33.06
C ASP H 397 19.57 23.67 32.63
N LEU H 398 19.90 23.68 31.35
CA LEU H 398 21.03 24.43 30.75
C LEU H 398 20.45 25.43 29.75
N LEU H 399 21.07 26.60 29.53
CA LEU H 399 20.61 27.52 28.46
C LEU H 399 21.79 28.35 27.95
N MET H 400 21.63 28.93 26.76
CA MET H 400 22.66 29.76 26.08
C MET H 400 21.96 30.95 25.42
N VAL H 401 22.55 32.14 25.51
CA VAL H 401 22.18 33.32 24.68
C VAL H 401 23.43 33.75 23.92
N PHE H 402 23.34 33.82 22.58
CA PHE H 402 24.46 34.20 21.68
C PHE H 402 24.01 35.38 20.82
N MET H 403 24.82 36.44 20.82
CA MET H 403 24.53 37.72 20.13
C MET H 403 25.70 38.02 19.19
N THR H 404 25.39 38.32 17.93
CA THR H 404 26.29 38.90 16.91
C THR H 404 25.36 39.62 15.93
N GLN H 405 25.90 40.35 14.95
CA GLN H 405 25.07 41.05 13.94
C GLN H 405 25.69 40.76 12.57
N LEU H 406 25.29 39.64 11.96
CA LEU H 406 25.71 39.16 10.61
C LEU H 406 24.49 38.54 9.92
N ILE H 407 23.92 39.24 8.94
CA ILE H 407 22.78 38.76 8.10
C ILE H 407 23.34 38.08 6.85
N PRO H 408 22.83 36.90 6.43
CA PRO H 408 21.85 36.10 7.17
C PRO H 408 22.41 34.98 8.08
N SER H 409 21.59 34.49 9.02
CA SER H 409 21.93 33.45 10.02
C SER H 409 22.24 32.11 9.36
N SER H 410 21.75 31.87 8.15
CA SER H 410 22.03 30.66 7.35
C SER H 410 23.51 30.58 6.94
N THR H 411 24.27 31.68 7.06
CA THR H 411 25.66 31.79 6.55
C THR H 411 26.57 30.76 7.22
N TYR H 412 26.70 30.80 8.55
CA TYR H 412 27.64 29.95 9.34
C TYR H 412 26.86 29.10 10.34
N ALA H 413 27.45 27.97 10.73
CA ALA H 413 26.87 26.98 11.67
C ALA H 413 27.41 27.24 13.08
N VAL H 414 27.66 28.51 13.42
CA VAL H 414 28.28 28.89 14.72
C VAL H 414 27.39 28.36 15.86
N ARG H 415 26.06 28.42 15.73
CA ARG H 415 25.15 27.99 16.83
C ARG H 415 25.26 26.47 17.09
N GLN H 416 25.72 25.66 16.11
CA GLN H 416 25.91 24.20 16.29
C GLN H 416 27.28 23.95 16.96
N GLU H 417 28.31 24.69 16.57
CA GLU H 417 29.66 24.61 17.17
C GLU H 417 29.56 24.95 18.67
N LEU H 418 28.82 26.00 19.02
CA LEU H 418 28.63 26.42 20.43
C LEU H 418 27.94 25.31 21.21
N ARG H 419 26.94 24.64 20.62
CA ARG H 419 26.23 23.50 21.26
C ARG H 419 27.23 22.37 21.53
N ALA H 420 28.17 22.11 20.64
CA ALA H 420 29.17 21.03 20.77
C ALA H 420 30.07 21.33 21.99
N ILE H 421 30.53 22.58 22.10
CA ILE H 421 31.48 23.02 23.18
C ILE H 421 30.74 23.02 24.53
N ILE H 422 29.55 23.63 24.56
CA ILE H 422 28.73 23.80 25.78
C ILE H 422 28.33 22.41 26.32
N ASN H 423 27.82 21.52 25.47
CA ASN H 423 27.41 20.16 25.91
C ASN H 423 28.66 19.38 26.29
N GLY H 424 29.81 19.71 25.69
CA GLY H 424 31.11 19.10 26.01
C GLY H 424 31.59 19.43 27.42
N ALA H 425 31.10 20.51 28.00
CA ALA H 425 31.52 21.05 29.33
C ALA H 425 30.72 20.40 30.46
N LEU H 426 29.67 19.63 30.19
CA LEU H 426 28.94 18.88 31.25
C LEU H 426 29.85 17.75 31.76
N VAL H 427 30.11 17.69 33.08
CA VAL H 427 31.11 16.77 33.70
C VAL H 427 30.54 16.08 34.95
N ASP H 428 29.22 15.94 35.09
CA ASP H 428 28.62 15.16 36.20
C ASP H 428 28.03 13.85 35.66
#